data_6F9A
#
_entry.id   6F9A
#
_cell.length_a   1.000
_cell.length_b   1.000
_cell.length_c   1.000
_cell.angle_alpha   90.00
_cell.angle_beta   90.00
_cell.angle_gamma   90.00
#
_symmetry.space_group_name_H-M   'P 1'
#
_entity_poly.entity_id   1
_entity_poly.type   'polypeptide(L)'
_entity_poly.pdbx_seq_one_letter_code
;GASNSEKTALLTKTLNQGVKTIFDKLNERCIFYQAGFWIYEYCPGIEFVQFHGRVNTKTGEIVNRDESLVYRLGKPKANV
EEREFELLYDDVGYYISEIIGSGDICDVTGAERMVEIQYVCGGSNSGPSTIQWVRETKICVYEAQVTIPELCNLELLAKN
ED
;
_entity_poly.pdbx_strand_id   A
#
# COMPACT_ATOMS: atom_id res chain seq x y z
N GLY A 1 31.87 -19.41 -16.74
CA GLY A 1 30.58 -18.98 -16.14
C GLY A 1 30.88 -18.08 -14.95
N ALA A 2 29.83 -17.67 -14.22
CA ALA A 2 29.89 -16.83 -13.03
C ALA A 2 28.70 -17.21 -12.15
N SER A 3 28.59 -16.58 -10.99
CA SER A 3 27.52 -16.81 -10.01
C SER A 3 26.74 -15.50 -9.85
N ASN A 4 25.55 -15.57 -9.25
CA ASN A 4 24.70 -14.39 -9.02
C ASN A 4 24.33 -14.32 -7.53
N SER A 5 25.26 -14.69 -6.65
CA SER A 5 25.09 -14.69 -5.21
C SER A 5 24.59 -13.35 -4.70
N GLU A 6 25.27 -12.28 -5.10
CA GLU A 6 24.97 -10.91 -4.70
C GLU A 6 23.52 -10.51 -5.02
N LYS A 7 22.93 -11.03 -6.09
CA LYS A 7 21.56 -10.73 -6.49
C LYS A 7 20.60 -11.10 -5.36
N THR A 8 20.78 -12.26 -4.74
CA THR A 8 19.94 -12.70 -3.64
C THR A 8 20.11 -11.78 -2.42
N ALA A 9 21.34 -11.29 -2.16
CA ALA A 9 21.60 -10.40 -1.05
C ALA A 9 20.89 -9.07 -1.33
N LEU A 10 21.00 -8.56 -2.57
CA LEU A 10 20.36 -7.32 -2.99
C LEU A 10 18.86 -7.47 -2.81
N LEU A 11 18.28 -8.64 -3.12
CA LEU A 11 16.85 -8.86 -2.96
C LEU A 11 16.50 -8.76 -1.48
N THR A 12 17.21 -9.51 -0.63
CA THR A 12 16.98 -9.49 0.82
C THR A 12 17.08 -8.05 1.34
N LYS A 13 18.11 -7.30 0.90
CA LYS A 13 18.32 -5.92 1.32
C LYS A 13 17.16 -5.04 0.86
N THR A 14 16.77 -5.05 -0.42
CA THR A 14 15.68 -4.23 -0.92
C THR A 14 14.38 -4.53 -0.18
N LEU A 15 14.08 -5.79 0.13
CA LEU A 15 12.85 -6.12 0.83
C LEU A 15 12.88 -5.50 2.23
N ASN A 16 13.91 -5.81 3.02
CA ASN A 16 14.00 -5.31 4.40
C ASN A 16 14.02 -3.79 4.46
N GLN A 17 14.84 -3.16 3.61
CA GLN A 17 14.97 -1.72 3.50
C GLN A 17 13.58 -1.16 3.18
N GLY A 18 12.88 -1.82 2.25
CA GLY A 18 11.56 -1.42 1.85
C GLY A 18 10.60 -1.43 3.02
N VAL A 19 10.50 -2.54 3.77
CA VAL A 19 9.58 -2.64 4.91
C VAL A 19 9.83 -1.53 5.92
N LYS A 20 11.08 -1.34 6.38
CA LYS A 20 11.38 -0.28 7.35
C LYS A 20 11.10 1.09 6.78
N THR A 21 11.32 1.29 5.48
CA THR A 21 11.08 2.59 4.88
C THR A 21 9.58 2.87 4.85
N ILE A 22 8.79 1.89 4.42
CA ILE A 22 7.34 2.00 4.31
C ILE A 22 6.76 2.39 5.66
N PHE A 23 7.07 1.60 6.69
CA PHE A 23 6.57 1.85 8.02
C PHE A 23 7.05 3.20 8.52
N ASP A 24 8.29 3.59 8.26
CA ASP A 24 8.79 4.88 8.73
C ASP A 24 7.99 6.02 8.10
N LYS A 25 7.74 5.95 6.79
CA LYS A 25 6.99 6.95 6.06
C LYS A 25 5.50 6.95 6.39
N LEU A 26 4.93 5.87 6.95
CA LEU A 26 3.50 5.80 7.29
C LEU A 26 3.27 6.09 8.76
N ASN A 27 4.23 5.77 9.61
CA ASN A 27 4.12 5.97 11.05
C ASN A 27 3.90 7.44 11.35
N GLU A 28 4.55 8.32 10.59
CA GLU A 28 4.42 9.75 10.78
C GLU A 28 2.99 10.17 10.50
N ARG A 29 2.39 9.72 9.40
CA ARG A 29 1.01 10.04 9.03
C ARG A 29 0.45 8.97 8.10
N CYS A 30 -0.86 8.75 8.21
CA CYS A 30 -1.56 7.78 7.39
C CYS A 30 -1.73 8.37 5.97
N ILE A 31 -2.24 7.57 5.05
CA ILE A 31 -2.46 7.97 3.67
C ILE A 31 -3.88 7.62 3.23
N PHE A 32 -4.44 8.44 2.33
CA PHE A 32 -5.79 8.24 1.83
C PHE A 32 -5.84 8.57 0.33
N TYR A 33 -6.95 8.22 -0.31
CA TYR A 33 -7.22 8.42 -1.72
C TYR A 33 -8.72 8.55 -1.94
N GLN A 34 -9.16 9.59 -2.65
CA GLN A 34 -10.56 9.84 -2.94
C GLN A 34 -10.84 9.26 -4.32
N ALA A 35 -11.49 8.09 -4.33
CA ALA A 35 -11.88 7.32 -5.49
C ALA A 35 -13.34 7.64 -5.85
N GLY A 36 -13.55 8.88 -6.29
CA GLY A 36 -14.84 9.39 -6.70
C GLY A 36 -15.74 9.62 -5.49
N PHE A 37 -16.85 8.89 -5.44
CA PHE A 37 -17.82 8.98 -4.37
C PHE A 37 -17.28 8.40 -3.06
N TRP A 38 -16.39 7.41 -3.12
CA TRP A 38 -15.81 6.79 -1.94
C TRP A 38 -14.37 7.21 -1.77
N ILE A 39 -13.86 7.06 -0.56
CA ILE A 39 -12.51 7.36 -0.14
C ILE A 39 -12.01 6.08 0.48
N TYR A 40 -10.70 5.89 0.39
CA TYR A 40 -9.94 4.78 0.91
C TYR A 40 -8.90 5.37 1.85
N GLU A 41 -8.76 4.83 3.07
CA GLU A 41 -7.82 5.27 4.08
C GLU A 41 -7.00 4.06 4.53
N TYR A 42 -5.68 4.26 4.57
CA TYR A 42 -4.71 3.26 4.98
C TYR A 42 -3.78 3.86 6.05
N CYS A 43 -3.72 3.22 7.21
CA CYS A 43 -2.91 3.63 8.36
C CYS A 43 -1.70 2.70 8.64
N PRO A 44 -0.67 3.16 9.38
CA PRO A 44 0.51 2.37 9.70
C PRO A 44 0.22 1.19 10.65
N GLY A 45 -0.10 0.02 10.12
CA GLY A 45 -0.39 -1.18 10.89
C GLY A 45 -1.56 -0.97 11.84
N ILE A 46 -2.69 -0.50 11.33
CA ILE A 46 -3.86 -0.28 12.17
C ILE A 46 -5.02 -1.00 11.50
N GLU A 47 -5.45 -0.54 10.33
CA GLU A 47 -6.53 -1.09 9.52
C GLU A 47 -6.58 -0.37 8.17
N PHE A 48 -7.34 -0.94 7.24
CA PHE A 48 -7.57 -0.40 5.90
C PHE A 48 -9.09 -0.29 5.79
N VAL A 49 -9.64 0.92 5.63
CA VAL A 49 -11.08 1.16 5.53
C VAL A 49 -11.46 2.05 4.34
N GLN A 50 -12.71 1.94 3.88
CA GLN A 50 -13.25 2.74 2.79
C GLN A 50 -14.51 3.41 3.35
N PHE A 51 -14.71 4.70 3.09
CA PHE A 51 -15.86 5.46 3.57
C PHE A 51 -16.32 6.54 2.59
N HIS A 52 -17.58 6.96 2.71
CA HIS A 52 -18.13 8.01 1.87
C HIS A 52 -17.82 9.28 2.65
N GLY A 53 -17.06 10.19 2.05
CA GLY A 53 -16.66 11.43 2.70
C GLY A 53 -16.11 12.44 1.70
N ARG A 54 -15.39 13.46 2.20
CA ARG A 54 -14.79 14.49 1.37
C ARG A 54 -13.37 14.75 1.85
N VAL A 55 -12.50 15.24 0.96
CA VAL A 55 -11.10 15.53 1.26
C VAL A 55 -10.73 16.96 0.83
N ASN A 56 -9.71 17.54 1.48
CA ASN A 56 -9.15 18.86 1.25
C ASN A 56 -7.87 18.65 0.46
N THR A 57 -7.93 18.72 -0.87
CA THR A 57 -6.79 18.53 -1.79
C THR A 57 -5.54 19.33 -1.40
N LYS A 58 -5.68 20.47 -0.72
CA LYS A 58 -4.56 21.32 -0.29
C LYS A 58 -3.52 20.59 0.56
N THR A 59 -3.91 19.54 1.28
CA THR A 59 -2.99 18.79 2.13
C THR A 59 -3.34 17.29 2.16
N GLY A 60 -4.56 16.93 1.77
CA GLY A 60 -5.05 15.57 1.75
C GLY A 60 -5.88 15.25 2.99
N GLU A 61 -6.12 16.22 3.88
CA GLU A 61 -6.88 16.04 5.10
C GLU A 61 -8.33 15.70 4.77
N ILE A 62 -8.96 14.92 5.63
CA ILE A 62 -10.34 14.48 5.47
C ILE A 62 -11.25 15.55 6.12
N VAL A 63 -12.52 15.59 5.73
CA VAL A 63 -13.52 16.51 6.24
C VAL A 63 -14.42 15.75 7.21
N ASN A 64 -14.85 16.40 8.30
CA ASN A 64 -15.74 15.83 9.31
C ASN A 64 -17.02 15.39 8.60
N ARG A 65 -17.25 14.08 8.49
CA ARG A 65 -18.41 13.50 7.83
C ARG A 65 -18.97 12.34 8.66
N ASP A 66 -20.19 11.92 8.37
CA ASP A 66 -20.91 10.84 9.01
C ASP A 66 -20.14 9.52 8.85
N GLU A 67 -20.07 8.74 9.92
CA GLU A 67 -19.38 7.45 10.02
C GLU A 67 -20.32 6.25 9.78
N SER A 68 -21.51 6.46 9.23
CA SER A 68 -22.47 5.39 8.96
C SER A 68 -22.18 4.66 7.63
N LEU A 69 -21.28 5.22 6.83
CA LEU A 69 -20.88 4.71 5.53
C LEU A 69 -19.38 4.46 5.62
N VAL A 70 -19.00 3.41 6.35
CA VAL A 70 -17.63 2.99 6.58
C VAL A 70 -17.60 1.46 6.44
N TYR A 71 -16.52 0.89 5.89
CA TYR A 71 -16.36 -0.54 5.67
C TYR A 71 -14.94 -0.99 5.97
N ARG A 72 -14.76 -2.30 6.16
CA ARG A 72 -13.49 -2.95 6.47
C ARG A 72 -12.99 -3.73 5.27
N LEU A 73 -11.68 -3.72 5.06
CA LEU A 73 -11.01 -4.40 3.97
C LEU A 73 -10.03 -5.40 4.58
N GLY A 74 -8.97 -4.88 5.19
CA GLY A 74 -7.93 -5.68 5.82
C GLY A 74 -7.58 -5.20 7.21
N LYS A 75 -7.10 -6.14 8.04
CA LYS A 75 -6.71 -5.94 9.42
C LYS A 75 -5.27 -6.41 9.61
N PRO A 76 -4.28 -5.51 9.44
CA PRO A 76 -2.87 -5.84 9.60
C PRO A 76 -2.51 -6.01 11.07
N LYS A 77 -1.24 -6.37 11.34
CA LYS A 77 -0.75 -6.54 12.70
C LYS A 77 -0.17 -5.22 13.17
N ALA A 78 0.12 -5.15 14.46
CA ALA A 78 0.67 -3.94 15.04
C ALA A 78 2.18 -3.84 14.84
N ASN A 79 2.89 -4.95 15.01
CA ASN A 79 4.35 -4.98 14.88
C ASN A 79 4.74 -5.40 13.46
N VAL A 80 5.87 -4.91 13.00
CA VAL A 80 6.39 -5.20 11.67
C VAL A 80 6.85 -6.65 11.52
N GLU A 81 7.12 -7.33 12.62
CA GLU A 81 7.60 -8.71 12.67
C GLU A 81 6.44 -9.71 12.70
N GLU A 82 5.26 -9.24 13.11
CA GLU A 82 4.05 -10.06 13.19
C GLU A 82 3.48 -10.25 11.79
N ARG A 83 3.85 -9.39 10.84
CA ARG A 83 3.42 -9.42 9.44
C ARG A 83 4.54 -9.98 8.58
N GLU A 84 4.25 -10.25 7.30
CA GLU A 84 5.19 -10.83 6.33
C GLU A 84 5.01 -10.08 5.00
N PHE A 85 6.08 -9.67 4.32
CA PHE A 85 6.04 -8.94 3.03
C PHE A 85 6.68 -9.78 1.92
N GLU A 86 6.44 -9.40 0.66
CA GLU A 86 6.94 -10.10 -0.53
C GLU A 86 7.58 -9.15 -1.54
N LEU A 87 8.86 -9.38 -1.85
CA LEU A 87 9.61 -8.59 -2.82
C LEU A 87 9.34 -9.13 -4.21
N LEU A 88 8.51 -8.45 -5.01
CA LEU A 88 8.16 -8.86 -6.35
C LEU A 88 8.68 -7.86 -7.39
N TYR A 89 8.47 -8.16 -8.65
CA TYR A 89 8.86 -7.34 -9.79
C TYR A 89 7.95 -7.73 -10.96
N ASP A 90 7.77 -6.82 -11.89
CA ASP A 90 6.96 -7.00 -13.09
C ASP A 90 7.71 -6.39 -14.27
N ASP A 91 7.13 -6.39 -15.48
CA ASP A 91 7.74 -5.87 -16.72
C ASP A 91 8.33 -4.48 -16.55
N VAL A 92 7.75 -3.65 -15.69
CA VAL A 92 8.22 -2.30 -15.43
C VAL A 92 9.50 -2.40 -14.59
N GLY A 93 9.35 -2.73 -13.30
CA GLY A 93 10.44 -2.86 -12.35
C GLY A 93 9.96 -3.55 -11.09
N TYR A 94 10.73 -3.41 -10.02
CA TYR A 94 10.44 -4.02 -8.73
C TYR A 94 9.37 -3.25 -7.97
N TYR A 95 8.78 -3.92 -6.97
CA TYR A 95 7.76 -3.43 -6.06
C TYR A 95 7.67 -4.37 -4.85
N ILE A 96 6.87 -4.06 -3.84
CA ILE A 96 6.71 -4.90 -2.67
C ILE A 96 5.22 -5.13 -2.52
N SER A 97 4.79 -6.38 -2.55
CA SER A 97 3.39 -6.74 -2.41
C SER A 97 3.13 -6.97 -0.93
N GLU A 98 1.99 -6.46 -0.48
CA GLU A 98 1.50 -6.57 0.86
C GLU A 98 0.00 -6.82 0.71
N ILE A 99 -0.51 -7.95 1.22
CA ILE A 99 -1.93 -8.26 1.14
C ILE A 99 -2.49 -8.26 2.56
N ILE A 100 -3.69 -7.73 2.74
CA ILE A 100 -4.34 -7.62 4.04
C ILE A 100 -5.79 -8.07 3.99
N GLY A 101 -6.08 -9.18 4.66
CA GLY A 101 -7.41 -9.76 4.77
C GLY A 101 -7.99 -9.53 6.16
N SER A 102 -9.09 -10.21 6.48
CA SER A 102 -9.83 -10.14 7.75
C SER A 102 -10.75 -8.91 7.76
N GLY A 103 -11.50 -8.71 6.68
CA GLY A 103 -12.44 -7.62 6.53
C GLY A 103 -13.80 -8.19 6.88
N ASP A 104 -14.67 -8.30 5.88
CA ASP A 104 -16.02 -8.84 5.98
C ASP A 104 -16.20 -9.63 4.68
N ILE A 105 -16.49 -10.92 4.75
CA ILE A 105 -16.68 -11.78 3.58
C ILE A 105 -17.84 -11.21 2.75
N CYS A 106 -17.64 -11.13 1.43
CA CYS A 106 -18.64 -10.65 0.50
C CYS A 106 -19.58 -11.79 0.21
N ASP A 107 -20.75 -11.80 0.84
CA ASP A 107 -21.75 -12.85 0.67
C ASP A 107 -22.21 -12.95 -0.79
N VAL A 108 -21.98 -11.88 -1.56
CA VAL A 108 -22.31 -11.77 -2.97
C VAL A 108 -21.48 -12.73 -3.81
N THR A 109 -20.25 -13.07 -3.40
CA THR A 109 -19.39 -13.98 -4.16
C THR A 109 -18.92 -15.16 -3.34
N GLY A 110 -18.65 -14.91 -2.06
CA GLY A 110 -18.18 -15.88 -1.10
C GLY A 110 -16.65 -15.80 -0.97
N ALA A 111 -16.08 -14.60 -1.09
CA ALA A 111 -14.65 -14.32 -1.01
C ALA A 111 -14.32 -13.25 0.04
N GLU A 112 -13.03 -13.07 0.33
CA GLU A 112 -12.56 -12.09 1.30
C GLU A 112 -12.32 -10.72 0.66
N ARG A 113 -12.66 -9.66 1.41
CA ARG A 113 -12.52 -8.23 1.08
C ARG A 113 -11.09 -7.77 1.31
N MET A 114 -10.13 -8.69 1.15
CA MET A 114 -8.74 -8.40 1.40
C MET A 114 -8.19 -7.53 0.30
N VAL A 115 -7.32 -6.61 0.73
CA VAL A 115 -6.71 -5.62 -0.12
C VAL A 115 -5.27 -5.97 -0.42
N GLU A 116 -4.82 -5.55 -1.59
CA GLU A 116 -3.47 -5.74 -2.09
C GLU A 116 -2.88 -4.36 -2.29
N ILE A 117 -1.73 -4.10 -1.67
CA ILE A 117 -1.00 -2.85 -1.73
C ILE A 117 0.33 -3.14 -2.43
N GLN A 118 0.68 -2.34 -3.44
CA GLN A 118 1.92 -2.48 -4.18
C GLN A 118 2.80 -1.26 -3.92
N TYR A 119 3.89 -1.42 -3.18
CA TYR A 119 4.83 -0.34 -2.86
C TYR A 119 5.85 -0.17 -3.97
N VAL A 120 5.88 1.01 -4.58
CA VAL A 120 6.78 1.36 -5.69
C VAL A 120 7.48 2.71 -5.44
N CYS A 121 8.44 3.03 -6.30
CA CYS A 121 9.16 4.29 -6.25
C CYS A 121 8.27 5.39 -6.80
N GLY A 122 8.21 6.53 -6.09
CA GLY A 122 7.40 7.68 -6.48
C GLY A 122 8.19 8.63 -7.36
N GLY A 123 7.48 9.32 -8.27
CA GLY A 123 8.06 10.28 -9.18
C GLY A 123 8.71 11.41 -8.39
N SER A 124 8.03 11.93 -7.36
CA SER A 124 8.60 12.99 -6.54
C SER A 124 9.41 12.33 -5.44
N ASN A 125 10.73 12.25 -5.62
CA ASN A 125 11.66 11.70 -4.64
C ASN A 125 11.79 12.69 -3.44
N SER A 126 10.98 13.75 -3.40
CA SER A 126 10.98 14.80 -2.39
C SER A 126 9.59 15.09 -1.81
N GLY A 127 8.75 14.07 -1.61
CA GLY A 127 7.39 14.24 -1.05
C GLY A 127 6.97 13.07 -0.17
N PRO A 128 5.90 13.20 0.64
CA PRO A 128 5.44 12.13 1.52
C PRO A 128 4.85 10.95 0.75
N SER A 129 4.63 9.83 1.45
CA SER A 129 4.04 8.67 0.82
C SER A 129 2.55 8.93 0.68
N THR A 130 1.92 8.37 -0.34
CA THR A 130 0.51 8.51 -0.64
C THR A 130 0.13 7.41 -1.62
N ILE A 131 -1.17 7.13 -1.76
CA ILE A 131 -1.67 6.12 -2.67
C ILE A 131 -1.61 6.72 -4.08
N GLN A 132 -1.26 5.92 -5.08
CA GLN A 132 -1.22 6.35 -6.47
C GLN A 132 -2.60 6.23 -7.08
N TRP A 133 -3.14 5.01 -7.08
CA TRP A 133 -4.45 4.69 -7.62
C TRP A 133 -5.09 3.65 -6.72
N VAL A 134 -6.38 3.46 -6.92
CA VAL A 134 -7.25 2.56 -6.20
C VAL A 134 -8.26 2.03 -7.19
N ARG A 135 -8.54 0.74 -7.16
CA ARG A 135 -9.53 0.12 -8.04
C ARG A 135 -10.01 -1.19 -7.46
N GLU A 136 -11.30 -1.28 -7.22
CA GLU A 136 -11.93 -2.47 -6.68
C GLU A 136 -12.11 -3.39 -7.91
N THR A 137 -11.09 -4.18 -8.18
CA THR A 137 -11.00 -5.09 -9.31
C THR A 137 -12.13 -6.11 -9.30
N LYS A 138 -12.26 -6.87 -8.20
CA LYS A 138 -13.30 -7.87 -8.03
C LYS A 138 -14.38 -7.22 -7.17
N ILE A 139 -15.37 -8.00 -6.74
CA ILE A 139 -16.43 -7.48 -5.89
C ILE A 139 -15.90 -7.30 -4.47
N CYS A 140 -15.02 -8.20 -4.03
CA CYS A 140 -14.42 -8.18 -2.71
C CYS A 140 -12.98 -7.71 -2.78
N VAL A 141 -12.15 -8.35 -3.60
CA VAL A 141 -10.74 -8.01 -3.76
C VAL A 141 -10.62 -6.58 -4.30
N TYR A 142 -9.69 -5.84 -3.73
CA TYR A 142 -9.37 -4.46 -4.04
C TYR A 142 -7.85 -4.36 -4.18
N GLU A 143 -7.39 -3.60 -5.16
CA GLU A 143 -5.98 -3.37 -5.47
C GLU A 143 -5.68 -1.87 -5.36
N ALA A 144 -4.50 -1.56 -4.81
CA ALA A 144 -4.00 -0.21 -4.60
C ALA A 144 -2.47 -0.20 -4.79
N GLN A 145 -1.91 0.98 -5.02
CA GLN A 145 -0.48 1.18 -5.20
C GLN A 145 -0.08 2.37 -4.32
N VAL A 146 1.12 2.35 -3.77
CA VAL A 146 1.65 3.39 -2.89
C VAL A 146 3.04 3.76 -3.37
N THR A 147 3.30 5.07 -3.44
CA THR A 147 4.58 5.61 -3.87
C THR A 147 5.35 6.11 -2.66
N ILE A 148 6.66 5.90 -2.70
CA ILE A 148 7.57 6.31 -1.65
C ILE A 148 8.83 6.83 -2.33
N PRO A 149 9.39 7.98 -1.89
CA PRO A 149 10.60 8.52 -2.49
C PRO A 149 11.85 7.73 -2.08
N GLU A 150 11.95 7.36 -0.81
CA GLU A 150 13.10 6.64 -0.28
C GLU A 150 13.28 5.26 -0.92
N LEU A 151 12.23 4.69 -1.52
CA LEU A 151 12.35 3.40 -2.19
C LEU A 151 13.22 3.54 -3.44
N CYS A 152 13.20 4.68 -4.15
CA CYS A 152 13.98 4.92 -5.36
C CYS A 152 15.49 4.87 -5.16
N ASN A 153 15.98 4.90 -3.91
CA ASN A 153 17.42 4.84 -3.62
C ASN A 153 17.94 3.43 -3.94
N LEU A 154 17.10 2.43 -3.65
CA LEU A 154 17.38 1.02 -3.86
C LEU A 154 17.38 0.83 -5.36
N GLU A 155 18.52 0.49 -5.95
CA GLU A 155 18.70 0.29 -7.38
C GLU A 155 17.65 -0.61 -8.04
N LEU A 156 17.14 -1.62 -7.32
CA LEU A 156 16.13 -2.53 -7.83
C LEU A 156 14.85 -1.74 -8.18
N LEU A 157 14.53 -0.74 -7.36
CA LEU A 157 13.37 0.14 -7.46
C LEU A 157 13.65 1.45 -8.17
N ALA A 158 14.82 1.59 -8.80
CA ALA A 158 15.20 2.80 -9.53
C ALA A 158 14.49 2.84 -10.90
N LYS A 159 13.20 2.48 -10.97
CA LYS A 159 12.40 2.44 -12.19
C LYS A 159 10.92 2.70 -11.87
N ASN A 160 10.31 3.62 -12.60
CA ASN A 160 8.91 4.07 -12.54
C ASN A 160 8.70 5.02 -13.74
N GLU A 161 7.50 5.60 -13.93
CA GLU A 161 7.12 6.53 -15.00
C GLU A 161 7.23 5.94 -16.42
N ASP A 162 7.47 4.64 -16.53
CA ASP A 162 7.61 3.93 -17.79
C ASP A 162 6.31 3.84 -18.57
N GLY A 1 18.04 -24.53 -5.43
CA GLY A 1 18.34 -23.68 -6.59
C GLY A 1 18.74 -22.30 -6.10
N ALA A 2 19.77 -21.70 -6.70
CA ALA A 2 20.29 -20.38 -6.34
C ALA A 2 20.43 -19.51 -7.58
N SER A 3 21.10 -18.37 -7.44
CA SER A 3 21.34 -17.40 -8.49
C SER A 3 22.61 -16.62 -8.16
N ASN A 4 22.76 -15.45 -8.78
CA ASN A 4 23.87 -14.54 -8.59
C ASN A 4 23.89 -14.07 -7.15
N SER A 5 24.96 -14.37 -6.41
CA SER A 5 25.17 -14.02 -5.01
C SER A 5 24.80 -12.57 -4.66
N GLU A 6 25.34 -11.61 -5.42
CA GLU A 6 25.09 -10.20 -5.19
C GLU A 6 23.60 -9.92 -5.28
N LYS A 7 22.96 -10.37 -6.36
CA LYS A 7 21.55 -10.18 -6.60
C LYS A 7 20.72 -10.77 -5.47
N THR A 8 20.99 -12.01 -5.04
CA THR A 8 20.20 -12.58 -3.96
C THR A 8 20.31 -11.76 -2.68
N ALA A 9 21.51 -11.32 -2.31
CA ALA A 9 21.73 -10.50 -1.12
C ALA A 9 20.95 -9.20 -1.24
N LEU A 10 21.14 -8.54 -2.40
CA LEU A 10 20.52 -7.29 -2.77
C LEU A 10 19.01 -7.41 -2.65
N LEU A 11 18.40 -8.51 -3.12
CA LEU A 11 16.95 -8.74 -3.06
C LEU A 11 16.50 -8.78 -1.61
N THR A 12 17.12 -9.64 -0.79
CA THR A 12 16.79 -9.78 0.62
C THR A 12 16.84 -8.41 1.32
N LYS A 13 17.97 -7.70 1.18
CA LYS A 13 18.15 -6.39 1.78
C LYS A 13 17.12 -5.40 1.23
N THR A 14 16.86 -5.40 -0.08
CA THR A 14 15.91 -4.50 -0.71
C THR A 14 14.53 -4.63 -0.05
N LEU A 15 14.04 -5.86 0.16
CA LEU A 15 12.75 -6.05 0.80
C LEU A 15 12.77 -5.43 2.19
N ASN A 16 13.72 -5.84 3.02
CA ASN A 16 13.88 -5.37 4.40
C ASN A 16 13.89 -3.86 4.46
N GLN A 17 14.76 -3.22 3.65
CA GLN A 17 14.91 -1.77 3.56
C GLN A 17 13.57 -1.13 3.24
N GLY A 18 12.85 -1.71 2.29
CA GLY A 18 11.55 -1.27 1.82
C GLY A 18 10.52 -1.35 2.92
N VAL A 19 10.34 -2.50 3.57
CA VAL A 19 9.35 -2.70 4.64
C VAL A 19 9.54 -1.67 5.76
N LYS A 20 10.75 -1.54 6.30
CA LYS A 20 10.98 -0.56 7.37
C LYS A 20 10.81 0.86 6.83
N THR A 21 11.11 1.10 5.55
CA THR A 21 10.97 2.45 5.00
C THR A 21 9.49 2.81 4.91
N ILE A 22 8.67 1.87 4.47
CA ILE A 22 7.24 2.05 4.36
C ILE A 22 6.73 2.43 5.75
N PHE A 23 7.08 1.63 6.75
CA PHE A 23 6.63 1.88 8.11
C PHE A 23 7.14 3.22 8.61
N ASP A 24 8.38 3.59 8.31
CA ASP A 24 8.93 4.87 8.75
C ASP A 24 8.09 6.02 8.20
N LYS A 25 7.77 5.97 6.91
CA LYS A 25 6.99 6.98 6.22
C LYS A 25 5.50 6.97 6.57
N LEU A 26 4.96 5.87 7.12
CA LEU A 26 3.53 5.79 7.45
C LEU A 26 3.28 5.97 8.92
N ASN A 27 4.24 5.59 9.76
CA ASN A 27 4.09 5.72 11.21
C ASN A 27 3.82 7.18 11.58
N GLU A 28 4.38 8.12 10.82
CA GLU A 28 4.18 9.53 11.06
C GLU A 28 2.71 9.93 10.83
N ARG A 29 2.07 9.48 9.75
CA ARG A 29 0.67 9.78 9.44
C ARG A 29 0.08 8.75 8.47
N CYS A 30 -1.24 8.61 8.49
CA CYS A 30 -1.95 7.71 7.59
C CYS A 30 -1.99 8.37 6.20
N ILE A 31 -2.52 7.67 5.21
CA ILE A 31 -2.64 8.16 3.83
C ILE A 31 -4.05 7.80 3.33
N PHE A 32 -4.56 8.55 2.35
CA PHE A 32 -5.90 8.32 1.83
C PHE A 32 -6.01 8.70 0.34
N TYR A 33 -7.06 8.22 -0.31
CA TYR A 33 -7.35 8.46 -1.72
C TYR A 33 -8.86 8.41 -1.98
N GLN A 34 -9.38 9.44 -2.64
CA GLN A 34 -10.81 9.50 -2.98
C GLN A 34 -11.00 8.90 -4.37
N ALA A 35 -11.59 7.71 -4.41
CA ALA A 35 -11.91 6.96 -5.60
C ALA A 35 -13.35 7.27 -5.96
N GLY A 36 -13.57 8.49 -6.48
CA GLY A 36 -14.87 8.95 -6.90
C GLY A 36 -15.77 9.18 -5.71
N PHE A 37 -16.84 8.39 -5.61
CA PHE A 37 -17.82 8.45 -4.54
C PHE A 37 -17.30 7.87 -3.22
N TRP A 38 -16.36 6.92 -3.28
CA TRP A 38 -15.80 6.29 -2.08
C TRP A 38 -14.40 6.78 -1.82
N ILE A 39 -13.97 6.67 -0.57
CA ILE A 39 -12.65 7.06 -0.10
C ILE A 39 -12.09 5.80 0.54
N TYR A 40 -10.76 5.71 0.46
CA TYR A 40 -9.93 4.65 0.96
C TYR A 40 -8.87 5.29 1.84
N GLU A 41 -8.70 4.78 3.06
CA GLU A 41 -7.75 5.25 4.05
C GLU A 41 -6.94 4.05 4.51
N TYR A 42 -5.62 4.24 4.51
CA TYR A 42 -4.65 3.24 4.93
C TYR A 42 -3.81 3.82 6.06
N CYS A 43 -3.92 3.23 7.26
CA CYS A 43 -3.17 3.66 8.44
C CYS A 43 -2.02 2.68 8.75
N PRO A 44 -0.95 3.14 9.43
CA PRO A 44 0.25 2.37 9.76
C PRO A 44 0.03 1.15 10.65
N GLY A 45 -0.19 -0.02 10.04
CA GLY A 45 -0.39 -1.26 10.79
C GLY A 45 -1.60 -1.18 11.73
N ILE A 46 -2.64 -0.46 11.31
CA ILE A 46 -3.85 -0.30 12.12
C ILE A 46 -4.95 -1.06 11.40
N GLU A 47 -5.33 -0.57 10.23
CA GLU A 47 -6.36 -1.11 9.35
C GLU A 47 -6.46 -0.24 8.12
N PHE A 48 -7.08 -0.85 7.12
CA PHE A 48 -7.37 -0.28 5.81
C PHE A 48 -8.90 -0.25 5.80
N VAL A 49 -9.48 0.93 5.61
CA VAL A 49 -10.93 1.11 5.61
C VAL A 49 -11.38 1.89 4.38
N GLN A 50 -12.65 1.71 4.01
CA GLN A 50 -13.29 2.38 2.89
C GLN A 50 -14.53 3.04 3.45
N PHE A 51 -14.70 4.34 3.23
CA PHE A 51 -15.82 5.12 3.71
C PHE A 51 -16.22 6.23 2.75
N HIS A 52 -17.45 6.70 2.87
CA HIS A 52 -17.94 7.80 2.05
C HIS A 52 -17.55 9.07 2.83
N GLY A 53 -17.40 10.19 2.13
CA GLY A 53 -17.03 11.43 2.78
C GLY A 53 -16.57 12.46 1.77
N ARG A 54 -15.91 13.49 2.27
CA ARG A 54 -15.37 14.62 1.53
C ARG A 54 -13.91 14.74 1.92
N VAL A 55 -13.05 15.12 0.98
CA VAL A 55 -11.63 15.27 1.24
C VAL A 55 -11.02 16.26 0.25
N ASN A 56 -9.99 16.98 0.70
CA ASN A 56 -9.25 17.94 -0.10
C ASN A 56 -8.03 17.15 -0.55
N THR A 57 -8.10 16.50 -1.72
CA THR A 57 -7.00 15.69 -2.23
C THR A 57 -5.66 16.44 -2.27
N LYS A 58 -5.66 17.78 -2.39
CA LYS A 58 -4.47 18.64 -2.42
C LYS A 58 -3.52 18.39 -1.24
N THR A 59 -4.04 17.94 -0.10
CA THR A 59 -3.29 17.65 1.12
C THR A 59 -3.71 16.26 1.65
N GLY A 60 -4.94 15.85 1.37
CA GLY A 60 -5.53 14.60 1.79
C GLY A 60 -6.41 14.84 3.02
N GLU A 61 -6.62 16.10 3.42
CA GLU A 61 -7.42 16.40 4.60
C GLU A 61 -8.86 15.98 4.39
N ILE A 62 -9.28 14.99 5.16
CA ILE A 62 -10.64 14.50 5.13
C ILE A 62 -11.43 15.60 5.86
N VAL A 63 -12.60 15.95 5.34
CA VAL A 63 -13.48 16.97 5.90
C VAL A 63 -14.48 16.28 6.83
N ASN A 64 -15.14 17.05 7.70
CA ASN A 64 -16.14 16.56 8.65
C ASN A 64 -17.16 15.75 7.85
N ARG A 65 -17.36 14.47 8.18
CA ARG A 65 -18.30 13.59 7.47
C ARG A 65 -19.15 12.77 8.40
N ASP A 66 -19.94 11.87 7.85
CA ASP A 66 -20.81 10.96 8.58
C ASP A 66 -20.16 9.59 8.48
N GLU A 67 -20.01 8.93 9.62
CA GLU A 67 -19.41 7.62 9.75
C GLU A 67 -20.45 6.51 9.59
N SER A 68 -21.57 6.79 8.91
CA SER A 68 -22.65 5.84 8.69
C SER A 68 -22.32 4.90 7.52
N LEU A 69 -21.33 5.23 6.70
CA LEU A 69 -20.89 4.46 5.54
C LEU A 69 -19.40 4.17 5.71
N VAL A 70 -19.05 3.14 6.48
CA VAL A 70 -17.68 2.75 6.76
C VAL A 70 -17.58 1.21 6.66
N TYR A 71 -16.45 0.69 6.13
CA TYR A 71 -16.20 -0.73 5.94
C TYR A 71 -14.73 -1.09 6.20
N ARG A 72 -14.47 -2.29 6.72
CA ARG A 72 -13.14 -2.81 7.03
C ARG A 72 -12.69 -3.66 5.87
N LEU A 73 -11.54 -3.32 5.30
CA LEU A 73 -10.96 -4.04 4.17
C LEU A 73 -9.96 -5.03 4.75
N GLY A 74 -8.83 -4.52 5.23
CA GLY A 74 -7.79 -5.34 5.82
C GLY A 74 -7.46 -4.82 7.21
N LYS A 75 -7.07 -5.74 8.08
CA LYS A 75 -6.71 -5.49 9.46
C LYS A 75 -5.34 -6.14 9.69
N PRO A 76 -4.26 -5.39 9.49
CA PRO A 76 -2.89 -5.88 9.68
C PRO A 76 -2.54 -5.96 11.17
N LYS A 77 -1.35 -6.47 11.45
CA LYS A 77 -0.83 -6.57 12.81
C LYS A 77 -0.19 -5.24 13.20
N ALA A 78 0.11 -5.08 14.49
CA ALA A 78 0.70 -3.86 15.05
C ALA A 78 2.22 -3.86 14.91
N ASN A 79 2.83 -5.03 14.99
CA ASN A 79 4.26 -5.26 14.90
C ASN A 79 4.55 -5.51 13.44
N VAL A 80 5.68 -5.03 12.93
CA VAL A 80 6.03 -5.25 11.53
C VAL A 80 6.47 -6.70 11.32
N GLU A 81 7.01 -7.34 12.36
CA GLU A 81 7.52 -8.71 12.40
C GLU A 81 6.41 -9.77 12.38
N GLU A 82 5.18 -9.27 12.32
CA GLU A 82 3.95 -10.04 12.25
C GLU A 82 3.24 -9.79 10.89
N ARG A 83 3.68 -8.76 10.15
CA ARG A 83 3.16 -8.42 8.82
C ARG A 83 3.74 -9.39 7.81
N GLU A 84 3.15 -9.47 6.61
CA GLU A 84 3.61 -10.37 5.57
C GLU A 84 3.76 -9.62 4.24
N PHE A 85 4.99 -9.18 3.96
CA PHE A 85 5.38 -8.45 2.76
C PHE A 85 6.23 -9.39 1.88
N GLU A 86 6.17 -9.22 0.56
CA GLU A 86 6.91 -10.01 -0.41
C GLU A 86 7.46 -9.11 -1.51
N LEU A 87 8.73 -9.30 -1.88
CA LEU A 87 9.41 -8.52 -2.90
C LEU A 87 9.12 -9.14 -4.27
N LEU A 88 8.16 -8.56 -5.00
CA LEU A 88 7.77 -9.03 -6.32
C LEU A 88 8.33 -8.10 -7.39
N TYR A 89 8.20 -8.48 -8.65
CA TYR A 89 8.65 -7.68 -9.76
C TYR A 89 7.90 -8.07 -11.01
N ASP A 90 7.85 -7.14 -11.97
CA ASP A 90 7.19 -7.34 -13.25
C ASP A 90 8.06 -6.74 -14.34
N ASP A 91 7.57 -6.83 -15.58
CA ASP A 91 8.21 -6.36 -16.81
C ASP A 91 8.54 -4.86 -16.76
N VAL A 92 8.02 -4.15 -15.77
CA VAL A 92 8.23 -2.74 -15.52
C VAL A 92 9.37 -2.61 -14.53
N GLY A 93 9.19 -3.05 -13.29
CA GLY A 93 10.18 -2.96 -12.26
C GLY A 93 9.79 -3.77 -11.04
N TYR A 94 10.61 -3.64 -10.00
CA TYR A 94 10.40 -4.32 -8.74
C TYR A 94 9.37 -3.54 -7.92
N TYR A 95 8.71 -4.19 -6.95
CA TYR A 95 7.70 -3.61 -6.07
C TYR A 95 7.54 -4.53 -4.85
N ILE A 96 6.71 -4.17 -3.88
CA ILE A 96 6.46 -5.01 -2.71
C ILE A 96 4.97 -5.21 -2.68
N SER A 97 4.53 -6.44 -2.49
CA SER A 97 3.12 -6.80 -2.42
C SER A 97 2.82 -7.15 -0.97
N GLU A 98 1.87 -6.44 -0.41
CA GLU A 98 1.41 -6.67 0.95
C GLU A 98 -0.08 -6.87 0.82
N ILE A 99 -0.57 -8.07 1.09
CA ILE A 99 -2.00 -8.34 1.03
C ILE A 99 -2.46 -8.31 2.48
N ILE A 100 -3.53 -7.57 2.75
CA ILE A 100 -4.11 -7.40 4.07
C ILE A 100 -5.56 -7.82 4.03
N GLY A 101 -5.85 -8.94 4.66
CA GLY A 101 -7.17 -9.51 4.80
C GLY A 101 -7.66 -9.23 6.20
N SER A 102 -8.55 -10.09 6.71
CA SER A 102 -9.14 -9.99 8.04
C SER A 102 -10.19 -8.86 8.05
N GLY A 103 -11.05 -8.81 7.03
CA GLY A 103 -12.10 -7.81 6.89
C GLY A 103 -13.46 -8.45 7.05
N ASP A 104 -14.34 -8.22 6.07
CA ASP A 104 -15.71 -8.71 6.06
C ASP A 104 -16.03 -9.40 4.73
N ILE A 105 -16.50 -10.65 4.77
CA ILE A 105 -16.82 -11.42 3.57
C ILE A 105 -17.93 -10.77 2.74
N CYS A 106 -17.74 -10.77 1.42
CA CYS A 106 -18.69 -10.28 0.44
C CYS A 106 -19.46 -11.52 0.04
N ASP A 107 -20.61 -11.76 0.66
CA ASP A 107 -21.47 -12.92 0.43
C ASP A 107 -21.88 -13.09 -1.02
N VAL A 108 -21.75 -12.05 -1.84
CA VAL A 108 -22.06 -12.05 -3.26
C VAL A 108 -21.20 -13.09 -3.96
N THR A 109 -19.93 -13.24 -3.57
CA THR A 109 -19.01 -14.18 -4.19
C THR A 109 -18.38 -15.15 -3.20
N GLY A 110 -18.48 -14.81 -1.92
CA GLY A 110 -17.89 -15.59 -0.83
C GLY A 110 -16.39 -15.28 -0.78
N ALA A 111 -16.01 -14.03 -1.12
CA ALA A 111 -14.62 -13.59 -1.10
C ALA A 111 -14.35 -12.72 0.13
N GLU A 112 -13.07 -12.62 0.47
CA GLU A 112 -12.58 -11.82 1.58
C GLU A 112 -12.24 -10.44 1.03
N ARG A 113 -12.51 -9.41 1.84
CA ARG A 113 -12.30 -7.98 1.58
C ARG A 113 -10.82 -7.61 1.65
N MET A 114 -9.93 -8.54 1.34
CA MET A 114 -8.51 -8.30 1.46
C MET A 114 -8.04 -7.37 0.34
N VAL A 115 -7.14 -6.47 0.73
CA VAL A 115 -6.57 -5.46 -0.12
C VAL A 115 -5.10 -5.72 -0.36
N GLU A 116 -4.63 -5.41 -1.57
CA GLU A 116 -3.24 -5.59 -1.96
C GLU A 116 -2.66 -4.19 -2.16
N ILE A 117 -1.56 -3.88 -1.47
CA ILE A 117 -0.87 -2.61 -1.56
C ILE A 117 0.45 -2.89 -2.28
N GLN A 118 0.64 -2.25 -3.44
CA GLN A 118 1.84 -2.40 -4.25
C GLN A 118 2.72 -1.18 -4.01
N TYR A 119 3.81 -1.35 -3.27
CA TYR A 119 4.75 -0.29 -2.93
C TYR A 119 5.78 -0.12 -4.03
N VAL A 120 5.78 1.04 -4.70
CA VAL A 120 6.69 1.40 -5.79
C VAL A 120 7.39 2.76 -5.55
N CYS A 121 8.34 3.15 -6.39
CA CYS A 121 9.07 4.40 -6.34
C CYS A 121 8.24 5.45 -7.08
N GLY A 122 8.03 6.64 -6.52
CA GLY A 122 7.25 7.69 -7.19
C GLY A 122 8.11 8.58 -8.07
N GLY A 123 7.48 9.32 -9.00
CA GLY A 123 8.10 10.23 -9.95
C GLY A 123 9.09 11.15 -9.25
N SER A 124 8.59 12.20 -8.60
CA SER A 124 9.36 13.17 -7.83
C SER A 124 9.85 12.41 -6.60
N ASN A 125 11.15 12.39 -6.30
CA ASN A 125 11.75 11.66 -5.18
C ASN A 125 12.04 12.51 -3.92
N SER A 126 11.18 13.49 -3.60
CA SER A 126 11.37 14.37 -2.45
C SER A 126 10.08 14.75 -1.70
N GLY A 127 9.06 13.90 -1.63
CA GLY A 127 7.79 14.23 -0.95
C GLY A 127 7.36 13.14 0.05
N PRO A 128 6.23 13.34 0.75
CA PRO A 128 5.70 12.35 1.69
C PRO A 128 5.06 11.19 0.91
N SER A 129 4.72 10.11 1.59
CA SER A 129 4.09 8.97 0.95
C SER A 129 2.59 9.24 0.78
N THR A 130 1.97 8.56 -0.19
CA THR A 130 0.57 8.64 -0.52
C THR A 130 0.22 7.54 -1.54
N ILE A 131 -1.08 7.28 -1.69
CA ILE A 131 -1.63 6.30 -2.62
C ILE A 131 -1.64 6.94 -4.01
N GLN A 132 -1.22 6.18 -5.02
CA GLN A 132 -1.19 6.61 -6.43
C GLN A 132 -2.58 6.49 -7.03
N TRP A 133 -3.13 5.29 -6.94
CA TRP A 133 -4.42 4.94 -7.46
C TRP A 133 -5.03 3.87 -6.57
N VAL A 134 -6.33 3.67 -6.79
CA VAL A 134 -7.18 2.73 -6.11
C VAL A 134 -8.15 2.27 -7.18
N ARG A 135 -8.26 0.95 -7.35
CA ARG A 135 -9.17 0.37 -8.32
C ARG A 135 -9.67 -0.95 -7.76
N GLU A 136 -10.97 -1.07 -7.62
CA GLU A 136 -11.63 -2.25 -7.11
C GLU A 136 -11.57 -3.28 -8.24
N THR A 137 -10.60 -4.20 -8.21
CA THR A 137 -10.44 -5.21 -9.23
C THR A 137 -11.62 -6.18 -9.24
N LYS A 138 -11.96 -6.77 -8.09
CA LYS A 138 -13.08 -7.72 -7.97
C LYS A 138 -14.09 -7.19 -6.95
N ILE A 139 -15.19 -7.93 -6.75
CA ILE A 139 -16.29 -7.62 -5.84
C ILE A 139 -15.76 -7.38 -4.43
N CYS A 140 -14.75 -8.15 -4.00
CA CYS A 140 -14.17 -8.04 -2.67
C CYS A 140 -12.66 -7.79 -2.70
N VAL A 141 -12.00 -8.13 -3.81
CA VAL A 141 -10.56 -7.94 -3.98
C VAL A 141 -10.38 -6.51 -4.46
N TYR A 142 -9.57 -5.75 -3.74
CA TYR A 142 -9.25 -4.37 -4.02
C TYR A 142 -7.73 -4.30 -4.13
N GLU A 143 -7.22 -3.48 -5.05
CA GLU A 143 -5.81 -3.32 -5.29
C GLU A 143 -5.52 -1.81 -5.30
N ALA A 144 -4.39 -1.44 -4.70
CA ALA A 144 -3.93 -0.07 -4.58
C ALA A 144 -2.42 -0.01 -4.84
N GLN A 145 -1.91 1.17 -5.15
CA GLN A 145 -0.51 1.41 -5.39
C GLN A 145 -0.10 2.56 -4.50
N VAL A 146 1.10 2.51 -3.97
CA VAL A 146 1.67 3.50 -3.07
C VAL A 146 3.02 3.90 -3.63
N THR A 147 3.36 5.16 -3.49
CA THR A 147 4.62 5.73 -3.95
C THR A 147 5.41 6.29 -2.77
N ILE A 148 6.71 5.97 -2.75
CA ILE A 148 7.64 6.40 -1.73
C ILE A 148 8.94 6.83 -2.40
N PRO A 149 9.58 7.94 -1.97
CA PRO A 149 10.84 8.39 -2.56
C PRO A 149 12.02 7.56 -2.07
N GLU A 150 12.09 7.26 -0.78
CA GLU A 150 13.18 6.49 -0.18
C GLU A 150 13.32 5.12 -0.85
N LEU A 151 12.24 4.56 -1.42
CA LEU A 151 12.31 3.28 -2.11
C LEU A 151 13.18 3.38 -3.36
N CYS A 152 13.10 4.50 -4.10
CA CYS A 152 13.84 4.75 -5.32
C CYS A 152 15.35 4.62 -5.17
N ASN A 153 15.88 4.73 -3.94
CA ASN A 153 17.31 4.62 -3.67
C ASN A 153 17.82 3.22 -3.98
N LEU A 154 16.98 2.21 -3.74
CA LEU A 154 17.28 0.81 -3.97
C LEU A 154 17.29 0.63 -5.48
N GLU A 155 18.43 0.27 -6.08
CA GLU A 155 18.57 0.08 -7.53
C GLU A 155 17.47 -0.76 -8.18
N LEU A 156 16.98 -1.79 -7.49
CA LEU A 156 15.90 -2.63 -8.02
C LEU A 156 14.65 -1.80 -8.26
N LEU A 157 14.40 -0.82 -7.39
CA LEU A 157 13.26 0.08 -7.41
C LEU A 157 13.56 1.42 -8.06
N ALA A 158 14.77 1.61 -8.58
CA ALA A 158 15.21 2.83 -9.25
C ALA A 158 14.63 2.83 -10.68
N LYS A 159 13.35 2.53 -10.80
CA LYS A 159 12.56 2.44 -12.00
C LYS A 159 11.09 2.62 -11.61
N ASN A 160 10.35 3.27 -12.51
CA ASN A 160 8.93 3.58 -12.44
C ASN A 160 8.55 4.15 -13.81
N GLU A 161 7.28 4.14 -14.20
CA GLU A 161 6.77 4.65 -15.47
C GLU A 161 5.41 5.27 -15.18
N ASP A 162 5.47 6.39 -14.45
CA ASP A 162 4.33 7.19 -14.04
C ASP A 162 3.58 7.63 -15.29
N GLY A 1 16.27 -20.70 -14.67
CA GLY A 1 17.40 -20.10 -15.38
C GLY A 1 18.67 -20.31 -14.58
N ALA A 2 19.39 -19.24 -14.24
CA ALA A 2 20.60 -19.31 -13.44
C ALA A 2 20.75 -17.98 -12.70
N SER A 3 21.36 -18.00 -11.52
CA SER A 3 21.60 -16.83 -10.69
C SER A 3 22.61 -17.20 -9.61
N ASN A 4 23.17 -16.19 -8.93
CA ASN A 4 24.15 -16.33 -7.86
C ASN A 4 23.54 -15.93 -6.50
N SER A 5 24.31 -16.09 -5.42
CA SER A 5 23.90 -15.79 -4.06
C SER A 5 23.82 -14.30 -3.75
N GLU A 6 24.82 -13.50 -4.14
CA GLU A 6 24.81 -12.06 -3.87
C GLU A 6 23.58 -11.40 -4.49
N LYS A 7 23.13 -11.91 -5.64
CA LYS A 7 21.95 -11.40 -6.33
C LYS A 7 20.77 -11.53 -5.37
N THR A 8 20.61 -12.70 -4.75
CA THR A 8 19.54 -12.96 -3.79
C THR A 8 19.76 -12.07 -2.54
N ALA A 9 21.01 -11.82 -2.12
CA ALA A 9 21.30 -10.96 -0.97
C ALA A 9 20.72 -9.57 -1.25
N LEU A 10 21.00 -9.02 -2.44
CA LEU A 10 20.48 -7.71 -2.84
C LEU A 10 18.96 -7.73 -2.74
N LEU A 11 18.31 -8.78 -3.23
CA LEU A 11 16.84 -8.89 -3.19
C LEU A 11 16.35 -8.89 -1.74
N THR A 12 16.94 -9.74 -0.92
CA THR A 12 16.61 -9.90 0.49
C THR A 12 16.70 -8.55 1.22
N LYS A 13 17.83 -7.86 1.09
CA LYS A 13 18.07 -6.57 1.71
C LYS A 13 17.12 -5.52 1.16
N THR A 14 16.89 -5.50 -0.15
CA THR A 14 15.98 -4.57 -0.81
C THR A 14 14.60 -4.66 -0.14
N LEU A 15 14.08 -5.87 0.04
CA LEU A 15 12.78 -6.06 0.68
C LEU A 15 12.76 -5.44 2.07
N ASN A 16 13.72 -5.83 2.92
CA ASN A 16 13.83 -5.37 4.31
C ASN A 16 13.82 -3.85 4.38
N GLN A 17 14.68 -3.24 3.59
CA GLN A 17 14.83 -1.80 3.50
C GLN A 17 13.47 -1.19 3.16
N GLY A 18 12.84 -1.70 2.09
CA GLY A 18 11.54 -1.23 1.66
C GLY A 18 10.51 -1.30 2.78
N VAL A 19 10.38 -2.46 3.43
CA VAL A 19 9.43 -2.71 4.51
C VAL A 19 9.62 -1.73 5.67
N LYS A 20 10.84 -1.57 6.21
CA LYS A 20 11.03 -0.63 7.31
C LYS A 20 10.82 0.80 6.82
N THR A 21 11.14 1.09 5.56
CA THR A 21 10.97 2.44 5.04
C THR A 21 9.48 2.77 4.99
N ILE A 22 8.65 1.82 4.56
CA ILE A 22 7.22 2.02 4.49
C ILE A 22 6.72 2.28 5.91
N PHE A 23 7.10 1.43 6.87
CA PHE A 23 6.65 1.61 8.23
C PHE A 23 7.00 2.99 8.74
N ASP A 24 8.21 3.49 8.44
CA ASP A 24 8.68 4.80 8.85
C ASP A 24 7.80 5.91 8.26
N LYS A 25 7.65 5.91 6.94
CA LYS A 25 6.87 6.91 6.22
C LYS A 25 5.38 6.92 6.59
N LEU A 26 4.79 5.82 7.04
CA LEU A 26 3.36 5.80 7.40
C LEU A 26 3.17 5.98 8.90
N ASN A 27 4.18 5.58 9.70
CA ASN A 27 4.15 5.69 11.16
C ASN A 27 3.85 7.11 11.60
N GLU A 28 4.24 8.11 10.81
CA GLU A 28 4.00 9.50 11.13
C GLU A 28 2.52 9.86 10.91
N ARG A 29 1.93 9.47 9.77
CA ARG A 29 0.53 9.76 9.44
C ARG A 29 -0.02 8.77 8.42
N CYS A 30 -1.34 8.56 8.49
CA CYS A 30 -2.03 7.67 7.56
C CYS A 30 -2.19 8.40 6.23
N ILE A 31 -2.43 7.63 5.17
CA ILE A 31 -2.61 8.12 3.80
C ILE A 31 -4.02 7.75 3.34
N PHE A 32 -4.59 8.53 2.41
CA PHE A 32 -5.93 8.31 1.91
C PHE A 32 -6.06 8.69 0.42
N TYR A 33 -7.17 8.33 -0.23
CA TYR A 33 -7.48 8.59 -1.63
C TYR A 33 -8.99 8.63 -1.87
N GLN A 34 -9.49 9.70 -2.49
CA GLN A 34 -10.91 9.84 -2.83
C GLN A 34 -11.15 9.29 -4.24
N ALA A 35 -11.73 8.10 -4.33
CA ALA A 35 -12.08 7.42 -5.56
C ALA A 35 -13.51 7.83 -5.92
N GLY A 36 -13.69 9.11 -6.25
CA GLY A 36 -15.00 9.66 -6.60
C GLY A 36 -15.91 9.66 -5.36
N PHE A 37 -17.00 8.89 -5.42
CA PHE A 37 -17.97 8.79 -4.32
C PHE A 37 -17.41 8.14 -3.06
N TRP A 38 -16.51 7.17 -3.17
CA TRP A 38 -15.95 6.48 -2.00
C TRP A 38 -14.51 6.91 -1.77
N ILE A 39 -14.06 6.85 -0.53
CA ILE A 39 -12.74 7.20 -0.08
C ILE A 39 -12.16 5.95 0.56
N TYR A 40 -10.84 5.87 0.49
CA TYR A 40 -10.04 4.78 1.03
C TYR A 40 -8.97 5.38 1.93
N GLU A 41 -8.74 4.77 3.10
CA GLU A 41 -7.76 5.21 4.09
C GLU A 41 -6.92 4.00 4.51
N TYR A 42 -5.61 4.19 4.53
CA TYR A 42 -4.64 3.19 4.93
C TYR A 42 -3.73 3.75 6.03
N CYS A 43 -3.78 3.13 7.21
CA CYS A 43 -2.98 3.52 8.37
C CYS A 43 -1.80 2.55 8.60
N PRO A 44 -0.74 2.97 9.31
CA PRO A 44 0.47 2.18 9.59
C PRO A 44 0.27 0.92 10.43
N GLY A 45 -0.09 -0.20 9.78
CA GLY A 45 -0.29 -1.45 10.51
C GLY A 45 -1.47 -1.36 11.48
N ILE A 46 -2.45 -0.53 11.17
CA ILE A 46 -3.62 -0.35 12.03
C ILE A 46 -4.78 -1.06 11.35
N GLU A 47 -5.23 -0.54 10.21
CA GLU A 47 -6.35 -1.08 9.44
C GLU A 47 -6.44 -0.33 8.12
N PHE A 48 -7.21 -0.91 7.20
CA PHE A 48 -7.51 -0.38 5.87
C PHE A 48 -9.03 -0.34 5.83
N VAL A 49 -9.60 0.86 5.65
CA VAL A 49 -11.04 1.08 5.62
C VAL A 49 -11.47 1.93 4.41
N GLN A 50 -12.74 1.79 4.03
CA GLN A 50 -13.36 2.52 2.94
C GLN A 50 -14.58 3.21 3.56
N PHE A 51 -14.77 4.50 3.27
CA PHE A 51 -15.89 5.30 3.78
C PHE A 51 -16.34 6.34 2.76
N HIS A 52 -17.59 6.81 2.89
CA HIS A 52 -18.14 7.82 2.00
C HIS A 52 -17.76 9.18 2.60
N GLY A 53 -17.68 10.24 1.79
CA GLY A 53 -17.29 11.54 2.30
C GLY A 53 -16.76 12.42 1.18
N ARG A 54 -16.04 13.47 1.58
CA ARG A 54 -15.41 14.44 0.70
C ARG A 54 -14.00 14.66 1.24
N VAL A 55 -13.02 14.88 0.35
CA VAL A 55 -11.63 15.12 0.68
C VAL A 55 -11.17 16.38 -0.02
N ASN A 56 -10.17 17.04 0.56
CA ASN A 56 -9.55 18.24 0.02
C ASN A 56 -8.19 17.86 -0.52
N THR A 57 -8.03 17.55 -1.82
CA THR A 57 -6.75 17.19 -2.43
C THR A 57 -5.65 18.25 -2.17
N LYS A 58 -6.02 19.44 -1.69
CA LYS A 58 -5.09 20.51 -1.36
C LYS A 58 -4.04 20.02 -0.36
N THR A 59 -4.41 19.07 0.50
CA THR A 59 -3.55 18.46 1.51
C THR A 59 -3.94 16.98 1.65
N GLY A 60 -5.23 16.68 1.68
CA GLY A 60 -5.80 15.35 1.80
C GLY A 60 -6.70 15.26 3.04
N GLU A 61 -7.02 16.39 3.68
CA GLU A 61 -7.86 16.40 4.87
C GLU A 61 -9.26 15.90 4.53
N ILE A 62 -9.71 14.91 5.31
CA ILE A 62 -11.02 14.30 5.19
C ILE A 62 -12.00 15.34 5.76
N VAL A 63 -13.04 15.66 5.00
CA VAL A 63 -14.05 16.63 5.40
C VAL A 63 -15.10 15.90 6.23
N ASN A 64 -15.95 15.12 5.56
CA ASN A 64 -17.03 14.34 6.15
C ASN A 64 -16.44 13.01 6.60
N ARG A 65 -16.47 12.70 7.90
CA ARG A 65 -15.93 11.48 8.50
C ARG A 65 -16.97 10.77 9.39
N ASP A 66 -18.22 10.82 8.95
CA ASP A 66 -19.40 10.25 9.59
C ASP A 66 -19.29 8.73 9.71
N GLU A 67 -19.60 8.17 10.89
CA GLU A 67 -19.53 6.74 11.19
C GLU A 67 -20.67 5.90 10.60
N SER A 68 -21.55 6.46 9.77
CA SER A 68 -22.66 5.69 9.19
C SER A 68 -22.26 4.92 7.92
N LEU A 69 -21.15 5.25 7.26
CA LEU A 69 -20.73 4.58 6.03
C LEU A 69 -19.25 4.24 6.12
N VAL A 70 -18.91 3.15 6.82
CA VAL A 70 -17.53 2.68 7.00
C VAL A 70 -17.51 1.16 6.82
N TYR A 71 -16.42 0.60 6.28
CA TYR A 71 -16.25 -0.82 6.03
C TYR A 71 -14.81 -1.25 6.32
N ARG A 72 -14.58 -2.52 6.68
CA ARG A 72 -13.25 -3.05 6.98
C ARG A 72 -12.75 -3.82 5.77
N LEU A 73 -11.55 -3.47 5.29
CA LEU A 73 -10.93 -4.11 4.13
C LEU A 73 -9.87 -5.08 4.62
N GLY A 74 -8.85 -4.55 5.31
CA GLY A 74 -7.76 -5.34 5.84
C GLY A 74 -7.44 -4.95 7.27
N LYS A 75 -6.89 -5.90 8.02
CA LYS A 75 -6.50 -5.81 9.42
C LYS A 75 -5.05 -6.29 9.57
N PRO A 76 -4.06 -5.42 9.37
CA PRO A 76 -2.65 -5.75 9.50
C PRO A 76 -2.22 -5.74 10.97
N LYS A 77 -0.96 -6.10 11.23
CA LYS A 77 -0.41 -6.08 12.58
C LYS A 77 0.27 -4.75 12.83
N ALA A 78 0.37 -4.40 14.10
CA ALA A 78 0.97 -3.15 14.56
C ALA A 78 2.49 -3.18 14.57
N ASN A 79 3.05 -4.37 14.68
CA ASN A 79 4.48 -4.60 14.72
C ASN A 79 4.89 -5.22 13.39
N VAL A 80 5.89 -4.62 12.74
CA VAL A 80 6.45 -5.06 11.48
C VAL A 80 6.87 -6.54 11.55
N GLU A 81 7.33 -6.92 12.72
CA GLU A 81 7.84 -8.22 13.13
C GLU A 81 6.80 -9.34 13.01
N GLU A 82 5.52 -8.98 12.93
CA GLU A 82 4.37 -9.89 12.84
C GLU A 82 3.69 -9.80 11.48
N ARG A 83 4.15 -8.88 10.63
CA ARG A 83 3.61 -8.70 9.28
C ARG A 83 4.39 -9.56 8.29
N GLU A 84 3.95 -9.51 7.05
CA GLU A 84 4.53 -10.27 5.96
C GLU A 84 4.49 -9.41 4.70
N PHE A 85 5.60 -9.37 3.95
CA PHE A 85 5.76 -8.61 2.73
C PHE A 85 6.64 -9.43 1.78
N GLU A 86 6.47 -9.29 0.47
CA GLU A 86 7.25 -9.99 -0.56
C GLU A 86 7.68 -8.98 -1.61
N LEU A 87 8.96 -8.99 -1.97
CA LEU A 87 9.54 -8.11 -2.98
C LEU A 87 9.33 -8.81 -4.31
N LEU A 88 8.31 -8.40 -5.05
CA LEU A 88 7.96 -8.96 -6.35
C LEU A 88 8.47 -8.04 -7.45
N TYR A 89 8.31 -8.46 -8.69
CA TYR A 89 8.70 -7.68 -9.85
C TYR A 89 7.91 -8.11 -11.05
N ASP A 90 7.80 -7.19 -12.00
CA ASP A 90 7.08 -7.37 -13.25
C ASP A 90 7.97 -6.83 -14.36
N ASP A 91 7.50 -6.89 -15.60
CA ASP A 91 8.18 -6.45 -16.79
C ASP A 91 8.64 -4.98 -16.68
N VAL A 92 7.88 -4.15 -15.96
CA VAL A 92 8.18 -2.74 -15.74
C VAL A 92 9.34 -2.61 -14.76
N GLY A 93 9.19 -3.15 -13.53
CA GLY A 93 10.20 -3.11 -12.49
C GLY A 93 9.73 -3.82 -11.22
N TYR A 94 10.49 -3.64 -10.14
CA TYR A 94 10.23 -4.24 -8.83
C TYR A 94 9.20 -3.43 -8.02
N TYR A 95 8.61 -4.08 -7.00
CA TYR A 95 7.63 -3.52 -6.07
C TYR A 95 7.44 -4.49 -4.90
N ILE A 96 6.77 -4.10 -3.82
CA ILE A 96 6.51 -4.98 -2.69
C ILE A 96 5.01 -5.20 -2.66
N SER A 97 4.56 -6.43 -2.41
CA SER A 97 3.18 -6.80 -2.33
C SER A 97 2.85 -7.15 -0.88
N GLU A 98 1.85 -6.48 -0.32
CA GLU A 98 1.38 -6.70 1.05
C GLU A 98 -0.14 -6.86 0.92
N ILE A 99 -0.68 -8.07 1.12
CA ILE A 99 -2.11 -8.32 1.05
C ILE A 99 -2.62 -8.38 2.48
N ILE A 100 -3.64 -7.56 2.75
CA ILE A 100 -4.25 -7.42 4.05
C ILE A 100 -5.70 -7.87 4.02
N GLY A 101 -6.00 -8.97 4.70
CA GLY A 101 -7.33 -9.54 4.82
C GLY A 101 -7.89 -9.35 6.21
N SER A 102 -8.90 -10.14 6.55
CA SER A 102 -9.61 -10.13 7.83
C SER A 102 -10.52 -8.90 7.92
N GLY A 103 -11.08 -8.45 6.79
CA GLY A 103 -12.00 -7.34 6.70
C GLY A 103 -13.35 -8.02 6.91
N ASP A 104 -14.08 -8.22 5.82
CA ASP A 104 -15.37 -8.88 5.84
C ASP A 104 -15.50 -9.68 4.54
N ILE A 105 -16.40 -10.66 4.48
CA ILE A 105 -16.64 -11.50 3.32
C ILE A 105 -17.76 -10.89 2.49
N CYS A 106 -17.59 -10.78 1.17
CA CYS A 106 -18.62 -10.27 0.28
C CYS A 106 -19.35 -11.57 -0.03
N ASP A 107 -20.41 -11.87 0.71
CA ASP A 107 -21.18 -13.11 0.53
C ASP A 107 -21.66 -13.33 -0.90
N VAL A 108 -21.79 -12.25 -1.67
CA VAL A 108 -22.21 -12.23 -3.07
C VAL A 108 -21.36 -13.21 -3.90
N THR A 109 -20.07 -13.37 -3.57
CA THR A 109 -19.17 -14.28 -4.27
C THR A 109 -18.48 -15.27 -3.32
N GLY A 110 -18.35 -14.87 -2.05
CA GLY A 110 -17.71 -15.66 -1.00
C GLY A 110 -16.22 -15.31 -0.86
N ALA A 111 -15.81 -14.15 -1.36
CA ALA A 111 -14.43 -13.67 -1.31
C ALA A 111 -14.24 -12.73 -0.12
N GLU A 112 -13.00 -12.46 0.25
CA GLU A 112 -12.65 -11.57 1.34
C GLU A 112 -12.36 -10.18 0.79
N ARG A 113 -12.68 -9.13 1.56
CA ARG A 113 -12.48 -7.71 1.26
C ARG A 113 -11.00 -7.34 1.44
N MET A 114 -10.09 -8.30 1.24
CA MET A 114 -8.69 -8.10 1.45
C MET A 114 -8.16 -7.22 0.32
N VAL A 115 -7.19 -6.40 0.69
CA VAL A 115 -6.59 -5.43 -0.19
C VAL A 115 -5.10 -5.64 -0.37
N GLU A 116 -4.62 -5.47 -1.60
CA GLU A 116 -3.22 -5.60 -1.94
C GLU A 116 -2.67 -4.19 -2.11
N ILE A 117 -1.54 -3.91 -1.48
CA ILE A 117 -0.88 -2.63 -1.55
C ILE A 117 0.47 -2.87 -2.23
N GLN A 118 0.65 -2.31 -3.43
CA GLN A 118 1.89 -2.44 -4.17
C GLN A 118 2.73 -1.19 -3.91
N TYR A 119 3.81 -1.34 -3.16
CA TYR A 119 4.71 -0.24 -2.81
C TYR A 119 5.74 -0.06 -3.92
N VAL A 120 5.74 1.10 -4.56
CA VAL A 120 6.64 1.48 -5.65
C VAL A 120 7.33 2.84 -5.40
N CYS A 121 8.29 3.21 -6.26
CA CYS A 121 9.04 4.45 -6.21
C CYS A 121 8.25 5.54 -6.94
N GLY A 122 8.17 6.74 -6.37
CA GLY A 122 7.46 7.85 -7.01
C GLY A 122 8.35 8.58 -8.00
N GLY A 123 7.73 9.29 -8.95
CA GLY A 123 8.41 10.05 -9.98
C GLY A 123 9.20 11.16 -9.31
N SER A 124 8.46 12.12 -8.72
CA SER A 124 9.03 13.23 -8.00
C SER A 124 9.33 12.66 -6.61
N ASN A 125 10.55 12.16 -6.43
CA ASN A 125 11.08 11.53 -5.22
C ASN A 125 11.38 12.54 -4.08
N SER A 126 10.55 13.56 -3.90
CA SER A 126 10.75 14.59 -2.89
C SER A 126 9.50 15.02 -2.14
N GLY A 127 8.67 14.08 -1.68
CA GLY A 127 7.45 14.41 -0.93
C GLY A 127 7.03 13.23 -0.08
N PRO A 128 5.99 13.37 0.75
CA PRO A 128 5.52 12.30 1.60
C PRO A 128 4.82 11.22 0.76
N SER A 129 4.61 10.05 1.38
CA SER A 129 3.96 8.91 0.76
C SER A 129 2.45 9.17 0.64
N THR A 130 1.79 8.53 -0.34
CA THR A 130 0.37 8.63 -0.60
C THR A 130 -0.02 7.54 -1.61
N ILE A 131 -1.31 7.23 -1.66
CA ILE A 131 -1.87 6.25 -2.58
C ILE A 131 -1.92 6.93 -3.95
N GLN A 132 -1.37 6.27 -4.96
CA GLN A 132 -1.31 6.71 -6.34
C GLN A 132 -2.70 6.62 -6.97
N TRP A 133 -3.22 5.39 -7.01
CA TRP A 133 -4.49 5.01 -7.57
C TRP A 133 -5.11 3.93 -6.71
N VAL A 134 -6.39 3.66 -6.98
CA VAL A 134 -7.21 2.67 -6.32
C VAL A 134 -8.13 2.09 -7.38
N ARG A 135 -8.45 0.79 -7.27
CA ARG A 135 -9.36 0.11 -8.18
C ARG A 135 -9.80 -1.20 -7.56
N GLU A 136 -11.09 -1.34 -7.33
CA GLU A 136 -11.68 -2.55 -6.78
C GLU A 136 -11.66 -3.50 -7.98
N THR A 137 -10.59 -4.28 -8.10
CA THR A 137 -10.36 -5.21 -9.19
C THR A 137 -11.50 -6.21 -9.34
N LYS A 138 -11.84 -6.95 -8.28
CA LYS A 138 -12.92 -7.94 -8.31
C LYS A 138 -14.06 -7.44 -7.44
N ILE A 139 -15.09 -8.26 -7.21
CA ILE A 139 -16.24 -7.85 -6.40
C ILE A 139 -15.79 -7.53 -4.96
N CYS A 140 -14.85 -8.30 -4.42
CA CYS A 140 -14.34 -8.14 -3.06
C CYS A 140 -12.86 -7.77 -3.04
N VAL A 141 -12.07 -8.40 -3.92
CA VAL A 141 -10.63 -8.16 -4.05
C VAL A 141 -10.43 -6.72 -4.52
N TYR A 142 -9.54 -6.00 -3.86
CA TYR A 142 -9.21 -4.61 -4.14
C TYR A 142 -7.68 -4.51 -4.22
N GLU A 143 -7.17 -3.70 -5.15
CA GLU A 143 -5.75 -3.47 -5.36
C GLU A 143 -5.54 -1.95 -5.32
N ALA A 144 -4.42 -1.54 -4.73
CA ALA A 144 -4.02 -0.16 -4.56
C ALA A 144 -2.50 -0.07 -4.69
N GLN A 145 -1.98 1.13 -4.94
CA GLN A 145 -0.55 1.37 -5.10
C GLN A 145 -0.16 2.66 -4.40
N VAL A 146 1.05 2.73 -3.86
CA VAL A 146 1.56 3.93 -3.17
C VAL A 146 2.96 4.26 -3.67
N THR A 147 3.33 5.53 -3.64
CA THR A 147 4.65 5.96 -4.07
C THR A 147 5.44 6.49 -2.87
N ILE A 148 6.69 6.03 -2.74
CA ILE A 148 7.59 6.46 -1.67
C ILE A 148 8.92 6.88 -2.30
N PRO A 149 9.53 8.01 -1.89
CA PRO A 149 10.80 8.47 -2.45
C PRO A 149 11.99 7.64 -1.96
N GLU A 150 12.02 7.29 -0.67
CA GLU A 150 13.11 6.51 -0.08
C GLU A 150 13.25 5.13 -0.74
N LEU A 151 12.17 4.57 -1.30
CA LEU A 151 12.20 3.28 -1.98
C LEU A 151 13.07 3.38 -3.24
N CYS A 152 13.06 4.53 -3.93
CA CYS A 152 13.82 4.78 -5.14
C CYS A 152 15.33 4.63 -4.95
N ASN A 153 15.81 4.71 -3.70
CA ASN A 153 17.23 4.58 -3.37
C ASN A 153 17.74 3.19 -3.74
N LEU A 154 16.90 2.18 -3.60
CA LEU A 154 17.19 0.79 -3.89
C LEU A 154 17.25 0.63 -5.40
N GLU A 155 18.39 0.22 -5.96
CA GLU A 155 18.58 0.06 -7.40
C GLU A 155 17.49 -0.77 -8.09
N LEU A 156 17.00 -1.84 -7.47
CA LEU A 156 15.94 -2.67 -8.04
C LEU A 156 14.67 -1.85 -8.27
N LEU A 157 14.41 -0.89 -7.38
CA LEU A 157 13.25 0.00 -7.38
C LEU A 157 13.58 1.38 -7.93
N ALA A 158 14.79 1.59 -8.44
CA ALA A 158 15.24 2.85 -9.01
C ALA A 158 14.62 3.04 -10.41
N LYS A 159 13.36 2.64 -10.57
CA LYS A 159 12.53 2.67 -11.75
C LYS A 159 11.18 3.20 -11.28
N ASN A 160 10.70 4.21 -11.99
CA ASN A 160 9.45 4.89 -11.79
C ASN A 160 9.00 5.39 -13.16
N GLU A 161 7.74 5.81 -13.27
CA GLU A 161 7.21 6.32 -14.52
C GLU A 161 6.16 7.37 -14.18
N ASP A 162 6.57 8.49 -13.59
CA ASP A 162 5.67 9.57 -13.22
C ASP A 162 6.42 10.88 -13.34
N GLY A 1 14.98 -15.99 -8.60
CA GLY A 1 15.14 -16.76 -9.82
C GLY A 1 16.54 -16.56 -10.36
N ALA A 2 17.25 -17.66 -10.69
CA ALA A 2 18.61 -17.70 -11.24
C ALA A 2 19.58 -16.70 -10.60
N SER A 3 19.44 -16.47 -9.29
CA SER A 3 20.27 -15.55 -8.54
C SER A 3 21.42 -16.31 -7.87
N ASN A 4 22.42 -15.57 -7.42
CA ASN A 4 23.61 -16.07 -6.74
C ASN A 4 23.71 -15.35 -5.40
N SER A 5 24.71 -15.69 -4.58
CA SER A 5 24.91 -15.15 -3.25
C SER A 5 24.75 -13.63 -3.13
N GLU A 6 25.49 -12.86 -3.93
CA GLU A 6 25.41 -11.42 -3.87
C GLU A 6 24.01 -10.90 -4.24
N LYS A 7 23.45 -11.43 -5.33
CA LYS A 7 22.14 -11.08 -5.84
C LYS A 7 21.06 -11.35 -4.80
N THR A 8 21.05 -12.54 -4.19
CA THR A 8 20.08 -12.89 -3.18
C THR A 8 20.22 -11.99 -1.95
N ALA A 9 21.46 -11.60 -1.60
CA ALA A 9 21.66 -10.73 -0.45
C ALA A 9 21.03 -9.37 -0.73
N LEU A 10 21.23 -8.85 -1.95
CA LEU A 10 20.66 -7.58 -2.38
C LEU A 10 19.15 -7.67 -2.32
N LEU A 11 18.55 -8.74 -2.86
CA LEU A 11 17.09 -8.95 -2.87
C LEU A 11 16.55 -8.96 -1.44
N THR A 12 17.15 -9.77 -0.58
CA THR A 12 16.77 -9.92 0.83
C THR A 12 16.84 -8.55 1.53
N LYS A 13 17.96 -7.83 1.40
CA LYS A 13 18.12 -6.53 2.03
C LYS A 13 17.12 -5.54 1.48
N THR A 14 17.02 -5.40 0.15
CA THR A 14 16.11 -4.49 -0.51
C THR A 14 14.68 -4.68 -0.01
N LEU A 15 14.20 -5.92 0.17
CA LEU A 15 12.84 -6.14 0.64
C LEU A 15 12.64 -5.46 1.99
N ASN A 16 13.46 -5.83 2.96
CA ASN A 16 13.37 -5.29 4.32
C ASN A 16 13.64 -3.79 4.38
N GLN A 17 14.59 -3.27 3.58
CA GLN A 17 14.91 -1.84 3.52
C GLN A 17 13.64 -1.11 3.07
N GLY A 18 12.86 -1.72 2.20
CA GLY A 18 11.61 -1.18 1.72
C GLY A 18 10.61 -1.13 2.87
N VAL A 19 10.41 -2.25 3.59
CA VAL A 19 9.46 -2.34 4.70
C VAL A 19 9.73 -1.29 5.78
N LYS A 20 10.97 -1.21 6.30
CA LYS A 20 11.29 -0.22 7.34
C LYS A 20 11.00 1.20 6.86
N THR A 21 11.19 1.45 5.56
CA THR A 21 10.96 2.75 4.98
C THR A 21 9.47 3.04 4.82
N ILE A 22 8.69 2.08 4.30
CA ILE A 22 7.26 2.24 4.11
C ILE A 22 6.63 2.60 5.46
N PHE A 23 6.92 1.79 6.47
CA PHE A 23 6.39 2.00 7.80
C PHE A 23 6.76 3.37 8.33
N ASP A 24 8.00 3.82 8.10
CA ASP A 24 8.43 5.13 8.58
C ASP A 24 7.61 6.24 7.93
N LYS A 25 7.51 6.21 6.61
CA LYS A 25 6.78 7.21 5.82
C LYS A 25 5.26 7.17 6.06
N LEU A 26 4.75 6.24 6.88
CA LEU A 26 3.34 6.09 7.23
C LEU A 26 3.15 6.34 8.73
N ASN A 27 4.17 6.06 9.55
CA ASN A 27 4.10 6.24 11.00
C ASN A 27 3.88 7.71 11.34
N GLU A 28 4.31 8.61 10.45
CA GLU A 28 4.16 10.04 10.63
C GLU A 28 2.69 10.42 10.47
N ARG A 29 2.01 9.93 9.43
CA ARG A 29 0.62 10.20 9.11
C ARG A 29 0.11 9.10 8.17
N CYS A 30 -1.18 8.75 8.27
CA CYS A 30 -1.78 7.74 7.41
C CYS A 30 -2.00 8.37 6.03
N ILE A 31 -2.42 7.56 5.04
CA ILE A 31 -2.66 8.01 3.67
C ILE A 31 -4.04 7.58 3.20
N PHE A 32 -4.68 8.41 2.36
CA PHE A 32 -6.02 8.16 1.83
C PHE A 32 -6.13 8.59 0.38
N TYR A 33 -7.15 8.09 -0.33
CA TYR A 33 -7.42 8.39 -1.72
C TYR A 33 -8.91 8.39 -1.97
N GLN A 34 -9.43 9.48 -2.53
CA GLN A 34 -10.85 9.58 -2.83
C GLN A 34 -11.05 9.03 -4.23
N ALA A 35 -11.55 7.80 -4.31
CA ALA A 35 -11.85 7.12 -5.55
C ALA A 35 -13.29 7.49 -5.90
N GLY A 36 -13.51 8.77 -6.22
CA GLY A 36 -14.83 9.26 -6.57
C GLY A 36 -15.77 9.19 -5.37
N PHE A 37 -16.80 8.36 -5.47
CA PHE A 37 -17.80 8.20 -4.42
C PHE A 37 -17.22 7.64 -3.12
N TRP A 38 -16.27 6.71 -3.15
CA TRP A 38 -15.71 6.14 -1.93
C TRP A 38 -14.29 6.63 -1.67
N ILE A 39 -13.87 6.63 -0.41
CA ILE A 39 -12.56 7.05 0.03
C ILE A 39 -11.96 5.81 0.67
N TYR A 40 -10.71 5.56 0.34
CA TYR A 40 -9.93 4.44 0.83
C TYR A 40 -8.90 5.04 1.76
N GLU A 41 -8.80 4.54 2.99
CA GLU A 41 -7.90 4.99 4.05
C GLU A 41 -7.02 3.87 4.55
N TYR A 42 -5.70 4.06 4.42
CA TYR A 42 -4.67 3.13 4.85
C TYR A 42 -3.75 3.76 5.90
N CYS A 43 -3.60 3.10 7.04
CA CYS A 43 -2.79 3.53 8.18
C CYS A 43 -1.54 2.66 8.44
N PRO A 44 -0.53 3.17 9.18
CA PRO A 44 0.70 2.44 9.51
C PRO A 44 0.44 1.23 10.42
N GLY A 45 0.15 0.07 9.83
CA GLY A 45 -0.11 -1.17 10.55
C GLY A 45 -1.23 -1.00 11.56
N ILE A 46 -2.40 -0.57 11.10
CA ILE A 46 -3.57 -0.38 11.95
C ILE A 46 -4.67 -1.15 11.25
N GLU A 47 -5.08 -0.69 10.05
CA GLU A 47 -6.09 -1.28 9.21
C GLU A 47 -6.25 -0.49 7.92
N PHE A 48 -7.06 -1.06 7.04
CA PHE A 48 -7.47 -0.49 5.75
C PHE A 48 -9.00 -0.43 5.80
N VAL A 49 -9.57 0.77 5.71
CA VAL A 49 -11.03 0.98 5.75
C VAL A 49 -11.47 1.87 4.60
N GLN A 50 -12.73 1.73 4.20
CA GLN A 50 -13.36 2.50 3.12
C GLN A 50 -14.50 3.29 3.77
N PHE A 51 -14.67 4.57 3.42
CA PHE A 51 -15.73 5.44 3.93
C PHE A 51 -16.22 6.45 2.90
N HIS A 52 -17.44 6.96 3.04
CA HIS A 52 -17.99 7.99 2.15
C HIS A 52 -17.64 9.32 2.83
N GLY A 53 -17.39 10.41 2.09
CA GLY A 53 -17.06 11.68 2.72
C GLY A 53 -16.41 12.67 1.76
N ARG A 54 -15.78 13.72 2.30
CA ARG A 54 -15.08 14.77 1.56
C ARG A 54 -13.63 14.87 2.01
N VAL A 55 -12.71 14.99 1.06
CA VAL A 55 -11.27 15.09 1.30
C VAL A 55 -10.64 15.87 0.15
N ASN A 56 -9.53 16.57 0.44
CA ASN A 56 -8.77 17.36 -0.52
C ASN A 56 -7.62 16.49 -1.02
N THR A 57 -7.77 15.83 -2.17
CA THR A 57 -6.76 14.94 -2.76
C THR A 57 -5.39 15.58 -2.99
N LYS A 58 -5.23 16.90 -2.90
CA LYS A 58 -3.93 17.56 -3.10
C LYS A 58 -2.97 17.34 -1.93
N THR A 59 -3.50 17.08 -0.74
CA THR A 59 -2.73 16.87 0.49
C THR A 59 -3.27 15.66 1.28
N GLY A 60 -4.53 15.27 1.02
CA GLY A 60 -5.20 14.16 1.64
C GLY A 60 -5.95 14.62 2.88
N GLU A 61 -6.11 15.93 3.07
CA GLU A 61 -6.78 16.46 4.22
C GLU A 61 -8.27 16.15 4.13
N ILE A 62 -8.73 15.31 5.06
CA ILE A 62 -10.10 14.87 5.17
C ILE A 62 -10.86 16.07 5.75
N VAL A 63 -11.72 16.68 4.95
CA VAL A 63 -12.54 17.84 5.27
C VAL A 63 -13.55 17.51 6.36
N ASN A 64 -14.22 16.36 6.25
CA ASN A 64 -15.25 15.90 7.19
C ASN A 64 -15.19 14.38 7.31
N ARG A 65 -15.74 13.80 8.38
CA ARG A 65 -15.78 12.35 8.64
C ARG A 65 -17.18 12.01 9.12
N ASP A 66 -17.61 10.76 8.95
CA ASP A 66 -18.91 10.27 9.37
C ASP A 66 -18.69 8.78 9.66
N GLU A 67 -19.34 8.24 10.70
CA GLU A 67 -19.23 6.83 11.09
C GLU A 67 -20.35 5.95 10.51
N SER A 68 -21.31 6.55 9.79
CA SER A 68 -22.47 5.88 9.21
C SER A 68 -22.10 4.88 8.12
N LEU A 69 -21.19 5.24 7.22
CA LEU A 69 -20.77 4.41 6.11
C LEU A 69 -19.29 4.12 6.22
N VAL A 70 -18.88 3.05 6.91
CA VAL A 70 -17.47 2.70 7.03
C VAL A 70 -17.36 1.17 7.01
N TYR A 71 -16.49 0.63 6.15
CA TYR A 71 -16.28 -0.82 6.04
C TYR A 71 -14.84 -1.22 6.36
N ARG A 72 -14.64 -2.49 6.73
CA ARG A 72 -13.33 -3.06 7.09
C ARG A 72 -12.88 -3.95 5.95
N LEU A 73 -11.64 -3.78 5.46
CA LEU A 73 -11.10 -4.55 4.34
C LEU A 73 -10.02 -5.51 4.82
N GLY A 74 -8.92 -4.95 5.30
CA GLY A 74 -7.80 -5.72 5.80
C GLY A 74 -7.43 -5.32 7.21
N LYS A 75 -6.84 -6.23 7.97
CA LYS A 75 -6.38 -6.07 9.33
C LYS A 75 -4.92 -6.56 9.43
N PRO A 76 -3.94 -5.65 9.34
CA PRO A 76 -2.52 -5.98 9.45
C PRO A 76 -2.19 -6.26 10.92
N LYS A 77 -0.90 -6.40 11.22
CA LYS A 77 -0.44 -6.62 12.59
C LYS A 77 0.06 -5.30 13.15
N ALA A 78 0.24 -5.26 14.46
CA ALA A 78 0.72 -4.07 15.14
C ALA A 78 2.24 -3.97 15.05
N ASN A 79 2.96 -5.11 15.05
CA ASN A 79 4.42 -5.12 14.97
C ASN A 79 4.86 -5.40 13.55
N VAL A 80 5.83 -4.62 13.06
CA VAL A 80 6.42 -4.75 11.73
C VAL A 80 7.01 -6.17 11.57
N GLU A 81 7.43 -6.74 12.70
CA GLU A 81 8.03 -8.04 12.86
C GLU A 81 7.05 -9.20 12.61
N GLU A 82 5.76 -8.93 12.65
CA GLU A 82 4.71 -9.92 12.42
C GLU A 82 4.18 -9.80 10.98
N ARG A 83 4.56 -8.75 10.26
CA ARG A 83 4.15 -8.54 8.87
C ARG A 83 4.86 -9.56 7.97
N GLU A 84 4.31 -9.76 6.77
CA GLU A 84 4.85 -10.71 5.80
C GLU A 84 4.75 -10.06 4.41
N PHE A 85 5.83 -9.43 3.93
CA PHE A 85 5.88 -8.76 2.63
C PHE A 85 6.60 -9.65 1.60
N GLU A 86 6.54 -9.33 0.31
CA GLU A 86 7.19 -10.08 -0.78
C GLU A 86 7.84 -9.12 -1.77
N LEU A 87 9.10 -9.34 -2.17
CA LEU A 87 9.80 -8.49 -3.14
C LEU A 87 9.54 -9.07 -4.53
N LEU A 88 8.58 -8.51 -5.24
CA LEU A 88 8.19 -8.94 -6.57
C LEU A 88 8.68 -7.93 -7.61
N TYR A 89 8.37 -8.18 -8.87
CA TYR A 89 8.69 -7.30 -9.96
C TYR A 89 7.70 -7.58 -11.08
N ASP A 90 7.59 -6.64 -12.00
CA ASP A 90 6.72 -6.71 -13.15
C ASP A 90 7.48 -6.21 -14.37
N ASP A 91 6.82 -6.18 -15.51
CA ASP A 91 7.37 -5.74 -16.78
C ASP A 91 7.93 -4.33 -16.70
N VAL A 92 7.46 -3.53 -15.73
CA VAL A 92 7.90 -2.17 -15.47
C VAL A 92 9.19 -2.27 -14.65
N GLY A 93 9.11 -2.76 -13.41
CA GLY A 93 10.25 -2.90 -12.53
C GLY A 93 9.86 -3.60 -11.24
N TYR A 94 10.71 -3.51 -10.24
CA TYR A 94 10.49 -4.15 -8.95
C TYR A 94 9.48 -3.37 -8.11
N TYR A 95 8.90 -4.05 -7.12
CA TYR A 95 7.91 -3.52 -6.18
C TYR A 95 7.71 -4.51 -5.04
N ILE A 96 7.16 -4.06 -3.91
CA ILE A 96 6.90 -4.94 -2.77
C ILE A 96 5.39 -5.13 -2.77
N SER A 97 4.95 -6.36 -2.62
CA SER A 97 3.55 -6.72 -2.61
C SER A 97 3.20 -7.10 -1.18
N GLU A 98 2.10 -6.53 -0.69
CA GLU A 98 1.58 -6.75 0.65
C GLU A 98 0.07 -6.97 0.51
N ILE A 99 -0.48 -8.09 1.01
CA ILE A 99 -1.91 -8.37 0.94
C ILE A 99 -2.44 -8.40 2.37
N ILE A 100 -3.63 -7.85 2.62
CA ILE A 100 -4.23 -7.78 3.95
C ILE A 100 -5.70 -8.18 3.90
N GLY A 101 -6.03 -9.28 4.57
CA GLY A 101 -7.36 -9.83 4.70
C GLY A 101 -7.90 -9.56 6.10
N SER A 102 -9.01 -10.21 6.45
CA SER A 102 -9.72 -10.10 7.72
C SER A 102 -10.56 -8.82 7.78
N GLY A 103 -11.46 -8.67 6.81
CA GLY A 103 -12.39 -7.56 6.69
C GLY A 103 -13.77 -8.08 7.00
N ASP A 104 -14.57 -8.27 5.95
CA ASP A 104 -15.93 -8.76 6.02
C ASP A 104 -16.23 -9.43 4.68
N ILE A 105 -16.56 -10.72 4.68
CA ILE A 105 -16.84 -11.49 3.47
C ILE A 105 -18.05 -10.88 2.77
N CYS A 106 -17.97 -10.70 1.44
CA CYS A 106 -19.07 -10.15 0.66
C CYS A 106 -19.99 -11.29 0.27
N ASP A 107 -21.16 -11.42 0.89
CA ASP A 107 -22.11 -12.52 0.60
C ASP A 107 -22.52 -12.57 -0.89
N VAL A 108 -22.26 -11.51 -1.67
CA VAL A 108 -22.57 -11.43 -3.09
C VAL A 108 -21.87 -12.55 -3.86
N THR A 109 -20.58 -12.77 -3.59
CA THR A 109 -19.75 -13.78 -4.24
C THR A 109 -19.20 -14.80 -3.23
N GLY A 110 -19.17 -14.38 -1.98
CA GLY A 110 -18.70 -15.12 -0.82
C GLY A 110 -17.18 -15.05 -0.68
N ALA A 111 -16.51 -14.16 -1.41
CA ALA A 111 -15.07 -13.96 -1.39
C ALA A 111 -14.67 -13.00 -0.28
N GLU A 112 -13.37 -12.89 -0.05
CA GLU A 112 -12.84 -12.00 0.98
C GLU A 112 -12.66 -10.58 0.46
N ARG A 113 -12.73 -9.64 1.40
CA ARG A 113 -12.59 -8.20 1.21
C ARG A 113 -11.13 -7.80 1.44
N MET A 114 -10.20 -8.71 1.13
CA MET A 114 -8.80 -8.45 1.34
C MET A 114 -8.33 -7.47 0.28
N VAL A 115 -7.28 -6.74 0.62
CA VAL A 115 -6.71 -5.71 -0.22
C VAL A 115 -5.24 -5.97 -0.50
N GLU A 116 -4.79 -5.64 -1.71
CA GLU A 116 -3.42 -5.79 -2.16
C GLU A 116 -2.86 -4.38 -2.31
N ILE A 117 -1.67 -4.15 -1.76
CA ILE A 117 -0.98 -2.88 -1.78
C ILE A 117 0.40 -3.07 -2.42
N GLN A 118 0.65 -2.38 -3.53
CA GLN A 118 1.93 -2.44 -4.24
C GLN A 118 2.76 -1.20 -3.87
N TYR A 119 3.95 -1.38 -3.31
CA TYR A 119 4.85 -0.25 -2.94
C TYR A 119 5.92 -0.07 -4.01
N VAL A 120 6.00 1.13 -4.58
CA VAL A 120 6.96 1.50 -5.63
C VAL A 120 7.60 2.88 -5.35
N CYS A 121 8.63 3.24 -6.12
CA CYS A 121 9.30 4.53 -5.98
C CYS A 121 8.39 5.60 -6.59
N GLY A 122 8.26 6.73 -5.88
CA GLY A 122 7.49 7.89 -6.28
C GLY A 122 8.41 8.83 -7.02
N GLY A 123 8.25 8.94 -8.34
CA GLY A 123 9.03 9.78 -9.25
C GLY A 123 9.47 11.10 -8.63
N SER A 124 8.53 11.89 -8.10
CA SER A 124 8.83 13.16 -7.46
C SER A 124 9.34 12.83 -6.04
N ASN A 125 10.55 12.27 -5.98
CA ASN A 125 11.39 11.79 -4.87
C ASN A 125 11.61 12.71 -3.66
N SER A 126 10.74 13.68 -3.38
CA SER A 126 10.86 14.59 -2.24
C SER A 126 9.46 14.96 -1.70
N GLY A 127 8.59 13.97 -1.50
CA GLY A 127 7.25 14.16 -0.96
C GLY A 127 6.89 13.04 0.01
N PRO A 128 5.82 13.17 0.81
CA PRO A 128 5.42 12.11 1.72
C PRO A 128 4.78 10.97 0.92
N SER A 129 4.56 9.82 1.57
CA SER A 129 3.94 8.71 0.88
C SER A 129 2.46 9.02 0.65
N THR A 130 1.85 8.44 -0.38
CA THR A 130 0.45 8.60 -0.74
C THR A 130 0.05 7.42 -1.64
N ILE A 131 -1.26 7.23 -1.82
CA ILE A 131 -1.80 6.19 -2.68
C ILE A 131 -1.81 6.77 -4.10
N GLN A 132 -1.32 6.03 -5.08
CA GLN A 132 -1.27 6.42 -6.49
C GLN A 132 -2.62 6.23 -7.16
N TRP A 133 -3.14 5.02 -7.07
CA TRP A 133 -4.40 4.64 -7.66
C TRP A 133 -5.06 3.62 -6.76
N VAL A 134 -6.35 3.43 -7.03
CA VAL A 134 -7.24 2.53 -6.33
C VAL A 134 -8.18 1.97 -7.39
N ARG A 135 -8.49 0.68 -7.32
CA ARG A 135 -9.43 0.07 -8.27
C ARG A 135 -10.05 -1.18 -7.67
N GLU A 136 -11.36 -1.28 -7.84
CA GLU A 136 -12.17 -2.38 -7.38
C GLU A 136 -12.16 -3.36 -8.54
N THR A 137 -11.19 -4.26 -8.54
CA THR A 137 -11.01 -5.28 -9.57
C THR A 137 -12.03 -6.40 -9.44
N LYS A 138 -12.22 -6.88 -8.21
CA LYS A 138 -13.16 -7.94 -7.89
C LYS A 138 -14.39 -7.33 -7.25
N ILE A 139 -15.37 -8.14 -6.87
CA ILE A 139 -16.59 -7.62 -6.24
C ILE A 139 -16.26 -7.33 -4.76
N CYS A 140 -15.30 -8.06 -4.19
CA CYS A 140 -14.87 -7.94 -2.81
C CYS A 140 -13.39 -7.52 -2.72
N VAL A 141 -12.48 -8.28 -3.34
CA VAL A 141 -11.05 -7.99 -3.33
C VAL A 141 -10.82 -6.60 -3.98
N TYR A 142 -9.88 -5.84 -3.42
CA TYR A 142 -9.49 -4.50 -3.81
C TYR A 142 -7.96 -4.47 -4.07
N GLU A 143 -7.50 -3.59 -4.97
CA GLU A 143 -6.11 -3.43 -5.35
C GLU A 143 -5.75 -1.94 -5.31
N ALA A 144 -4.56 -1.59 -4.80
CA ALA A 144 -4.05 -0.24 -4.64
C ALA A 144 -2.51 -0.19 -4.78
N GLN A 145 -1.96 1.01 -5.02
CA GLN A 145 -0.52 1.23 -5.14
C GLN A 145 -0.15 2.44 -4.29
N VAL A 146 1.06 2.44 -3.71
CA VAL A 146 1.60 3.51 -2.87
C VAL A 146 2.99 3.88 -3.39
N THR A 147 3.30 5.17 -3.43
CA THR A 147 4.59 5.69 -3.87
C THR A 147 5.34 6.28 -2.70
N ILE A 148 6.66 6.05 -2.67
CA ILE A 148 7.54 6.53 -1.62
C ILE A 148 8.84 7.06 -2.24
N PRO A 149 9.41 8.18 -1.75
CA PRO A 149 10.65 8.74 -2.29
C PRO A 149 11.87 7.94 -1.87
N GLU A 150 11.97 7.56 -0.60
CA GLU A 150 13.12 6.81 -0.07
C GLU A 150 13.28 5.46 -0.77
N LEU A 151 12.19 4.92 -1.31
CA LEU A 151 12.20 3.66 -2.03
C LEU A 151 13.12 3.75 -3.24
N CYS A 152 13.15 4.92 -3.92
CA CYS A 152 13.95 5.20 -5.09
C CYS A 152 15.45 4.93 -4.88
N ASN A 153 15.94 5.02 -3.63
CA ASN A 153 17.36 4.79 -3.31
C ASN A 153 17.84 3.37 -3.63
N LEU A 154 16.97 2.37 -3.56
CA LEU A 154 17.29 0.97 -3.80
C LEU A 154 17.44 0.66 -5.29
N GLU A 155 18.64 0.25 -5.71
CA GLU A 155 19.03 -0.07 -7.09
C GLU A 155 18.05 -1.02 -7.83
N LEU A 156 17.53 -2.03 -7.14
CA LEU A 156 16.60 -3.01 -7.71
C LEU A 156 15.31 -2.39 -8.21
N LEU A 157 14.83 -1.34 -7.53
CA LEU A 157 13.61 -0.64 -7.86
C LEU A 157 13.83 0.71 -8.54
N ALA A 158 15.08 1.04 -8.88
CA ALA A 158 15.58 2.26 -9.50
C ALA A 158 15.06 2.38 -10.94
N LYS A 159 13.77 2.62 -10.97
CA LYS A 159 12.87 2.80 -12.09
C LYS A 159 11.88 3.90 -11.72
N ASN A 160 11.26 4.52 -12.73
CA ASN A 160 10.25 5.58 -12.62
C ASN A 160 10.72 6.88 -11.95
N GLU A 161 12.03 7.09 -11.81
CA GLU A 161 12.63 8.28 -11.23
C GLU A 161 12.60 9.36 -12.33
N ASP A 162 11.43 9.88 -12.62
CA ASP A 162 11.14 10.91 -13.61
C ASP A 162 10.10 11.87 -13.07
N GLY A 1 25.12 -10.33 -13.03
CA GLY A 1 26.51 -10.40 -12.52
C GLY A 1 26.86 -11.83 -12.17
N ALA A 2 28.16 -12.15 -12.10
CA ALA A 2 28.61 -13.50 -11.75
C ALA A 2 28.25 -13.87 -10.30
N SER A 3 28.27 -12.88 -9.41
CA SER A 3 27.98 -13.01 -8.00
C SER A 3 26.51 -13.34 -7.73
N ASN A 4 26.06 -14.59 -7.94
CA ASN A 4 24.66 -14.94 -7.69
C ASN A 4 24.31 -14.69 -6.21
N SER A 5 25.25 -14.95 -5.30
CA SER A 5 25.08 -14.73 -3.87
C SER A 5 24.78 -13.28 -3.56
N GLU A 6 25.48 -12.36 -4.24
CA GLU A 6 25.25 -10.93 -4.03
C GLU A 6 23.88 -10.57 -4.59
N LYS A 7 23.41 -11.28 -5.62
CA LYS A 7 22.12 -11.03 -6.23
C LYS A 7 21.04 -11.32 -5.21
N THR A 8 21.09 -12.48 -4.56
CA THR A 8 20.13 -12.83 -3.53
C THR A 8 20.23 -11.83 -2.37
N ALA A 9 21.45 -11.41 -1.99
CA ALA A 9 21.64 -10.44 -0.92
C ALA A 9 20.98 -9.10 -1.28
N LEU A 10 21.08 -8.69 -2.55
CA LEU A 10 20.48 -7.44 -3.03
C LEU A 10 18.98 -7.52 -2.83
N LEU A 11 18.35 -8.63 -3.20
CA LEU A 11 16.92 -8.83 -3.06
C LEU A 11 16.51 -8.84 -1.58
N THR A 12 17.16 -9.65 -0.76
CA THR A 12 16.85 -9.72 0.68
C THR A 12 16.96 -8.32 1.31
N LYS A 13 18.06 -7.60 1.10
CA LYS A 13 18.24 -6.27 1.66
C LYS A 13 17.15 -5.32 1.14
N THR A 14 16.88 -5.33 -0.17
CA THR A 14 15.87 -4.48 -0.80
C THR A 14 14.53 -4.66 -0.09
N LEU A 15 14.10 -5.90 0.19
CA LEU A 15 12.83 -6.13 0.85
C LEU A 15 12.80 -5.44 2.21
N ASN A 16 13.76 -5.75 3.11
CA ASN A 16 13.79 -5.16 4.44
C ASN A 16 13.84 -3.64 4.38
N GLN A 17 14.78 -3.09 3.60
CA GLN A 17 14.95 -1.65 3.45
C GLN A 17 13.63 -1.02 3.01
N GLY A 18 12.88 -1.69 2.13
CA GLY A 18 11.61 -1.21 1.65
C GLY A 18 10.59 -1.20 2.77
N VAL A 19 10.41 -2.32 3.47
CA VAL A 19 9.46 -2.49 4.56
C VAL A 19 9.69 -1.44 5.65
N LYS A 20 10.92 -1.30 6.17
CA LYS A 20 11.19 -0.31 7.21
C LYS A 20 10.97 1.10 6.68
N THR A 21 11.20 1.34 5.38
CA THR A 21 11.02 2.67 4.83
C THR A 21 9.54 3.01 4.81
N ILE A 22 8.71 2.08 4.33
CA ILE A 22 7.28 2.28 4.25
C ILE A 22 6.76 2.60 5.65
N PHE A 23 7.11 1.75 6.61
CA PHE A 23 6.65 1.94 7.97
C PHE A 23 7.11 3.27 8.53
N ASP A 24 8.35 3.68 8.25
CA ASP A 24 8.88 4.93 8.76
C ASP A 24 8.05 6.11 8.25
N LYS A 25 7.84 6.15 6.95
CA LYS A 25 7.10 7.22 6.27
C LYS A 25 5.60 7.22 6.53
N LEU A 26 4.99 6.11 6.96
CA LEU A 26 3.54 6.05 7.20
C LEU A 26 3.23 6.12 8.68
N ASN A 27 4.16 5.72 9.54
CA ASN A 27 3.95 5.75 11.00
C ASN A 27 3.57 7.16 11.45
N GLU A 28 4.20 8.19 10.87
CA GLU A 28 3.91 9.58 11.19
C GLU A 28 2.49 9.97 10.78
N ARG A 29 1.99 9.57 9.60
CA ARG A 29 0.64 9.89 9.16
C ARG A 29 0.10 8.87 8.17
N CYS A 30 -1.22 8.66 8.23
CA CYS A 30 -1.92 7.74 7.36
C CYS A 30 -2.06 8.41 5.98
N ILE A 31 -2.44 7.62 4.98
CA ILE A 31 -2.63 8.09 3.61
C ILE A 31 -4.01 7.66 3.14
N PHE A 32 -4.63 8.46 2.28
CA PHE A 32 -5.97 8.19 1.75
C PHE A 32 -6.10 8.59 0.27
N TYR A 33 -7.19 8.18 -0.38
CA TYR A 33 -7.48 8.46 -1.79
C TYR A 33 -8.99 8.49 -2.00
N GLN A 34 -9.51 9.57 -2.60
CA GLN A 34 -10.91 9.73 -2.89
C GLN A 34 -11.21 9.19 -4.28
N ALA A 35 -11.79 7.99 -4.34
CA ALA A 35 -12.20 7.33 -5.57
C ALA A 35 -13.62 7.80 -5.88
N GLY A 36 -13.76 9.09 -6.19
CA GLY A 36 -15.05 9.69 -6.50
C GLY A 36 -15.96 9.68 -5.27
N PHE A 37 -17.06 8.94 -5.35
CA PHE A 37 -18.05 8.83 -4.28
C PHE A 37 -17.47 8.19 -3.01
N TRP A 38 -16.53 7.26 -3.11
CA TRP A 38 -15.95 6.59 -1.94
C TRP A 38 -14.52 7.07 -1.69
N ILE A 39 -14.03 6.89 -0.47
CA ILE A 39 -12.70 7.25 -0.04
C ILE A 39 -12.14 5.99 0.60
N TYR A 40 -10.84 5.82 0.45
CA TYR A 40 -10.05 4.72 0.97
C TYR A 40 -8.94 5.28 1.86
N GLU A 41 -8.81 4.77 3.09
CA GLU A 41 -7.82 5.18 4.09
C GLU A 41 -6.98 3.97 4.50
N TYR A 42 -5.66 4.16 4.49
CA TYR A 42 -4.67 3.17 4.87
C TYR A 42 -3.79 3.77 5.97
N CYS A 43 -3.78 3.13 7.15
CA CYS A 43 -3.00 3.58 8.29
C CYS A 43 -1.82 2.62 8.55
N PRO A 44 -0.75 3.08 9.24
CA PRO A 44 0.47 2.34 9.54
C PRO A 44 0.29 1.13 10.49
N GLY A 45 -0.04 -0.03 9.92
CA GLY A 45 -0.23 -1.25 10.68
C GLY A 45 -1.42 -1.15 11.64
N ILE A 46 -2.47 -0.43 11.22
CA ILE A 46 -3.65 -0.27 12.06
C ILE A 46 -4.80 -1.00 11.38
N GLU A 47 -5.24 -0.53 10.22
CA GLU A 47 -6.34 -1.08 9.43
C GLU A 47 -6.42 -0.34 8.10
N PHE A 48 -7.21 -0.91 7.20
CA PHE A 48 -7.51 -0.39 5.86
C PHE A 48 -9.04 -0.35 5.82
N VAL A 49 -9.63 0.82 5.61
CA VAL A 49 -11.07 1.04 5.57
C VAL A 49 -11.47 1.99 4.45
N GLN A 50 -12.72 1.91 3.98
CA GLN A 50 -13.25 2.78 2.95
C GLN A 50 -14.61 3.31 3.40
N PHE A 51 -14.78 4.63 3.36
CA PHE A 51 -15.97 5.37 3.79
C PHE A 51 -16.35 6.49 2.82
N HIS A 52 -17.61 6.93 2.86
CA HIS A 52 -18.05 8.03 2.01
C HIS A 52 -17.75 9.32 2.77
N GLY A 53 -17.54 10.43 2.06
CA GLY A 53 -17.22 11.72 2.67
C GLY A 53 -16.57 12.65 1.66
N ARG A 54 -15.96 13.72 2.16
CA ARG A 54 -15.27 14.72 1.35
C ARG A 54 -13.85 14.88 1.89
N VAL A 55 -12.89 15.16 1.00
CA VAL A 55 -11.49 15.31 1.33
C VAL A 55 -10.98 16.71 0.93
N ASN A 56 -9.92 17.16 1.58
CA ASN A 56 -9.26 18.43 1.33
C ASN A 56 -8.04 18.04 0.51
N THR A 57 -8.16 17.99 -0.82
CA THR A 57 -7.08 17.63 -1.73
C THR A 57 -5.79 18.42 -1.47
N LYS A 58 -5.87 19.58 -0.81
CA LYS A 58 -4.69 20.37 -0.48
C LYS A 58 -3.68 19.57 0.35
N THR A 59 -4.11 18.58 1.10
CA THR A 59 -3.22 17.77 1.95
C THR A 59 -3.69 16.31 2.04
N GLY A 60 -5.00 16.08 1.95
CA GLY A 60 -5.65 14.78 2.03
C GLY A 60 -6.54 14.71 3.28
N GLU A 61 -6.58 15.79 4.07
CA GLU A 61 -7.33 15.91 5.30
C GLU A 61 -8.80 15.62 5.09
N ILE A 62 -9.32 14.73 5.91
CA ILE A 62 -10.71 14.33 5.87
C ILE A 62 -11.50 15.58 6.30
N VAL A 63 -12.52 15.99 5.53
CA VAL A 63 -13.30 17.17 5.87
C VAL A 63 -14.27 16.86 7.02
N ASN A 64 -15.06 15.79 6.88
CA ASN A 64 -16.03 15.32 7.86
C ASN A 64 -15.90 13.80 7.87
N ARG A 65 -16.21 13.15 8.98
CA ARG A 65 -16.10 11.70 9.15
C ARG A 65 -17.23 11.18 10.02
N ASP A 66 -17.79 10.04 9.67
CA ASP A 66 -18.87 9.38 10.42
C ASP A 66 -18.75 7.89 10.17
N GLU A 67 -19.24 7.10 11.12
CA GLU A 67 -19.22 5.64 11.03
C GLU A 67 -20.57 5.13 10.47
N SER A 68 -21.30 5.95 9.73
CA SER A 68 -22.59 5.58 9.17
C SER A 68 -22.42 4.81 7.86
N LEU A 69 -21.36 5.08 7.09
CA LEU A 69 -21.13 4.40 5.81
C LEU A 69 -19.64 4.09 5.62
N VAL A 70 -19.13 3.11 6.37
CA VAL A 70 -17.74 2.65 6.35
C VAL A 70 -17.70 1.12 6.31
N TYR A 71 -16.60 0.55 5.79
CA TYR A 71 -16.36 -0.88 5.68
C TYR A 71 -14.88 -1.19 5.93
N ARG A 72 -14.58 -2.40 6.43
CA ARG A 72 -13.24 -2.88 6.74
C ARG A 72 -12.74 -3.76 5.62
N LEU A 73 -11.48 -3.55 5.23
CA LEU A 73 -10.85 -4.29 4.14
C LEU A 73 -9.82 -5.26 4.71
N GLY A 74 -8.77 -4.69 5.30
CA GLY A 74 -7.69 -5.46 5.86
C GLY A 74 -7.36 -5.00 7.27
N LYS A 75 -6.89 -5.96 8.09
CA LYS A 75 -6.49 -5.77 9.46
C LYS A 75 -5.04 -6.23 9.61
N PRO A 76 -4.06 -5.33 9.44
CA PRO A 76 -2.65 -5.66 9.58
C PRO A 76 -2.34 -5.90 11.07
N LYS A 77 -1.10 -6.31 11.35
CA LYS A 77 -0.64 -6.58 12.70
C LYS A 77 -0.02 -5.33 13.31
N ALA A 78 0.18 -5.36 14.62
CA ALA A 78 0.76 -4.26 15.38
C ALA A 78 2.29 -4.18 15.24
N ASN A 79 2.97 -5.30 14.99
CA ASN A 79 4.42 -5.38 14.85
C ASN A 79 4.77 -5.73 13.41
N VAL A 80 5.78 -5.07 12.84
CA VAL A 80 6.25 -5.30 11.46
C VAL A 80 6.71 -6.75 11.25
N GLU A 81 7.16 -7.38 12.33
CA GLU A 81 7.69 -8.74 12.45
C GLU A 81 6.59 -9.81 12.32
N GLU A 82 5.33 -9.36 12.30
CA GLU A 82 4.12 -10.17 12.17
C GLU A 82 3.43 -9.89 10.82
N ARG A 83 3.96 -8.92 10.07
CA ARG A 83 3.46 -8.54 8.75
C ARG A 83 4.06 -9.52 7.74
N GLU A 84 3.51 -9.54 6.53
CA GLU A 84 3.97 -10.43 5.47
C GLU A 84 4.10 -9.63 4.18
N PHE A 85 5.33 -9.20 3.91
CA PHE A 85 5.73 -8.43 2.74
C PHE A 85 6.63 -9.33 1.88
N GLU A 86 6.49 -9.31 0.56
CA GLU A 86 7.29 -10.12 -0.36
C GLU A 86 7.83 -9.21 -1.48
N LEU A 87 9.10 -9.39 -1.84
CA LEU A 87 9.77 -8.62 -2.89
C LEU A 87 9.56 -9.30 -4.24
N LEU A 88 8.66 -8.76 -5.04
CA LEU A 88 8.32 -9.25 -6.36
C LEU A 88 8.62 -8.15 -7.38
N TYR A 89 8.42 -8.46 -8.66
CA TYR A 89 8.65 -7.53 -9.75
C TYR A 89 7.82 -7.94 -10.95
N ASP A 90 7.74 -7.02 -11.90
CA ASP A 90 7.02 -7.18 -13.16
C ASP A 90 7.92 -6.63 -14.26
N ASP A 91 7.44 -6.66 -15.49
CA ASP A 91 8.12 -6.16 -16.69
C ASP A 91 8.56 -4.71 -16.51
N VAL A 92 7.81 -3.92 -15.74
CA VAL A 92 8.09 -2.52 -15.47
C VAL A 92 9.23 -2.39 -14.44
N GLY A 93 9.03 -2.85 -13.20
CA GLY A 93 10.05 -2.76 -12.16
C GLY A 93 9.68 -3.57 -10.92
N TYR A 94 10.46 -3.38 -9.85
CA TYR A 94 10.27 -4.08 -8.58
C TYR A 94 9.29 -3.33 -7.69
N TYR A 95 8.64 -4.05 -6.79
CA TYR A 95 7.67 -3.51 -5.83
C TYR A 95 7.54 -4.50 -4.69
N ILE A 96 6.82 -4.16 -3.61
CA ILE A 96 6.60 -5.08 -2.50
C ILE A 96 5.10 -5.29 -2.47
N SER A 97 4.70 -6.54 -2.25
CA SER A 97 3.32 -6.97 -2.19
C SER A 97 3.00 -7.23 -0.72
N GLU A 98 2.05 -6.49 -0.19
CA GLU A 98 1.57 -6.62 1.18
C GLU A 98 0.07 -6.85 1.03
N ILE A 99 -0.41 -8.07 1.27
CA ILE A 99 -1.83 -8.38 1.16
C ILE A 99 -2.38 -8.41 2.59
N ILE A 100 -3.46 -7.67 2.81
CA ILE A 100 -4.12 -7.54 4.09
C ILE A 100 -5.57 -7.98 4.02
N GLY A 101 -5.84 -9.10 4.69
CA GLY A 101 -7.13 -9.72 4.81
C GLY A 101 -7.70 -9.46 6.19
N SER A 102 -8.66 -10.30 6.58
CA SER A 102 -9.37 -10.25 7.86
C SER A 102 -10.39 -9.10 7.83
N GLY A 103 -11.02 -8.87 6.67
CA GLY A 103 -12.02 -7.84 6.47
C GLY A 103 -13.37 -8.44 6.80
N ASP A 104 -14.31 -8.31 5.87
CA ASP A 104 -15.68 -8.81 6.01
C ASP A 104 -16.07 -9.46 4.68
N ILE A 105 -16.55 -10.69 4.72
CA ILE A 105 -16.93 -11.44 3.54
C ILE A 105 -18.06 -10.76 2.78
N CYS A 106 -17.86 -10.59 1.47
CA CYS A 106 -18.90 -10.02 0.62
C CYS A 106 -19.64 -11.27 0.19
N ASP A 107 -20.72 -11.64 0.88
CA ASP A 107 -21.48 -12.85 0.56
C ASP A 107 -22.02 -12.88 -0.86
N VAL A 108 -22.07 -11.73 -1.52
CA VAL A 108 -22.52 -11.55 -2.90
C VAL A 108 -21.73 -12.51 -3.81
N THR A 109 -20.46 -12.79 -3.49
CA THR A 109 -19.63 -13.71 -4.26
C THR A 109 -19.10 -14.84 -3.39
N GLY A 110 -18.83 -14.54 -2.11
CA GLY A 110 -18.31 -15.55 -1.20
C GLY A 110 -16.78 -15.52 -1.10
N ALA A 111 -16.17 -14.38 -1.41
CA ALA A 111 -14.73 -14.12 -1.33
C ALA A 111 -14.47 -13.10 -0.21
N GLU A 112 -13.21 -12.98 0.21
CA GLU A 112 -12.74 -12.07 1.25
C GLU A 112 -12.42 -10.67 0.70
N ARG A 113 -12.68 -9.63 1.50
CA ARG A 113 -12.48 -8.20 1.25
C ARG A 113 -11.02 -7.80 1.44
N MET A 114 -10.08 -8.72 1.20
CA MET A 114 -8.67 -8.43 1.44
C MET A 114 -8.16 -7.48 0.35
N VAL A 115 -7.19 -6.66 0.74
CA VAL A 115 -6.60 -5.64 -0.10
C VAL A 115 -5.13 -5.92 -0.34
N GLU A 116 -4.64 -5.56 -1.52
CA GLU A 116 -3.27 -5.74 -1.94
C GLU A 116 -2.70 -4.33 -2.12
N ILE A 117 -1.56 -4.07 -1.51
CA ILE A 117 -0.86 -2.79 -1.58
C ILE A 117 0.49 -3.02 -2.24
N GLN A 118 0.71 -2.41 -3.41
CA GLN A 118 1.97 -2.51 -4.12
C GLN A 118 2.77 -1.24 -3.86
N TYR A 119 3.90 -1.36 -3.16
CA TYR A 119 4.77 -0.23 -2.84
C TYR A 119 5.84 -0.10 -3.92
N VAL A 120 5.83 1.03 -4.63
CA VAL A 120 6.75 1.36 -5.73
C VAL A 120 7.47 2.69 -5.50
N CYS A 121 8.47 2.99 -6.32
CA CYS A 121 9.22 4.24 -6.26
C CYS A 121 8.39 5.28 -7.00
N GLY A 122 8.29 6.49 -6.44
CA GLY A 122 7.56 7.58 -7.07
C GLY A 122 8.58 8.49 -7.74
N GLY A 123 8.46 8.71 -9.06
CA GLY A 123 9.34 9.54 -9.87
C GLY A 123 9.66 10.89 -9.22
N SER A 124 8.65 11.59 -8.69
CA SER A 124 8.82 12.87 -8.03
C SER A 124 9.28 12.58 -6.59
N ASN A 125 10.47 12.00 -6.47
CA ASN A 125 11.18 11.56 -5.27
C ASN A 125 11.44 12.61 -4.18
N SER A 126 10.64 13.66 -4.02
CA SER A 126 10.84 14.68 -3.01
C SER A 126 9.53 15.11 -2.32
N GLY A 127 8.70 14.16 -1.91
CA GLY A 127 7.44 14.44 -1.24
C GLY A 127 7.04 13.29 -0.32
N PRO A 128 5.98 13.44 0.49
CA PRO A 128 5.52 12.37 1.37
C PRO A 128 4.85 11.27 0.55
N SER A 129 4.61 10.13 1.18
CA SER A 129 3.97 8.99 0.54
C SER A 129 2.46 9.25 0.45
N THR A 130 1.78 8.62 -0.50
CA THR A 130 0.35 8.72 -0.71
C THR A 130 -0.05 7.60 -1.68
N ILE A 131 -1.34 7.26 -1.70
CA ILE A 131 -1.86 6.23 -2.58
C ILE A 131 -1.94 6.86 -3.97
N GLN A 132 -1.37 6.20 -4.98
CA GLN A 132 -1.38 6.66 -6.36
C GLN A 132 -2.77 6.50 -6.94
N TRP A 133 -3.23 5.25 -6.97
CA TRP A 133 -4.52 4.86 -7.50
C TRP A 133 -5.12 3.78 -6.60
N VAL A 134 -6.40 3.53 -6.82
CA VAL A 134 -7.21 2.57 -6.10
C VAL A 134 -8.16 1.97 -7.12
N ARG A 135 -8.23 0.64 -7.19
CA ARG A 135 -9.15 -0.01 -8.11
C ARG A 135 -9.68 -1.28 -7.49
N GLU A 136 -10.99 -1.31 -7.29
CA GLU A 136 -11.69 -2.46 -6.75
C GLU A 136 -11.73 -3.43 -7.93
N THR A 137 -10.77 -4.33 -8.00
CA THR A 137 -10.68 -5.30 -9.08
C THR A 137 -11.92 -6.19 -9.08
N LYS A 138 -12.10 -6.99 -8.05
CA LYS A 138 -13.24 -7.90 -7.92
C LYS A 138 -14.27 -7.28 -6.97
N ILE A 139 -15.38 -7.96 -6.76
CA ILE A 139 -16.46 -7.52 -5.87
C ILE A 139 -15.98 -7.40 -4.41
N CYS A 140 -14.89 -8.10 -4.08
CA CYS A 140 -14.34 -8.10 -2.74
C CYS A 140 -12.83 -7.80 -2.77
N VAL A 141 -12.08 -8.43 -3.67
CA VAL A 141 -10.63 -8.21 -3.80
C VAL A 141 -10.41 -6.78 -4.31
N TYR A 142 -9.49 -6.05 -3.69
CA TYR A 142 -9.13 -4.67 -4.02
C TYR A 142 -7.60 -4.57 -4.18
N GLU A 143 -7.15 -3.73 -5.10
CA GLU A 143 -5.76 -3.47 -5.42
C GLU A 143 -5.52 -1.96 -5.27
N ALA A 144 -4.38 -1.58 -4.69
CA ALA A 144 -3.99 -0.18 -4.47
C ALA A 144 -2.47 -0.05 -4.61
N GLN A 145 -1.97 1.15 -4.92
CA GLN A 145 -0.54 1.40 -5.09
C GLN A 145 -0.12 2.63 -4.29
N VAL A 146 1.08 2.60 -3.72
CA VAL A 146 1.67 3.67 -2.92
C VAL A 146 3.02 4.00 -3.53
N THR A 147 3.37 5.29 -3.59
CA THR A 147 4.65 5.74 -4.10
C THR A 147 5.44 6.35 -2.94
N ILE A 148 6.73 6.03 -2.88
CA ILE A 148 7.64 6.53 -1.84
C ILE A 148 8.92 7.03 -2.49
N PRO A 149 9.55 8.13 -2.00
CA PRO A 149 10.79 8.64 -2.58
C PRO A 149 12.00 7.81 -2.13
N GLU A 150 12.07 7.48 -0.83
CA GLU A 150 13.16 6.71 -0.24
C GLU A 150 13.30 5.29 -0.81
N LEU A 151 12.25 4.75 -1.45
CA LEU A 151 12.34 3.41 -2.04
C LEU A 151 13.26 3.45 -3.25
N CYS A 152 13.21 4.52 -4.05
CA CYS A 152 13.99 4.71 -5.26
C CYS A 152 15.50 4.55 -5.04
N ASN A 153 15.97 4.70 -3.79
CA ASN A 153 17.38 4.58 -3.42
C ASN A 153 17.90 3.17 -3.71
N LEU A 154 17.01 2.18 -3.61
CA LEU A 154 17.30 0.78 -3.84
C LEU A 154 17.32 0.60 -5.36
N GLU A 155 18.42 0.10 -5.91
CA GLU A 155 18.63 -0.13 -7.34
C GLU A 155 17.47 -0.85 -8.01
N LEU A 156 16.92 -1.91 -7.41
CA LEU A 156 15.82 -2.66 -7.97
C LEU A 156 14.58 -1.78 -8.16
N LEU A 157 14.44 -0.75 -7.32
CA LEU A 157 13.33 0.20 -7.33
C LEU A 157 13.72 1.51 -8.03
N ALA A 158 14.96 1.62 -8.49
CA ALA A 158 15.52 2.78 -9.18
C ALA A 158 15.03 2.81 -10.64
N LYS A 159 13.77 2.43 -10.85
CA LYS A 159 13.08 2.35 -12.11
C LYS A 159 11.64 2.75 -11.85
N ASN A 160 11.13 3.62 -12.72
CA ASN A 160 9.77 4.15 -12.72
C ASN A 160 9.57 4.75 -14.10
N GLU A 161 8.33 4.82 -14.58
CA GLU A 161 7.94 5.36 -15.88
C GLU A 161 6.43 5.46 -16.06
N ASP A 162 5.68 4.67 -15.30
CA ASP A 162 4.24 4.59 -15.28
C ASP A 162 3.62 5.90 -14.80
N GLY A 1 23.49 -18.97 -6.08
CA GLY A 1 24.30 -20.17 -5.82
C GLY A 1 25.70 -19.91 -6.30
N ALA A 2 26.16 -20.61 -7.35
CA ALA A 2 27.50 -20.41 -7.90
C ALA A 2 27.63 -18.98 -8.46
N SER A 3 26.51 -18.38 -8.88
CA SER A 3 26.42 -17.04 -9.43
C SER A 3 25.19 -16.35 -8.80
N ASN A 4 25.04 -15.04 -9.04
CA ASN A 4 23.92 -14.22 -8.55
C ASN A 4 23.83 -14.13 -7.01
N SER A 5 24.92 -14.39 -6.30
CA SER A 5 25.02 -14.32 -4.85
C SER A 5 24.80 -12.89 -4.34
N GLU A 6 25.26 -11.94 -5.13
CA GLU A 6 25.18 -10.52 -4.84
C GLU A 6 23.72 -10.10 -5.02
N LYS A 7 23.04 -10.70 -6.00
CA LYS A 7 21.65 -10.46 -6.33
C LYS A 7 20.79 -10.99 -5.19
N THR A 8 20.99 -12.22 -4.71
CA THR A 8 20.17 -12.76 -3.62
C THR A 8 20.25 -11.84 -2.39
N ALA A 9 21.48 -11.43 -2.04
CA ALA A 9 21.73 -10.55 -0.91
C ALA A 9 21.02 -9.22 -1.10
N LEU A 10 21.10 -8.63 -2.29
CA LEU A 10 20.44 -7.37 -2.59
C LEU A 10 18.93 -7.51 -2.47
N LEU A 11 18.33 -8.60 -2.97
CA LEU A 11 16.88 -8.80 -2.91
C LEU A 11 16.44 -8.81 -1.45
N THR A 12 17.07 -9.64 -0.62
CA THR A 12 16.76 -9.73 0.80
C THR A 12 16.91 -8.35 1.46
N LYS A 13 17.96 -7.59 1.12
CA LYS A 13 18.16 -6.27 1.71
C LYS A 13 17.03 -5.33 1.26
N THR A 14 16.76 -5.24 -0.04
CA THR A 14 15.74 -4.40 -0.63
C THR A 14 14.39 -4.64 0.05
N LEU A 15 14.02 -5.90 0.30
CA LEU A 15 12.75 -6.19 0.93
C LEU A 15 12.64 -5.53 2.31
N ASN A 16 13.59 -5.81 3.22
CA ASN A 16 13.55 -5.27 4.58
C ASN A 16 13.69 -3.76 4.61
N GLN A 17 14.57 -3.21 3.76
CA GLN A 17 14.81 -1.79 3.65
C GLN A 17 13.53 -1.07 3.21
N GLY A 18 12.81 -1.66 2.28
CA GLY A 18 11.56 -1.09 1.80
C GLY A 18 10.54 -1.11 2.93
N VAL A 19 10.37 -2.27 3.58
CA VAL A 19 9.45 -2.50 4.68
C VAL A 19 9.64 -1.50 5.81
N LYS A 20 10.88 -1.35 6.31
CA LYS A 20 11.15 -0.40 7.38
C LYS A 20 10.89 1.03 6.89
N THR A 21 11.14 1.32 5.61
CA THR A 21 10.94 2.66 5.08
C THR A 21 9.45 2.97 5.00
N ILE A 22 8.63 2.02 4.55
CA ILE A 22 7.19 2.20 4.42
C ILE A 22 6.66 2.67 5.76
N PHE A 23 6.97 1.93 6.82
CA PHE A 23 6.53 2.26 8.16
C PHE A 23 7.08 3.62 8.57
N ASP A 24 8.35 3.91 8.29
CA ASP A 24 8.96 5.20 8.64
C ASP A 24 8.23 6.36 7.96
N LYS A 25 7.66 6.14 6.78
CA LYS A 25 6.95 7.15 6.01
C LYS A 25 5.44 7.16 6.30
N LEU A 26 4.91 6.25 7.14
CA LEU A 26 3.48 6.18 7.47
C LEU A 26 3.23 6.37 8.96
N ASN A 27 4.16 5.98 9.82
CA ASN A 27 4.04 6.10 11.28
C ASN A 27 3.89 7.56 11.70
N GLU A 28 4.40 8.47 10.88
CA GLU A 28 4.34 9.91 11.10
C GLU A 28 2.90 10.39 10.85
N ARG A 29 2.28 9.96 9.74
CA ARG A 29 0.92 10.28 9.33
C ARG A 29 0.44 9.26 8.31
N CYS A 30 -0.85 8.94 8.37
CA CYS A 30 -1.46 7.98 7.46
C CYS A 30 -1.68 8.64 6.09
N ILE A 31 -2.13 7.85 5.11
CA ILE A 31 -2.40 8.31 3.76
C ILE A 31 -3.83 7.92 3.38
N PHE A 32 -4.44 8.71 2.49
CA PHE A 32 -5.81 8.48 2.05
C PHE A 32 -5.95 8.91 0.59
N TYR A 33 -6.99 8.44 -0.08
CA TYR A 33 -7.26 8.77 -1.47
C TYR A 33 -8.75 8.71 -1.78
N GLN A 34 -9.30 9.81 -2.31
CA GLN A 34 -10.70 9.85 -2.68
C GLN A 34 -10.78 9.25 -4.09
N ALA A 35 -11.20 8.00 -4.17
CA ALA A 35 -11.37 7.27 -5.40
C ALA A 35 -12.79 7.57 -5.90
N GLY A 36 -13.02 8.82 -6.29
CA GLY A 36 -14.33 9.24 -6.79
C GLY A 36 -15.35 9.22 -5.66
N PHE A 37 -16.37 8.35 -5.74
CA PHE A 37 -17.42 8.26 -4.73
C PHE A 37 -16.94 7.74 -3.38
N TRP A 38 -15.96 6.84 -3.33
CA TRP A 38 -15.46 6.29 -2.06
C TRP A 38 -14.10 6.85 -1.74
N ILE A 39 -13.70 6.78 -0.48
CA ILE A 39 -12.43 7.25 0.03
C ILE A 39 -11.83 6.05 0.72
N TYR A 40 -10.56 5.83 0.43
CA TYR A 40 -9.79 4.74 0.99
C TYR A 40 -8.76 5.34 1.94
N GLU A 41 -8.66 4.80 3.14
CA GLU A 41 -7.75 5.24 4.20
C GLU A 41 -6.84 4.11 4.59
N TYR A 42 -5.54 4.38 4.59
CA TYR A 42 -4.53 3.42 4.94
C TYR A 42 -3.58 3.96 6.03
N CYS A 43 -3.71 3.41 7.24
CA CYS A 43 -2.90 3.78 8.39
C CYS A 43 -1.72 2.80 8.63
N PRO A 44 -0.66 3.22 9.36
CA PRO A 44 0.53 2.42 9.67
C PRO A 44 0.26 1.22 10.59
N GLY A 45 0.07 0.04 10.01
CA GLY A 45 -0.21 -1.18 10.75
C GLY A 45 -1.42 -1.01 11.65
N ILE A 46 -2.54 -0.51 11.11
CA ILE A 46 -3.73 -0.34 11.95
C ILE A 46 -4.88 -1.05 11.28
N GLU A 47 -5.34 -0.54 10.14
CA GLU A 47 -6.45 -1.08 9.38
C GLU A 47 -6.53 -0.34 8.06
N PHE A 48 -7.25 -0.94 7.13
CA PHE A 48 -7.50 -0.37 5.81
C PHE A 48 -9.02 -0.36 5.72
N VAL A 49 -9.63 0.81 5.57
CA VAL A 49 -11.08 0.97 5.49
C VAL A 49 -11.47 1.84 4.28
N GLN A 50 -12.71 1.68 3.80
CA GLN A 50 -13.28 2.46 2.72
C GLN A 50 -14.54 3.10 3.28
N PHE A 51 -14.72 4.40 3.07
CA PHE A 51 -15.86 5.15 3.56
C PHE A 51 -16.25 6.25 2.58
N HIS A 52 -17.50 6.69 2.65
CA HIS A 52 -18.00 7.78 1.81
C HIS A 52 -17.71 9.05 2.61
N GLY A 53 -17.57 10.21 1.95
CA GLY A 53 -17.27 11.44 2.69
C GLY A 53 -16.62 12.45 1.78
N ARG A 54 -15.99 13.47 2.39
CA ARG A 54 -15.29 14.53 1.68
C ARG A 54 -13.89 14.61 2.29
N VAL A 55 -12.90 14.90 1.45
CA VAL A 55 -11.49 15.03 1.79
C VAL A 55 -10.87 15.95 0.74
N ASN A 56 -9.87 16.75 1.11
CA ASN A 56 -9.16 17.62 0.19
C ASN A 56 -8.05 16.69 -0.30
N THR A 57 -8.35 15.86 -1.30
CA THR A 57 -7.42 14.87 -1.88
C THR A 57 -6.06 15.45 -2.32
N LYS A 58 -5.95 16.78 -2.44
CA LYS A 58 -4.76 17.53 -2.83
C LYS A 58 -3.68 17.47 -1.73
N THR A 59 -4.09 17.48 -0.48
CA THR A 59 -3.24 17.45 0.71
C THR A 59 -3.53 16.22 1.58
N GLY A 60 -4.71 15.61 1.44
CA GLY A 60 -5.08 14.42 2.19
C GLY A 60 -5.71 14.78 3.52
N GLU A 61 -6.47 15.87 3.57
CA GLU A 61 -7.13 16.29 4.80
C GLU A 61 -8.60 15.87 4.71
N ILE A 62 -9.04 15.05 5.64
CA ILE A 62 -10.43 14.58 5.69
C ILE A 62 -11.33 15.77 6.08
N VAL A 63 -12.63 15.71 5.76
CA VAL A 63 -13.62 16.75 6.07
C VAL A 63 -14.87 16.12 6.72
N ASN A 64 -15.09 14.81 6.61
CA ASN A 64 -16.24 14.10 7.20
C ASN A 64 -15.77 12.73 7.68
N ARG A 65 -16.36 12.19 8.75
CA ARG A 65 -16.02 10.89 9.30
C ARG A 65 -17.28 10.08 9.61
N ASP A 66 -18.33 10.21 8.79
CA ASP A 66 -19.58 9.49 8.97
C ASP A 66 -19.28 7.99 9.12
N GLU A 67 -19.69 7.41 10.25
CA GLU A 67 -19.49 6.01 10.58
C GLU A 67 -20.59 5.10 10.03
N SER A 68 -21.59 5.65 9.35
CA SER A 68 -22.72 4.93 8.77
C SER A 68 -22.31 4.20 7.50
N LEU A 69 -21.52 4.85 6.63
CA LEU A 69 -21.06 4.29 5.36
C LEU A 69 -19.56 4.01 5.41
N VAL A 70 -19.14 2.98 6.13
CA VAL A 70 -17.74 2.58 6.24
C VAL A 70 -17.67 1.06 6.27
N TYR A 71 -16.66 0.49 5.62
CA TYR A 71 -16.41 -0.93 5.51
C TYR A 71 -14.94 -1.22 5.81
N ARG A 72 -14.63 -2.46 6.20
CA ARG A 72 -13.29 -2.90 6.57
C ARG A 72 -12.74 -3.81 5.47
N LEU A 73 -11.51 -3.54 5.03
CA LEU A 73 -10.82 -4.29 3.99
C LEU A 73 -9.92 -5.34 4.63
N GLY A 74 -8.78 -4.87 5.15
CA GLY A 74 -7.78 -5.70 5.79
C GLY A 74 -7.46 -5.15 7.17
N LYS A 75 -7.02 -6.02 8.06
CA LYS A 75 -6.66 -5.69 9.43
C LYS A 75 -5.27 -6.26 9.70
N PRO A 76 -4.21 -5.48 9.45
CA PRO A 76 -2.84 -5.90 9.66
C PRO A 76 -2.49 -5.93 11.14
N LYS A 77 -1.31 -6.44 11.44
CA LYS A 77 -0.79 -6.53 12.79
C LYS A 77 -0.16 -5.21 13.19
N ALA A 78 0.04 -5.07 14.49
CA ALA A 78 0.62 -3.88 15.09
C ALA A 78 2.14 -3.82 15.02
N ASN A 79 2.80 -4.98 14.91
CA ASN A 79 4.25 -5.10 14.82
C ASN A 79 4.57 -5.34 13.34
N VAL A 80 5.67 -4.80 12.84
CA VAL A 80 6.06 -5.00 11.44
C VAL A 80 6.57 -6.44 11.24
N GLU A 81 7.18 -6.98 12.28
CA GLU A 81 7.76 -8.32 12.35
C GLU A 81 6.67 -9.39 12.21
N GLU A 82 5.42 -9.05 12.51
CA GLU A 82 4.29 -9.97 12.42
C GLU A 82 3.73 -10.08 11.00
N ARG A 83 4.04 -9.09 10.15
CA ARG A 83 3.57 -9.06 8.76
C ARG A 83 4.35 -10.01 7.88
N GLU A 84 3.88 -10.15 6.63
CA GLU A 84 4.45 -11.01 5.61
C GLU A 84 4.47 -10.23 4.29
N PHE A 85 5.60 -9.59 3.97
CA PHE A 85 5.78 -8.80 2.75
C PHE A 85 6.52 -9.64 1.70
N GLU A 86 6.47 -9.26 0.42
CA GLU A 86 7.16 -9.97 -0.66
C GLU A 86 7.73 -8.99 -1.67
N LEU A 87 9.00 -9.12 -2.01
CA LEU A 87 9.68 -8.28 -2.99
C LEU A 87 9.46 -8.92 -4.35
N LEU A 88 8.50 -8.39 -5.10
CA LEU A 88 8.13 -8.87 -6.42
C LEU A 88 8.63 -7.89 -7.48
N TYR A 89 8.35 -8.19 -8.75
CA TYR A 89 8.70 -7.35 -9.88
C TYR A 89 7.82 -7.75 -11.04
N ASP A 90 7.69 -6.85 -12.00
CA ASP A 90 6.91 -7.07 -13.21
C ASP A 90 7.67 -6.47 -14.38
N ASP A 91 7.05 -6.45 -15.55
CA ASP A 91 7.58 -5.95 -16.80
C ASP A 91 8.14 -4.54 -16.66
N VAL A 92 7.51 -3.73 -15.80
CA VAL A 92 7.92 -2.37 -15.53
C VAL A 92 9.10 -2.45 -14.56
N GLY A 93 8.88 -2.79 -13.28
CA GLY A 93 9.96 -2.86 -12.32
C GLY A 93 9.54 -3.58 -11.06
N TYR A 94 10.41 -3.49 -10.04
CA TYR A 94 10.20 -4.12 -8.76
C TYR A 94 9.22 -3.33 -7.92
N TYR A 95 8.59 -4.02 -6.98
CA TYR A 95 7.63 -3.48 -6.05
C TYR A 95 7.54 -4.44 -4.86
N ILE A 96 6.91 -4.02 -3.77
CA ILE A 96 6.75 -4.86 -2.59
C ILE A 96 5.25 -5.08 -2.49
N SER A 97 4.84 -6.33 -2.45
CA SER A 97 3.45 -6.71 -2.34
C SER A 97 3.20 -7.03 -0.89
N GLU A 98 2.14 -6.45 -0.36
CA GLU A 98 1.67 -6.59 1.01
C GLU A 98 0.17 -6.70 0.87
N ILE A 99 -0.37 -7.91 1.06
CA ILE A 99 -1.80 -8.16 0.97
C ILE A 99 -2.31 -8.17 2.41
N ILE A 100 -3.48 -7.61 2.66
CA ILE A 100 -4.06 -7.53 3.99
C ILE A 100 -5.48 -8.03 3.97
N GLY A 101 -5.70 -9.17 4.62
CA GLY A 101 -6.99 -9.78 4.76
C GLY A 101 -7.52 -9.50 6.15
N SER A 102 -8.46 -10.31 6.60
CA SER A 102 -9.12 -10.21 7.89
C SER A 102 -10.07 -9.01 7.87
N GLY A 103 -11.03 -9.02 6.94
CA GLY A 103 -12.05 -7.98 6.75
C GLY A 103 -13.42 -8.58 7.00
N ASP A 104 -14.28 -8.56 5.98
CA ASP A 104 -15.66 -9.08 6.03
C ASP A 104 -15.99 -9.79 4.71
N ILE A 105 -16.38 -11.06 4.73
CA ILE A 105 -16.72 -11.89 3.57
C ILE A 105 -17.92 -11.29 2.82
N CYS A 106 -17.71 -10.93 1.55
CA CYS A 106 -18.76 -10.36 0.72
C CYS A 106 -19.67 -11.49 0.27
N ASP A 107 -20.84 -11.66 0.90
CA ASP A 107 -21.83 -12.70 0.60
C ASP A 107 -22.17 -12.82 -0.90
N VAL A 108 -22.08 -11.71 -1.64
CA VAL A 108 -22.34 -11.62 -3.07
C VAL A 108 -21.52 -12.66 -3.86
N THR A 109 -20.25 -12.87 -3.50
CA THR A 109 -19.37 -13.82 -4.19
C THR A 109 -18.80 -14.85 -3.23
N GLY A 110 -18.86 -14.52 -1.95
CA GLY A 110 -18.39 -15.26 -0.79
C GLY A 110 -16.88 -15.19 -0.62
N ALA A 111 -16.22 -14.24 -1.30
CA ALA A 111 -14.79 -14.02 -1.26
C ALA A 111 -14.40 -13.12 -0.09
N GLU A 112 -13.11 -13.04 0.18
CA GLU A 112 -12.57 -12.20 1.23
C GLU A 112 -12.37 -10.78 0.66
N ARG A 113 -12.53 -9.80 1.54
CA ARG A 113 -12.42 -8.36 1.30
C ARG A 113 -10.99 -7.88 1.51
N MET A 114 -10.02 -8.74 1.25
CA MET A 114 -8.64 -8.37 1.48
C MET A 114 -8.21 -7.38 0.39
N VAL A 115 -7.19 -6.59 0.73
CA VAL A 115 -6.66 -5.58 -0.15
C VAL A 115 -5.18 -5.79 -0.41
N GLU A 116 -4.75 -5.50 -1.63
CA GLU A 116 -3.36 -5.62 -2.06
C GLU A 116 -2.78 -4.22 -2.17
N ILE A 117 -1.59 -4.01 -1.62
CA ILE A 117 -0.89 -2.74 -1.63
C ILE A 117 0.47 -2.96 -2.29
N GLN A 118 0.68 -2.39 -3.48
CA GLN A 118 1.95 -2.51 -4.19
C GLN A 118 2.78 -1.24 -3.93
N TYR A 119 3.92 -1.38 -3.25
CA TYR A 119 4.82 -0.27 -2.93
C TYR A 119 5.87 -0.11 -4.04
N VAL A 120 5.94 1.07 -4.65
CA VAL A 120 6.85 1.41 -5.74
C VAL A 120 7.53 2.77 -5.47
N CYS A 121 8.46 3.19 -6.33
CA CYS A 121 9.15 4.48 -6.22
C CYS A 121 8.30 5.54 -6.94
N GLY A 122 8.25 6.77 -6.42
CA GLY A 122 7.52 7.89 -7.03
C GLY A 122 8.51 8.89 -7.63
N GLY A 123 8.09 9.61 -8.67
CA GLY A 123 8.86 10.60 -9.39
C GLY A 123 9.52 11.65 -8.50
N SER A 124 8.74 12.43 -7.77
CA SER A 124 9.27 13.47 -6.89
C SER A 124 9.80 12.81 -5.62
N ASN A 125 11.08 12.46 -5.59
CA ASN A 125 11.82 11.81 -4.50
C ASN A 125 11.98 12.70 -3.24
N SER A 126 11.20 13.76 -3.07
CA SER A 126 11.31 14.68 -1.93
C SER A 126 10.00 15.04 -1.21
N GLY A 127 9.15 14.06 -0.90
CA GLY A 127 7.87 14.28 -0.20
C GLY A 127 7.38 13.01 0.50
N PRO A 128 6.28 13.07 1.26
CA PRO A 128 5.75 11.90 1.96
C PRO A 128 5.07 10.94 0.99
N SER A 129 4.87 9.70 1.43
CA SER A 129 4.22 8.65 0.64
C SER A 129 2.75 8.98 0.48
N THR A 130 2.05 8.37 -0.48
CA THR A 130 0.64 8.57 -0.75
C THR A 130 0.19 7.48 -1.72
N ILE A 131 -1.11 7.18 -1.75
CA ILE A 131 -1.70 6.18 -2.63
C ILE A 131 -1.73 6.81 -4.04
N GLN A 132 -1.28 6.05 -5.04
CA GLN A 132 -1.26 6.46 -6.44
C GLN A 132 -2.61 6.26 -7.11
N TRP A 133 -3.16 5.05 -6.98
CA TRP A 133 -4.44 4.69 -7.52
C TRP A 133 -5.06 3.63 -6.63
N VAL A 134 -6.35 3.44 -6.84
CA VAL A 134 -7.22 2.51 -6.14
C VAL A 134 -8.22 2.03 -7.19
N ARG A 135 -8.50 0.72 -7.22
CA ARG A 135 -9.48 0.17 -8.16
C ARG A 135 -10.05 -1.10 -7.57
N GLU A 136 -11.37 -1.19 -7.58
CA GLU A 136 -12.12 -2.32 -7.09
C GLU A 136 -12.03 -3.37 -8.20
N THR A 137 -10.97 -4.18 -8.16
CA THR A 137 -10.73 -5.21 -9.14
C THR A 137 -11.86 -6.22 -9.18
N LYS A 138 -12.22 -6.80 -8.03
CA LYS A 138 -13.29 -7.79 -7.92
C LYS A 138 -14.40 -7.19 -7.08
N ILE A 139 -15.48 -7.94 -6.87
CA ILE A 139 -16.60 -7.44 -6.06
C ILE A 139 -16.13 -7.29 -4.61
N CYS A 140 -15.22 -8.15 -4.16
CA CYS A 140 -14.68 -8.14 -2.81
C CYS A 140 -13.22 -7.66 -2.83
N VAL A 141 -12.33 -8.43 -3.45
CA VAL A 141 -10.91 -8.14 -3.56
C VAL A 141 -10.70 -6.75 -4.19
N TYR A 142 -9.76 -5.99 -3.65
CA TYR A 142 -9.39 -4.63 -4.04
C TYR A 142 -7.86 -4.56 -4.17
N GLU A 143 -7.36 -3.68 -5.04
CA GLU A 143 -5.95 -3.46 -5.32
C GLU A 143 -5.66 -1.94 -5.29
N ALA A 144 -4.51 -1.57 -4.73
CA ALA A 144 -4.01 -0.21 -4.57
C ALA A 144 -2.48 -0.14 -4.73
N GLN A 145 -1.94 1.05 -4.97
CA GLN A 145 -0.50 1.27 -5.15
C GLN A 145 -0.08 2.48 -4.32
N VAL A 146 1.16 2.49 -3.82
CA VAL A 146 1.71 3.55 -2.99
C VAL A 146 3.12 3.86 -3.49
N THR A 147 3.45 5.14 -3.62
CA THR A 147 4.76 5.60 -4.04
C THR A 147 5.54 6.08 -2.83
N ILE A 148 6.85 5.81 -2.80
CA ILE A 148 7.75 6.21 -1.73
C ILE A 148 9.09 6.70 -2.30
N PRO A 149 9.67 7.80 -1.79
CA PRO A 149 10.95 8.33 -2.29
C PRO A 149 12.15 7.53 -1.82
N GLU A 150 12.10 7.00 -0.59
CA GLU A 150 13.20 6.21 -0.02
C GLU A 150 13.35 4.89 -0.77
N LEU A 151 12.26 4.37 -1.37
CA LEU A 151 12.31 3.14 -2.15
C LEU A 151 13.19 3.41 -3.37
N CYS A 152 13.16 4.62 -3.93
CA CYS A 152 13.94 5.04 -5.08
C CYS A 152 15.46 4.91 -4.86
N ASN A 153 15.92 4.66 -3.64
CA ASN A 153 17.35 4.49 -3.38
C ASN A 153 17.81 3.08 -3.70
N LEU A 154 16.92 2.09 -3.55
CA LEU A 154 17.17 0.68 -3.79
C LEU A 154 17.09 0.49 -5.29
N GLU A 155 18.21 0.17 -5.95
CA GLU A 155 18.32 0.00 -7.41
C GLU A 155 17.26 -0.87 -8.07
N LEU A 156 16.71 -1.83 -7.34
CA LEU A 156 15.67 -2.73 -7.83
C LEU A 156 14.40 -1.94 -8.19
N LEU A 157 14.00 -1.01 -7.31
CA LEU A 157 12.83 -0.16 -7.41
C LEU A 157 13.05 1.09 -8.28
N ALA A 158 14.23 1.20 -8.89
CA ALA A 158 14.71 2.30 -9.72
C ALA A 158 14.02 2.27 -11.08
N LYS A 159 12.72 2.47 -11.00
CA LYS A 159 11.75 2.51 -12.07
C LYS A 159 10.84 3.68 -11.83
N ASN A 160 10.38 4.29 -12.94
CA ASN A 160 9.50 5.44 -12.98
C ASN A 160 10.17 6.72 -12.47
N GLU A 161 11.49 6.68 -12.28
CA GLU A 161 12.32 7.78 -11.82
C GLU A 161 12.68 8.58 -13.09
N ASP A 162 11.72 9.32 -13.63
CA ASP A 162 11.94 10.11 -14.83
C ASP A 162 11.11 11.37 -14.77
N GLY A 1 25.43 -27.88 -6.11
CA GLY A 1 25.93 -26.53 -5.80
C GLY A 1 24.80 -25.52 -5.97
N ALA A 2 25.10 -24.22 -5.89
CA ALA A 2 24.16 -23.12 -6.04
C ALA A 2 24.91 -21.97 -6.74
N SER A 3 24.20 -20.91 -7.13
CA SER A 3 24.79 -19.75 -7.80
C SER A 3 23.93 -18.51 -7.52
N ASN A 4 24.22 -17.40 -8.19
CA ASN A 4 23.52 -16.12 -8.08
C ASN A 4 23.43 -15.58 -6.65
N SER A 5 24.47 -15.79 -5.83
CA SER A 5 24.51 -15.31 -4.45
C SER A 5 24.26 -13.80 -4.35
N GLU A 6 25.03 -13.00 -5.09
CA GLU A 6 24.91 -11.54 -5.07
C GLU A 6 23.51 -11.08 -5.51
N LYS A 7 22.91 -11.73 -6.52
CA LYS A 7 21.58 -11.39 -7.02
C LYS A 7 20.61 -11.51 -5.84
N THR A 8 20.62 -12.65 -5.15
CA THR A 8 19.75 -12.87 -4.01
C THR A 8 20.11 -11.90 -2.87
N ALA A 9 21.39 -11.59 -2.66
CA ALA A 9 21.80 -10.66 -1.60
C ALA A 9 21.11 -9.32 -1.78
N LEU A 10 21.09 -8.78 -3.00
CA LEU A 10 20.43 -7.52 -3.27
C LEU A 10 18.92 -7.67 -3.06
N LEU A 11 18.32 -8.79 -3.47
CA LEU A 11 16.88 -9.04 -3.29
C LEU A 11 16.51 -9.03 -1.81
N THR A 12 17.23 -9.81 -1.00
CA THR A 12 17.03 -9.95 0.43
C THR A 12 17.10 -8.57 1.10
N LYS A 13 18.21 -7.86 0.90
CA LYS A 13 18.40 -6.53 1.48
C LYS A 13 17.30 -5.57 1.05
N THR A 14 17.01 -5.50 -0.25
CA THR A 14 15.99 -4.62 -0.79
C THR A 14 14.65 -4.78 -0.07
N LEU A 15 14.16 -6.02 0.07
CA LEU A 15 12.89 -6.25 0.73
C LEU A 15 12.92 -5.72 2.15
N ASN A 16 13.91 -6.13 2.95
CA ASN A 16 14.04 -5.73 4.36
C ASN A 16 14.06 -4.22 4.51
N GLN A 17 14.95 -3.57 3.76
CA GLN A 17 15.10 -2.11 3.76
C GLN A 17 13.75 -1.50 3.36
N GLY A 18 13.06 -2.09 2.40
CA GLY A 18 11.78 -1.65 1.91
C GLY A 18 10.73 -1.67 3.02
N VAL A 19 10.57 -2.78 3.75
CA VAL A 19 9.59 -2.90 4.83
C VAL A 19 9.78 -1.83 5.88
N LYS A 20 11.00 -1.68 6.42
CA LYS A 20 11.24 -0.66 7.43
C LYS A 20 11.03 0.73 6.85
N THR A 21 11.36 0.94 5.58
CA THR A 21 11.21 2.23 4.96
C THR A 21 9.72 2.56 4.89
N ILE A 22 8.89 1.61 4.47
CA ILE A 22 7.46 1.79 4.36
C ILE A 22 6.91 2.23 5.71
N PHE A 23 7.19 1.46 6.76
CA PHE A 23 6.70 1.75 8.09
C PHE A 23 7.16 3.14 8.52
N ASP A 24 8.42 3.51 8.25
CA ASP A 24 8.94 4.79 8.66
C ASP A 24 8.29 5.95 7.90
N LYS A 25 8.00 5.76 6.61
CA LYS A 25 7.38 6.76 5.77
C LYS A 25 5.86 6.85 5.96
N LEU A 26 5.26 6.02 6.81
CA LEU A 26 3.81 6.02 7.06
C LEU A 26 3.51 6.32 8.51
N ASN A 27 4.42 6.01 9.43
CA ASN A 27 4.22 6.24 10.84
C ASN A 27 3.94 7.70 11.19
N GLU A 28 4.37 8.64 10.35
CA GLU A 28 4.14 10.06 10.61
C GLU A 28 2.69 10.45 10.36
N ARG A 29 2.07 9.97 9.28
CA ARG A 29 0.67 10.27 8.92
C ARG A 29 0.06 9.19 8.01
N CYS A 30 -1.26 9.00 8.12
CA CYS A 30 -1.98 8.04 7.30
C CYS A 30 -2.15 8.61 5.89
N ILE A 31 -2.62 7.83 4.94
CA ILE A 31 -2.83 8.25 3.55
C ILE A 31 -4.26 7.88 3.13
N PHE A 32 -4.79 8.59 2.13
CA PHE A 32 -6.15 8.35 1.66
C PHE A 32 -6.30 8.70 0.19
N TYR A 33 -7.25 8.08 -0.51
CA TYR A 33 -7.51 8.31 -1.92
C TYR A 33 -9.00 8.31 -2.19
N GLN A 34 -9.49 9.35 -2.84
CA GLN A 34 -10.87 9.48 -3.21
C GLN A 34 -11.08 8.81 -4.57
N ALA A 35 -11.91 7.77 -4.61
CA ALA A 35 -12.28 6.99 -5.77
C ALA A 35 -13.75 7.33 -6.07
N GLY A 36 -13.98 8.59 -6.47
CA GLY A 36 -15.28 9.13 -6.79
C GLY A 36 -16.07 9.33 -5.50
N PHE A 37 -17.22 8.67 -5.40
CA PHE A 37 -18.11 8.74 -4.24
C PHE A 37 -17.49 8.12 -2.99
N TRP A 38 -16.67 7.08 -3.13
CA TRP A 38 -16.07 6.41 -1.98
C TRP A 38 -14.61 6.77 -1.89
N ILE A 39 -14.13 6.87 -0.67
CA ILE A 39 -12.76 7.19 -0.33
C ILE A 39 -12.23 5.96 0.39
N TYR A 40 -10.93 5.78 0.26
CA TYR A 40 -10.16 4.71 0.84
C TYR A 40 -9.14 5.35 1.76
N GLU A 41 -8.96 4.80 2.96
CA GLU A 41 -8.05 5.29 3.97
C GLU A 41 -7.19 4.14 4.43
N TYR A 42 -5.89 4.42 4.47
CA TYR A 42 -4.89 3.47 4.90
C TYR A 42 -4.00 4.09 5.97
N CYS A 43 -4.15 3.63 7.21
CA CYS A 43 -3.34 4.09 8.34
C CYS A 43 -2.08 3.22 8.44
N PRO A 44 -1.00 3.66 9.10
CA PRO A 44 0.28 2.93 9.24
C PRO A 44 0.20 1.57 9.94
N GLY A 45 -0.40 0.58 9.29
CA GLY A 45 -0.57 -0.77 9.77
C GLY A 45 -1.47 -0.82 11.00
N ILE A 46 -2.62 -0.17 10.91
CA ILE A 46 -3.63 -0.09 11.96
C ILE A 46 -4.84 -0.83 11.38
N GLU A 47 -5.46 -0.28 10.33
CA GLU A 47 -6.61 -0.83 9.61
C GLU A 47 -6.66 -0.17 8.24
N PHE A 48 -7.37 -0.80 7.31
CA PHE A 48 -7.60 -0.30 5.96
C PHE A 48 -9.13 -0.27 5.88
N VAL A 49 -9.70 0.90 5.62
CA VAL A 49 -11.15 1.09 5.54
C VAL A 49 -11.53 2.01 4.40
N GLN A 50 -12.76 1.89 3.90
CA GLN A 50 -13.30 2.73 2.84
C GLN A 50 -14.55 3.37 3.44
N PHE A 51 -14.72 4.66 3.22
CA PHE A 51 -15.84 5.46 3.73
C PHE A 51 -16.24 6.54 2.74
N HIS A 52 -17.47 7.03 2.82
CA HIS A 52 -17.94 8.09 1.94
C HIS A 52 -17.59 9.42 2.62
N GLY A 53 -17.37 10.49 1.86
CA GLY A 53 -17.01 11.78 2.41
C GLY A 53 -16.46 12.70 1.32
N ARG A 54 -15.78 13.77 1.73
CA ARG A 54 -15.17 14.79 0.89
C ARG A 54 -13.73 14.95 1.40
N VAL A 55 -12.79 15.09 0.47
CA VAL A 55 -11.37 15.24 0.74
C VAL A 55 -10.89 16.60 0.24
N ASN A 56 -9.83 17.10 0.88
CA ASN A 56 -9.15 18.36 0.62
C ASN A 56 -7.85 17.98 -0.08
N THR A 57 -7.81 17.97 -1.42
CA THR A 57 -6.59 17.61 -2.18
C THR A 57 -5.40 18.52 -1.85
N LYS A 58 -5.62 19.65 -1.16
CA LYS A 58 -4.59 20.61 -0.74
C LYS A 58 -3.47 19.86 -0.01
N THR A 59 -3.83 18.89 0.82
CA THR A 59 -2.87 18.07 1.57
C THR A 59 -3.37 16.62 1.74
N GLY A 60 -4.64 16.32 1.43
CA GLY A 60 -5.24 15.00 1.53
C GLY A 60 -6.20 14.83 2.71
N GLU A 61 -6.48 15.90 3.46
CA GLU A 61 -7.33 15.93 4.63
C GLU A 61 -8.76 15.53 4.31
N ILE A 62 -9.51 15.15 5.36
CA ILE A 62 -10.90 14.74 5.25
C ILE A 62 -11.76 15.86 5.84
N VAL A 63 -12.72 16.36 5.06
CA VAL A 63 -13.60 17.45 5.45
C VAL A 63 -14.63 17.02 6.50
N ASN A 64 -15.44 15.98 6.27
CA ASN A 64 -16.47 15.54 7.23
C ASN A 64 -16.28 14.06 7.53
N ARG A 65 -15.71 13.77 8.70
CA ARG A 65 -15.47 12.41 9.16
C ARG A 65 -16.82 11.84 9.59
N ASP A 66 -17.21 10.67 9.12
CA ASP A 66 -18.48 10.07 9.51
C ASP A 66 -18.31 8.58 9.64
N GLU A 67 -18.98 8.00 10.63
CA GLU A 67 -18.98 6.58 10.92
C GLU A 67 -20.17 5.85 10.29
N SER A 68 -21.10 6.58 9.67
CA SER A 68 -22.31 6.03 9.05
C SER A 68 -22.04 5.09 7.87
N LEU A 69 -21.01 5.40 7.07
CA LEU A 69 -20.64 4.65 5.89
C LEU A 69 -19.16 4.30 5.96
N VAL A 70 -18.81 3.19 6.59
CA VAL A 70 -17.43 2.72 6.74
C VAL A 70 -17.44 1.19 6.59
N TYR A 71 -16.43 0.63 5.92
CA TYR A 71 -16.27 -0.80 5.69
C TYR A 71 -14.84 -1.24 6.02
N ARG A 72 -14.69 -2.46 6.55
CA ARG A 72 -13.41 -3.04 6.95
C ARG A 72 -12.83 -3.86 5.81
N LEU A 73 -11.70 -3.43 5.26
CA LEU A 73 -11.03 -4.11 4.16
C LEU A 73 -10.06 -5.10 4.80
N GLY A 74 -8.90 -4.60 5.23
CA GLY A 74 -7.88 -5.41 5.86
C GLY A 74 -7.65 -4.93 7.28
N LYS A 75 -7.12 -5.82 8.12
CA LYS A 75 -6.82 -5.51 9.51
C LYS A 75 -5.42 -6.04 9.81
N PRO A 76 -4.38 -5.23 9.58
CA PRO A 76 -3.00 -5.63 9.82
C PRO A 76 -2.63 -5.58 11.31
N LYS A 77 -1.44 -6.08 11.61
CA LYS A 77 -0.89 -6.17 12.95
C LYS A 77 -0.09 -4.91 13.30
N ALA A 78 0.19 -4.76 14.59
CA ALA A 78 0.95 -3.63 15.10
C ALA A 78 2.44 -3.83 14.88
N ASN A 79 2.89 -5.06 15.16
CA ASN A 79 4.28 -5.45 15.05
C ASN A 79 4.58 -5.71 13.60
N VAL A 80 5.66 -5.13 13.09
CA VAL A 80 6.08 -5.32 11.70
C VAL A 80 6.47 -6.77 11.46
N GLU A 81 7.02 -7.42 12.46
CA GLU A 81 7.49 -8.80 12.41
C GLU A 81 6.32 -9.79 12.26
N GLU A 82 5.14 -9.43 12.77
CA GLU A 82 3.97 -10.30 12.66
C GLU A 82 3.49 -10.30 11.20
N ARG A 83 3.66 -9.15 10.53
CA ARG A 83 3.29 -8.94 9.14
C ARG A 83 4.31 -9.63 8.25
N GLU A 84 4.03 -9.62 6.95
CA GLU A 84 4.86 -10.22 5.94
C GLU A 84 4.79 -9.32 4.71
N PHE A 85 5.89 -9.29 3.94
CA PHE A 85 6.05 -8.50 2.74
C PHE A 85 6.70 -9.38 1.69
N GLU A 86 6.36 -9.17 0.41
CA GLU A 86 6.88 -9.93 -0.71
C GLU A 86 7.51 -8.98 -1.74
N LEU A 87 8.79 -9.18 -2.08
CA LEU A 87 9.50 -8.35 -3.06
C LEU A 87 9.22 -8.98 -4.42
N LEU A 88 8.38 -8.33 -5.22
CA LEU A 88 7.98 -8.78 -6.54
C LEU A 88 8.51 -7.83 -7.62
N TYR A 89 8.24 -8.16 -8.88
CA TYR A 89 8.63 -7.34 -10.00
C TYR A 89 7.65 -7.61 -11.12
N ASP A 90 7.59 -6.66 -12.05
CA ASP A 90 6.74 -6.71 -13.22
C ASP A 90 7.52 -6.14 -14.38
N ASP A 91 6.91 -6.07 -15.56
CA ASP A 91 7.58 -5.56 -16.74
C ASP A 91 8.04 -4.11 -16.59
N VAL A 92 7.34 -3.34 -15.76
CA VAL A 92 7.64 -1.94 -15.50
C VAL A 92 8.92 -1.84 -14.64
N GLY A 93 8.93 -2.49 -13.47
CA GLY A 93 10.04 -2.51 -12.55
C GLY A 93 9.66 -3.32 -11.32
N TYR A 94 10.52 -3.33 -10.31
CA TYR A 94 10.30 -4.07 -9.07
C TYR A 94 9.32 -3.29 -8.18
N TYR A 95 8.76 -3.96 -7.17
CA TYR A 95 7.82 -3.39 -6.20
C TYR A 95 7.71 -4.33 -5.00
N ILE A 96 7.06 -3.90 -3.92
CA ILE A 96 6.86 -4.71 -2.73
C ILE A 96 5.33 -4.84 -2.64
N SER A 97 4.84 -6.04 -2.38
CA SER A 97 3.43 -6.32 -2.24
C SER A 97 3.18 -6.65 -0.77
N GLU A 98 2.07 -6.14 -0.26
CA GLU A 98 1.60 -6.38 1.09
C GLU A 98 0.10 -6.62 0.96
N ILE A 99 -0.37 -7.83 1.24
CA ILE A 99 -1.79 -8.13 1.19
C ILE A 99 -2.29 -8.12 2.63
N ILE A 100 -3.48 -7.57 2.85
CA ILE A 100 -4.10 -7.46 4.16
C ILE A 100 -5.53 -7.94 4.09
N GLY A 101 -5.79 -9.08 4.73
CA GLY A 101 -7.09 -9.69 4.81
C GLY A 101 -7.68 -9.39 6.18
N SER A 102 -8.64 -10.23 6.62
CA SER A 102 -9.32 -10.10 7.89
C SER A 102 -10.28 -8.88 7.91
N GLY A 103 -11.20 -8.85 6.95
CA GLY A 103 -12.22 -7.82 6.80
C GLY A 103 -13.60 -8.43 7.02
N ASP A 104 -14.51 -8.24 6.07
CA ASP A 104 -15.89 -8.75 6.07
C ASP A 104 -16.12 -9.44 4.74
N ILE A 105 -16.52 -10.71 4.73
CA ILE A 105 -16.76 -11.51 3.53
C ILE A 105 -17.86 -10.89 2.67
N CYS A 106 -17.71 -11.04 1.35
CA CYS A 106 -18.70 -10.58 0.38
C CYS A 106 -19.36 -11.86 -0.10
N ASP A 107 -20.46 -12.25 0.57
CA ASP A 107 -21.22 -13.47 0.27
C ASP A 107 -21.58 -13.62 -1.20
N VAL A 108 -21.76 -12.48 -1.87
CA VAL A 108 -22.08 -12.33 -3.29
C VAL A 108 -21.18 -13.25 -4.13
N THR A 109 -19.91 -13.35 -3.78
CA THR A 109 -18.95 -14.20 -4.49
C THR A 109 -18.36 -15.25 -3.56
N GLY A 110 -18.29 -14.96 -2.26
CA GLY A 110 -17.73 -15.80 -1.23
C GLY A 110 -16.25 -15.49 -1.00
N ALA A 111 -15.79 -14.27 -1.37
CA ALA A 111 -14.40 -13.87 -1.20
C ALA A 111 -14.19 -12.97 -0.01
N GLU A 112 -12.93 -12.85 0.38
CA GLU A 112 -12.51 -11.99 1.47
C GLU A 112 -12.22 -10.62 0.90
N ARG A 113 -12.50 -9.60 1.72
CA ARG A 113 -12.31 -8.18 1.47
C ARG A 113 -10.86 -7.78 1.62
N MET A 114 -9.92 -8.68 1.33
CA MET A 114 -8.51 -8.39 1.53
C MET A 114 -8.05 -7.44 0.43
N VAL A 115 -7.13 -6.55 0.82
CA VAL A 115 -6.57 -5.51 -0.03
C VAL A 115 -5.12 -5.80 -0.30
N GLU A 116 -4.70 -5.49 -1.52
CA GLU A 116 -3.34 -5.67 -2.00
C GLU A 116 -2.76 -4.26 -2.17
N ILE A 117 -1.64 -3.96 -1.51
CA ILE A 117 -0.97 -2.67 -1.57
C ILE A 117 0.39 -2.85 -2.21
N GLN A 118 0.63 -2.13 -3.31
CA GLN A 118 1.87 -2.19 -4.05
C GLN A 118 2.72 -0.96 -3.72
N TYR A 119 3.88 -1.18 -3.13
CA TYR A 119 4.82 -0.13 -2.74
C TYR A 119 5.89 0.02 -3.81
N VAL A 120 5.94 1.22 -4.41
CA VAL A 120 6.88 1.57 -5.47
C VAL A 120 7.56 2.92 -5.22
N CYS A 121 8.59 3.20 -6.00
CA CYS A 121 9.35 4.43 -5.98
C CYS A 121 8.54 5.44 -6.80
N GLY A 122 8.28 6.62 -6.23
CA GLY A 122 7.55 7.66 -6.93
C GLY A 122 8.56 8.65 -7.50
N GLY A 123 8.34 9.09 -8.75
CA GLY A 123 9.19 10.04 -9.44
C GLY A 123 9.47 11.28 -8.62
N SER A 124 8.45 11.81 -7.94
CA SER A 124 8.66 12.98 -7.11
C SER A 124 9.24 12.43 -5.80
N ASN A 125 10.51 12.04 -5.83
CA ASN A 125 11.29 11.46 -4.74
C ASN A 125 11.63 12.48 -3.64
N SER A 126 10.76 13.47 -3.43
CA SER A 126 10.87 14.55 -2.46
C SER A 126 9.47 14.86 -1.92
N GLY A 127 8.70 13.83 -1.54
CA GLY A 127 7.35 13.99 -1.03
C GLY A 127 6.96 12.81 -0.15
N PRO A 128 5.90 12.93 0.66
CA PRO A 128 5.48 11.87 1.56
C PRO A 128 4.71 10.77 0.84
N SER A 129 4.42 9.70 1.57
CA SER A 129 3.67 8.58 1.06
C SER A 129 2.27 9.07 0.68
N THR A 130 1.68 8.47 -0.35
CA THR A 130 0.36 8.76 -0.84
C THR A 130 -0.02 7.61 -1.78
N ILE A 131 -1.32 7.40 -1.97
CA ILE A 131 -1.84 6.35 -2.83
C ILE A 131 -1.94 6.93 -4.24
N GLN A 132 -1.37 6.22 -5.20
CA GLN A 132 -1.36 6.60 -6.62
C GLN A 132 -2.75 6.40 -7.24
N TRP A 133 -3.31 5.20 -7.08
CA TRP A 133 -4.62 4.82 -7.61
C TRP A 133 -5.23 3.77 -6.71
N VAL A 134 -6.53 3.53 -6.91
CA VAL A 134 -7.36 2.59 -6.18
C VAL A 134 -8.38 2.04 -7.16
N ARG A 135 -8.48 0.71 -7.25
CA ARG A 135 -9.44 0.06 -8.14
C ARG A 135 -9.94 -1.23 -7.51
N GLU A 136 -11.25 -1.34 -7.38
CA GLU A 136 -11.92 -2.50 -6.82
C GLU A 136 -11.93 -3.49 -7.99
N THR A 137 -10.92 -4.35 -8.06
CA THR A 137 -10.80 -5.33 -9.13
C THR A 137 -11.91 -6.38 -9.01
N LYS A 138 -12.03 -7.02 -7.85
CA LYS A 138 -13.06 -8.02 -7.61
C LYS A 138 -14.17 -7.41 -6.77
N ILE A 139 -15.26 -8.17 -6.55
CA ILE A 139 -16.39 -7.69 -5.75
C ILE A 139 -15.96 -7.42 -4.30
N CYS A 140 -14.94 -8.12 -3.83
CA CYS A 140 -14.43 -7.99 -2.47
C CYS A 140 -12.95 -7.61 -2.48
N VAL A 141 -12.12 -8.36 -3.21
CA VAL A 141 -10.68 -8.12 -3.31
C VAL A 141 -10.45 -6.77 -4.02
N TYR A 142 -9.58 -5.94 -3.45
CA TYR A 142 -9.22 -4.61 -3.93
C TYR A 142 -7.69 -4.53 -4.11
N GLU A 143 -7.25 -3.63 -4.99
CA GLU A 143 -5.85 -3.41 -5.33
C GLU A 143 -5.57 -1.90 -5.27
N ALA A 144 -4.41 -1.52 -4.72
CA ALA A 144 -3.96 -0.14 -4.53
C ALA A 144 -2.44 -0.06 -4.73
N GLN A 145 -1.92 1.14 -4.97
CA GLN A 145 -0.50 1.39 -5.16
C GLN A 145 -0.12 2.65 -4.40
N VAL A 146 1.06 2.69 -3.81
CA VAL A 146 1.55 3.84 -3.06
C VAL A 146 2.99 4.14 -3.49
N THR A 147 3.35 5.41 -3.49
CA THR A 147 4.68 5.87 -3.86
C THR A 147 5.45 6.29 -2.62
N ILE A 148 6.75 6.01 -2.61
CA ILE A 148 7.65 6.35 -1.52
C ILE A 148 8.99 6.84 -2.08
N PRO A 149 9.56 7.94 -1.57
CA PRO A 149 10.83 8.45 -2.06
C PRO A 149 11.98 7.55 -1.62
N GLU A 150 12.03 7.13 -0.35
CA GLU A 150 13.09 6.29 0.15
C GLU A 150 13.21 4.91 -0.52
N LEU A 151 12.16 4.40 -1.17
CA LEU A 151 12.21 3.13 -1.87
C LEU A 151 13.19 3.20 -3.05
N CYS A 152 13.25 4.36 -3.73
CA CYS A 152 14.10 4.63 -4.87
C CYS A 152 15.59 4.41 -4.58
N ASN A 153 16.00 4.48 -3.31
CA ASN A 153 17.40 4.29 -2.92
C ASN A 153 17.90 2.89 -3.22
N LEU A 154 17.01 1.92 -3.24
CA LEU A 154 17.32 0.52 -3.50
C LEU A 154 17.37 0.35 -5.01
N GLU A 155 18.50 -0.12 -5.54
CA GLU A 155 18.78 -0.34 -6.97
C GLU A 155 17.68 -1.08 -7.70
N LEU A 156 17.10 -2.11 -7.09
CA LEU A 156 16.05 -2.86 -7.75
C LEU A 156 14.83 -2.00 -8.03
N LEU A 157 14.53 -1.11 -7.09
CA LEU A 157 13.40 -0.20 -7.07
C LEU A 157 13.76 1.19 -7.57
N ALA A 158 14.98 1.38 -8.08
CA ALA A 158 15.52 2.63 -8.61
C ALA A 158 15.01 2.81 -10.04
N LYS A 159 13.69 2.77 -10.23
CA LYS A 159 13.05 2.90 -11.53
C LYS A 159 11.67 3.52 -11.37
N ASN A 160 11.34 4.51 -12.19
CA ASN A 160 10.05 5.18 -12.20
C ASN A 160 9.87 5.87 -13.55
N GLU A 161 8.64 6.24 -13.88
CA GLU A 161 8.28 6.89 -15.13
C GLU A 161 7.22 7.94 -14.87
N ASP A 162 7.62 9.03 -14.21
CA ASP A 162 6.75 10.16 -13.91
C ASP A 162 6.81 11.12 -15.07
N GLY A 1 23.38 -24.90 -9.63
CA GLY A 1 23.21 -24.31 -10.97
C GLY A 1 23.77 -22.91 -10.94
N ALA A 2 23.19 -21.97 -11.69
CA ALA A 2 23.65 -20.59 -11.66
C ALA A 2 23.23 -20.05 -10.30
N SER A 3 24.17 -19.54 -9.51
CA SER A 3 23.93 -19.00 -8.18
C SER A 3 24.76 -17.71 -8.08
N ASN A 4 24.17 -16.66 -7.52
CA ASN A 4 24.79 -15.36 -7.36
C ASN A 4 24.38 -14.83 -5.99
N SER A 5 25.14 -15.20 -4.95
CA SER A 5 24.91 -14.81 -3.56
C SER A 5 24.63 -13.31 -3.44
N GLU A 6 25.44 -12.47 -4.07
CA GLU A 6 25.31 -11.03 -4.03
C GLU A 6 23.95 -10.56 -4.55
N LYS A 7 23.40 -11.15 -5.63
CA LYS A 7 22.11 -10.72 -6.12
C LYS A 7 21.05 -11.07 -5.07
N THR A 8 21.11 -12.29 -4.50
CA THR A 8 20.15 -12.67 -3.47
C THR A 8 20.29 -11.76 -2.25
N ALA A 9 21.52 -11.35 -1.91
CA ALA A 9 21.79 -10.47 -0.79
C ALA A 9 21.10 -9.14 -1.07
N LEU A 10 21.24 -8.61 -2.29
CA LEU A 10 20.64 -7.37 -2.72
C LEU A 10 19.12 -7.48 -2.60
N LEU A 11 18.50 -8.55 -3.11
CA LEU A 11 17.05 -8.78 -3.05
C LEU A 11 16.59 -8.81 -1.59
N THR A 12 17.27 -9.62 -0.77
CA THR A 12 17.00 -9.79 0.65
C THR A 12 17.04 -8.43 1.37
N LYS A 13 18.13 -7.68 1.18
CA LYS A 13 18.34 -6.37 1.79
C LYS A 13 17.31 -5.37 1.27
N THR A 14 17.01 -5.38 -0.03
CA THR A 14 16.06 -4.49 -0.69
C THR A 14 14.70 -4.61 0.00
N LEU A 15 14.20 -5.83 0.17
CA LEU A 15 12.91 -6.05 0.82
C LEU A 15 12.92 -5.43 2.21
N ASN A 16 13.91 -5.77 3.06
CA ASN A 16 14.01 -5.25 4.42
C ASN A 16 14.03 -3.73 4.45
N GLN A 17 14.91 -3.14 3.64
CA GLN A 17 15.07 -1.70 3.49
C GLN A 17 13.74 -1.08 3.10
N GLY A 18 12.98 -1.75 2.25
CA GLY A 18 11.69 -1.32 1.79
C GLY A 18 10.70 -1.28 2.95
N VAL A 19 10.55 -2.37 3.71
CA VAL A 19 9.61 -2.43 4.84
C VAL A 19 9.91 -1.30 5.83
N LYS A 20 11.16 -1.17 6.30
CA LYS A 20 11.53 -0.13 7.26
C LYS A 20 11.31 1.26 6.68
N THR A 21 11.49 1.43 5.38
CA THR A 21 11.31 2.73 4.74
C THR A 21 9.83 3.09 4.78
N ILE A 22 8.99 2.16 4.32
CA ILE A 22 7.56 2.32 4.26
C ILE A 22 7.06 2.67 5.65
N PHE A 23 7.40 1.86 6.65
CA PHE A 23 6.94 2.13 8.00
C PHE A 23 7.40 3.49 8.49
N ASP A 24 8.64 3.90 8.17
CA ASP A 24 9.12 5.20 8.62
C ASP A 24 8.28 6.33 8.06
N LYS A 25 7.93 6.23 6.79
CA LYS A 25 7.14 7.23 6.09
C LYS A 25 5.64 7.10 6.33
N LEU A 26 5.13 6.06 6.99
CA LEU A 26 3.70 5.90 7.22
C LEU A 26 3.37 6.05 8.69
N ASN A 27 4.28 5.62 9.57
CA ASN A 27 4.09 5.71 11.02
C ASN A 27 3.74 7.13 11.44
N GLU A 28 4.35 8.11 10.77
CA GLU A 28 4.14 9.51 11.03
C GLU A 28 2.69 9.98 10.80
N ARG A 29 2.03 9.54 9.72
CA ARG A 29 0.66 9.87 9.35
C ARG A 29 0.10 8.89 8.33
N CYS A 30 -1.22 8.69 8.36
CA CYS A 30 -1.92 7.78 7.44
C CYS A 30 -2.04 8.45 6.07
N ILE A 31 -2.43 7.68 5.05
CA ILE A 31 -2.62 8.12 3.67
C ILE A 31 -4.02 7.72 3.22
N PHE A 32 -4.56 8.42 2.23
CA PHE A 32 -5.91 8.17 1.71
C PHE A 32 -6.00 8.47 0.21
N TYR A 33 -7.11 8.06 -0.40
CA TYR A 33 -7.40 8.27 -1.82
C TYR A 33 -8.91 8.33 -1.99
N GLN A 34 -9.41 9.45 -2.49
CA GLN A 34 -10.81 9.64 -2.73
C GLN A 34 -11.16 9.13 -4.13
N ALA A 35 -11.75 7.95 -4.21
CA ALA A 35 -12.17 7.32 -5.45
C ALA A 35 -13.61 7.77 -5.69
N GLY A 36 -13.76 9.07 -5.98
CA GLY A 36 -15.05 9.69 -6.21
C GLY A 36 -15.86 9.58 -4.93
N PHE A 37 -16.98 8.86 -4.98
CA PHE A 37 -17.88 8.65 -3.86
C PHE A 37 -17.28 7.86 -2.70
N TRP A 38 -16.39 6.90 -2.96
CA TRP A 38 -15.80 6.08 -1.92
C TRP A 38 -14.36 6.45 -1.68
N ILE A 39 -14.05 6.84 -0.45
CA ILE A 39 -12.70 7.20 -0.05
C ILE A 39 -12.14 5.93 0.55
N TYR A 40 -10.83 5.80 0.42
CA TYR A 40 -10.02 4.72 0.92
C TYR A 40 -9.02 5.34 1.87
N GLU A 41 -8.78 4.71 3.02
CA GLU A 41 -7.89 5.17 4.06
C GLU A 41 -7.01 4.01 4.49
N TYR A 42 -5.70 4.30 4.58
CA TYR A 42 -4.72 3.33 4.99
C TYR A 42 -3.83 3.93 6.07
N CYS A 43 -3.95 3.39 7.28
CA CYS A 43 -3.18 3.82 8.44
C CYS A 43 -1.94 2.94 8.64
N PRO A 44 -0.91 3.40 9.37
CA PRO A 44 0.31 2.64 9.61
C PRO A 44 0.11 1.37 10.45
N GLY A 45 -0.20 0.25 9.78
CA GLY A 45 -0.41 -1.03 10.43
C GLY A 45 -1.51 -0.93 11.49
N ILE A 46 -2.70 -0.46 11.09
CA ILE A 46 -3.84 -0.33 11.99
C ILE A 46 -5.00 -1.06 11.34
N GLU A 47 -5.48 -0.54 10.22
CA GLU A 47 -6.58 -1.06 9.43
C GLU A 47 -6.58 -0.34 8.09
N PHE A 48 -7.30 -0.93 7.15
CA PHE A 48 -7.50 -0.41 5.81
C PHE A 48 -9.02 -0.39 5.72
N VAL A 49 -9.61 0.80 5.60
CA VAL A 49 -11.05 0.98 5.54
C VAL A 49 -11.47 1.86 4.37
N GLN A 50 -12.71 1.68 3.92
CA GLN A 50 -13.33 2.43 2.84
C GLN A 50 -14.53 3.13 3.47
N PHE A 51 -14.64 4.44 3.31
CA PHE A 51 -15.72 5.24 3.88
C PHE A 51 -16.13 6.39 2.97
N HIS A 52 -17.35 6.88 3.14
CA HIS A 52 -17.86 8.01 2.38
C HIS A 52 -17.47 9.26 3.20
N GLY A 53 -17.33 10.43 2.58
CA GLY A 53 -16.93 11.62 3.33
C GLY A 53 -16.51 12.75 2.40
N ARG A 54 -15.80 13.75 2.94
CA ARG A 54 -15.26 14.89 2.21
C ARG A 54 -13.81 14.99 2.61
N VAL A 55 -12.93 15.12 1.62
CA VAL A 55 -11.50 15.22 1.80
C VAL A 55 -10.96 16.22 0.77
N ASN A 56 -9.78 16.77 1.04
CA ASN A 56 -9.08 17.73 0.21
C ASN A 56 -7.91 17.02 -0.46
N THR A 57 -8.12 16.57 -1.71
CA THR A 57 -7.15 15.84 -2.53
C THR A 57 -5.79 16.56 -2.72
N LYS A 58 -5.69 17.83 -2.35
CA LYS A 58 -4.46 18.62 -2.45
C LYS A 58 -3.41 18.20 -1.42
N THR A 59 -3.83 17.57 -0.33
CA THR A 59 -2.92 17.11 0.73
C THR A 59 -3.45 15.80 1.36
N GLY A 60 -4.74 15.50 1.23
CA GLY A 60 -5.39 14.31 1.78
C GLY A 60 -6.09 14.60 3.10
N GLU A 61 -6.24 15.87 3.47
CA GLU A 61 -6.87 16.26 4.70
C GLU A 61 -8.37 16.02 4.63
N ILE A 62 -8.85 15.10 5.46
CA ILE A 62 -10.23 14.70 5.59
C ILE A 62 -10.95 15.85 6.29
N VAL A 63 -11.91 16.45 5.60
CA VAL A 63 -12.70 17.57 6.07
C VAL A 63 -13.77 17.03 7.02
N ASN A 64 -14.57 16.07 6.56
CA ASN A 64 -15.64 15.46 7.35
C ASN A 64 -15.68 13.97 7.04
N ARG A 65 -16.17 13.19 8.00
CA ARG A 65 -16.30 11.75 7.98
C ARG A 65 -17.52 11.36 8.82
N ASP A 66 -17.91 10.10 8.75
CA ASP A 66 -19.04 9.53 9.48
C ASP A 66 -18.73 8.05 9.67
N GLU A 67 -19.26 7.44 10.72
CA GLU A 67 -19.05 6.03 11.03
C GLU A 67 -20.18 5.17 10.44
N SER A 68 -21.24 5.78 9.90
CA SER A 68 -22.39 5.07 9.33
C SER A 68 -22.11 4.39 7.98
N LEU A 69 -21.09 4.84 7.26
CA LEU A 69 -20.69 4.30 5.95
C LEU A 69 -19.20 4.02 6.01
N VAL A 70 -18.81 2.89 6.61
CA VAL A 70 -17.42 2.46 6.76
C VAL A 70 -17.36 0.94 6.58
N TYR A 71 -16.42 0.44 5.77
CA TYR A 71 -16.20 -0.97 5.47
C TYR A 71 -14.79 -1.38 5.86
N ARG A 72 -14.58 -2.65 6.23
CA ARG A 72 -13.29 -3.18 6.65
C ARG A 72 -12.73 -3.96 5.48
N LEU A 73 -11.60 -3.49 4.98
CA LEU A 73 -10.93 -4.12 3.85
C LEU A 73 -10.00 -5.16 4.45
N GLY A 74 -8.91 -4.70 5.06
CA GLY A 74 -7.95 -5.57 5.69
C GLY A 74 -7.58 -5.05 7.06
N LYS A 75 -7.19 -5.97 7.94
CA LYS A 75 -6.78 -5.68 9.30
C LYS A 75 -5.37 -6.22 9.48
N PRO A 76 -4.35 -5.37 9.30
CA PRO A 76 -2.97 -5.77 9.47
C PRO A 76 -2.62 -5.79 10.96
N LYS A 77 -1.37 -6.15 11.28
CA LYS A 77 -0.87 -6.19 12.64
C LYS A 77 -0.22 -4.85 12.97
N ALA A 78 0.16 -4.66 14.22
CA ALA A 78 0.81 -3.44 14.66
C ALA A 78 2.33 -3.55 14.52
N ASN A 79 2.86 -4.71 14.88
CA ASN A 79 4.28 -5.02 14.86
C ASN A 79 4.67 -5.45 13.47
N VAL A 80 5.81 -5.00 12.98
CA VAL A 80 6.29 -5.32 11.64
C VAL A 80 6.72 -6.78 11.51
N GLU A 81 7.08 -7.43 12.62
CA GLU A 81 7.55 -8.82 12.63
C GLU A 81 6.39 -9.83 12.52
N GLU A 82 5.18 -9.41 12.85
CA GLU A 82 4.00 -10.28 12.79
C GLU A 82 3.53 -10.47 11.33
N ARG A 83 3.63 -9.39 10.55
CA ARG A 83 3.25 -9.39 9.15
C ARG A 83 4.39 -9.89 8.28
N GLU A 84 4.16 -10.06 6.98
CA GLU A 84 5.19 -10.54 6.05
C GLU A 84 4.95 -9.89 4.68
N PHE A 85 5.95 -9.15 4.19
CA PHE A 85 5.93 -8.46 2.91
C PHE A 85 6.64 -9.37 1.89
N GLU A 86 6.41 -9.17 0.59
CA GLU A 86 7.00 -9.97 -0.47
C GLU A 86 7.59 -9.07 -1.57
N LEU A 87 8.89 -9.19 -1.88
CA LEU A 87 9.56 -8.39 -2.92
C LEU A 87 9.33 -9.10 -4.25
N LEU A 88 8.42 -8.57 -5.05
CA LEU A 88 8.06 -9.10 -6.35
C LEU A 88 8.57 -8.15 -7.43
N TYR A 89 8.32 -8.48 -8.70
CA TYR A 89 8.74 -7.64 -9.80
C TYR A 89 7.90 -7.96 -11.03
N ASP A 90 7.97 -7.06 -12.01
CA ASP A 90 7.26 -7.21 -13.27
C ASP A 90 8.17 -6.73 -14.40
N ASP A 91 7.66 -6.74 -15.62
CA ASP A 91 8.36 -6.30 -16.82
C ASP A 91 8.71 -4.82 -16.72
N VAL A 92 8.01 -4.06 -15.88
CA VAL A 92 8.23 -2.64 -15.65
C VAL A 92 9.43 -2.52 -14.70
N GLY A 93 9.31 -2.98 -13.45
CA GLY A 93 10.33 -2.92 -12.43
C GLY A 93 9.87 -3.70 -11.19
N TYR A 94 10.64 -3.60 -10.11
CA TYR A 94 10.34 -4.29 -8.85
C TYR A 94 9.35 -3.50 -8.00
N TYR A 95 8.76 -4.16 -6.99
CA TYR A 95 7.81 -3.58 -6.04
C TYR A 95 7.60 -4.56 -4.88
N ILE A 96 7.00 -4.12 -3.77
CA ILE A 96 6.73 -4.98 -2.62
C ILE A 96 5.23 -5.16 -2.52
N SER A 97 4.80 -6.41 -2.44
CA SER A 97 3.42 -6.83 -2.30
C SER A 97 3.14 -7.08 -0.84
N GLU A 98 2.04 -6.50 -0.38
CA GLU A 98 1.55 -6.62 0.98
C GLU A 98 0.03 -6.79 0.87
N ILE A 99 -0.47 -7.99 1.13
CA ILE A 99 -1.89 -8.27 1.08
C ILE A 99 -2.40 -8.26 2.52
N ILE A 100 -3.59 -7.69 2.71
CA ILE A 100 -4.22 -7.58 4.01
C ILE A 100 -5.66 -8.04 3.96
N GLY A 101 -5.92 -9.16 4.60
CA GLY A 101 -7.23 -9.76 4.70
C GLY A 101 -7.81 -9.48 6.09
N SER A 102 -8.81 -10.24 6.50
CA SER A 102 -9.52 -10.14 7.77
C SER A 102 -10.43 -8.90 7.83
N GLY A 103 -11.26 -8.69 6.81
CA GLY A 103 -12.20 -7.59 6.70
C GLY A 103 -13.59 -8.14 6.97
N ASP A 104 -14.32 -8.50 5.91
CA ASP A 104 -15.66 -9.06 5.95
C ASP A 104 -15.94 -9.90 4.69
N ILE A 105 -16.31 -11.18 4.82
CA ILE A 105 -16.62 -12.04 3.68
C ILE A 105 -17.88 -11.51 2.98
N CYS A 106 -17.73 -11.09 1.73
CA CYS A 106 -18.84 -10.56 0.96
C CYS A 106 -19.83 -11.64 0.61
N ASP A 107 -21.08 -11.52 1.04
CA ASP A 107 -22.10 -12.51 0.72
C ASP A 107 -22.47 -12.42 -0.78
N VAL A 108 -21.96 -11.40 -1.46
CA VAL A 108 -22.16 -11.13 -2.87
C VAL A 108 -21.51 -12.25 -3.69
N THR A 109 -20.30 -12.69 -3.32
CA THR A 109 -19.59 -13.74 -4.06
C THR A 109 -19.15 -14.90 -3.15
N GLY A 110 -18.93 -14.60 -1.87
CA GLY A 110 -18.48 -15.50 -0.83
C GLY A 110 -16.97 -15.37 -0.64
N ALA A 111 -16.34 -14.28 -1.09
CA ALA A 111 -14.91 -14.04 -0.99
C ALA A 111 -14.56 -12.98 0.05
N GLU A 112 -13.27 -12.89 0.36
CA GLU A 112 -12.78 -11.91 1.33
C GLU A 112 -12.72 -10.51 0.72
N ARG A 113 -12.62 -9.53 1.61
CA ARG A 113 -12.51 -8.10 1.33
C ARG A 113 -11.03 -7.72 1.44
N MET A 114 -10.11 -8.64 1.18
CA MET A 114 -8.70 -8.36 1.36
C MET A 114 -8.19 -7.44 0.27
N VAL A 115 -7.21 -6.62 0.64
CA VAL A 115 -6.61 -5.62 -0.22
C VAL A 115 -5.16 -5.93 -0.47
N GLU A 116 -4.69 -5.70 -1.70
CA GLU A 116 -3.32 -5.92 -2.11
C GLU A 116 -2.72 -4.53 -2.34
N ILE A 117 -1.61 -4.24 -1.67
CA ILE A 117 -0.90 -2.98 -1.74
C ILE A 117 0.47 -3.21 -2.38
N GLN A 118 0.79 -2.42 -3.42
CA GLN A 118 2.04 -2.48 -4.15
C GLN A 118 2.88 -1.23 -3.79
N TYR A 119 3.94 -1.37 -3.01
CA TYR A 119 4.81 -0.22 -2.68
C TYR A 119 5.79 -0.03 -3.82
N VAL A 120 5.81 1.16 -4.43
CA VAL A 120 6.66 1.55 -5.55
C VAL A 120 7.36 2.89 -5.32
N CYS A 121 8.33 3.24 -6.19
CA CYS A 121 9.06 4.50 -6.14
C CYS A 121 8.22 5.57 -6.85
N GLY A 122 8.25 6.81 -6.36
CA GLY A 122 7.53 7.94 -6.92
C GLY A 122 8.51 8.95 -7.49
N GLY A 123 8.36 9.27 -8.78
CA GLY A 123 9.15 10.19 -9.59
C GLY A 123 9.73 11.38 -8.83
N SER A 124 8.87 12.25 -8.27
CA SER A 124 9.36 13.40 -7.51
C SER A 124 9.79 12.87 -6.14
N ASN A 125 11.05 12.47 -6.03
CA ASN A 125 11.70 11.91 -4.84
C ASN A 125 11.88 12.87 -3.66
N SER A 126 10.95 13.79 -3.41
CA SER A 126 10.99 14.75 -2.30
C SER A 126 9.58 15.10 -1.81
N GLY A 127 8.72 14.10 -1.62
CA GLY A 127 7.36 14.28 -1.14
C GLY A 127 6.94 13.08 -0.28
N PRO A 128 5.88 13.23 0.52
CA PRO A 128 5.39 12.16 1.38
C PRO A 128 4.72 11.04 0.59
N SER A 129 4.45 9.95 1.29
CA SER A 129 3.78 8.79 0.72
C SER A 129 2.33 9.18 0.46
N THR A 130 1.68 8.50 -0.47
CA THR A 130 0.31 8.69 -0.85
C THR A 130 -0.06 7.49 -1.74
N ILE A 131 -1.34 7.16 -1.81
CA ILE A 131 -1.81 6.08 -2.65
C ILE A 131 -1.82 6.68 -4.06
N GLN A 132 -1.29 5.95 -5.05
CA GLN A 132 -1.27 6.43 -6.42
C GLN A 132 -2.66 6.35 -7.03
N TRP A 133 -3.20 5.14 -7.09
CA TRP A 133 -4.50 4.82 -7.64
C TRP A 133 -5.17 3.77 -6.78
N VAL A 134 -6.46 3.59 -7.01
CA VAL A 134 -7.32 2.66 -6.31
C VAL A 134 -8.35 2.21 -7.33
N ARG A 135 -8.62 0.90 -7.40
CA ARG A 135 -9.61 0.34 -8.30
C ARG A 135 -10.11 -0.96 -7.70
N GLU A 136 -11.42 -1.11 -7.66
CA GLU A 136 -12.07 -2.29 -7.16
C GLU A 136 -12.10 -3.17 -8.40
N THR A 137 -11.01 -3.92 -8.58
CA THR A 137 -10.84 -4.81 -9.73
C THR A 137 -11.92 -5.87 -9.71
N LYS A 138 -11.99 -6.65 -8.63
CA LYS A 138 -12.97 -7.71 -8.48
C LYS A 138 -14.20 -7.13 -7.78
N ILE A 139 -15.16 -7.96 -7.41
CA ILE A 139 -16.37 -7.48 -6.73
C ILE A 139 -16.03 -7.14 -5.27
N CYS A 140 -15.14 -7.92 -4.66
CA CYS A 140 -14.74 -7.75 -3.28
C CYS A 140 -13.24 -7.50 -3.14
N VAL A 141 -12.42 -8.24 -3.87
CA VAL A 141 -10.96 -8.09 -3.84
C VAL A 141 -10.62 -6.71 -4.45
N TYR A 142 -9.70 -5.98 -3.82
CA TYR A 142 -9.24 -4.64 -4.18
C TYR A 142 -7.72 -4.64 -4.36
N GLU A 143 -7.20 -3.79 -5.26
CA GLU A 143 -5.80 -3.61 -5.60
C GLU A 143 -5.51 -2.11 -5.45
N ALA A 144 -4.35 -1.75 -4.88
CA ALA A 144 -3.89 -0.39 -4.61
C ALA A 144 -2.36 -0.28 -4.76
N GLN A 145 -1.84 0.94 -4.92
CA GLN A 145 -0.40 1.19 -5.06
C GLN A 145 -0.01 2.43 -4.25
N VAL A 146 1.22 2.49 -3.74
CA VAL A 146 1.72 3.60 -2.92
C VAL A 146 3.10 4.01 -3.43
N THR A 147 3.37 5.31 -3.56
CA THR A 147 4.64 5.87 -4.03
C THR A 147 5.44 6.46 -2.89
N ILE A 148 6.73 6.10 -2.79
CA ILE A 148 7.62 6.59 -1.73
C ILE A 148 8.97 7.04 -2.33
N PRO A 149 9.55 8.18 -1.89
CA PRO A 149 10.82 8.68 -2.39
C PRO A 149 12.01 7.82 -1.95
N GLU A 150 12.04 7.42 -0.68
CA GLU A 150 13.11 6.61 -0.11
C GLU A 150 13.21 5.22 -0.74
N LEU A 151 12.15 4.72 -1.39
CA LEU A 151 12.19 3.43 -2.04
C LEU A 151 13.06 3.50 -3.30
N CYS A 152 13.04 4.63 -4.02
CA CYS A 152 13.79 4.86 -5.25
C CYS A 152 15.30 4.66 -5.07
N ASN A 153 15.79 4.76 -3.83
CA ASN A 153 17.20 4.61 -3.50
C ASN A 153 17.70 3.19 -3.75
N LEU A 154 16.81 2.21 -3.59
CA LEU A 154 17.10 0.81 -3.79
C LEU A 154 17.10 0.60 -5.30
N GLU A 155 18.25 0.21 -5.85
CA GLU A 155 18.47 0.01 -7.26
C GLU A 155 17.40 -0.85 -7.98
N LEU A 156 16.87 -1.88 -7.33
CA LEU A 156 15.85 -2.74 -7.92
C LEU A 156 14.58 -1.94 -8.19
N LEU A 157 14.26 -1.01 -7.30
CA LEU A 157 13.11 -0.12 -7.32
C LEU A 157 13.41 1.20 -8.02
N ALA A 158 14.60 1.37 -8.56
CA ALA A 158 15.02 2.58 -9.26
C ALA A 158 14.43 2.62 -10.69
N LYS A 159 13.22 2.08 -10.89
CA LYS A 159 12.52 2.01 -12.16
C LYS A 159 11.02 1.97 -11.90
N ASN A 160 10.25 2.85 -12.54
CA ASN A 160 8.80 2.96 -12.44
C ASN A 160 8.32 3.94 -13.52
N GLU A 161 7.03 3.93 -13.87
CA GLU A 161 6.42 4.80 -14.90
C GLU A 161 7.16 4.73 -16.25
N ASP A 162 7.68 3.54 -16.55
CA ASP A 162 8.41 3.16 -17.75
C ASP A 162 7.58 3.30 -19.03
N GLY A 1 12.27 -21.01 -11.49
CA GLY A 1 13.26 -20.02 -11.90
C GLY A 1 14.46 -20.07 -10.98
N ALA A 2 15.65 -20.32 -11.52
CA ALA A 2 16.88 -20.37 -10.74
C ALA A 2 17.27 -18.97 -10.26
N SER A 3 18.16 -18.94 -9.28
CA SER A 3 18.70 -17.73 -8.66
C SER A 3 20.06 -18.07 -8.04
N ASN A 4 20.79 -17.05 -7.59
CA ASN A 4 22.11 -17.15 -6.96
C ASN A 4 22.13 -16.23 -5.75
N SER A 5 22.97 -16.55 -4.78
CA SER A 5 23.21 -15.88 -3.51
C SER A 5 23.34 -14.38 -3.62
N GLU A 6 24.11 -13.91 -4.61
CA GLU A 6 24.33 -12.49 -4.81
C GLU A 6 23.01 -11.76 -5.07
N LYS A 7 22.17 -12.33 -5.94
CA LYS A 7 20.89 -11.74 -6.31
C LYS A 7 19.88 -11.90 -5.17
N THR A 8 19.80 -13.08 -4.55
CA THR A 8 18.86 -13.30 -3.46
C THR A 8 19.19 -12.37 -2.29
N ALA A 9 20.48 -12.10 -2.04
CA ALA A 9 20.93 -11.21 -1.00
C ALA A 9 20.41 -9.80 -1.29
N LEU A 10 20.61 -9.31 -2.53
CA LEU A 10 20.15 -7.98 -2.91
C LEU A 10 18.65 -7.89 -2.68
N LEU A 11 17.88 -8.90 -3.12
CA LEU A 11 16.43 -8.95 -2.97
C LEU A 11 16.08 -8.89 -1.48
N THR A 12 16.66 -9.78 -0.68
CA THR A 12 16.44 -9.89 0.75
C THR A 12 16.71 -8.55 1.45
N LYS A 13 17.80 -7.86 1.09
CA LYS A 13 18.15 -6.57 1.66
C LYS A 13 17.15 -5.52 1.18
N THR A 14 16.89 -5.40 -0.12
CA THR A 14 15.96 -4.44 -0.68
C THR A 14 14.58 -4.57 -0.04
N LEU A 15 14.07 -5.79 0.14
CA LEU A 15 12.77 -6.02 0.74
C LEU A 15 12.76 -5.44 2.16
N ASN A 16 13.70 -5.86 3.02
CA ASN A 16 13.80 -5.41 4.41
C ASN A 16 13.92 -3.90 4.48
N GLN A 17 14.83 -3.32 3.69
CA GLN A 17 15.07 -1.88 3.62
C GLN A 17 13.75 -1.19 3.25
N GLY A 18 13.08 -1.66 2.19
CA GLY A 18 11.83 -1.08 1.73
C GLY A 18 10.77 -1.16 2.83
N VAL A 19 10.62 -2.33 3.46
CA VAL A 19 9.66 -2.61 4.52
C VAL A 19 9.85 -1.67 5.71
N LYS A 20 11.07 -1.53 6.26
CA LYS A 20 11.27 -0.62 7.38
C LYS A 20 11.04 0.82 6.91
N THR A 21 11.35 1.14 5.65
CA THR A 21 11.17 2.48 5.13
C THR A 21 9.67 2.79 5.08
N ILE A 22 8.86 1.84 4.62
CA ILE A 22 7.43 2.00 4.54
C ILE A 22 6.91 2.27 5.94
N PHE A 23 7.27 1.43 6.91
CA PHE A 23 6.81 1.60 8.28
C PHE A 23 7.23 2.97 8.83
N ASP A 24 8.40 3.48 8.47
CA ASP A 24 8.85 4.80 8.93
C ASP A 24 7.96 5.89 8.34
N LYS A 25 7.87 5.93 7.00
CA LYS A 25 7.09 6.93 6.26
C LYS A 25 5.59 6.90 6.55
N LEU A 26 5.04 5.78 7.01
CA LEU A 26 3.61 5.70 7.30
C LEU A 26 3.37 5.97 8.77
N ASN A 27 4.36 5.68 9.61
CA ASN A 27 4.22 5.94 11.03
C ASN A 27 4.08 7.44 11.27
N GLU A 28 4.64 8.27 10.38
CA GLU A 28 4.58 9.72 10.45
C GLU A 28 3.12 10.17 10.33
N ARG A 29 2.36 9.64 9.36
CA ARG A 29 0.96 9.93 9.11
C ARG A 29 0.34 8.86 8.22
N CYS A 30 -0.98 8.72 8.30
CA CYS A 30 -1.71 7.77 7.48
C CYS A 30 -1.80 8.35 6.07
N ILE A 31 -2.37 7.59 5.14
CA ILE A 31 -2.56 8.02 3.76
C ILE A 31 -3.96 7.65 3.31
N PHE A 32 -4.53 8.45 2.39
CA PHE A 32 -5.87 8.24 1.89
C PHE A 32 -5.98 8.61 0.40
N TYR A 33 -7.10 8.23 -0.23
CA TYR A 33 -7.36 8.48 -1.64
C TYR A 33 -8.86 8.52 -1.94
N GLN A 34 -9.31 9.58 -2.62
CA GLN A 34 -10.70 9.74 -3.00
C GLN A 34 -10.90 9.18 -4.41
N ALA A 35 -11.49 7.98 -4.48
CA ALA A 35 -11.81 7.24 -5.69
C ALA A 35 -13.22 7.69 -6.09
N GLY A 36 -13.35 8.95 -6.51
CA GLY A 36 -14.62 9.51 -6.92
C GLY A 36 -15.58 9.61 -5.74
N PHE A 37 -16.68 8.86 -5.78
CA PHE A 37 -17.68 8.87 -4.71
C PHE A 37 -17.15 8.25 -3.42
N TRP A 38 -16.27 7.24 -3.47
CA TRP A 38 -15.78 6.59 -2.27
C TRP A 38 -14.35 6.98 -1.96
N ILE A 39 -14.00 6.91 -0.68
CA ILE A 39 -12.69 7.24 -0.17
C ILE A 39 -12.17 5.97 0.51
N TYR A 40 -10.85 5.85 0.48
CA TYR A 40 -10.07 4.78 1.04
C TYR A 40 -9.01 5.39 1.95
N GLU A 41 -8.89 4.90 3.19
CA GLU A 41 -7.97 5.36 4.23
C GLU A 41 -7.16 4.15 4.73
N TYR A 42 -5.83 4.27 4.68
CA TYR A 42 -4.89 3.25 5.13
C TYR A 42 -3.97 3.83 6.20
N CYS A 43 -3.88 3.17 7.36
CA CYS A 43 -3.03 3.61 8.48
C CYS A 43 -1.87 2.63 8.76
N PRO A 44 -0.77 3.10 9.41
CA PRO A 44 0.44 2.32 9.72
C PRO A 44 0.24 1.09 10.62
N GLY A 45 0.00 -0.06 9.99
CA GLY A 45 -0.19 -1.29 10.73
C GLY A 45 -1.41 -1.22 11.66
N ILE A 46 -2.44 -0.45 11.27
CA ILE A 46 -3.64 -0.30 12.06
C ILE A 46 -4.80 -0.99 11.36
N GLU A 47 -5.20 -0.49 10.19
CA GLU A 47 -6.30 -1.00 9.38
C GLU A 47 -6.45 -0.16 8.13
N PHE A 48 -7.20 -0.73 7.19
CA PHE A 48 -7.54 -0.11 5.91
C PHE A 48 -9.07 -0.15 5.83
N VAL A 49 -9.71 0.99 5.65
CA VAL A 49 -11.17 1.13 5.57
C VAL A 49 -11.60 1.97 4.37
N GLN A 50 -12.82 1.76 3.90
CA GLN A 50 -13.44 2.44 2.77
C GLN A 50 -14.73 3.09 3.25
N PHE A 51 -14.87 4.41 3.09
CA PHE A 51 -16.06 5.16 3.49
C PHE A 51 -16.33 6.33 2.54
N HIS A 52 -17.55 6.83 2.45
CA HIS A 52 -17.88 7.98 1.61
C HIS A 52 -17.76 9.20 2.54
N GLY A 53 -17.47 10.38 1.99
CA GLY A 53 -17.30 11.61 2.75
C GLY A 53 -16.70 12.66 1.84
N ARG A 54 -16.16 13.73 2.42
CA ARG A 54 -15.52 14.83 1.68
C ARG A 54 -14.05 14.84 2.09
N VAL A 55 -13.13 15.13 1.17
CA VAL A 55 -11.70 15.17 1.44
C VAL A 55 -11.03 16.09 0.43
N ASN A 56 -10.05 16.87 0.87
CA ASN A 56 -9.31 17.77 -0.02
C ASN A 56 -8.24 16.92 -0.68
N THR A 57 -8.46 16.40 -1.89
CA THR A 57 -7.47 15.55 -2.59
C THR A 57 -6.11 16.26 -2.77
N LYS A 58 -6.10 17.60 -2.62
CA LYS A 58 -4.96 18.49 -2.71
C LYS A 58 -3.89 18.21 -1.64
N THR A 59 -4.29 17.58 -0.52
CA THR A 59 -3.43 17.26 0.61
C THR A 59 -3.80 15.89 1.20
N GLY A 60 -5.08 15.53 1.16
CA GLY A 60 -5.63 14.30 1.66
C GLY A 60 -6.43 14.56 2.94
N GLU A 61 -6.53 15.80 3.40
CA GLU A 61 -7.26 16.10 4.63
C GLU A 61 -8.74 15.77 4.46
N ILE A 62 -9.19 14.77 5.20
CA ILE A 62 -10.58 14.35 5.19
C ILE A 62 -11.30 15.48 5.93
N VAL A 63 -12.48 15.85 5.43
CA VAL A 63 -13.28 16.93 5.98
C VAL A 63 -14.44 16.38 6.79
N ASN A 64 -15.06 15.27 6.38
CA ASN A 64 -16.17 14.66 7.10
C ASN A 64 -16.11 13.15 6.93
N ARG A 65 -16.13 12.43 8.05
CA ARG A 65 -16.07 10.99 8.14
C ARG A 65 -17.46 10.48 8.55
N ASP A 66 -18.19 9.92 7.60
CA ASP A 66 -19.52 9.36 7.81
C ASP A 66 -19.41 8.08 8.65
N GLU A 67 -20.45 7.78 9.43
CA GLU A 67 -20.50 6.62 10.33
C GLU A 67 -21.20 5.34 9.83
N SER A 68 -22.12 5.40 8.86
CA SER A 68 -22.82 4.19 8.41
C SER A 68 -22.17 3.59 7.17
N LEU A 69 -21.80 4.42 6.19
CA LEU A 69 -21.17 3.99 4.96
C LEU A 69 -19.68 3.83 5.23
N VAL A 70 -19.32 2.78 5.97
CA VAL A 70 -17.97 2.43 6.38
C VAL A 70 -17.86 0.91 6.21
N TYR A 71 -16.73 0.45 5.68
CA TYR A 71 -16.43 -0.94 5.42
C TYR A 71 -14.95 -1.20 5.75
N ARG A 72 -14.59 -2.43 6.11
CA ARG A 72 -13.23 -2.84 6.47
C ARG A 72 -12.64 -3.74 5.40
N LEU A 73 -11.44 -3.40 4.92
CA LEU A 73 -10.73 -4.17 3.90
C LEU A 73 -9.86 -5.20 4.62
N GLY A 74 -8.79 -4.71 5.26
CA GLY A 74 -7.83 -5.54 5.96
C GLY A 74 -7.52 -4.97 7.34
N LYS A 75 -6.97 -5.81 8.22
CA LYS A 75 -6.57 -5.50 9.58
C LYS A 75 -5.15 -6.02 9.78
N PRO A 76 -4.12 -5.19 9.51
CA PRO A 76 -2.71 -5.54 9.66
C PRO A 76 -2.32 -5.52 11.14
N LYS A 77 -1.03 -5.73 11.41
CA LYS A 77 -0.48 -5.73 12.77
C LYS A 77 0.41 -4.52 12.97
N ALA A 78 0.64 -4.20 14.25
CA ALA A 78 1.46 -3.07 14.67
C ALA A 78 2.96 -3.32 14.52
N ASN A 79 3.35 -4.59 14.63
CA ASN A 79 4.73 -5.02 14.52
C ASN A 79 4.93 -5.55 13.12
N VAL A 80 6.01 -5.14 12.47
CA VAL A 80 6.35 -5.59 11.13
C VAL A 80 6.70 -7.07 11.13
N GLU A 81 7.17 -7.60 12.25
CA GLU A 81 7.58 -9.00 12.45
C GLU A 81 6.38 -9.94 12.54
N GLU A 82 5.22 -9.35 12.77
CA GLU A 82 3.92 -10.04 12.84
C GLU A 82 3.27 -10.03 11.44
N ARG A 83 3.83 -9.22 10.55
CA ARG A 83 3.44 -9.05 9.16
C ARG A 83 4.49 -9.71 8.30
N GLU A 84 4.22 -9.72 7.02
CA GLU A 84 5.10 -10.29 6.00
C GLU A 84 4.91 -9.47 4.72
N PHE A 85 5.94 -9.40 3.88
CA PHE A 85 5.93 -8.67 2.62
C PHE A 85 6.62 -9.53 1.57
N GLU A 86 6.49 -9.20 0.29
CA GLU A 86 7.09 -9.92 -0.83
C GLU A 86 7.62 -8.92 -1.86
N LEU A 87 8.92 -8.98 -2.19
CA LEU A 87 9.56 -8.10 -3.18
C LEU A 87 9.43 -8.79 -4.52
N LEU A 88 8.46 -8.34 -5.29
CA LEU A 88 8.08 -8.82 -6.61
C LEU A 88 8.52 -7.83 -7.69
N TYR A 89 8.23 -8.15 -8.94
CA TYR A 89 8.53 -7.32 -10.09
C TYR A 89 7.58 -7.67 -11.22
N ASP A 90 7.31 -6.69 -12.07
CA ASP A 90 6.48 -6.77 -13.26
C ASP A 90 7.24 -6.07 -14.38
N ASP A 91 6.62 -5.93 -15.54
CA ASP A 91 7.16 -5.32 -16.76
C ASP A 91 7.67 -3.90 -16.51
N VAL A 92 7.05 -3.19 -15.57
CA VAL A 92 7.42 -1.83 -15.19
C VAL A 92 8.77 -1.92 -14.47
N GLY A 93 8.78 -2.53 -13.29
CA GLY A 93 9.96 -2.70 -12.45
C GLY A 93 9.58 -3.50 -11.22
N TYR A 94 10.45 -3.44 -10.21
CA TYR A 94 10.27 -4.14 -8.96
C TYR A 94 9.27 -3.37 -8.09
N TYR A 95 8.68 -4.03 -7.09
CA TYR A 95 7.71 -3.47 -6.16
C TYR A 95 7.54 -4.41 -4.97
N ILE A 96 6.87 -3.98 -3.89
CA ILE A 96 6.64 -4.81 -2.71
C ILE A 96 5.15 -4.98 -2.57
N SER A 97 4.67 -6.22 -2.50
CA SER A 97 3.27 -6.55 -2.35
C SER A 97 3.05 -6.95 -0.90
N GLU A 98 1.99 -6.40 -0.31
CA GLU A 98 1.54 -6.65 1.06
C GLU A 98 0.03 -6.78 0.97
N ILE A 99 -0.49 -7.99 1.19
CA ILE A 99 -1.91 -8.28 1.16
C ILE A 99 -2.41 -8.34 2.61
N ILE A 100 -3.47 -7.58 2.88
CA ILE A 100 -4.06 -7.47 4.19
C ILE A 100 -5.52 -7.90 4.17
N GLY A 101 -5.79 -8.99 4.87
CA GLY A 101 -7.10 -9.56 5.03
C GLY A 101 -7.70 -9.23 6.39
N SER A 102 -8.84 -9.85 6.70
CA SER A 102 -9.65 -9.71 7.91
C SER A 102 -10.59 -8.51 7.80
N GLY A 103 -11.45 -8.51 6.77
CA GLY A 103 -12.43 -7.50 6.51
C GLY A 103 -13.81 -8.10 6.77
N ASP A 104 -14.70 -7.99 5.80
CA ASP A 104 -16.07 -8.50 5.85
C ASP A 104 -16.26 -9.37 4.61
N ILE A 105 -16.55 -10.66 4.82
CA ILE A 105 -16.76 -11.62 3.75
C ILE A 105 -17.93 -11.14 2.90
N CYS A 106 -17.75 -11.21 1.59
CA CYS A 106 -18.76 -10.81 0.65
C CYS A 106 -19.59 -12.04 0.36
N ASP A 107 -20.81 -12.13 0.87
CA ASP A 107 -21.65 -13.31 0.56
C ASP A 107 -21.95 -13.37 -0.95
N VAL A 108 -21.67 -12.29 -1.67
CA VAL A 108 -21.84 -12.12 -3.11
C VAL A 108 -20.99 -13.16 -3.85
N THR A 109 -19.74 -13.41 -3.42
CA THR A 109 -18.84 -14.36 -4.07
C THR A 109 -18.31 -15.41 -3.09
N GLY A 110 -18.30 -15.07 -1.82
CA GLY A 110 -17.80 -15.93 -0.76
C GLY A 110 -16.30 -15.70 -0.61
N ALA A 111 -15.81 -14.48 -0.94
CA ALA A 111 -14.42 -14.13 -0.82
C ALA A 111 -14.18 -13.17 0.35
N GLU A 112 -12.91 -13.05 0.72
CA GLU A 112 -12.47 -12.17 1.77
C GLU A 112 -12.10 -10.83 1.11
N ARG A 113 -12.48 -9.74 1.77
CA ARG A 113 -12.30 -8.34 1.44
C ARG A 113 -10.86 -7.87 1.56
N MET A 114 -9.89 -8.76 1.35
CA MET A 114 -8.51 -8.39 1.57
C MET A 114 -8.04 -7.44 0.47
N VAL A 115 -7.12 -6.57 0.88
CA VAL A 115 -6.56 -5.54 0.01
C VAL A 115 -5.09 -5.74 -0.23
N GLU A 116 -4.62 -5.46 -1.43
CA GLU A 116 -3.21 -5.57 -1.80
C GLU A 116 -2.69 -4.15 -1.94
N ILE A 117 -1.52 -3.88 -1.35
CA ILE A 117 -0.86 -2.59 -1.37
C ILE A 117 0.49 -2.79 -2.03
N GLN A 118 0.67 -2.25 -3.24
CA GLN A 118 1.91 -2.36 -4.00
C GLN A 118 2.76 -1.10 -3.76
N TYR A 119 3.86 -1.25 -3.02
CA TYR A 119 4.79 -0.14 -2.73
C TYR A 119 5.78 0.01 -3.87
N VAL A 120 5.89 1.22 -4.41
CA VAL A 120 6.74 1.59 -5.53
C VAL A 120 7.42 2.97 -5.33
N CYS A 121 8.31 3.37 -6.25
CA CYS A 121 9.02 4.64 -6.25
C CYS A 121 8.19 5.63 -7.07
N GLY A 122 7.85 6.80 -6.52
CA GLY A 122 7.09 7.81 -7.26
C GLY A 122 8.01 8.64 -8.15
N GLY A 123 7.43 9.37 -9.11
CA GLY A 123 8.15 10.23 -10.06
C GLY A 123 9.04 11.20 -9.30
N SER A 124 8.44 12.25 -8.72
CA SER A 124 9.16 13.26 -7.92
C SER A 124 9.57 12.55 -6.62
N ASN A 125 10.72 12.87 -6.04
CA ASN A 125 11.24 12.24 -4.81
C ASN A 125 11.38 13.20 -3.62
N SER A 126 10.51 14.20 -3.50
CA SER A 126 10.54 15.20 -2.44
C SER A 126 9.16 15.47 -1.80
N GLY A 127 8.40 14.44 -1.44
CA GLY A 127 7.08 14.61 -0.82
C GLY A 127 6.74 13.41 0.04
N PRO A 128 5.73 13.49 0.91
CA PRO A 128 5.33 12.38 1.77
C PRO A 128 4.68 11.28 0.92
N SER A 129 4.58 10.08 1.51
CA SER A 129 3.98 8.93 0.88
C SER A 129 2.48 9.16 0.71
N THR A 130 1.85 8.49 -0.25
CA THR A 130 0.43 8.59 -0.55
C THR A 130 0.04 7.47 -1.50
N ILE A 131 -1.25 7.15 -1.55
CA ILE A 131 -1.78 6.14 -2.45
C ILE A 131 -1.82 6.79 -3.84
N GLN A 132 -1.34 6.08 -4.86
CA GLN A 132 -1.31 6.50 -6.25
C GLN A 132 -2.68 6.35 -6.88
N TRP A 133 -3.22 5.14 -6.79
CA TRP A 133 -4.49 4.76 -7.32
C TRP A 133 -5.12 3.74 -6.40
N VAL A 134 -6.41 3.55 -6.61
CA VAL A 134 -7.27 2.65 -5.88
C VAL A 134 -8.23 2.14 -6.92
N ARG A 135 -8.36 0.82 -7.03
CA ARG A 135 -9.27 0.21 -7.99
C ARG A 135 -9.68 -1.16 -7.48
N GLU A 136 -10.97 -1.33 -7.26
CA GLU A 136 -11.58 -2.56 -6.80
C GLU A 136 -11.56 -3.43 -8.07
N THR A 137 -10.54 -4.26 -8.23
CA THR A 137 -10.36 -5.12 -9.39
C THR A 137 -11.49 -6.14 -9.51
N LYS A 138 -11.68 -6.96 -8.48
CA LYS A 138 -12.74 -7.98 -8.47
C LYS A 138 -13.91 -7.46 -7.65
N ILE A 139 -14.96 -8.25 -7.49
CA ILE A 139 -16.13 -7.87 -6.71
C ILE A 139 -15.73 -7.53 -5.28
N CYS A 140 -14.83 -8.34 -4.69
CA CYS A 140 -14.41 -8.14 -3.31
C CYS A 140 -12.90 -7.97 -3.11
N VAL A 141 -12.09 -8.21 -4.14
CA VAL A 141 -10.63 -8.06 -4.06
C VAL A 141 -10.34 -6.62 -4.51
N TYR A 142 -9.55 -5.90 -3.73
CA TYR A 142 -9.18 -4.53 -3.99
C TYR A 142 -7.67 -4.44 -4.05
N GLU A 143 -7.15 -3.59 -4.93
CA GLU A 143 -5.75 -3.35 -5.17
C GLU A 143 -5.52 -1.83 -5.07
N ALA A 144 -4.40 -1.45 -4.46
CA ALA A 144 -3.95 -0.08 -4.26
C ALA A 144 -2.45 -0.04 -4.51
N GLN A 145 -1.92 1.15 -4.80
CA GLN A 145 -0.48 1.36 -5.03
C GLN A 145 -0.07 2.55 -4.20
N VAL A 146 1.14 2.54 -3.65
CA VAL A 146 1.67 3.61 -2.80
C VAL A 146 3.06 3.96 -3.28
N THR A 147 3.34 5.25 -3.43
CA THR A 147 4.64 5.73 -3.87
C THR A 147 5.40 6.30 -2.67
N ILE A 148 6.71 6.05 -2.62
CA ILE A 148 7.59 6.54 -1.57
C ILE A 148 8.89 7.04 -2.22
N PRO A 149 9.43 8.19 -1.80
CA PRO A 149 10.65 8.73 -2.36
C PRO A 149 11.89 7.94 -1.93
N GLU A 150 11.96 7.50 -0.66
CA GLU A 150 13.08 6.74 -0.15
C GLU A 150 13.26 5.41 -0.90
N LEU A 151 12.16 4.78 -1.34
CA LEU A 151 12.21 3.53 -2.09
C LEU A 151 13.01 3.67 -3.37
N CYS A 152 13.04 4.84 -4.00
CA CYS A 152 13.78 5.09 -5.22
C CYS A 152 15.30 4.93 -5.05
N ASN A 153 15.79 4.97 -3.81
CA ASN A 153 17.23 4.83 -3.53
C ASN A 153 17.70 3.41 -3.83
N LEU A 154 16.88 2.41 -3.54
CA LEU A 154 17.19 1.00 -3.73
C LEU A 154 17.27 0.74 -5.24
N GLU A 155 18.45 0.33 -5.74
CA GLU A 155 18.72 0.06 -7.14
C GLU A 155 17.68 -0.82 -7.85
N LEU A 156 17.14 -1.84 -7.16
CA LEU A 156 16.13 -2.73 -7.74
C LEU A 156 14.86 -1.94 -8.10
N LEU A 157 14.56 -0.91 -7.30
CA LEU A 157 13.41 -0.01 -7.44
C LEU A 157 13.76 1.31 -8.14
N ALA A 158 15.00 1.47 -8.58
CA ALA A 158 15.49 2.66 -9.27
C ALA A 158 15.09 2.53 -10.75
N LYS A 159 13.81 2.23 -10.96
CA LYS A 159 13.07 2.02 -12.19
C LYS A 159 11.60 2.32 -11.86
N ASN A 160 10.91 2.98 -12.78
CA ASN A 160 9.50 3.36 -12.74
C ASN A 160 9.15 3.82 -14.16
N GLU A 161 7.86 3.99 -14.45
CA GLU A 161 7.40 4.43 -15.77
C GLU A 161 6.20 5.36 -15.58
N ASP A 162 6.37 6.43 -14.80
CA ASP A 162 5.30 7.39 -14.56
C ASP A 162 4.95 8.10 -15.86
N GLY A 1 16.99 -23.06 -3.61
CA GLY A 1 18.24 -22.73 -4.29
C GLY A 1 18.06 -21.48 -5.14
N ALA A 2 19.13 -20.70 -5.26
CA ALA A 2 19.20 -19.45 -6.01
C ALA A 2 20.10 -19.61 -7.24
N SER A 3 20.03 -18.67 -8.17
CA SER A 3 20.83 -18.67 -9.40
C SER A 3 22.05 -17.76 -9.24
N ASN A 4 21.97 -16.69 -8.44
CA ASN A 4 23.05 -15.76 -8.18
C ASN A 4 22.91 -15.31 -6.74
N SER A 5 23.93 -15.56 -5.91
CA SER A 5 23.93 -15.18 -4.50
C SER A 5 23.64 -13.69 -4.32
N GLU A 6 24.41 -12.86 -5.02
CA GLU A 6 24.32 -11.42 -4.99
C GLU A 6 22.89 -10.95 -5.28
N LYS A 7 22.25 -11.50 -6.32
CA LYS A 7 20.87 -11.13 -6.69
C LYS A 7 19.93 -11.38 -5.52
N THR A 8 19.97 -12.59 -4.95
CA THR A 8 19.10 -12.91 -3.82
C THR A 8 19.40 -12.01 -2.61
N ALA A 9 20.68 -11.73 -2.32
CA ALA A 9 21.05 -10.88 -1.21
C ALA A 9 20.50 -9.47 -1.45
N LEU A 10 20.66 -8.95 -2.67
CA LEU A 10 20.18 -7.64 -3.08
C LEU A 10 18.67 -7.58 -2.87
N LEU A 11 17.93 -8.63 -3.27
CA LEU A 11 16.48 -8.72 -3.11
C LEU A 11 16.11 -8.74 -1.63
N THR A 12 16.65 -9.64 -0.82
CA THR A 12 16.35 -9.73 0.61
C THR A 12 16.66 -8.40 1.31
N LYS A 13 17.81 -7.78 1.00
CA LYS A 13 18.18 -6.51 1.61
C LYS A 13 17.15 -5.47 1.19
N THR A 14 16.85 -5.36 -0.10
CA THR A 14 15.89 -4.42 -0.64
C THR A 14 14.52 -4.60 0.04
N LEU A 15 14.09 -5.83 0.29
CA LEU A 15 12.82 -6.11 0.93
C LEU A 15 12.83 -5.52 2.34
N ASN A 16 13.84 -5.86 3.15
CA ASN A 16 13.97 -5.39 4.52
C ASN A 16 14.00 -3.87 4.57
N GLN A 17 14.84 -3.28 3.72
CA GLN A 17 15.03 -1.84 3.61
C GLN A 17 13.72 -1.16 3.20
N GLY A 18 12.99 -1.75 2.26
CA GLY A 18 11.74 -1.25 1.77
C GLY A 18 10.69 -1.30 2.87
N VAL A 19 10.58 -2.41 3.60
CA VAL A 19 9.63 -2.59 4.69
C VAL A 19 9.83 -1.50 5.76
N LYS A 20 11.06 -1.33 6.28
CA LYS A 20 11.29 -0.28 7.28
C LYS A 20 11.03 1.09 6.69
N THR A 21 11.30 1.26 5.38
CA THR A 21 11.09 2.54 4.73
C THR A 21 9.60 2.85 4.75
N ILE A 22 8.79 1.88 4.34
CA ILE A 22 7.35 2.01 4.30
C ILE A 22 6.83 2.33 5.69
N PHE A 23 7.20 1.54 6.70
CA PHE A 23 6.73 1.80 8.05
C PHE A 23 7.14 3.19 8.52
N ASP A 24 8.32 3.69 8.17
CA ASP A 24 8.77 5.03 8.57
C ASP A 24 7.81 6.06 7.93
N LYS A 25 7.67 5.97 6.61
CA LYS A 25 6.86 6.82 5.73
C LYS A 25 5.35 6.64 5.87
N LEU A 26 4.88 5.91 6.88
CA LEU A 26 3.47 5.68 7.16
C LEU A 26 3.23 5.93 8.63
N ASN A 27 4.22 5.63 9.49
CA ASN A 27 4.07 5.85 10.93
C ASN A 27 3.84 7.35 11.20
N GLU A 28 4.48 8.20 10.38
CA GLU A 28 4.41 9.65 10.44
C GLU A 28 2.98 10.15 10.27
N ARG A 29 2.22 9.64 9.30
CA ARG A 29 0.84 9.99 8.99
C ARG A 29 0.25 8.94 8.06
N CYS A 30 -1.08 8.79 8.10
CA CYS A 30 -1.78 7.85 7.24
C CYS A 30 -1.86 8.46 5.83
N ILE A 31 -2.39 7.68 4.89
CA ILE A 31 -2.58 8.08 3.50
C ILE A 31 -4.00 7.71 3.08
N PHE A 32 -4.57 8.45 2.13
CA PHE A 32 -5.92 8.23 1.65
C PHE A 32 -6.04 8.57 0.16
N TYR A 33 -7.14 8.12 -0.46
CA TYR A 33 -7.44 8.32 -1.86
C TYR A 33 -8.95 8.36 -2.09
N GLN A 34 -9.43 9.40 -2.77
CA GLN A 34 -10.83 9.59 -3.07
C GLN A 34 -11.13 9.03 -4.47
N ALA A 35 -11.75 7.85 -4.49
CA ALA A 35 -12.16 7.14 -5.70
C ALA A 35 -13.59 7.59 -6.01
N GLY A 36 -13.73 8.87 -6.37
CA GLY A 36 -15.01 9.47 -6.70
C GLY A 36 -15.92 9.50 -5.48
N PHE A 37 -17.03 8.77 -5.53
CA PHE A 37 -18.02 8.69 -4.47
C PHE A 37 -17.44 8.07 -3.19
N TRP A 38 -16.53 7.09 -3.28
CA TRP A 38 -15.97 6.44 -2.11
C TRP A 38 -14.54 6.88 -1.90
N ILE A 39 -14.08 6.83 -0.65
CA ILE A 39 -12.74 7.18 -0.24
C ILE A 39 -12.19 5.91 0.38
N TYR A 40 -10.87 5.80 0.31
CA TYR A 40 -10.06 4.72 0.83
C TYR A 40 -9.01 5.34 1.76
N GLU A 41 -8.84 4.78 2.95
CA GLU A 41 -7.90 5.23 3.96
C GLU A 41 -7.07 4.03 4.36
N TYR A 42 -5.76 4.26 4.42
CA TYR A 42 -4.79 3.26 4.80
C TYR A 42 -3.88 3.86 5.88
N CYS A 43 -4.00 3.34 7.09
CA CYS A 43 -3.22 3.79 8.25
C CYS A 43 -2.05 2.83 8.53
N PRO A 44 -0.98 3.25 9.24
CA PRO A 44 0.19 2.43 9.53
C PRO A 44 -0.11 1.18 10.36
N GLY A 45 -0.34 0.05 9.68
CA GLY A 45 -0.63 -1.21 10.33
C GLY A 45 -1.80 -1.11 11.31
N ILE A 46 -2.86 -0.36 10.96
CA ILE A 46 -4.01 -0.21 11.86
C ILE A 46 -5.15 -0.98 11.20
N GLU A 47 -5.62 -0.50 10.06
CA GLU A 47 -6.68 -1.08 9.27
C GLU A 47 -6.73 -0.32 7.96
N PHE A 48 -7.36 -0.94 6.97
CA PHE A 48 -7.57 -0.39 5.65
C PHE A 48 -9.08 -0.39 5.56
N VAL A 49 -9.69 0.78 5.33
CA VAL A 49 -11.14 0.94 5.27
C VAL A 49 -11.54 1.86 4.13
N GLN A 50 -12.78 1.70 3.64
CA GLN A 50 -13.36 2.51 2.60
C GLN A 50 -14.59 3.15 3.22
N PHE A 51 -14.75 4.45 3.04
CA PHE A 51 -15.85 5.23 3.59
C PHE A 51 -16.30 6.37 2.69
N HIS A 52 -17.53 6.84 2.86
CA HIS A 52 -18.03 7.98 2.08
C HIS A 52 -17.63 9.22 2.90
N GLY A 53 -17.35 10.35 2.25
CA GLY A 53 -16.93 11.53 2.96
C GLY A 53 -16.34 12.56 1.98
N ARG A 54 -15.60 13.53 2.51
CA ARG A 54 -14.95 14.58 1.72
C ARG A 54 -13.49 14.65 2.13
N VAL A 55 -12.62 14.98 1.18
CA VAL A 55 -11.18 15.09 1.38
C VAL A 55 -10.65 16.10 0.36
N ASN A 56 -9.44 16.61 0.60
CA ASN A 56 -8.74 17.57 -0.23
C ASN A 56 -7.63 16.80 -0.95
N THR A 57 -7.71 16.53 -2.25
CA THR A 57 -6.63 15.79 -2.90
C THR A 57 -5.32 16.58 -2.82
N LYS A 58 -5.38 17.91 -2.66
CA LYS A 58 -4.22 18.81 -2.57
C LYS A 58 -3.25 18.47 -1.45
N THR A 59 -3.69 17.81 -0.38
CA THR A 59 -2.83 17.46 0.75
C THR A 59 -3.24 16.13 1.38
N GLY A 60 -4.49 15.71 1.20
CA GLY A 60 -5.06 14.49 1.73
C GLY A 60 -5.91 14.80 2.98
N GLU A 61 -6.13 16.07 3.31
CA GLU A 61 -6.90 16.45 4.47
C GLU A 61 -8.36 16.07 4.30
N ILE A 62 -8.83 15.13 5.13
CA ILE A 62 -10.21 14.70 5.13
C ILE A 62 -10.99 15.90 5.73
N VAL A 63 -12.30 15.98 5.47
CA VAL A 63 -13.15 17.07 5.95
C VAL A 63 -14.47 16.54 6.49
N ASN A 64 -15.00 15.46 5.89
CA ASN A 64 -16.25 14.84 6.27
C ASN A 64 -15.91 13.36 6.36
N ARG A 65 -16.16 12.75 7.51
CA ARG A 65 -15.87 11.33 7.80
C ARG A 65 -16.97 10.70 8.65
N ASP A 66 -18.21 10.80 8.17
CA ASP A 66 -19.41 10.26 8.81
C ASP A 66 -19.28 8.75 8.97
N GLU A 67 -19.35 8.26 10.21
CA GLU A 67 -19.22 6.85 10.55
C GLU A 67 -20.39 5.95 10.10
N SER A 68 -21.41 6.49 9.42
CA SER A 68 -22.55 5.68 8.97
C SER A 68 -22.25 4.92 7.67
N LEU A 69 -21.14 5.21 6.99
CA LEU A 69 -20.75 4.55 5.75
C LEU A 69 -19.26 4.23 5.81
N VAL A 70 -18.87 3.17 6.52
CA VAL A 70 -17.49 2.73 6.70
C VAL A 70 -17.43 1.21 6.65
N TYR A 71 -16.46 0.65 5.92
CA TYR A 71 -16.24 -0.78 5.77
C TYR A 71 -14.86 -1.19 6.29
N ARG A 72 -14.51 -2.49 6.30
CA ARG A 72 -13.21 -3.01 6.75
C ARG A 72 -12.71 -3.91 5.63
N LEU A 73 -11.55 -3.56 5.10
CA LEU A 73 -10.89 -4.26 4.00
C LEU A 73 -9.85 -5.22 4.56
N GLY A 74 -8.80 -4.66 5.15
CA GLY A 74 -7.71 -5.40 5.73
C GLY A 74 -7.45 -4.98 7.16
N LYS A 75 -6.99 -5.93 7.97
CA LYS A 75 -6.66 -5.77 9.37
C LYS A 75 -5.21 -6.22 9.58
N PRO A 76 -4.26 -5.33 9.32
CA PRO A 76 -2.86 -5.64 9.49
C PRO A 76 -2.49 -5.63 10.97
N LYS A 77 -1.26 -6.02 11.24
CA LYS A 77 -0.72 -6.07 12.58
C LYS A 77 0.00 -4.77 12.92
N ALA A 78 0.20 -4.54 14.20
CA ALA A 78 0.87 -3.35 14.72
C ALA A 78 2.39 -3.44 14.65
N ASN A 79 2.94 -4.66 14.61
CA ASN A 79 4.38 -4.90 14.56
C ASN A 79 4.73 -5.49 13.21
N VAL A 80 5.92 -5.18 12.71
CA VAL A 80 6.38 -5.64 11.42
C VAL A 80 6.70 -7.14 11.41
N GLU A 81 7.17 -7.68 12.54
CA GLU A 81 7.56 -9.09 12.66
C GLU A 81 6.36 -10.03 12.70
N GLU A 82 5.16 -9.47 12.91
CA GLU A 82 3.93 -10.25 12.94
C GLU A 82 3.39 -10.47 11.52
N ARG A 83 3.84 -9.66 10.55
CA ARG A 83 3.44 -9.74 9.14
C ARG A 83 4.59 -10.19 8.25
N GLU A 84 4.30 -10.45 6.98
CA GLU A 84 5.28 -10.90 5.98
C GLU A 84 5.02 -10.20 4.66
N PHE A 85 5.99 -9.40 4.21
CA PHE A 85 5.93 -8.66 2.95
C PHE A 85 6.67 -9.51 1.91
N GLU A 86 6.39 -9.29 0.62
CA GLU A 86 6.98 -10.07 -0.46
C GLU A 86 7.55 -9.17 -1.55
N LEU A 87 8.84 -9.37 -1.91
CA LEU A 87 9.50 -8.60 -2.95
C LEU A 87 9.34 -9.27 -4.31
N LEU A 88 8.42 -8.76 -5.14
CA LEU A 88 8.10 -9.25 -6.48
C LEU A 88 8.48 -8.15 -7.49
N TYR A 89 8.36 -8.43 -8.77
CA TYR A 89 8.67 -7.46 -9.83
C TYR A 89 7.69 -7.64 -10.97
N ASP A 90 7.62 -6.64 -11.83
CA ASP A 90 6.74 -6.57 -12.98
C ASP A 90 7.48 -6.01 -14.21
N ASP A 91 6.77 -5.83 -15.30
CA ASP A 91 7.26 -5.34 -16.60
C ASP A 91 7.69 -3.87 -16.61
N VAL A 92 7.67 -3.22 -15.46
CA VAL A 92 8.05 -1.85 -15.25
C VAL A 92 9.20 -1.92 -14.27
N GLY A 93 9.00 -2.39 -13.04
CA GLY A 93 10.09 -2.45 -12.09
C GLY A 93 9.79 -3.38 -10.94
N TYR A 94 10.52 -3.19 -9.86
CA TYR A 94 10.38 -3.99 -8.66
C TYR A 94 9.37 -3.30 -7.76
N TYR A 95 8.82 -4.05 -6.81
CA TYR A 95 7.84 -3.54 -5.85
C TYR A 95 7.70 -4.53 -4.69
N ILE A 96 6.98 -4.19 -3.62
CA ILE A 96 6.74 -5.09 -2.51
C ILE A 96 5.23 -5.21 -2.44
N SER A 97 4.72 -6.42 -2.31
CA SER A 97 3.31 -6.69 -2.21
C SER A 97 2.99 -7.18 -0.81
N GLU A 98 1.96 -6.57 -0.25
CA GLU A 98 1.44 -6.89 1.07
C GLU A 98 -0.07 -6.99 0.94
N ILE A 99 -0.60 -8.21 1.08
CA ILE A 99 -2.03 -8.45 1.00
C ILE A 99 -2.53 -8.47 2.44
N ILE A 100 -3.61 -7.75 2.70
CA ILE A 100 -4.21 -7.63 4.02
C ILE A 100 -5.67 -8.04 3.99
N GLY A 101 -5.97 -9.17 4.64
CA GLY A 101 -7.30 -9.72 4.78
C GLY A 101 -7.81 -9.43 6.20
N SER A 102 -8.78 -10.21 6.65
CA SER A 102 -9.45 -10.14 7.94
C SER A 102 -10.36 -8.90 8.05
N GLY A 103 -10.90 -8.42 6.93
CA GLY A 103 -11.80 -7.29 6.89
C GLY A 103 -13.14 -7.90 7.25
N ASP A 104 -13.88 -8.34 6.24
CA ASP A 104 -15.18 -8.98 6.36
C ASP A 104 -15.38 -9.81 5.09
N ILE A 105 -16.36 -10.71 5.09
CA ILE A 105 -16.73 -11.58 3.99
C ILE A 105 -17.85 -10.91 3.21
N CYS A 106 -17.83 -11.12 1.90
CA CYS A 106 -18.81 -10.61 0.96
C CYS A 106 -19.64 -11.80 0.53
N ASP A 107 -20.82 -12.03 1.09
CA ASP A 107 -21.62 -13.20 0.69
C ASP A 107 -22.05 -13.12 -0.79
N VAL A 108 -21.80 -12.00 -1.46
CA VAL A 108 -22.07 -11.75 -2.88
C VAL A 108 -21.22 -12.72 -3.70
N THR A 109 -19.98 -12.98 -3.28
CA THR A 109 -19.04 -13.87 -3.95
C THR A 109 -18.65 -15.02 -3.02
N GLY A 110 -18.59 -14.73 -1.73
CA GLY A 110 -18.22 -15.69 -0.69
C GLY A 110 -16.71 -15.66 -0.50
N ALA A 111 -16.10 -14.49 -0.69
CA ALA A 111 -14.68 -14.25 -0.55
C ALA A 111 -14.45 -13.22 0.57
N GLU A 112 -13.20 -12.84 0.78
CA GLU A 112 -12.80 -11.88 1.79
C GLU A 112 -12.51 -10.51 1.14
N ARG A 113 -12.78 -9.44 1.88
CA ARG A 113 -12.58 -8.02 1.55
C ARG A 113 -11.10 -7.63 1.60
N MET A 114 -10.19 -8.56 1.32
CA MET A 114 -8.77 -8.28 1.46
C MET A 114 -8.28 -7.36 0.36
N VAL A 115 -7.25 -6.59 0.68
CA VAL A 115 -6.66 -5.61 -0.19
C VAL A 115 -5.18 -5.90 -0.42
N GLU A 116 -4.65 -5.55 -1.59
CA GLU A 116 -3.25 -5.74 -1.95
C GLU A 116 -2.67 -4.34 -2.12
N ILE A 117 -1.52 -4.09 -1.48
CA ILE A 117 -0.83 -2.81 -1.51
C ILE A 117 0.53 -3.04 -2.16
N GLN A 118 0.70 -2.47 -3.36
CA GLN A 118 1.92 -2.59 -4.15
C GLN A 118 2.79 -1.34 -3.89
N TYR A 119 3.92 -1.48 -3.17
CA TYR A 119 4.85 -0.38 -2.86
C TYR A 119 5.89 -0.20 -3.95
N VAL A 120 5.95 0.99 -4.56
CA VAL A 120 6.86 1.38 -5.63
C VAL A 120 7.53 2.72 -5.33
N CYS A 121 8.62 3.03 -6.04
CA CYS A 121 9.36 4.28 -5.92
C CYS A 121 8.54 5.33 -6.68
N GLY A 122 8.44 6.56 -6.14
CA GLY A 122 7.72 7.64 -6.81
C GLY A 122 8.70 8.48 -7.62
N GLY A 123 8.20 9.50 -8.32
CA GLY A 123 9.02 10.40 -9.12
C GLY A 123 9.52 11.58 -8.32
N SER A 124 8.67 12.13 -7.44
CA SER A 124 9.05 13.26 -6.61
C SER A 124 9.80 12.73 -5.40
N ASN A 125 11.13 12.71 -5.48
CA ASN A 125 12.00 12.23 -4.40
C ASN A 125 12.12 13.28 -3.29
N SER A 126 11.04 13.98 -2.94
CA SER A 126 11.07 15.01 -1.91
C SER A 126 9.71 15.31 -1.26
N GLY A 127 8.79 14.34 -1.25
CA GLY A 127 7.45 14.53 -0.67
C GLY A 127 6.99 13.33 0.15
N PRO A 128 5.82 13.40 0.79
CA PRO A 128 5.26 12.32 1.59
C PRO A 128 4.65 11.21 0.72
N SER A 129 4.41 10.05 1.33
CA SER A 129 3.82 8.91 0.69
C SER A 129 2.36 9.26 0.47
N THR A 130 1.73 8.56 -0.46
CA THR A 130 0.34 8.70 -0.84
C THR A 130 0.00 7.54 -1.77
N ILE A 131 -1.30 7.26 -1.93
CA ILE A 131 -1.75 6.21 -2.81
C ILE A 131 -1.76 6.79 -4.23
N GLN A 132 -1.17 6.07 -5.17
CA GLN A 132 -1.11 6.46 -6.58
C GLN A 132 -2.48 6.32 -7.22
N TRP A 133 -3.02 5.11 -7.20
CA TRP A 133 -4.31 4.76 -7.76
C TRP A 133 -4.96 3.73 -6.86
N VAL A 134 -6.26 3.54 -7.09
CA VAL A 134 -7.13 2.62 -6.38
C VAL A 134 -8.10 2.11 -7.41
N ARG A 135 -8.23 0.80 -7.51
CA ARG A 135 -9.17 0.17 -8.43
C ARG A 135 -9.65 -1.08 -7.74
N GLU A 136 -10.95 -1.15 -7.48
CA GLU A 136 -11.60 -2.29 -6.87
C GLU A 136 -11.68 -3.25 -8.05
N THR A 137 -10.65 -4.07 -8.18
CA THR A 137 -10.47 -5.05 -9.24
C THR A 137 -11.61 -6.04 -9.34
N LYS A 138 -11.95 -6.68 -8.23
CA LYS A 138 -13.04 -7.64 -8.16
C LYS A 138 -14.10 -7.10 -7.22
N ILE A 139 -15.21 -7.83 -7.09
CA ILE A 139 -16.30 -7.43 -6.19
C ILE A 139 -15.79 -7.40 -4.74
N CYS A 140 -14.81 -8.25 -4.42
CA CYS A 140 -14.24 -8.35 -3.07
C CYS A 140 -12.73 -8.12 -2.99
N VAL A 141 -11.99 -8.35 -4.08
CA VAL A 141 -10.54 -8.14 -4.11
C VAL A 141 -10.35 -6.70 -4.55
N TYR A 142 -9.45 -5.99 -3.89
CA TYR A 142 -9.13 -4.59 -4.16
C TYR A 142 -7.60 -4.49 -4.24
N GLU A 143 -7.10 -3.66 -5.15
CA GLU A 143 -5.69 -3.43 -5.38
C GLU A 143 -5.42 -1.93 -5.32
N ALA A 144 -4.30 -1.55 -4.71
CA ALA A 144 -3.84 -0.18 -4.55
C ALA A 144 -2.32 -0.13 -4.75
N GLN A 145 -1.81 1.05 -5.06
CA GLN A 145 -0.38 1.28 -5.27
C GLN A 145 0.01 2.49 -4.44
N VAL A 146 1.17 2.45 -3.80
CA VAL A 146 1.68 3.52 -2.95
C VAL A 146 3.03 3.97 -3.49
N THR A 147 3.39 5.25 -3.38
CA THR A 147 4.66 5.78 -3.87
C THR A 147 5.43 6.39 -2.72
N ILE A 148 6.71 6.00 -2.61
CA ILE A 148 7.60 6.50 -1.56
C ILE A 148 8.92 6.93 -2.20
N PRO A 149 9.50 8.08 -1.78
CA PRO A 149 10.76 8.55 -2.33
C PRO A 149 11.95 7.75 -1.81
N GLU A 150 12.02 7.48 -0.50
CA GLU A 150 13.10 6.74 0.15
C GLU A 150 13.38 5.38 -0.49
N LEU A 151 12.40 4.76 -1.15
CA LEU A 151 12.58 3.47 -1.80
C LEU A 151 13.53 3.54 -2.99
N CYS A 152 13.52 4.64 -3.73
CA CYS A 152 14.33 4.85 -4.91
C CYS A 152 15.84 4.73 -4.67
N ASN A 153 16.30 4.80 -3.42
CA ASN A 153 17.71 4.67 -3.07
C ASN A 153 18.21 3.26 -3.42
N LEU A 154 17.31 2.28 -3.38
CA LEU A 154 17.56 0.88 -3.68
C LEU A 154 17.54 0.77 -5.20
N GLU A 155 18.68 0.46 -5.83
CA GLU A 155 18.83 0.33 -7.29
C GLU A 155 17.77 -0.55 -7.95
N LEU A 156 17.26 -1.56 -7.25
CA LEU A 156 16.23 -2.45 -7.76
C LEU A 156 14.94 -1.64 -8.04
N LEU A 157 14.65 -0.64 -7.20
CA LEU A 157 13.48 0.24 -7.26
C LEU A 157 13.73 1.56 -7.98
N ALA A 158 14.91 1.78 -8.54
CA ALA A 158 15.32 2.97 -9.28
C ALA A 158 14.63 2.98 -10.65
N LYS A 159 13.29 2.98 -10.63
CA LYS A 159 12.37 2.95 -11.75
C LYS A 159 11.26 3.99 -11.52
N ASN A 160 10.67 4.49 -12.60
CA ASN A 160 9.59 5.50 -12.65
C ASN A 160 9.96 6.76 -11.85
N GLU A 161 11.25 7.07 -11.92
CA GLU A 161 11.97 8.16 -11.29
C GLU A 161 12.48 9.18 -12.32
N ASP A 162 12.27 8.91 -13.60
CA ASP A 162 12.68 9.79 -14.70
C ASP A 162 11.59 10.84 -14.87
N GLY A 1 32.74 -21.66 -2.38
CA GLY A 1 32.08 -21.07 -3.55
C GLY A 1 30.70 -20.57 -3.15
N ALA A 2 30.03 -19.84 -4.02
CA ALA A 2 28.69 -19.29 -3.80
C ALA A 2 27.93 -19.45 -5.11
N SER A 3 26.61 -19.32 -5.07
CA SER A 3 25.75 -19.46 -6.23
C SER A 3 24.65 -18.40 -6.12
N ASN A 4 24.75 -17.33 -6.92
CA ASN A 4 23.80 -16.21 -6.97
C ASN A 4 23.58 -15.46 -5.65
N SER A 5 24.40 -15.71 -4.63
CA SER A 5 24.33 -15.07 -3.32
C SER A 5 24.25 -13.55 -3.43
N GLU A 6 25.14 -12.94 -4.22
CA GLU A 6 25.17 -11.50 -4.41
C GLU A 6 23.88 -10.94 -5.05
N LYS A 7 23.04 -11.78 -5.65
CA LYS A 7 21.77 -11.37 -6.27
C LYS A 7 20.70 -11.47 -5.18
N THR A 8 20.58 -12.64 -4.54
CA THR A 8 19.60 -12.86 -3.48
C THR A 8 19.82 -11.87 -2.33
N ALA A 9 21.06 -11.52 -2.00
CA ALA A 9 21.37 -10.58 -0.94
C ALA A 9 20.79 -9.20 -1.28
N LEU A 10 20.97 -8.72 -2.51
CA LEU A 10 20.43 -7.41 -2.91
C LEU A 10 18.90 -7.44 -2.77
N LEU A 11 18.25 -8.54 -3.17
CA LEU A 11 16.81 -8.70 -3.06
C LEU A 11 16.43 -8.59 -1.58
N THR A 12 17.05 -9.40 -0.73
CA THR A 12 16.82 -9.42 0.72
C THR A 12 16.99 -8.04 1.33
N LYS A 13 18.06 -7.31 0.95
CA LYS A 13 18.33 -5.98 1.44
C LYS A 13 17.21 -5.06 1.02
N THR A 14 16.86 -5.05 -0.26
CA THR A 14 15.81 -4.23 -0.82
C THR A 14 14.48 -4.47 -0.11
N LEU A 15 14.10 -5.73 0.17
CA LEU A 15 12.84 -6.00 0.85
C LEU A 15 12.87 -5.35 2.24
N ASN A 16 13.89 -5.66 3.04
CA ASN A 16 14.05 -5.15 4.39
C ASN A 16 14.02 -3.62 4.41
N GLN A 17 14.85 -3.00 3.57
CA GLN A 17 14.96 -1.55 3.43
C GLN A 17 13.59 -0.99 3.11
N GLY A 18 12.92 -1.55 2.12
CA GLY A 18 11.61 -1.14 1.68
C GLY A 18 10.59 -1.19 2.80
N VAL A 19 10.49 -2.31 3.51
CA VAL A 19 9.56 -2.51 4.61
C VAL A 19 9.80 -1.47 5.71
N LYS A 20 11.03 -1.33 6.20
CA LYS A 20 11.28 -0.33 7.25
C LYS A 20 11.03 1.07 6.71
N THR A 21 11.26 1.31 5.42
CA THR A 21 11.06 2.61 4.83
C THR A 21 9.57 2.95 4.87
N ILE A 22 8.73 1.98 4.48
CA ILE A 22 7.29 2.14 4.46
C ILE A 22 6.83 2.51 5.87
N PHE A 23 7.19 1.71 6.86
CA PHE A 23 6.79 1.99 8.24
C PHE A 23 7.33 3.34 8.72
N ASP A 24 8.56 3.70 8.33
CA ASP A 24 9.20 4.96 8.71
C ASP A 24 8.36 6.13 8.19
N LYS A 25 7.90 6.05 6.94
CA LYS A 25 7.10 7.08 6.29
C LYS A 25 5.61 7.05 6.66
N LEU A 26 5.04 5.95 7.17
CA LEU A 26 3.61 5.88 7.48
C LEU A 26 3.32 6.08 8.95
N ASN A 27 4.28 5.78 9.80
CA ASN A 27 4.10 5.97 11.23
C ASN A 27 3.80 7.45 11.52
N GLU A 28 4.17 8.33 10.60
CA GLU A 28 3.99 9.78 10.62
C GLU A 28 2.51 10.15 10.42
N ARG A 29 1.82 9.53 9.44
CA ARG A 29 0.40 9.75 9.13
C ARG A 29 -0.19 8.63 8.29
N CYS A 30 -1.49 8.43 8.41
CA CYS A 30 -2.18 7.44 7.58
C CYS A 30 -2.29 8.12 6.22
N ILE A 31 -2.50 7.35 5.16
CA ILE A 31 -2.63 7.88 3.80
C ILE A 31 -4.02 7.53 3.30
N PHE A 32 -4.54 8.31 2.36
CA PHE A 32 -5.87 8.11 1.81
C PHE A 32 -5.93 8.51 0.35
N TYR A 33 -7.01 8.09 -0.31
CA TYR A 33 -7.29 8.34 -1.71
C TYR A 33 -8.79 8.38 -1.93
N GLN A 34 -9.26 9.37 -2.67
CA GLN A 34 -10.66 9.54 -3.00
C GLN A 34 -10.94 8.96 -4.37
N ALA A 35 -11.58 7.80 -4.40
CA ALA A 35 -11.98 7.10 -5.61
C ALA A 35 -13.35 7.63 -6.02
N GLY A 36 -13.39 8.90 -6.45
CA GLY A 36 -14.61 9.54 -6.88
C GLY A 36 -15.53 9.76 -5.68
N PHE A 37 -16.67 9.09 -5.67
CA PHE A 37 -17.67 9.14 -4.62
C PHE A 37 -17.17 8.53 -3.30
N TRP A 38 -16.32 7.50 -3.35
CA TRP A 38 -15.84 6.81 -2.15
C TRP A 38 -14.40 7.17 -1.84
N ILE A 39 -13.97 6.89 -0.61
CA ILE A 39 -12.62 7.16 -0.13
C ILE A 39 -12.11 5.90 0.53
N TYR A 40 -10.80 5.74 0.45
CA TYR A 40 -10.02 4.64 0.98
C TYR A 40 -8.92 5.22 1.87
N GLU A 41 -8.77 4.72 3.10
CA GLU A 41 -7.80 5.15 4.10
C GLU A 41 -7.00 3.94 4.58
N TYR A 42 -5.67 4.07 4.56
CA TYR A 42 -4.70 3.06 4.99
C TYR A 42 -3.79 3.66 6.05
N CYS A 43 -3.83 3.09 7.26
CA CYS A 43 -3.03 3.50 8.41
C CYS A 43 -1.81 2.59 8.59
N PRO A 44 -0.75 3.03 9.30
CA PRO A 44 0.48 2.25 9.53
C PRO A 44 0.25 0.96 10.34
N GLY A 45 -0.08 -0.14 9.64
CA GLY A 45 -0.31 -1.43 10.25
C GLY A 45 -1.41 -1.38 11.30
N ILE A 46 -2.55 -0.74 11.00
CA ILE A 46 -3.66 -0.64 11.94
C ILE A 46 -4.87 -1.33 11.33
N GLU A 47 -5.40 -0.75 10.26
CA GLU A 47 -6.56 -1.20 9.51
C GLU A 47 -6.57 -0.45 8.18
N PHE A 48 -7.29 -1.01 7.21
CA PHE A 48 -7.50 -0.43 5.90
C PHE A 48 -9.02 -0.37 5.81
N VAL A 49 -9.60 0.82 5.68
CA VAL A 49 -11.05 1.03 5.62
C VAL A 49 -11.45 1.91 4.42
N GLN A 50 -12.69 1.77 3.96
CA GLN A 50 -13.28 2.53 2.87
C GLN A 50 -14.58 3.14 3.40
N PHE A 51 -14.75 4.45 3.26
CA PHE A 51 -15.92 5.21 3.73
C PHE A 51 -16.28 6.38 2.82
N HIS A 52 -17.53 6.85 2.91
CA HIS A 52 -17.97 8.01 2.13
C HIS A 52 -17.65 9.25 2.98
N GLY A 53 -17.45 10.39 2.32
CA GLY A 53 -17.10 11.64 2.97
C GLY A 53 -16.54 12.61 1.94
N ARG A 54 -15.88 13.66 2.41
CA ARG A 54 -15.26 14.71 1.61
C ARG A 54 -13.80 14.80 2.08
N VAL A 55 -12.88 14.97 1.15
CA VAL A 55 -11.44 15.09 1.38
C VAL A 55 -10.93 16.06 0.32
N ASN A 56 -9.90 16.84 0.64
CA ASN A 56 -9.30 17.78 -0.29
C ASN A 56 -8.26 16.95 -1.04
N THR A 57 -8.56 16.41 -2.22
CA THR A 57 -7.57 15.61 -2.99
C THR A 57 -6.25 16.39 -3.20
N LYS A 58 -6.34 17.72 -3.16
CA LYS A 58 -5.30 18.72 -3.30
C LYS A 58 -4.18 18.64 -2.26
N THR A 59 -4.44 18.03 -1.10
CA THR A 59 -3.46 17.88 -0.01
C THR A 59 -3.63 16.51 0.69
N GLY A 60 -4.82 15.91 0.62
CA GLY A 60 -5.18 14.61 1.18
C GLY A 60 -5.96 14.77 2.48
N GLU A 61 -6.13 15.99 2.96
CA GLU A 61 -6.81 16.30 4.20
C GLU A 61 -8.31 16.06 4.12
N ILE A 62 -8.78 15.11 4.92
CA ILE A 62 -10.19 14.74 5.02
C ILE A 62 -10.88 15.98 5.61
N VAL A 63 -12.07 16.29 5.11
CA VAL A 63 -12.88 17.43 5.54
C VAL A 63 -13.95 16.92 6.51
N ASN A 64 -14.57 15.79 6.18
CA ASN A 64 -15.60 15.13 6.95
C ASN A 64 -15.80 13.73 6.37
N ARG A 65 -16.41 12.85 7.16
CA ARG A 65 -16.70 11.46 6.84
C ARG A 65 -17.97 11.10 7.62
N ASP A 66 -18.58 9.96 7.32
CA ASP A 66 -19.80 9.50 7.99
C ASP A 66 -19.54 8.14 8.62
N GLU A 67 -20.28 7.80 9.68
CA GLU A 67 -20.15 6.51 10.38
C GLU A 67 -21.15 5.48 9.81
N SER A 68 -22.10 5.91 8.98
CA SER A 68 -23.11 5.02 8.41
C SER A 68 -22.62 4.27 7.17
N LEU A 69 -21.63 4.81 6.45
CA LEU A 69 -21.07 4.23 5.22
C LEU A 69 -19.60 3.91 5.45
N VAL A 70 -19.28 2.78 6.10
CA VAL A 70 -17.90 2.37 6.38
C VAL A 70 -17.76 0.85 6.23
N TYR A 71 -16.63 0.38 5.70
CA TYR A 71 -16.30 -1.04 5.52
C TYR A 71 -14.81 -1.26 5.86
N ARG A 72 -14.40 -2.50 6.18
CA ARG A 72 -13.00 -2.82 6.50
C ARG A 72 -12.47 -3.78 5.43
N LEU A 73 -11.36 -3.42 4.80
CA LEU A 73 -10.72 -4.20 3.75
C LEU A 73 -9.82 -5.25 4.38
N GLY A 74 -8.80 -4.80 5.11
CA GLY A 74 -7.86 -5.68 5.75
C GLY A 74 -7.50 -5.18 7.13
N LYS A 75 -7.01 -6.11 7.96
CA LYS A 75 -6.60 -5.86 9.34
C LYS A 75 -5.17 -6.35 9.51
N PRO A 76 -4.16 -5.51 9.27
CA PRO A 76 -2.75 -5.87 9.43
C PRO A 76 -2.41 -5.91 10.92
N LYS A 77 -1.16 -6.28 11.25
CA LYS A 77 -0.72 -6.35 12.65
C LYS A 77 -0.09 -5.05 13.10
N ALA A 78 -0.13 -4.84 14.41
CA ALA A 78 0.40 -3.65 15.08
C ALA A 78 1.92 -3.61 15.12
N ASN A 79 2.56 -4.78 15.03
CA ASN A 79 4.02 -4.95 15.05
C ASN A 79 4.47 -5.36 13.66
N VAL A 80 5.70 -4.98 13.28
CA VAL A 80 6.24 -5.31 11.97
C VAL A 80 6.63 -6.78 11.89
N GLU A 81 7.09 -7.40 12.98
CA GLU A 81 7.52 -8.79 12.94
C GLU A 81 6.36 -9.78 12.82
N GLU A 82 5.18 -9.34 13.22
CA GLU A 82 3.97 -10.14 13.18
C GLU A 82 3.37 -10.20 11.77
N ARG A 83 3.75 -9.28 10.86
CA ARG A 83 3.28 -9.23 9.47
C ARG A 83 4.31 -9.81 8.52
N GLU A 84 3.97 -9.89 7.23
CA GLU A 84 4.84 -10.42 6.17
C GLU A 84 4.55 -9.64 4.88
N PHE A 85 5.60 -9.28 4.16
CA PHE A 85 5.64 -8.56 2.87
C PHE A 85 6.48 -9.39 1.91
N GLU A 86 6.34 -9.19 0.60
CA GLU A 86 7.08 -9.93 -0.42
C GLU A 86 7.60 -9.02 -1.53
N LEU A 87 8.88 -9.18 -1.86
CA LEU A 87 9.58 -8.43 -2.90
C LEU A 87 9.35 -9.14 -4.23
N LEU A 88 8.43 -8.58 -5.02
CA LEU A 88 8.02 -9.07 -6.32
C LEU A 88 8.45 -8.07 -7.40
N TYR A 89 8.13 -8.39 -8.65
CA TYR A 89 8.43 -7.54 -9.79
C TYR A 89 7.42 -7.82 -10.88
N ASP A 90 7.24 -6.87 -11.79
CA ASP A 90 6.36 -6.88 -12.94
C ASP A 90 7.16 -6.35 -14.13
N ASP A 91 6.54 -6.15 -15.29
CA ASP A 91 7.24 -5.65 -16.48
C ASP A 91 7.76 -4.22 -16.34
N VAL A 92 7.18 -3.43 -15.43
CA VAL A 92 7.61 -2.06 -15.19
C VAL A 92 8.86 -2.12 -14.34
N GLY A 93 8.79 -2.82 -13.21
CA GLY A 93 9.93 -2.92 -12.32
C GLY A 93 9.63 -3.73 -11.08
N TYR A 94 10.48 -3.58 -10.08
CA TYR A 94 10.32 -4.29 -8.82
C TYR A 94 9.35 -3.52 -7.94
N TYR A 95 8.76 -4.20 -6.96
CA TYR A 95 7.80 -3.61 -6.03
C TYR A 95 7.57 -4.56 -4.84
N ILE A 96 6.96 -4.10 -3.75
CA ILE A 96 6.67 -4.95 -2.61
C ILE A 96 5.16 -5.11 -2.61
N SER A 97 4.72 -6.33 -2.39
CA SER A 97 3.34 -6.72 -2.36
C SER A 97 2.96 -7.06 -0.93
N GLU A 98 2.05 -6.29 -0.37
CA GLU A 98 1.53 -6.45 0.99
C GLU A 98 0.05 -6.77 0.83
N ILE A 99 -0.36 -8.02 1.11
CA ILE A 99 -1.77 -8.38 1.03
C ILE A 99 -2.28 -8.34 2.47
N ILE A 100 -3.51 -7.84 2.64
CA ILE A 100 -4.15 -7.70 3.93
C ILE A 100 -5.59 -8.15 3.86
N GLY A 101 -5.86 -9.31 4.46
CA GLY A 101 -7.17 -9.89 4.56
C GLY A 101 -7.69 -9.62 5.96
N SER A 102 -8.64 -10.43 6.41
CA SER A 102 -9.23 -10.29 7.74
C SER A 102 -10.08 -9.02 7.85
N GLY A 103 -10.75 -8.65 6.75
CA GLY A 103 -11.64 -7.51 6.68
C GLY A 103 -12.99 -8.08 7.06
N ASP A 104 -13.75 -8.42 6.03
CA ASP A 104 -15.08 -9.00 6.10
C ASP A 104 -15.27 -9.88 4.85
N ILE A 105 -16.33 -10.66 4.80
CA ILE A 105 -16.71 -11.53 3.71
C ILE A 105 -17.80 -10.83 2.91
N CYS A 106 -17.58 -10.63 1.61
CA CYS A 106 -18.57 -10.02 0.75
C CYS A 106 -19.36 -11.25 0.30
N ASP A 107 -20.46 -11.56 1.00
CA ASP A 107 -21.29 -12.73 0.69
C ASP A 107 -21.83 -12.71 -0.73
N VAL A 108 -21.77 -11.57 -1.42
CA VAL A 108 -22.20 -11.43 -2.81
C VAL A 108 -21.43 -12.43 -3.67
N THR A 109 -20.15 -12.69 -3.34
CA THR A 109 -19.30 -13.65 -4.02
C THR A 109 -18.93 -14.80 -3.09
N GLY A 110 -18.99 -14.52 -1.79
CA GLY A 110 -18.68 -15.50 -0.77
C GLY A 110 -17.17 -15.58 -0.57
N ALA A 111 -16.46 -14.47 -0.71
CA ALA A 111 -15.02 -14.36 -0.58
C ALA A 111 -14.64 -13.21 0.36
N GLU A 112 -13.36 -13.15 0.74
CA GLU A 112 -12.83 -12.12 1.64
C GLU A 112 -12.48 -10.81 0.93
N ARG A 113 -12.69 -9.71 1.66
CA ARG A 113 -12.46 -8.31 1.32
C ARG A 113 -10.99 -7.92 1.38
N MET A 114 -10.07 -8.85 1.14
CA MET A 114 -8.67 -8.56 1.30
C MET A 114 -8.15 -7.65 0.21
N VAL A 115 -7.22 -6.78 0.63
CA VAL A 115 -6.61 -5.78 -0.22
C VAL A 115 -5.15 -6.09 -0.48
N GLU A 116 -4.64 -5.57 -1.58
CA GLU A 116 -3.28 -5.71 -2.05
C GLU A 116 -2.72 -4.32 -2.22
N ILE A 117 -1.55 -4.06 -1.63
CA ILE A 117 -0.87 -2.79 -1.67
C ILE A 117 0.48 -3.01 -2.37
N GLN A 118 0.71 -2.33 -3.48
CA GLN A 118 1.94 -2.41 -4.26
C GLN A 118 2.77 -1.15 -3.95
N TYR A 119 3.93 -1.32 -3.30
CA TYR A 119 4.81 -0.21 -2.96
C TYR A 119 5.86 -0.04 -4.04
N VAL A 120 5.85 1.11 -4.72
CA VAL A 120 6.75 1.48 -5.79
C VAL A 120 7.45 2.82 -5.55
N CYS A 121 8.46 3.15 -6.35
CA CYS A 121 9.21 4.40 -6.31
C CYS A 121 8.41 5.41 -7.15
N GLY A 122 8.23 6.65 -6.67
CA GLY A 122 7.49 7.65 -7.43
C GLY A 122 8.44 8.64 -8.13
N GLY A 123 7.96 9.26 -9.20
CA GLY A 123 8.68 10.24 -10.01
C GLY A 123 9.29 11.35 -9.17
N SER A 124 8.47 12.21 -8.56
CA SER A 124 8.92 13.31 -7.71
C SER A 124 9.37 12.73 -6.36
N ASN A 125 10.59 12.19 -6.31
CA ASN A 125 11.25 11.55 -5.17
C ASN A 125 11.62 12.50 -4.01
N SER A 126 10.81 13.50 -3.69
CA SER A 126 11.10 14.43 -2.59
C SER A 126 9.84 14.96 -1.89
N GLY A 127 8.90 14.08 -1.57
CA GLY A 127 7.66 14.44 -0.89
C GLY A 127 7.19 13.31 0.02
N PRO A 128 6.04 13.47 0.69
CA PRO A 128 5.49 12.45 1.57
C PRO A 128 4.88 11.31 0.76
N SER A 129 4.62 10.18 1.41
CA SER A 129 4.02 9.01 0.80
C SER A 129 2.50 9.20 0.73
N THR A 130 1.85 8.58 -0.25
CA THR A 130 0.41 8.66 -0.46
C THR A 130 0.03 7.54 -1.45
N ILE A 131 -1.25 7.21 -1.54
CA ILE A 131 -1.77 6.20 -2.44
C ILE A 131 -1.81 6.84 -3.83
N GLN A 132 -1.26 6.16 -4.83
CA GLN A 132 -1.20 6.57 -6.22
C GLN A 132 -2.58 6.46 -6.86
N TRP A 133 -3.09 5.24 -6.88
CA TRP A 133 -4.36 4.87 -7.44
C TRP A 133 -5.00 3.82 -6.55
N VAL A 134 -6.28 3.57 -6.81
CA VAL A 134 -7.12 2.64 -6.12
C VAL A 134 -8.07 2.05 -7.13
N ARG A 135 -8.31 0.74 -7.08
CA ARG A 135 -9.26 0.12 -7.98
C ARG A 135 -9.73 -1.19 -7.38
N GLU A 136 -11.02 -1.29 -7.10
CA GLU A 136 -11.64 -2.49 -6.57
C GLU A 136 -11.72 -3.33 -7.84
N THR A 137 -10.70 -4.14 -8.08
CA THR A 137 -10.56 -4.97 -9.25
C THR A 137 -11.72 -5.93 -9.43
N LYS A 138 -11.93 -6.82 -8.46
CA LYS A 138 -13.01 -7.78 -8.51
C LYS A 138 -14.15 -7.24 -7.65
N ILE A 139 -15.21 -8.02 -7.44
CA ILE A 139 -16.34 -7.55 -6.63
C ILE A 139 -15.91 -7.26 -5.20
N CYS A 140 -15.14 -8.17 -4.59
CA CYS A 140 -14.68 -8.07 -3.22
C CYS A 140 -13.16 -7.83 -3.09
N VAL A 141 -12.39 -8.07 -4.15
CA VAL A 141 -10.94 -7.91 -4.16
C VAL A 141 -10.61 -6.46 -4.53
N TYR A 142 -9.61 -5.89 -3.88
CA TYR A 142 -9.17 -4.52 -4.08
C TYR A 142 -7.66 -4.50 -4.21
N GLU A 143 -7.16 -3.67 -5.11
CA GLU A 143 -5.75 -3.47 -5.40
C GLU A 143 -5.51 -1.96 -5.33
N ALA A 144 -4.39 -1.55 -4.74
CA ALA A 144 -3.97 -0.18 -4.55
C ALA A 144 -2.45 -0.07 -4.68
N GLN A 145 -1.93 1.13 -4.91
CA GLN A 145 -0.50 1.38 -5.04
C GLN A 145 -0.09 2.60 -4.23
N VAL A 146 1.14 2.63 -3.72
CA VAL A 146 1.71 3.72 -2.93
C VAL A 146 3.04 4.11 -3.57
N THR A 147 3.42 5.40 -3.55
CA THR A 147 4.69 5.88 -4.11
C THR A 147 5.52 6.44 -2.96
N ILE A 148 6.79 6.05 -2.90
CA ILE A 148 7.71 6.51 -1.85
C ILE A 148 9.06 6.93 -2.43
N PRO A 149 9.64 8.05 -1.97
CA PRO A 149 10.93 8.54 -2.45
C PRO A 149 12.10 7.69 -1.98
N GLU A 150 12.11 7.29 -0.70
CA GLU A 150 13.17 6.48 -0.12
C GLU A 150 13.33 5.17 -0.89
N LEU A 151 12.24 4.58 -1.41
CA LEU A 151 12.33 3.32 -2.14
C LEU A 151 13.20 3.46 -3.39
N CYS A 152 13.19 4.62 -4.05
CA CYS A 152 13.98 4.86 -5.26
C CYS A 152 15.49 4.74 -5.04
N ASN A 153 15.95 4.78 -3.78
CA ASN A 153 17.36 4.69 -3.43
C ASN A 153 17.94 3.30 -3.68
N LEU A 154 17.06 2.31 -3.82
CA LEU A 154 17.37 0.91 -4.05
C LEU A 154 17.40 0.72 -5.57
N GLU A 155 18.53 0.28 -6.13
CA GLU A 155 18.73 0.05 -7.57
C GLU A 155 17.62 -0.79 -8.19
N LEU A 156 17.20 -1.84 -7.48
CA LEU A 156 16.15 -2.74 -7.94
C LEU A 156 14.87 -1.97 -8.25
N LEU A 157 14.61 -0.91 -7.48
CA LEU A 157 13.44 -0.03 -7.57
C LEU A 157 13.74 1.30 -8.28
N ALA A 158 14.95 1.48 -8.81
CA ALA A 158 15.35 2.70 -9.50
C ALA A 158 14.74 2.67 -10.92
N LYS A 159 13.47 2.31 -11.05
CA LYS A 159 12.68 2.17 -12.26
C LYS A 159 11.19 2.27 -11.85
N ASN A 160 10.35 2.87 -12.70
CA ASN A 160 8.91 3.06 -12.52
C ASN A 160 8.35 3.53 -13.86
N GLU A 161 7.04 3.73 -13.97
CA GLU A 161 6.30 4.20 -15.17
C GLU A 161 6.39 3.37 -16.46
N ASP A 162 7.41 2.51 -16.62
CA ASP A 162 7.75 1.60 -17.74
C ASP A 162 9.01 2.09 -18.44
N GLY A 1 24.75 -23.69 -3.07
CA GLY A 1 24.74 -22.30 -3.57
C GLY A 1 24.70 -22.21 -5.08
N ALA A 2 24.63 -21.00 -5.61
CA ALA A 2 24.60 -20.67 -7.03
C ALA A 2 25.51 -19.47 -7.26
N SER A 3 25.98 -19.28 -8.49
CA SER A 3 26.87 -18.18 -8.84
C SER A 3 26.22 -16.81 -8.60
N ASN A 4 24.89 -16.72 -8.76
CA ASN A 4 24.15 -15.47 -8.58
C ASN A 4 23.80 -15.18 -7.10
N SER A 5 24.54 -15.68 -6.09
CA SER A 5 24.25 -15.41 -4.68
C SER A 5 24.02 -13.92 -4.41
N GLU A 6 24.84 -13.08 -5.01
CA GLU A 6 24.78 -11.63 -4.87
C GLU A 6 23.42 -11.06 -5.27
N LYS A 7 22.78 -11.57 -6.32
CA LYS A 7 21.46 -11.10 -6.76
C LYS A 7 20.46 -11.38 -5.64
N THR A 8 20.51 -12.57 -5.05
CA THR A 8 19.61 -12.94 -3.97
C THR A 8 19.87 -12.03 -2.77
N ALA A 9 21.14 -11.74 -2.43
CA ALA A 9 21.49 -10.87 -1.31
C ALA A 9 20.91 -9.47 -1.55
N LEU A 10 20.94 -8.98 -2.79
CA LEU A 10 20.40 -7.68 -3.14
C LEU A 10 18.90 -7.71 -2.90
N LEU A 11 18.21 -8.77 -3.33
CA LEU A 11 16.76 -8.90 -3.14
C LEU A 11 16.45 -8.85 -1.64
N THR A 12 17.14 -9.68 -0.87
CA THR A 12 16.98 -9.77 0.57
C THR A 12 17.19 -8.40 1.24
N LYS A 13 18.22 -7.64 0.84
CA LYS A 13 18.47 -6.32 1.41
C LYS A 13 17.37 -5.35 1.02
N THR A 14 17.06 -5.27 -0.26
CA THR A 14 16.05 -4.40 -0.80
C THR A 14 14.71 -4.64 -0.10
N LEU A 15 14.31 -5.89 0.17
CA LEU A 15 13.04 -6.16 0.83
C LEU A 15 13.03 -5.52 2.22
N ASN A 16 14.00 -5.84 3.08
CA ASN A 16 14.08 -5.29 4.45
C ASN A 16 14.13 -3.77 4.44
N GLN A 17 15.02 -3.20 3.63
CA GLN A 17 15.18 -1.75 3.51
C GLN A 17 13.85 -1.12 3.12
N GLY A 18 13.15 -1.72 2.15
CA GLY A 18 11.87 -1.26 1.69
C GLY A 18 10.83 -1.32 2.80
N VAL A 19 10.74 -2.44 3.54
CA VAL A 19 9.79 -2.65 4.62
C VAL A 19 9.99 -1.57 5.69
N LYS A 20 11.21 -1.38 6.21
CA LYS A 20 11.45 -0.34 7.22
C LYS A 20 11.14 1.04 6.64
N THR A 21 11.36 1.23 5.34
CA THR A 21 11.12 2.50 4.71
C THR A 21 9.63 2.79 4.69
N ILE A 22 8.80 1.82 4.26
CA ILE A 22 7.37 1.97 4.18
C ILE A 22 6.82 2.35 5.53
N PHE A 23 7.13 1.53 6.54
CA PHE A 23 6.65 1.76 7.88
C PHE A 23 7.08 3.14 8.37
N ASP A 24 8.32 3.54 8.08
CA ASP A 24 8.80 4.83 8.54
C ASP A 24 8.02 5.99 7.91
N LYS A 25 7.78 5.90 6.61
CA LYS A 25 7.06 6.94 5.88
C LYS A 25 5.56 6.96 6.18
N LEU A 26 5.00 5.92 6.82
CA LEU A 26 3.58 5.87 7.15
C LEU A 26 3.34 6.07 8.63
N ASN A 27 4.30 5.75 9.48
CA ASN A 27 4.18 5.90 10.92
C ASN A 27 3.85 7.35 11.32
N GLU A 28 4.28 8.30 10.50
CA GLU A 28 4.06 9.73 10.69
C GLU A 28 2.58 10.09 10.53
N ARG A 29 1.92 9.58 9.48
CA ARG A 29 0.51 9.83 9.17
C ARG A 29 -0.01 8.76 8.23
N CYS A 30 -1.30 8.47 8.34
CA CYS A 30 -1.97 7.52 7.48
C CYS A 30 -2.16 8.23 6.13
N ILE A 31 -2.43 7.48 5.07
CA ILE A 31 -2.63 8.02 3.73
C ILE A 31 -4.05 7.69 3.29
N PHE A 32 -4.63 8.56 2.47
CA PHE A 32 -6.01 8.40 2.00
C PHE A 32 -6.14 8.86 0.56
N TYR A 33 -7.12 8.32 -0.15
CA TYR A 33 -7.38 8.63 -1.55
C TYR A 33 -8.88 8.67 -1.82
N GLN A 34 -9.36 9.78 -2.36
CA GLN A 34 -10.77 9.93 -2.69
C GLN A 34 -10.95 9.38 -4.11
N ALA A 35 -11.51 8.19 -4.22
CA ALA A 35 -11.79 7.52 -5.48
C ALA A 35 -13.21 7.91 -5.89
N GLY A 36 -13.41 9.18 -6.22
CA GLY A 36 -14.70 9.70 -6.64
C GLY A 36 -15.67 9.73 -5.46
N PHE A 37 -16.75 8.94 -5.53
CA PHE A 37 -17.78 8.89 -4.49
C PHE A 37 -17.25 8.29 -3.19
N TRP A 38 -16.31 7.35 -3.23
CA TRP A 38 -15.77 6.72 -2.03
C TRP A 38 -14.36 7.20 -1.75
N ILE A 39 -13.95 7.03 -0.51
CA ILE A 39 -12.64 7.39 -0.01
C ILE A 39 -12.11 6.10 0.58
N TYR A 40 -10.80 5.98 0.49
CA TYR A 40 -10.00 4.87 0.97
C TYR A 40 -9.00 5.48 1.95
N GLU A 41 -8.81 4.87 3.12
CA GLU A 41 -7.91 5.30 4.19
C GLU A 41 -7.06 4.10 4.62
N TYR A 42 -5.74 4.27 4.58
CA TYR A 42 -4.76 3.25 4.94
C TYR A 42 -3.81 3.80 6.00
N CYS A 43 -3.78 3.16 7.16
CA CYS A 43 -2.95 3.54 8.29
C CYS A 43 -1.72 2.64 8.47
N PRO A 44 -0.68 3.09 9.20
CA PRO A 44 0.54 2.33 9.45
C PRO A 44 0.34 1.12 10.36
N GLY A 45 -0.15 0.01 9.81
CA GLY A 45 -0.38 -1.21 10.56
C GLY A 45 -1.49 -1.03 11.58
N ILE A 46 -2.64 -0.54 11.13
CA ILE A 46 -3.78 -0.33 11.98
C ILE A 46 -4.98 -1.00 11.31
N GLU A 47 -5.43 -0.50 10.17
CA GLU A 47 -6.54 -1.02 9.41
C GLU A 47 -6.66 -0.24 8.09
N PHE A 48 -7.34 -0.87 7.13
CA PHE A 48 -7.63 -0.29 5.82
C PHE A 48 -9.16 -0.18 5.81
N VAL A 49 -9.71 1.02 5.66
CA VAL A 49 -11.16 1.25 5.65
C VAL A 49 -11.57 2.14 4.49
N GLN A 50 -12.82 2.01 4.06
CA GLN A 50 -13.47 2.73 2.97
C GLN A 50 -14.69 3.41 3.56
N PHE A 51 -14.87 4.70 3.30
CA PHE A 51 -15.99 5.49 3.76
C PHE A 51 -16.36 6.55 2.73
N HIS A 52 -17.59 7.04 2.75
CA HIS A 52 -18.05 8.08 1.83
C HIS A 52 -17.74 9.42 2.52
N GLY A 53 -17.55 10.51 1.78
CA GLY A 53 -17.24 11.81 2.37
C GLY A 53 -16.51 12.72 1.39
N ARG A 54 -15.90 13.78 1.91
CA ARG A 54 -15.14 14.76 1.13
C ARG A 54 -13.72 14.89 1.66
N VAL A 55 -12.77 15.22 0.79
CA VAL A 55 -11.36 15.41 1.12
C VAL A 55 -10.87 16.71 0.48
N ASN A 56 -9.81 17.29 1.01
CA ASN A 56 -9.18 18.52 0.56
C ASN A 56 -7.94 18.14 -0.22
N THR A 57 -8.04 18.13 -1.56
CA THR A 57 -6.95 17.80 -2.48
C THR A 57 -5.67 18.63 -2.23
N LYS A 58 -5.83 19.80 -1.59
CA LYS A 58 -4.76 20.73 -1.28
C LYS A 58 -3.71 20.22 -0.32
N THR A 59 -4.05 19.30 0.58
CA THR A 59 -3.10 18.77 1.55
C THR A 59 -3.38 17.29 1.86
N GLY A 60 -4.52 16.76 1.42
CA GLY A 60 -4.88 15.36 1.63
C GLY A 60 -5.50 15.17 3.02
N GLU A 61 -6.28 16.14 3.47
CA GLU A 61 -6.96 16.13 4.76
C GLU A 61 -8.45 15.90 4.50
N ILE A 62 -9.06 14.99 5.25
CA ILE A 62 -10.47 14.65 5.15
C ILE A 62 -11.25 15.86 5.71
N VAL A 63 -12.45 16.09 5.19
CA VAL A 63 -13.30 17.21 5.59
C VAL A 63 -14.41 16.77 6.55
N ASN A 64 -14.94 15.56 6.39
CA ASN A 64 -15.99 15.03 7.24
C ASN A 64 -15.70 13.55 7.44
N ARG A 65 -15.88 13.05 8.66
CA ARG A 65 -15.62 11.66 9.04
C ARG A 65 -16.94 11.06 9.50
N ASP A 66 -17.82 10.77 8.56
CA ASP A 66 -19.13 10.19 8.78
C ASP A 66 -18.97 8.72 9.17
N GLU A 67 -19.74 8.30 10.16
CA GLU A 67 -19.79 6.94 10.66
C GLU A 67 -20.94 6.14 10.04
N SER A 68 -21.81 6.74 9.22
CA SER A 68 -22.95 6.06 8.61
C SER A 68 -22.50 5.10 7.50
N LEU A 69 -21.56 5.52 6.66
CA LEU A 69 -21.05 4.74 5.54
C LEU A 69 -19.58 4.38 5.73
N VAL A 70 -19.29 3.27 6.42
CA VAL A 70 -17.94 2.78 6.70
C VAL A 70 -17.92 1.25 6.47
N TYR A 71 -16.76 0.69 6.12
CA TYR A 71 -16.52 -0.72 5.86
C TYR A 71 -15.11 -1.12 6.32
N ARG A 72 -14.79 -2.41 6.31
CA ARG A 72 -13.50 -2.98 6.70
C ARG A 72 -12.95 -3.86 5.57
N LEU A 73 -11.72 -3.59 5.10
CA LEU A 73 -11.07 -4.34 4.03
C LEU A 73 -10.03 -5.29 4.63
N GLY A 74 -8.91 -4.76 5.11
CA GLY A 74 -7.83 -5.54 5.71
C GLY A 74 -7.53 -5.05 7.11
N LYS A 75 -7.09 -5.96 7.99
CA LYS A 75 -6.77 -5.67 9.38
C LYS A 75 -5.41 -6.27 9.76
N PRO A 76 -4.31 -5.52 9.56
CA PRO A 76 -2.94 -5.94 9.83
C PRO A 76 -2.57 -5.90 11.31
N LYS A 77 -1.32 -6.27 11.61
CA LYS A 77 -0.77 -6.27 12.95
C LYS A 77 -0.13 -4.91 13.26
N ALA A 78 0.07 -4.64 14.54
CA ALA A 78 0.65 -3.39 15.04
C ALA A 78 2.15 -3.29 14.83
N ASN A 79 2.85 -4.42 14.72
CA ASN A 79 4.30 -4.48 14.55
C ASN A 79 4.61 -5.17 13.25
N VAL A 80 5.81 -4.90 12.73
CA VAL A 80 6.33 -5.45 11.49
C VAL A 80 6.73 -6.91 11.65
N GLU A 81 7.21 -7.29 12.82
CA GLU A 81 7.71 -8.63 13.17
C GLU A 81 6.58 -9.64 13.38
N GLU A 82 5.35 -9.15 13.36
CA GLU A 82 4.13 -9.94 13.51
C GLU A 82 3.58 -10.32 12.12
N ARG A 83 4.08 -9.64 11.07
CA ARG A 83 3.75 -9.77 9.67
C ARG A 83 4.96 -10.06 8.78
N GLU A 84 4.76 -10.21 7.48
CA GLU A 84 5.75 -10.46 6.44
C GLU A 84 5.39 -9.58 5.22
N PHE A 85 6.31 -9.46 4.28
CA PHE A 85 6.18 -8.71 3.02
C PHE A 85 6.88 -9.52 1.92
N GLU A 86 6.54 -9.28 0.64
CA GLU A 86 7.10 -9.97 -0.51
C GLU A 86 7.71 -8.98 -1.51
N LEU A 87 8.98 -9.15 -1.87
CA LEU A 87 9.67 -8.29 -2.85
C LEU A 87 9.45 -8.94 -4.21
N LEU A 88 8.50 -8.40 -4.96
CA LEU A 88 8.11 -8.83 -6.29
C LEU A 88 8.62 -7.82 -7.31
N TYR A 89 8.31 -8.07 -8.57
CA TYR A 89 8.64 -7.19 -9.68
C TYR A 89 7.70 -7.51 -10.82
N ASP A 90 7.55 -6.60 -11.75
CA ASP A 90 6.69 -6.77 -12.92
C ASP A 90 7.43 -6.27 -14.15
N ASP A 91 6.75 -6.29 -15.28
CA ASP A 91 7.24 -5.88 -16.58
C ASP A 91 7.95 -4.52 -16.51
N VAL A 92 7.45 -3.61 -15.66
CA VAL A 92 7.97 -2.27 -15.43
C VAL A 92 9.21 -2.30 -14.52
N GLY A 93 9.07 -2.67 -13.25
CA GLY A 93 10.18 -2.71 -12.31
C GLY A 93 9.79 -3.44 -11.03
N TYR A 94 10.66 -3.36 -10.02
CA TYR A 94 10.48 -4.00 -8.73
C TYR A 94 9.51 -3.24 -7.83
N TYR A 95 8.85 -3.97 -6.92
CA TYR A 95 7.87 -3.42 -5.98
C TYR A 95 7.66 -4.41 -4.83
N ILE A 96 7.20 -3.94 -3.67
CA ILE A 96 6.91 -4.82 -2.54
C ILE A 96 5.40 -4.97 -2.55
N SER A 97 4.91 -6.17 -2.29
CA SER A 97 3.51 -6.46 -2.26
C SER A 97 3.16 -7.01 -0.90
N GLU A 98 2.05 -6.52 -0.38
CA GLU A 98 1.51 -6.97 0.89
C GLU A 98 0.00 -7.00 0.78
N ILE A 99 -0.59 -8.19 0.94
CA ILE A 99 -2.02 -8.40 0.88
C ILE A 99 -2.52 -8.40 2.34
N ILE A 100 -3.67 -7.80 2.60
CA ILE A 100 -4.25 -7.70 3.93
C ILE A 100 -5.69 -8.14 3.90
N GLY A 101 -5.97 -9.27 4.55
CA GLY A 101 -7.30 -9.83 4.68
C GLY A 101 -7.80 -9.52 6.08
N SER A 102 -8.72 -10.33 6.59
CA SER A 102 -9.35 -10.18 7.90
C SER A 102 -10.33 -9.01 7.85
N GLY A 103 -11.12 -8.95 6.77
CA GLY A 103 -12.10 -7.92 6.51
C GLY A 103 -13.48 -8.42 6.87
N ASP A 104 -14.39 -8.42 5.90
CA ASP A 104 -15.78 -8.84 6.01
C ASP A 104 -16.14 -9.69 4.79
N ILE A 105 -16.59 -10.93 4.95
CA ILE A 105 -16.93 -11.81 3.82
C ILE A 105 -18.06 -11.18 2.99
N CYS A 106 -17.92 -11.22 1.67
CA CYS A 106 -18.91 -10.70 0.75
C CYS A 106 -19.87 -11.85 0.42
N ASP A 107 -21.13 -11.81 0.84
CA ASP A 107 -22.04 -12.91 0.51
C ASP A 107 -22.34 -12.93 -1.01
N VAL A 108 -21.94 -11.88 -1.73
CA VAL A 108 -22.09 -11.71 -3.16
C VAL A 108 -21.34 -12.83 -3.88
N THR A 109 -20.11 -13.15 -3.46
CA THR A 109 -19.30 -14.20 -4.08
C THR A 109 -18.82 -15.25 -3.09
N GLY A 110 -18.79 -14.90 -1.80
CA GLY A 110 -18.35 -15.73 -0.69
C GLY A 110 -16.87 -15.53 -0.36
N ALA A 111 -16.22 -14.53 -0.96
CA ALA A 111 -14.80 -14.23 -0.77
C ALA A 111 -14.58 -13.19 0.31
N GLU A 112 -13.31 -13.00 0.71
CA GLU A 112 -12.95 -12.01 1.72
C GLU A 112 -12.68 -10.66 1.05
N ARG A 113 -12.83 -9.60 1.82
CA ARG A 113 -12.63 -8.18 1.51
C ARG A 113 -11.14 -7.81 1.56
N MET A 114 -10.24 -8.74 1.25
CA MET A 114 -8.82 -8.47 1.37
C MET A 114 -8.36 -7.51 0.27
N VAL A 115 -7.33 -6.75 0.61
CA VAL A 115 -6.75 -5.72 -0.24
C VAL A 115 -5.28 -5.99 -0.52
N GLU A 116 -4.79 -5.58 -1.69
CA GLU A 116 -3.41 -5.73 -2.14
C GLU A 116 -2.81 -4.33 -2.22
N ILE A 117 -1.66 -4.10 -1.58
CA ILE A 117 -0.97 -2.81 -1.55
C ILE A 117 0.41 -2.98 -2.18
N GLN A 118 0.66 -2.31 -3.30
CA GLN A 118 1.92 -2.37 -4.02
C GLN A 118 2.77 -1.12 -3.72
N TYR A 119 3.91 -1.30 -3.08
CA TYR A 119 4.87 -0.25 -2.73
C TYR A 119 5.91 -0.09 -3.84
N VAL A 120 5.89 1.07 -4.51
CA VAL A 120 6.77 1.45 -5.61
C VAL A 120 7.47 2.79 -5.37
N CYS A 121 8.41 3.17 -6.23
CA CYS A 121 9.12 4.45 -6.14
C CYS A 121 8.27 5.49 -6.87
N GLY A 122 8.21 6.72 -6.36
CA GLY A 122 7.44 7.81 -6.98
C GLY A 122 8.37 8.90 -7.50
N GLY A 123 7.99 9.50 -8.63
CA GLY A 123 8.66 10.57 -9.37
C GLY A 123 9.40 11.54 -8.48
N SER A 124 8.66 12.39 -7.77
CA SER A 124 9.22 13.36 -6.86
C SER A 124 9.75 12.57 -5.66
N ASN A 125 11.04 12.24 -5.73
CA ASN A 125 11.79 11.51 -4.74
C ASN A 125 12.09 12.38 -3.50
N SER A 126 11.34 13.46 -3.26
CA SER A 126 11.50 14.39 -2.15
C SER A 126 10.15 14.77 -1.50
N GLY A 127 9.24 13.81 -1.32
CA GLY A 127 7.95 14.07 -0.69
C GLY A 127 7.41 12.82 0.02
N PRO A 128 6.38 12.97 0.87
CA PRO A 128 5.81 11.86 1.60
C PRO A 128 5.06 10.88 0.69
N SER A 129 4.75 9.71 1.24
CA SER A 129 4.02 8.68 0.55
C SER A 129 2.54 9.03 0.48
N THR A 130 1.85 8.48 -0.51
CA THR A 130 0.45 8.65 -0.79
C THR A 130 0.02 7.52 -1.72
N ILE A 131 -1.29 7.30 -1.82
CA ILE A 131 -1.84 6.27 -2.69
C ILE A 131 -1.89 6.88 -4.10
N GLN A 132 -1.35 6.16 -5.08
CA GLN A 132 -1.33 6.60 -6.47
C GLN A 132 -2.66 6.37 -7.18
N TRP A 133 -3.23 5.19 -7.01
CA TRP A 133 -4.48 4.81 -7.62
C TRP A 133 -5.14 3.77 -6.73
N VAL A 134 -6.42 3.55 -7.02
CA VAL A 134 -7.29 2.64 -6.32
C VAL A 134 -8.22 2.02 -7.37
N ARG A 135 -8.49 0.71 -7.27
CA ARG A 135 -9.40 0.03 -8.19
C ARG A 135 -9.84 -1.33 -7.65
N GLU A 136 -11.14 -1.57 -7.75
CA GLU A 136 -11.82 -2.78 -7.35
C GLU A 136 -11.71 -3.70 -8.58
N THR A 137 -10.66 -4.53 -8.62
CA THR A 137 -10.42 -5.43 -9.75
C THR A 137 -11.51 -6.50 -9.83
N LYS A 138 -11.66 -7.22 -8.73
CA LYS A 138 -12.60 -8.31 -8.54
C LYS A 138 -13.84 -7.73 -7.86
N ILE A 139 -14.81 -8.57 -7.51
CA ILE A 139 -16.02 -8.07 -6.86
C ILE A 139 -15.71 -7.69 -5.41
N CYS A 140 -14.88 -8.50 -4.73
CA CYS A 140 -14.57 -8.27 -3.33
C CYS A 140 -13.11 -7.94 -3.03
N VAL A 141 -12.17 -8.23 -3.95
CA VAL A 141 -10.75 -7.91 -3.75
C VAL A 141 -10.56 -6.46 -4.21
N TYR A 142 -9.58 -5.77 -3.65
CA TYR A 142 -9.26 -4.39 -3.96
C TYR A 142 -7.74 -4.25 -4.11
N GLU A 143 -7.30 -3.47 -5.10
CA GLU A 143 -5.90 -3.24 -5.41
C GLU A 143 -5.60 -1.76 -5.28
N ALA A 144 -4.47 -1.43 -4.63
CA ALA A 144 -3.99 -0.09 -4.39
C ALA A 144 -2.47 -0.03 -4.62
N GLN A 145 -1.93 1.17 -4.80
CA GLN A 145 -0.51 1.38 -5.02
C GLN A 145 -0.08 2.61 -4.23
N VAL A 146 1.13 2.59 -3.69
CA VAL A 146 1.70 3.65 -2.87
C VAL A 146 3.11 3.96 -3.36
N THR A 147 3.42 5.25 -3.52
CA THR A 147 4.75 5.68 -3.95
C THR A 147 5.56 6.12 -2.74
N ILE A 148 6.87 5.88 -2.79
CA ILE A 148 7.79 6.24 -1.71
C ILE A 148 9.13 6.72 -2.30
N PRO A 149 9.74 7.82 -1.80
CA PRO A 149 11.02 8.31 -2.31
C PRO A 149 12.18 7.40 -1.89
N GLU A 150 12.21 6.99 -0.62
CA GLU A 150 13.26 6.12 -0.07
C GLU A 150 13.36 4.78 -0.81
N LEU A 151 12.30 4.36 -1.52
CA LEU A 151 12.29 3.13 -2.30
C LEU A 151 13.17 3.32 -3.54
N CYS A 152 13.15 4.50 -4.17
CA CYS A 152 13.91 4.84 -5.35
C CYS A 152 15.42 4.69 -5.12
N ASN A 153 15.85 4.90 -3.88
CA ASN A 153 17.26 4.80 -3.52
C ASN A 153 17.78 3.39 -3.78
N LEU A 154 16.97 2.37 -3.53
CA LEU A 154 17.33 0.98 -3.75
C LEU A 154 17.32 0.77 -5.26
N GLU A 155 18.47 0.43 -5.83
CA GLU A 155 18.67 0.24 -7.26
C GLU A 155 17.63 -0.66 -7.94
N LEU A 156 17.10 -1.68 -7.26
CA LEU A 156 16.09 -2.56 -7.85
C LEU A 156 14.81 -1.79 -8.16
N LEU A 157 14.39 -0.88 -7.27
CA LEU A 157 13.17 -0.08 -7.41
C LEU A 157 13.43 1.34 -7.91
N ALA A 158 14.64 1.66 -8.35
CA ALA A 158 15.08 2.96 -8.88
C ALA A 158 14.46 3.23 -10.27
N LYS A 159 13.16 3.02 -10.43
CA LYS A 159 12.37 3.16 -11.63
C LYS A 159 11.14 4.00 -11.30
N ASN A 160 10.73 4.86 -12.24
CA ASN A 160 9.59 5.79 -12.19
C ASN A 160 9.88 7.10 -11.44
N GLU A 161 11.13 7.29 -11.02
CA GLU A 161 11.65 8.46 -10.31
C GLU A 161 11.87 9.63 -11.32
N ASP A 162 11.42 9.45 -12.56
CA ASP A 162 11.54 10.40 -13.67
C ASP A 162 10.97 11.75 -13.31
N GLY A 1 25.56 -17.52 -15.50
CA GLY A 1 24.19 -17.99 -15.24
C GLY A 1 23.29 -16.81 -14.98
N ALA A 2 21.98 -17.01 -15.08
CA ALA A 2 20.95 -16.00 -14.86
C ALA A 2 20.70 -15.71 -13.37
N SER A 3 21.45 -16.36 -12.48
CA SER A 3 21.35 -16.24 -11.04
C SER A 3 22.76 -15.93 -10.53
N ASN A 4 22.85 -15.11 -9.48
CA ASN A 4 24.08 -14.66 -8.83
C ASN A 4 23.83 -14.54 -7.33
N SER A 5 24.82 -14.83 -6.50
CA SER A 5 24.76 -14.78 -5.05
C SER A 5 24.54 -13.38 -4.49
N GLU A 6 25.26 -12.39 -5.01
CA GLU A 6 25.09 -11.01 -4.53
C GLU A 6 23.68 -10.49 -4.82
N LYS A 7 23.06 -10.93 -5.92
CA LYS A 7 21.71 -10.52 -6.30
C LYS A 7 20.73 -11.03 -5.25
N THR A 8 20.90 -12.23 -4.73
CA THR A 8 20.02 -12.78 -3.71
C THR A 8 20.15 -11.95 -2.42
N ALA A 9 21.37 -11.57 -2.04
CA ALA A 9 21.59 -10.75 -0.85
C ALA A 9 20.92 -9.39 -1.09
N LEU A 10 21.05 -8.86 -2.31
CA LEU A 10 20.46 -7.60 -2.72
C LEU A 10 18.94 -7.69 -2.62
N LEU A 11 18.33 -8.77 -3.10
CA LEU A 11 16.88 -8.98 -3.07
C LEU A 11 16.40 -8.96 -1.63
N THR A 12 17.04 -9.77 -0.79
CA THR A 12 16.74 -9.89 0.63
C THR A 12 16.79 -8.51 1.29
N LYS A 13 17.92 -7.81 1.15
CA LYS A 13 18.08 -6.49 1.73
C LYS A 13 17.07 -5.52 1.17
N THR A 14 16.86 -5.47 -0.14
CA THR A 14 15.91 -4.58 -0.77
C THR A 14 14.53 -4.72 -0.13
N LEU A 15 13.99 -5.94 0.00
CA LEU A 15 12.69 -6.15 0.63
C LEU A 15 12.70 -5.55 2.03
N ASN A 16 13.66 -5.96 2.86
CA ASN A 16 13.81 -5.52 4.25
C ASN A 16 13.89 -3.99 4.38
N GLN A 17 14.75 -3.34 3.59
CA GLN A 17 14.96 -1.90 3.56
C GLN A 17 13.65 -1.23 3.21
N GLY A 18 12.94 -1.80 2.25
CA GLY A 18 11.67 -1.35 1.76
C GLY A 18 10.65 -1.35 2.89
N VAL A 19 10.51 -2.45 3.63
CA VAL A 19 9.56 -2.54 4.73
C VAL A 19 9.81 -1.47 5.77
N LYS A 20 11.04 -1.34 6.29
CA LYS A 20 11.30 -0.31 7.28
C LYS A 20 11.06 1.07 6.68
N THR A 21 11.29 1.25 5.38
CA THR A 21 11.08 2.53 4.75
C THR A 21 9.58 2.82 4.80
N ILE A 22 8.75 1.86 4.40
CA ILE A 22 7.30 2.00 4.37
C ILE A 22 6.78 2.34 5.76
N PHE A 23 7.11 1.52 6.75
CA PHE A 23 6.63 1.73 8.12
C PHE A 23 7.12 3.06 8.67
N ASP A 24 8.29 3.54 8.27
CA ASP A 24 8.82 4.81 8.75
C ASP A 24 8.04 5.96 8.09
N LYS A 25 7.84 5.87 6.77
CA LYS A 25 7.14 6.84 5.93
C LYS A 25 5.62 6.80 6.08
N LEU A 26 5.08 6.00 6.99
CA LEU A 26 3.66 5.87 7.28
C LEU A 26 3.41 6.17 8.76
N ASN A 27 4.39 5.87 9.62
CA ASN A 27 4.25 6.15 11.04
C ASN A 27 4.08 7.66 11.28
N GLU A 28 4.64 8.49 10.39
CA GLU A 28 4.56 9.94 10.48
C GLU A 28 3.09 10.37 10.35
N ARG A 29 2.36 9.83 9.37
CA ARG A 29 0.96 10.10 9.09
C ARG A 29 0.40 9.03 8.17
N CYS A 30 -0.91 8.76 8.30
CA CYS A 30 -1.61 7.78 7.48
C CYS A 30 -1.83 8.39 6.09
N ILE A 31 -2.31 7.60 5.13
CA ILE A 31 -2.55 8.05 3.77
C ILE A 31 -3.97 7.69 3.33
N PHE A 32 -4.56 8.54 2.48
CA PHE A 32 -5.91 8.35 1.98
C PHE A 32 -5.98 8.69 0.49
N TYR A 33 -7.10 8.33 -0.16
CA TYR A 33 -7.39 8.57 -1.56
C TYR A 33 -8.89 8.64 -1.81
N GLN A 34 -9.38 9.73 -2.40
CA GLN A 34 -10.78 9.91 -2.72
C GLN A 34 -11.01 9.27 -4.09
N ALA A 35 -11.57 8.06 -4.11
CA ALA A 35 -11.88 7.28 -5.31
C ALA A 35 -13.29 7.62 -5.78
N GLY A 36 -13.48 8.85 -6.26
CA GLY A 36 -14.76 9.29 -6.78
C GLY A 36 -15.71 9.53 -5.61
N PHE A 37 -16.77 8.73 -5.53
CA PHE A 37 -17.80 8.76 -4.49
C PHE A 37 -17.31 8.22 -3.14
N TRP A 38 -16.35 7.31 -3.12
CA TRP A 38 -15.82 6.72 -1.90
C TRP A 38 -14.43 7.25 -1.60
N ILE A 39 -13.98 7.12 -0.36
CA ILE A 39 -12.67 7.53 0.10
C ILE A 39 -12.12 6.29 0.79
N TYR A 40 -10.83 6.09 0.60
CA TYR A 40 -10.08 4.98 1.15
C TYR A 40 -9.03 5.55 2.08
N GLU A 41 -8.86 4.97 3.28
CA GLU A 41 -7.90 5.40 4.29
C GLU A 41 -7.09 4.18 4.73
N TYR A 42 -5.77 4.36 4.74
CA TYR A 42 -4.81 3.36 5.14
C TYR A 42 -3.85 3.90 6.19
N CYS A 43 -3.80 3.26 7.36
CA CYS A 43 -2.94 3.66 8.46
C CYS A 43 -1.77 2.66 8.68
N PRO A 44 -0.68 3.09 9.35
CA PRO A 44 0.52 2.29 9.62
C PRO A 44 0.29 1.09 10.54
N GLY A 45 0.05 -0.10 9.98
CA GLY A 45 -0.18 -1.32 10.75
C GLY A 45 -1.35 -1.17 11.69
N ILE A 46 -2.44 -0.51 11.25
CA ILE A 46 -3.61 -0.31 12.10
C ILE A 46 -4.77 -1.07 11.47
N GLU A 47 -5.18 -0.63 10.28
CA GLU A 47 -6.27 -1.16 9.49
C GLU A 47 -6.40 -0.34 8.22
N PHE A 48 -7.21 -0.87 7.32
CA PHE A 48 -7.55 -0.29 6.03
C PHE A 48 -9.08 -0.24 5.96
N VAL A 49 -9.67 0.92 5.72
CA VAL A 49 -11.12 1.14 5.66
C VAL A 49 -11.49 2.01 4.45
N GLN A 50 -12.74 1.89 4.01
CA GLN A 50 -13.31 2.66 2.93
C GLN A 50 -14.54 3.30 3.57
N PHE A 51 -14.74 4.60 3.36
CA PHE A 51 -15.85 5.34 3.90
C PHE A 51 -16.30 6.43 2.94
N HIS A 52 -17.55 6.86 3.06
CA HIS A 52 -18.10 7.92 2.23
C HIS A 52 -17.80 9.22 2.99
N GLY A 53 -17.68 10.35 2.29
CA GLY A 53 -17.37 11.63 2.91
C GLY A 53 -16.74 12.53 1.87
N ARG A 54 -16.07 13.60 2.31
CA ARG A 54 -15.39 14.56 1.45
C ARG A 54 -13.98 14.77 1.97
N VAL A 55 -13.03 15.13 1.10
CA VAL A 55 -11.63 15.38 1.46
C VAL A 55 -11.26 16.81 1.09
N ASN A 56 -10.39 17.43 1.89
CA ASN A 56 -9.90 18.77 1.69
C ASN A 56 -8.60 18.65 0.93
N THR A 57 -8.68 18.78 -0.40
CA THR A 57 -7.55 18.68 -1.34
C THR A 57 -6.31 19.49 -0.91
N LYS A 58 -6.48 20.58 -0.14
CA LYS A 58 -5.39 21.41 0.33
C LYS A 58 -4.31 20.57 1.02
N THR A 59 -4.67 19.55 1.77
CA THR A 59 -3.71 18.70 2.47
C THR A 59 -4.16 17.23 2.59
N GLY A 60 -5.42 16.91 2.28
CA GLY A 60 -6.00 15.58 2.35
C GLY A 60 -6.83 15.37 3.61
N GLU A 61 -7.07 16.41 4.42
CA GLU A 61 -7.84 16.31 5.66
C GLU A 61 -9.27 15.86 5.36
N ILE A 62 -9.80 14.93 6.14
CA ILE A 62 -11.17 14.44 5.96
C ILE A 62 -12.09 15.56 6.47
N VAL A 63 -13.14 15.88 5.72
CA VAL A 63 -14.09 16.94 6.06
C VAL A 63 -15.31 16.41 6.82
N ASN A 64 -15.64 15.12 6.70
CA ASN A 64 -16.76 14.51 7.40
C ASN A 64 -16.37 13.07 7.72
N ARG A 65 -16.14 12.82 9.01
CA ARG A 65 -15.74 11.53 9.56
C ARG A 65 -16.91 10.63 9.96
N ASP A 66 -18.12 10.90 9.47
CA ASP A 66 -19.34 10.13 9.76
C ASP A 66 -19.09 8.62 9.68
N GLU A 67 -19.56 7.88 10.67
CA GLU A 67 -19.39 6.44 10.77
C GLU A 67 -20.57 5.62 10.21
N SER A 68 -21.56 6.24 9.59
CA SER A 68 -22.72 5.54 9.02
C SER A 68 -22.47 4.92 7.64
N LEU A 69 -21.29 5.12 7.04
CA LEU A 69 -20.92 4.58 5.73
C LEU A 69 -19.44 4.24 5.80
N VAL A 70 -19.10 3.13 6.45
CA VAL A 70 -17.73 2.66 6.62
C VAL A 70 -17.72 1.14 6.48
N TYR A 71 -16.66 0.58 5.87
CA TYR A 71 -16.49 -0.86 5.66
C TYR A 71 -15.05 -1.24 6.03
N ARG A 72 -14.85 -2.52 6.38
CA ARG A 72 -13.61 -3.15 6.81
C ARG A 72 -12.98 -3.84 5.60
N LEU A 73 -11.69 -3.62 5.32
CA LEU A 73 -10.99 -4.21 4.17
C LEU A 73 -9.95 -5.19 4.68
N GLY A 74 -8.90 -4.68 5.31
CA GLY A 74 -7.83 -5.50 5.83
C GLY A 74 -7.33 -5.02 7.19
N LYS A 75 -7.02 -6.01 8.03
CA LYS A 75 -6.53 -5.87 9.39
C LYS A 75 -5.08 -6.33 9.49
N PRO A 76 -4.10 -5.42 9.35
CA PRO A 76 -2.68 -5.74 9.46
C PRO A 76 -2.32 -5.94 10.93
N LYS A 77 -1.03 -6.17 11.22
CA LYS A 77 -0.55 -6.33 12.59
C LYS A 77 0.01 -5.01 13.07
N ALA A 78 0.05 -4.88 14.39
CA ALA A 78 0.52 -3.69 15.08
C ALA A 78 2.04 -3.54 15.09
N ASN A 79 2.78 -4.66 15.02
CA ASN A 79 4.24 -4.68 15.03
C ASN A 79 4.73 -5.04 13.64
N VAL A 80 5.79 -4.37 13.20
CA VAL A 80 6.38 -4.64 11.88
C VAL A 80 6.91 -6.08 11.84
N GLU A 81 7.34 -6.58 12.99
CA GLU A 81 7.89 -7.91 13.19
C GLU A 81 6.89 -9.01 12.86
N GLU A 82 5.59 -8.73 12.98
CA GLU A 82 4.52 -9.71 12.72
C GLU A 82 3.97 -9.62 11.29
N ARG A 83 4.46 -8.68 10.50
CA ARG A 83 4.05 -8.51 9.11
C ARG A 83 4.74 -9.53 8.21
N GLU A 84 4.20 -9.71 7.01
CA GLU A 84 4.69 -10.62 5.99
C GLU A 84 4.61 -9.86 4.67
N PHE A 85 5.72 -9.23 4.24
CA PHE A 85 5.79 -8.48 2.98
C PHE A 85 6.52 -9.35 1.96
N GLU A 86 6.36 -9.06 0.66
CA GLU A 86 7.00 -9.79 -0.43
C GLU A 86 7.56 -8.81 -1.46
N LEU A 87 8.72 -9.15 -2.05
CA LEU A 87 9.37 -8.35 -3.07
C LEU A 87 9.25 -9.11 -4.37
N LEU A 88 8.27 -8.78 -5.21
CA LEU A 88 8.02 -9.37 -6.50
C LEU A 88 8.39 -8.33 -7.56
N TYR A 89 8.34 -8.71 -8.84
CA TYR A 89 8.65 -7.80 -9.93
C TYR A 89 7.88 -8.19 -11.17
N ASP A 90 7.81 -7.24 -12.10
CA ASP A 90 7.13 -7.43 -13.37
C ASP A 90 7.93 -6.75 -14.48
N ASP A 91 7.41 -6.74 -15.70
CA ASP A 91 8.05 -6.16 -16.88
C ASP A 91 8.41 -4.68 -16.72
N VAL A 92 7.76 -4.00 -15.77
CA VAL A 92 7.97 -2.61 -15.44
C VAL A 92 9.21 -2.60 -14.54
N GLY A 93 9.10 -3.20 -13.34
CA GLY A 93 10.18 -3.28 -12.38
C GLY A 93 9.67 -3.93 -11.11
N TYR A 94 10.50 -3.87 -10.07
CA TYR A 94 10.17 -4.44 -8.77
C TYR A 94 9.24 -3.50 -8.02
N TYR A 95 8.53 -4.07 -7.05
CA TYR A 95 7.59 -3.41 -6.16
C TYR A 95 7.50 -4.27 -4.89
N ILE A 96 6.76 -3.87 -3.86
CA ILE A 96 6.61 -4.66 -2.65
C ILE A 96 5.12 -4.92 -2.48
N SER A 97 4.69 -6.17 -2.58
CA SER A 97 3.29 -6.52 -2.40
C SER A 97 3.07 -6.82 -0.92
N GLU A 98 1.93 -6.39 -0.42
CA GLU A 98 1.46 -6.55 0.95
C GLU A 98 -0.05 -6.70 0.86
N ILE A 99 -0.57 -7.91 1.07
CA ILE A 99 -2.01 -8.17 1.02
C ILE A 99 -2.53 -8.19 2.45
N ILE A 100 -3.71 -7.62 2.70
CA ILE A 100 -4.30 -7.54 4.02
C ILE A 100 -5.77 -7.94 3.97
N GLY A 101 -6.09 -9.06 4.62
CA GLY A 101 -7.44 -9.60 4.72
C GLY A 101 -7.99 -9.41 6.12
N SER A 102 -8.96 -10.24 6.51
CA SER A 102 -9.62 -10.19 7.82
C SER A 102 -10.55 -8.97 7.90
N GLY A 103 -11.21 -8.67 6.78
CA GLY A 103 -12.16 -7.59 6.59
C GLY A 103 -13.56 -8.13 6.82
N ASP A 104 -14.36 -8.28 5.77
CA ASP A 104 -15.73 -8.80 5.83
C ASP A 104 -15.93 -9.71 4.63
N ILE A 105 -16.27 -10.98 4.84
CA ILE A 105 -16.49 -11.96 3.77
C ILE A 105 -17.63 -11.49 2.87
N CYS A 106 -17.32 -11.34 1.59
CA CYS A 106 -18.23 -10.90 0.55
C CYS A 106 -19.05 -12.06 0.06
N ASP A 107 -20.27 -12.21 0.60
CA ASP A 107 -21.18 -13.29 0.23
C ASP A 107 -21.55 -13.26 -1.26
N VAL A 108 -21.36 -12.12 -1.92
CA VAL A 108 -21.64 -11.94 -3.35
C VAL A 108 -20.82 -12.91 -4.19
N THR A 109 -19.62 -13.30 -3.75
CA THR A 109 -18.74 -14.24 -4.46
C THR A 109 -18.33 -15.41 -3.58
N GLY A 110 -18.14 -15.12 -2.29
CA GLY A 110 -17.74 -16.05 -1.25
C GLY A 110 -16.23 -15.93 -0.97
N ALA A 111 -15.67 -14.73 -1.11
CA ALA A 111 -14.25 -14.41 -0.91
C ALA A 111 -14.05 -13.30 0.12
N GLU A 112 -12.79 -13.05 0.52
CA GLU A 112 -12.47 -12.00 1.47
C GLU A 112 -12.36 -10.64 0.77
N ARG A 113 -12.71 -9.58 1.50
CA ARG A 113 -12.69 -8.15 1.18
C ARG A 113 -11.29 -7.59 1.41
N MET A 114 -10.28 -8.45 1.20
CA MET A 114 -8.89 -8.16 1.45
C MET A 114 -8.35 -7.23 0.36
N VAL A 115 -7.36 -6.43 0.74
CA VAL A 115 -6.74 -5.43 -0.11
C VAL A 115 -5.29 -5.79 -0.42
N GLU A 116 -4.82 -5.45 -1.61
CA GLU A 116 -3.48 -5.67 -2.10
C GLU A 116 -2.85 -4.29 -2.27
N ILE A 117 -1.81 -4.00 -1.51
CA ILE A 117 -1.09 -2.74 -1.53
C ILE A 117 0.24 -3.00 -2.23
N GLN A 118 0.59 -2.16 -3.20
CA GLN A 118 1.82 -2.30 -3.97
C GLN A 118 2.69 -1.07 -3.77
N TYR A 119 3.75 -1.20 -2.96
CA TYR A 119 4.68 -0.09 -2.71
C TYR A 119 5.70 0.00 -3.85
N VAL A 120 5.81 1.17 -4.47
CA VAL A 120 6.70 1.46 -5.59
C VAL A 120 7.41 2.81 -5.39
N CYS A 121 8.39 3.11 -6.24
CA CYS A 121 9.11 4.38 -6.21
C CYS A 121 8.22 5.39 -6.97
N GLY A 122 8.12 6.64 -6.50
CA GLY A 122 7.29 7.65 -7.17
C GLY A 122 8.10 8.85 -7.66
N GLY A 123 8.24 8.95 -8.98
CA GLY A 123 8.94 9.98 -9.77
C GLY A 123 9.66 11.01 -8.91
N SER A 124 8.98 12.11 -8.60
CA SER A 124 9.53 13.19 -7.79
C SER A 124 9.80 12.64 -6.39
N ASN A 125 11.06 12.29 -6.09
CA ASN A 125 11.53 11.73 -4.83
C ASN A 125 11.55 12.77 -3.68
N SER A 126 10.67 13.76 -3.71
CA SER A 126 10.57 14.86 -2.75
C SER A 126 9.22 14.93 -2.02
N GLY A 127 8.69 13.82 -1.47
CA GLY A 127 7.41 13.95 -0.77
C GLY A 127 6.98 12.78 0.11
N PRO A 128 6.02 13.04 1.02
CA PRO A 128 5.48 12.03 1.92
C PRO A 128 4.72 10.97 1.12
N SER A 129 4.45 9.83 1.78
CA SER A 129 3.72 8.73 1.16
C SER A 129 2.30 9.17 0.81
N THR A 130 1.70 8.49 -0.17
CA THR A 130 0.33 8.70 -0.63
C THR A 130 -0.03 7.54 -1.57
N ILE A 131 -1.33 7.27 -1.72
CA ILE A 131 -1.85 6.23 -2.59
C ILE A 131 -1.92 6.83 -4.00
N GLN A 132 -1.45 6.08 -4.99
CA GLN A 132 -1.43 6.46 -6.40
C GLN A 132 -2.83 6.36 -7.03
N TRP A 133 -3.44 5.19 -6.93
CA TRP A 133 -4.76 4.89 -7.47
C TRP A 133 -5.41 3.84 -6.58
N VAL A 134 -6.72 3.67 -6.77
CA VAL A 134 -7.54 2.74 -6.03
C VAL A 134 -8.65 2.28 -6.97
N ARG A 135 -8.86 0.96 -7.07
CA ARG A 135 -9.93 0.41 -7.89
C ARG A 135 -10.28 -0.97 -7.36
N GLU A 136 -11.57 -1.28 -7.37
CA GLU A 136 -12.12 -2.55 -6.94
C GLU A 136 -12.18 -3.33 -8.26
N THR A 137 -11.08 -4.05 -8.54
CA THR A 137 -10.89 -4.85 -9.74
C THR A 137 -11.93 -5.96 -9.82
N LYS A 138 -11.88 -6.89 -8.87
CA LYS A 138 -12.86 -7.99 -8.83
C LYS A 138 -14.04 -7.44 -8.04
N ILE A 139 -15.02 -8.27 -7.72
CA ILE A 139 -16.19 -7.84 -6.98
C ILE A 139 -15.76 -7.27 -5.61
N CYS A 140 -14.80 -7.89 -4.92
CA CYS A 140 -14.33 -7.43 -3.61
C CYS A 140 -12.81 -7.30 -3.49
N VAL A 141 -12.03 -7.78 -4.46
CA VAL A 141 -10.58 -7.66 -4.42
C VAL A 141 -10.33 -6.19 -4.68
N TYR A 142 -9.65 -5.54 -3.74
CA TYR A 142 -9.32 -4.13 -3.83
C TYR A 142 -7.80 -4.06 -4.03
N GLU A 143 -7.38 -3.39 -5.10
CA GLU A 143 -5.98 -3.22 -5.45
C GLU A 143 -5.65 -1.71 -5.34
N ALA A 144 -4.52 -1.39 -4.72
CA ALA A 144 -4.01 -0.05 -4.49
C ALA A 144 -2.50 -0.02 -4.72
N GLN A 145 -1.94 1.16 -5.00
CA GLN A 145 -0.51 1.37 -5.21
C GLN A 145 -0.13 2.55 -4.33
N VAL A 146 1.10 2.55 -3.79
CA VAL A 146 1.62 3.61 -2.92
C VAL A 146 3.00 3.98 -3.42
N THR A 147 3.29 5.27 -3.51
CA THR A 147 4.57 5.79 -3.96
C THR A 147 5.41 6.27 -2.79
N ILE A 148 6.72 5.96 -2.81
CA ILE A 148 7.68 6.34 -1.78
C ILE A 148 8.99 6.77 -2.43
N PRO A 149 9.63 7.86 -1.96
CA PRO A 149 10.88 8.37 -2.51
C PRO A 149 12.11 7.57 -2.05
N GLU A 150 12.08 7.03 -0.82
CA GLU A 150 13.16 6.23 -0.24
C GLU A 150 13.32 4.88 -0.92
N LEU A 151 12.27 4.35 -1.56
CA LEU A 151 12.37 3.07 -2.25
C LEU A 151 13.32 3.18 -3.44
N CYS A 152 13.34 4.31 -4.15
CA CYS A 152 14.19 4.54 -5.31
C CYS A 152 15.70 4.35 -5.03
N ASN A 153 16.10 4.40 -3.75
CA ASN A 153 17.48 4.22 -3.29
C ASN A 153 17.97 2.81 -3.63
N LEU A 154 17.06 1.85 -3.64
CA LEU A 154 17.29 0.44 -3.92
C LEU A 154 17.24 0.33 -5.44
N GLU A 155 18.32 -0.11 -6.09
CA GLU A 155 18.39 -0.23 -7.54
C GLU A 155 17.20 -1.01 -8.11
N LEU A 156 16.76 -2.06 -7.42
CA LEU A 156 15.64 -2.89 -7.85
C LEU A 156 14.37 -2.05 -8.02
N LEU A 157 14.15 -1.08 -7.13
CA LEU A 157 13.00 -0.18 -7.11
C LEU A 157 13.30 1.16 -7.78
N ALA A 158 14.48 1.31 -8.39
CA ALA A 158 14.93 2.52 -9.08
C ALA A 158 14.26 2.49 -10.45
N LYS A 159 12.94 2.59 -10.41
CA LYS A 159 12.02 2.59 -11.53
C LYS A 159 10.94 3.63 -11.28
N ASN A 160 10.35 4.17 -12.34
CA ASN A 160 9.29 5.18 -12.31
C ASN A 160 9.69 6.51 -11.66
N GLU A 161 10.98 6.65 -11.35
CA GLU A 161 11.66 7.78 -10.74
C GLU A 161 11.82 8.96 -11.72
N ASP A 162 11.42 8.75 -12.97
CA ASP A 162 11.49 9.67 -14.09
C ASP A 162 10.69 10.95 -13.88
N GLY A 1 25.53 -10.43 -15.81
CA GLY A 1 26.06 -11.69 -15.27
C GLY A 1 25.04 -12.31 -14.33
N ALA A 2 23.98 -12.89 -14.90
CA ALA A 2 22.90 -13.53 -14.15
C ALA A 2 23.39 -14.76 -13.39
N SER A 3 22.51 -15.28 -12.53
CA SER A 3 22.70 -16.46 -11.68
C SER A 3 23.86 -16.27 -10.69
N ASN A 4 23.68 -15.41 -9.69
CA ASN A 4 24.71 -15.15 -8.68
C ASN A 4 24.08 -14.88 -7.31
N SER A 5 24.77 -15.29 -6.24
CA SER A 5 24.38 -15.14 -4.85
C SER A 5 24.09 -13.69 -4.46
N GLU A 6 24.89 -12.77 -4.96
CA GLU A 6 24.75 -11.35 -4.66
C GLU A 6 23.43 -10.78 -5.17
N LYS A 7 22.76 -11.42 -6.13
CA LYS A 7 21.47 -10.97 -6.62
C LYS A 7 20.46 -11.22 -5.50
N THR A 8 20.54 -12.38 -4.85
CA THR A 8 19.67 -12.76 -3.74
C THR A 8 19.97 -11.84 -2.54
N ALA A 9 21.24 -11.55 -2.27
CA ALA A 9 21.62 -10.67 -1.17
C ALA A 9 20.98 -9.31 -1.38
N LEU A 10 21.05 -8.79 -2.61
CA LEU A 10 20.47 -7.50 -2.97
C LEU A 10 18.95 -7.54 -2.79
N LEU A 11 18.30 -8.64 -3.20
CA LEU A 11 16.84 -8.82 -3.07
C LEU A 11 16.43 -8.73 -1.61
N THR A 12 17.05 -9.53 -0.75
CA THR A 12 16.77 -9.58 0.68
C THR A 12 16.94 -8.18 1.30
N LYS A 13 18.09 -7.54 1.07
CA LYS A 13 18.34 -6.20 1.62
C LYS A 13 17.26 -5.24 1.13
N THR A 14 16.98 -5.22 -0.17
CA THR A 14 15.98 -4.36 -0.77
C THR A 14 14.63 -4.55 -0.07
N LEU A 15 14.17 -5.80 0.10
CA LEU A 15 12.88 -6.07 0.74
C LEU A 15 12.86 -5.45 2.13
N ASN A 16 13.84 -5.76 2.99
CA ASN A 16 13.92 -5.25 4.36
C ASN A 16 13.89 -3.73 4.40
N GLN A 17 14.80 -3.13 3.63
CA GLN A 17 14.98 -1.70 3.50
C GLN A 17 13.69 -1.05 3.03
N GLY A 18 12.91 -1.74 2.20
CA GLY A 18 11.65 -1.25 1.70
C GLY A 18 10.66 -1.21 2.84
N VAL A 19 10.46 -2.32 3.56
CA VAL A 19 9.51 -2.41 4.69
C VAL A 19 9.81 -1.36 5.75
N LYS A 20 11.05 -1.28 6.23
CA LYS A 20 11.42 -0.30 7.26
C LYS A 20 11.18 1.12 6.77
N THR A 21 11.43 1.38 5.48
CA THR A 21 11.23 2.71 4.92
C THR A 21 9.73 2.99 4.92
N ILE A 22 8.92 2.06 4.42
CA ILE A 22 7.47 2.19 4.35
C ILE A 22 6.92 2.55 5.71
N PHE A 23 7.25 1.78 6.73
CA PHE A 23 6.77 2.01 8.08
C PHE A 23 7.18 3.39 8.58
N ASP A 24 8.38 3.85 8.29
CA ASP A 24 8.85 5.16 8.74
C ASP A 24 8.12 6.29 8.00
N LYS A 25 7.79 6.05 6.74
CA LYS A 25 7.10 6.98 5.85
C LYS A 25 5.58 6.90 6.00
N LEU A 26 5.05 6.18 7.01
CA LEU A 26 3.62 6.04 7.27
C LEU A 26 3.33 6.26 8.75
N ASN A 27 4.25 5.87 9.64
CA ASN A 27 4.11 6.01 11.08
C ASN A 27 3.84 7.46 11.47
N GLU A 28 4.38 8.41 10.70
CA GLU A 28 4.20 9.82 10.97
C GLU A 28 2.75 10.29 10.72
N ARG A 29 2.13 9.91 9.60
CA ARG A 29 0.76 10.25 9.22
C ARG A 29 0.26 9.22 8.23
N CYS A 30 -1.02 8.89 8.33
CA CYS A 30 -1.65 7.90 7.46
C CYS A 30 -1.92 8.51 6.07
N ILE A 31 -2.35 7.68 5.10
CA ILE A 31 -2.64 8.10 3.72
C ILE A 31 -4.04 7.70 3.30
N PHE A 32 -4.62 8.42 2.33
CA PHE A 32 -5.95 8.18 1.82
C PHE A 32 -5.99 8.45 0.31
N TYR A 33 -7.08 8.04 -0.34
CA TYR A 33 -7.34 8.20 -1.75
C TYR A 33 -8.85 8.28 -1.99
N GLN A 34 -9.31 9.42 -2.53
CA GLN A 34 -10.71 9.65 -2.84
C GLN A 34 -10.97 9.01 -4.20
N ALA A 35 -11.60 7.83 -4.23
CA ALA A 35 -11.88 7.14 -5.47
C ALA A 35 -13.27 7.47 -5.98
N GLY A 36 -13.49 8.73 -6.38
CA GLY A 36 -14.82 9.07 -6.89
C GLY A 36 -15.76 9.19 -5.70
N PHE A 37 -16.72 8.28 -5.60
CA PHE A 37 -17.69 8.25 -4.52
C PHE A 37 -17.15 7.68 -3.19
N TRP A 38 -16.30 6.64 -3.20
CA TRP A 38 -15.76 6.03 -1.99
C TRP A 38 -14.31 6.35 -1.73
N ILE A 39 -13.99 6.87 -0.53
CA ILE A 39 -12.64 7.19 -0.15
C ILE A 39 -12.10 5.93 0.50
N TYR A 40 -10.80 5.76 0.33
CA TYR A 40 -10.03 4.66 0.86
C TYR A 40 -9.05 5.30 1.84
N GLU A 41 -8.88 4.70 3.01
CA GLU A 41 -8.04 5.21 4.09
C GLU A 41 -7.17 4.08 4.62
N TYR A 42 -5.84 4.29 4.61
CA TYR A 42 -4.84 3.33 5.05
C TYR A 42 -3.89 3.94 6.08
N CYS A 43 -3.86 3.37 7.29
CA CYS A 43 -3.01 3.79 8.41
C CYS A 43 -1.75 2.90 8.57
N PRO A 44 -0.68 3.35 9.26
CA PRO A 44 0.54 2.58 9.47
C PRO A 44 0.30 1.31 10.30
N GLY A 45 -0.04 0.20 9.64
CA GLY A 45 -0.30 -1.07 10.29
C GLY A 45 -1.35 -0.94 11.39
N ILE A 46 -2.55 -0.45 11.05
CA ILE A 46 -3.63 -0.29 12.03
C ILE A 46 -4.77 -1.06 11.39
N GLU A 47 -5.25 -0.59 10.25
CA GLU A 47 -6.29 -1.16 9.41
C GLU A 47 -6.46 -0.32 8.15
N PHE A 48 -7.22 -0.89 7.23
CA PHE A 48 -7.55 -0.30 5.93
C PHE A 48 -9.08 -0.27 5.88
N VAL A 49 -9.70 0.90 5.66
CA VAL A 49 -11.16 1.06 5.61
C VAL A 49 -11.60 1.91 4.40
N GLN A 50 -12.84 1.72 3.95
CA GLN A 50 -13.46 2.44 2.85
C GLN A 50 -14.68 3.16 3.44
N PHE A 51 -14.81 4.48 3.27
CA PHE A 51 -15.95 5.25 3.78
C PHE A 51 -16.31 6.41 2.86
N HIS A 52 -17.55 6.90 2.95
CA HIS A 52 -18.00 8.03 2.13
C HIS A 52 -17.66 9.31 2.90
N GLY A 53 -17.36 10.40 2.17
CA GLY A 53 -16.98 11.67 2.74
C GLY A 53 -16.26 12.49 1.68
N ARG A 54 -15.52 13.52 2.09
CA ARG A 54 -14.76 14.41 1.20
C ARG A 54 -13.28 14.48 1.64
N VAL A 55 -12.41 14.97 0.77
CA VAL A 55 -10.98 15.13 1.03
C VAL A 55 -10.56 16.50 0.49
N ASN A 56 -9.77 17.23 1.29
CA ASN A 56 -9.21 18.54 1.04
C ASN A 56 -7.97 18.36 0.16
N THR A 57 -8.13 18.39 -1.16
CA THR A 57 -7.04 18.23 -2.14
C THR A 57 -5.87 19.22 -1.94
N LYS A 58 -6.05 20.30 -1.18
CA LYS A 58 -4.97 21.28 -0.92
C LYS A 58 -3.82 20.68 -0.12
N THR A 59 -4.07 19.62 0.65
CA THR A 59 -3.05 18.96 1.47
C THR A 59 -3.26 17.44 1.47
N GLY A 60 -4.51 16.99 1.35
CA GLY A 60 -4.90 15.59 1.36
C GLY A 60 -5.57 15.20 2.67
N GLU A 61 -6.08 16.15 3.46
CA GLU A 61 -6.74 15.87 4.73
C GLU A 61 -8.21 15.53 4.52
N ILE A 62 -8.78 14.80 5.48
CA ILE A 62 -10.18 14.41 5.47
C ILE A 62 -11.04 15.64 5.77
N VAL A 63 -12.30 15.64 5.31
CA VAL A 63 -13.27 16.70 5.52
C VAL A 63 -14.68 16.15 5.23
N ASN A 64 -15.72 16.79 5.77
CA ASN A 64 -17.15 16.51 5.67
C ASN A 64 -17.47 15.04 5.35
N ARG A 65 -17.48 14.19 6.38
CA ARG A 65 -17.72 12.75 6.29
C ARG A 65 -18.91 12.28 7.11
N ASP A 66 -19.22 11.00 7.02
CA ASP A 66 -20.29 10.32 7.74
C ASP A 66 -19.76 9.00 8.23
N GLU A 67 -20.17 8.60 9.42
CA GLU A 67 -19.75 7.35 10.07
C GLU A 67 -20.77 6.22 9.81
N SER A 68 -21.83 6.52 9.07
CA SER A 68 -22.91 5.61 8.71
C SER A 68 -22.58 4.79 7.45
N LEU A 69 -21.50 5.16 6.72
CA LEU A 69 -21.07 4.50 5.50
C LEU A 69 -19.59 4.18 5.66
N VAL A 70 -19.28 3.10 6.37
CA VAL A 70 -17.91 2.66 6.64
C VAL A 70 -17.86 1.13 6.43
N TYR A 71 -16.75 0.63 5.88
CA TYR A 71 -16.49 -0.77 5.59
C TYR A 71 -15.04 -1.09 5.97
N ARG A 72 -14.74 -2.37 6.20
CA ARG A 72 -13.41 -2.84 6.59
C ARG A 72 -12.81 -3.69 5.48
N LEU A 73 -11.56 -3.41 5.09
CA LEU A 73 -10.86 -4.16 4.06
C LEU A 73 -10.01 -5.22 4.73
N GLY A 74 -8.88 -4.78 5.32
CA GLY A 74 -7.94 -5.66 5.97
C GLY A 74 -7.48 -5.14 7.32
N LYS A 75 -7.11 -6.06 8.21
CA LYS A 75 -6.62 -5.78 9.54
C LYS A 75 -5.17 -6.28 9.65
N PRO A 76 -4.19 -5.41 9.41
CA PRO A 76 -2.77 -5.76 9.51
C PRO A 76 -2.38 -5.91 10.98
N LYS A 77 -1.09 -6.15 11.23
CA LYS A 77 -0.56 -6.31 12.57
C LYS A 77 0.07 -5.02 13.10
N ALA A 78 0.22 -4.97 14.43
CA ALA A 78 0.79 -3.86 15.18
C ALA A 78 2.31 -3.81 15.13
N ASN A 79 2.97 -4.94 14.88
CA ASN A 79 4.42 -5.04 14.79
C ASN A 79 4.71 -5.46 13.35
N VAL A 80 5.84 -5.03 12.81
CA VAL A 80 6.24 -5.34 11.44
C VAL A 80 6.70 -6.79 11.29
N GLU A 81 7.21 -7.41 12.35
CA GLU A 81 7.72 -8.78 12.32
C GLU A 81 6.60 -9.81 12.40
N GLU A 82 5.39 -9.38 12.75
CA GLU A 82 4.22 -10.25 12.85
C GLU A 82 3.62 -10.54 11.46
N ARG A 83 3.90 -9.68 10.48
CA ARG A 83 3.43 -9.78 9.09
C ARG A 83 4.58 -10.20 8.16
N GLU A 84 4.27 -10.50 6.89
CA GLU A 84 5.25 -10.89 5.89
C GLU A 84 4.98 -10.13 4.60
N PHE A 85 6.01 -9.52 3.99
CA PHE A 85 5.92 -8.76 2.74
C PHE A 85 6.58 -9.61 1.64
N GLU A 86 6.33 -9.33 0.37
CA GLU A 86 6.89 -10.07 -0.77
C GLU A 86 7.49 -9.09 -1.78
N LEU A 87 8.80 -9.21 -2.06
CA LEU A 87 9.51 -8.36 -3.03
C LEU A 87 9.34 -8.97 -4.40
N LEU A 88 8.43 -8.45 -5.19
CA LEU A 88 8.09 -8.88 -6.55
C LEU A 88 8.66 -7.90 -7.56
N TYR A 89 8.40 -8.17 -8.83
CA TYR A 89 8.81 -7.34 -9.94
C TYR A 89 7.91 -7.62 -11.14
N ASP A 90 7.85 -6.63 -12.03
CA ASP A 90 7.09 -6.62 -13.26
C ASP A 90 7.97 -6.01 -14.37
N ASP A 91 7.43 -5.90 -15.59
CA ASP A 91 8.13 -5.39 -16.76
C ASP A 91 8.65 -3.96 -16.58
N VAL A 92 8.04 -3.16 -15.72
CA VAL A 92 8.46 -1.80 -15.44
C VAL A 92 9.63 -1.94 -14.47
N GLY A 93 9.41 -2.50 -13.26
CA GLY A 93 10.47 -2.67 -12.28
C GLY A 93 9.99 -3.48 -11.09
N TYR A 94 10.75 -3.42 -10.00
CA TYR A 94 10.42 -4.14 -8.79
C TYR A 94 9.32 -3.41 -8.01
N TYR A 95 8.72 -4.07 -7.03
CA TYR A 95 7.68 -3.54 -6.16
C TYR A 95 7.48 -4.51 -4.99
N ILE A 96 6.86 -4.07 -3.89
CA ILE A 96 6.62 -4.95 -2.74
C ILE A 96 5.13 -5.14 -2.62
N SER A 97 4.65 -6.37 -2.68
CA SER A 97 3.25 -6.72 -2.56
C SER A 97 2.99 -7.11 -1.10
N GLU A 98 1.90 -6.59 -0.55
CA GLU A 98 1.43 -6.84 0.81
C GLU A 98 -0.08 -7.01 0.68
N ILE A 99 -0.65 -8.03 1.32
CA ILE A 99 -2.07 -8.34 1.28
C ILE A 99 -2.61 -8.33 2.72
N ILE A 100 -3.82 -7.82 2.89
CA ILE A 100 -4.45 -7.72 4.19
C ILE A 100 -5.92 -8.11 4.13
N GLY A 101 -6.25 -9.21 4.82
CA GLY A 101 -7.58 -9.76 4.96
C GLY A 101 -8.14 -9.44 6.35
N SER A 102 -9.23 -10.10 6.71
CA SER A 102 -9.95 -9.92 7.96
C SER A 102 -10.72 -8.58 7.90
N GLY A 103 -11.63 -8.46 6.94
CA GLY A 103 -12.50 -7.32 6.72
C GLY A 103 -13.88 -7.80 7.14
N ASP A 104 -14.68 -8.25 6.18
CA ASP A 104 -16.02 -8.80 6.35
C ASP A 104 -16.24 -9.70 5.13
N ILE A 105 -16.60 -10.98 5.33
CA ILE A 105 -16.84 -11.93 4.25
C ILE A 105 -17.98 -11.39 3.39
N CYS A 106 -17.70 -11.18 2.11
CA CYS A 106 -18.59 -10.63 1.12
C CYS A 106 -19.48 -11.73 0.56
N ASP A 107 -20.72 -11.84 1.04
CA ASP A 107 -21.67 -12.85 0.58
C ASP A 107 -21.97 -12.69 -0.93
N VAL A 108 -21.70 -11.50 -1.48
CA VAL A 108 -21.87 -11.16 -2.88
C VAL A 108 -21.08 -12.08 -3.81
N THR A 109 -19.92 -12.57 -3.35
CA THR A 109 -19.03 -13.45 -4.09
C THR A 109 -18.72 -14.72 -3.30
N GLY A 110 -18.75 -14.62 -1.98
CA GLY A 110 -18.45 -15.69 -1.04
C GLY A 110 -16.94 -15.69 -0.76
N ALA A 111 -16.30 -14.52 -0.79
CA ALA A 111 -14.87 -14.32 -0.57
C ALA A 111 -14.60 -13.28 0.51
N GLU A 112 -13.33 -13.01 0.81
CA GLU A 112 -12.93 -12.03 1.81
C GLU A 112 -12.73 -10.66 1.13
N ARG A 113 -13.01 -9.60 1.88
CA ARG A 113 -12.89 -8.18 1.53
C ARG A 113 -11.42 -7.74 1.67
N MET A 114 -10.47 -8.67 1.45
CA MET A 114 -9.06 -8.39 1.62
C MET A 114 -8.55 -7.50 0.50
N VAL A 115 -7.49 -6.76 0.83
CA VAL A 115 -6.88 -5.79 -0.05
C VAL A 115 -5.40 -6.04 -0.31
N GLU A 116 -4.91 -5.68 -1.51
CA GLU A 116 -3.51 -5.81 -1.91
C GLU A 116 -2.97 -4.38 -2.08
N ILE A 117 -1.76 -4.14 -1.60
CA ILE A 117 -1.04 -2.88 -1.61
C ILE A 117 0.33 -3.12 -2.27
N GLN A 118 0.64 -2.47 -3.40
CA GLN A 118 1.89 -2.62 -4.14
C GLN A 118 2.77 -1.39 -3.96
N TYR A 119 3.82 -1.46 -3.14
CA TYR A 119 4.74 -0.33 -2.87
C TYR A 119 5.78 -0.17 -3.98
N VAL A 120 5.92 1.06 -4.50
CA VAL A 120 6.84 1.40 -5.58
C VAL A 120 7.57 2.74 -5.33
N CYS A 121 8.55 3.06 -6.19
CA CYS A 121 9.32 4.30 -6.13
C CYS A 121 8.48 5.41 -6.76
N GLY A 122 8.48 6.59 -6.12
CA GLY A 122 7.77 7.78 -6.56
C GLY A 122 8.78 8.76 -7.13
N GLY A 123 8.63 9.08 -8.42
CA GLY A 123 9.48 9.99 -9.19
C GLY A 123 9.85 11.24 -8.42
N SER A 124 8.87 11.89 -7.78
CA SER A 124 9.07 13.07 -6.97
C SER A 124 9.69 12.61 -5.65
N ASN A 125 11.00 12.39 -5.70
CA ASN A 125 11.92 11.95 -4.64
C ASN A 125 12.07 12.97 -3.50
N SER A 126 11.09 13.86 -3.34
CA SER A 126 10.96 14.93 -2.36
C SER A 126 9.49 15.02 -1.96
N GLY A 127 8.82 13.90 -1.65
CA GLY A 127 7.41 13.95 -1.27
C GLY A 127 6.98 12.87 -0.28
N PRO A 128 5.86 13.10 0.43
CA PRO A 128 5.33 12.17 1.42
C PRO A 128 4.70 10.95 0.74
N SER A 129 4.29 9.96 1.54
CA SER A 129 3.65 8.78 0.98
C SER A 129 2.22 9.17 0.60
N THR A 130 1.64 8.50 -0.38
CA THR A 130 0.29 8.70 -0.85
C THR A 130 -0.05 7.54 -1.77
N ILE A 131 -1.33 7.20 -1.88
CA ILE A 131 -1.78 6.12 -2.74
C ILE A 131 -1.80 6.71 -4.16
N GLN A 132 -1.29 5.98 -5.15
CA GLN A 132 -1.27 6.40 -6.54
C GLN A 132 -2.62 6.23 -7.21
N TRP A 133 -3.19 5.03 -7.09
CA TRP A 133 -4.47 4.65 -7.66
C TRP A 133 -5.11 3.61 -6.77
N VAL A 134 -6.39 3.38 -6.99
CA VAL A 134 -7.23 2.44 -6.27
C VAL A 134 -8.25 1.92 -7.27
N ARG A 135 -8.48 0.60 -7.29
CA ARG A 135 -9.48 -0.01 -8.16
C ARG A 135 -9.94 -1.34 -7.59
N GLU A 136 -11.24 -1.48 -7.40
CA GLU A 136 -11.87 -2.69 -6.90
C GLU A 136 -11.91 -3.61 -8.13
N THR A 137 -10.82 -4.36 -8.35
CA THR A 137 -10.62 -5.27 -9.46
C THR A 137 -11.76 -6.28 -9.60
N LYS A 138 -12.06 -6.97 -8.50
CA LYS A 138 -13.13 -7.97 -8.44
C LYS A 138 -14.27 -7.37 -7.65
N ILE A 139 -15.34 -8.12 -7.40
CA ILE A 139 -16.45 -7.54 -6.65
C ILE A 139 -16.05 -7.29 -5.19
N CYS A 140 -14.99 -7.94 -4.69
CA CYS A 140 -14.53 -7.71 -3.32
C CYS A 140 -13.03 -7.47 -3.23
N VAL A 141 -12.21 -8.20 -4.00
CA VAL A 141 -10.75 -8.03 -4.00
C VAL A 141 -10.50 -6.60 -4.52
N TYR A 142 -9.60 -5.87 -3.87
CA TYR A 142 -9.27 -4.49 -4.20
C TYR A 142 -7.75 -4.31 -4.23
N GLU A 143 -7.26 -3.54 -5.21
CA GLU A 143 -5.86 -3.26 -5.44
C GLU A 143 -5.56 -1.74 -5.37
N ALA A 144 -4.42 -1.41 -4.77
CA ALA A 144 -3.88 -0.07 -4.56
C ALA A 144 -2.36 -0.10 -4.71
N GLN A 145 -1.76 1.08 -4.92
CA GLN A 145 -0.33 1.27 -5.08
C GLN A 145 0.06 2.50 -4.28
N VAL A 146 1.25 2.54 -3.71
CA VAL A 146 1.77 3.65 -2.91
C VAL A 146 3.18 3.97 -3.40
N THR A 147 3.46 5.25 -3.59
CA THR A 147 4.75 5.74 -4.04
C THR A 147 5.55 6.32 -2.88
N ILE A 148 6.83 5.96 -2.80
CA ILE A 148 7.74 6.43 -1.77
C ILE A 148 9.04 6.92 -2.43
N PRO A 149 9.62 8.05 -1.98
CA PRO A 149 10.86 8.60 -2.53
C PRO A 149 12.07 7.74 -2.18
N GLU A 150 12.18 7.34 -0.90
CA GLU A 150 13.27 6.52 -0.37
C GLU A 150 13.36 5.17 -1.07
N LEU A 151 12.26 4.64 -1.61
CA LEU A 151 12.29 3.36 -2.29
C LEU A 151 13.21 3.42 -3.51
N CYS A 152 13.34 4.57 -4.19
CA CYS A 152 14.19 4.70 -5.37
C CYS A 152 15.67 4.52 -5.05
N ASN A 153 16.08 4.68 -3.78
CA ASN A 153 17.47 4.54 -3.33
C ASN A 153 17.98 3.13 -3.54
N LEU A 154 17.08 2.16 -3.48
CA LEU A 154 17.36 0.74 -3.66
C LEU A 154 17.38 0.54 -5.17
N GLU A 155 18.53 0.22 -5.74
CA GLU A 155 18.74 0.01 -7.18
C GLU A 155 17.70 -0.88 -7.87
N LEU A 156 17.14 -1.86 -7.15
CA LEU A 156 16.14 -2.76 -7.72
C LEU A 156 14.84 -1.99 -8.00
N LEU A 157 14.51 -1.03 -7.13
CA LEU A 157 13.34 -0.17 -7.16
C LEU A 157 13.67 1.22 -7.73
N ALA A 158 14.88 1.39 -8.27
CA ALA A 158 15.37 2.61 -8.88
C ALA A 158 14.78 2.58 -10.28
N LYS A 159 13.47 2.75 -10.30
CA LYS A 159 12.63 2.74 -11.48
C LYS A 159 11.53 3.74 -11.25
N ASN A 160 11.22 4.52 -12.30
CA ASN A 160 10.19 5.55 -12.33
C ASN A 160 10.57 6.78 -11.50
N GLU A 161 11.86 7.03 -11.42
CA GLU A 161 12.52 8.14 -10.73
C GLU A 161 12.32 9.43 -11.56
N ASP A 162 11.14 9.59 -12.16
CA ASP A 162 10.74 10.69 -13.02
C ASP A 162 10.02 11.75 -12.21
N GLY A 1 17.11 -19.88 -4.21
CA GLY A 1 18.34 -19.34 -4.84
C GLY A 1 19.48 -20.28 -4.52
N ALA A 2 20.15 -20.80 -5.55
CA ALA A 2 21.27 -21.73 -5.41
C ALA A 2 22.46 -21.37 -6.30
N SER A 3 22.57 -20.12 -6.77
CA SER A 3 23.69 -19.72 -7.63
C SER A 3 23.96 -18.22 -7.58
N ASN A 4 22.98 -17.38 -7.95
CA ASN A 4 23.11 -15.92 -7.98
C ASN A 4 23.04 -15.34 -6.56
N SER A 5 23.96 -15.75 -5.67
CA SER A 5 24.06 -15.34 -4.28
C SER A 5 23.95 -13.82 -4.11
N GLU A 6 24.84 -13.04 -4.74
CA GLU A 6 24.83 -11.58 -4.62
C GLU A 6 23.45 -10.99 -4.93
N LYS A 7 22.89 -11.34 -6.09
CA LYS A 7 21.59 -10.84 -6.52
C LYS A 7 20.51 -11.22 -5.50
N THR A 8 20.57 -12.43 -4.96
CA THR A 8 19.61 -12.91 -3.96
C THR A 8 19.78 -12.08 -2.67
N ALA A 9 21.01 -11.81 -2.22
CA ALA A 9 21.26 -11.01 -1.04
C ALA A 9 20.68 -9.62 -1.26
N LEU A 10 20.94 -9.05 -2.44
CA LEU A 10 20.43 -7.73 -2.82
C LEU A 10 18.90 -7.75 -2.74
N LEU A 11 18.25 -8.80 -3.24
CA LEU A 11 16.78 -8.91 -3.21
C LEU A 11 16.30 -8.91 -1.77
N THR A 12 16.85 -9.81 -0.96
CA THR A 12 16.52 -9.94 0.46
C THR A 12 16.71 -8.61 1.21
N LYS A 13 17.85 -7.94 1.02
CA LYS A 13 18.14 -6.67 1.65
C LYS A 13 17.16 -5.61 1.19
N THR A 14 16.91 -5.53 -0.11
CA THR A 14 15.99 -4.59 -0.72
C THR A 14 14.62 -4.70 -0.06
N LEU A 15 14.10 -5.92 0.15
CA LEU A 15 12.79 -6.09 0.77
C LEU A 15 12.78 -5.46 2.16
N ASN A 16 13.73 -5.83 3.03
CA ASN A 16 13.78 -5.29 4.39
C ASN A 16 13.89 -3.77 4.38
N GLN A 17 14.78 -3.24 3.55
CA GLN A 17 15.01 -1.81 3.41
C GLN A 17 13.69 -1.12 3.06
N GLY A 18 12.96 -1.68 2.10
CA GLY A 18 11.69 -1.14 1.68
C GLY A 18 10.68 -1.20 2.82
N VAL A 19 10.56 -2.33 3.50
CA VAL A 19 9.63 -2.54 4.61
C VAL A 19 9.89 -1.52 5.73
N LYS A 20 11.13 -1.39 6.24
CA LYS A 20 11.39 -0.42 7.29
C LYS A 20 11.11 1.00 6.78
N THR A 21 11.35 1.26 5.50
CA THR A 21 11.11 2.58 4.95
C THR A 21 9.62 2.88 4.97
N ILE A 22 8.79 1.92 4.52
CA ILE A 22 7.36 2.06 4.48
C ILE A 22 6.85 2.30 5.90
N PHE A 23 7.23 1.46 6.86
CA PHE A 23 6.75 1.65 8.23
C PHE A 23 7.21 3.00 8.77
N ASP A 24 8.41 3.48 8.42
CA ASP A 24 8.88 4.78 8.90
C ASP A 24 7.99 5.91 8.37
N LYS A 25 7.72 5.90 7.06
CA LYS A 25 6.92 6.91 6.40
C LYS A 25 5.42 6.83 6.67
N LEU A 26 4.85 5.67 6.97
CA LEU A 26 3.41 5.53 7.21
C LEU A 26 3.12 5.83 8.66
N ASN A 27 4.11 5.58 9.52
CA ASN A 27 4.00 5.82 10.95
C ASN A 27 3.77 7.31 11.24
N GLU A 28 4.06 8.20 10.29
CA GLU A 28 3.88 9.63 10.45
C GLU A 28 2.38 10.00 10.40
N ARG A 29 1.62 9.48 9.44
CA ARG A 29 0.19 9.72 9.26
C ARG A 29 -0.35 8.68 8.28
N CYS A 30 -1.66 8.41 8.37
CA CYS A 30 -2.29 7.46 7.48
C CYS A 30 -2.45 8.18 6.14
N ILE A 31 -2.68 7.43 5.06
CA ILE A 31 -2.84 7.98 3.72
C ILE A 31 -4.24 7.66 3.23
N PHE A 32 -4.73 8.45 2.28
CA PHE A 32 -6.07 8.28 1.76
C PHE A 32 -6.15 8.71 0.29
N TYR A 33 -7.22 8.29 -0.38
CA TYR A 33 -7.49 8.57 -1.79
C TYR A 33 -9.00 8.54 -2.03
N GLN A 34 -9.55 9.60 -2.63
CA GLN A 34 -10.96 9.70 -2.95
C GLN A 34 -11.19 9.10 -4.33
N ALA A 35 -11.75 7.89 -4.38
CA ALA A 35 -12.06 7.19 -5.60
C ALA A 35 -13.51 7.55 -5.98
N GLY A 36 -13.75 8.82 -6.33
CA GLY A 36 -15.08 9.26 -6.71
C GLY A 36 -15.97 9.37 -5.48
N PHE A 37 -17.01 8.54 -5.40
CA PHE A 37 -17.95 8.54 -4.28
C PHE A 37 -17.36 7.94 -3.01
N TRP A 38 -16.50 6.91 -3.10
CA TRP A 38 -15.92 6.27 -1.93
C TRP A 38 -14.47 6.66 -1.75
N ILE A 39 -14.11 6.91 -0.50
CA ILE A 39 -12.77 7.26 -0.09
C ILE A 39 -12.22 5.99 0.51
N TYR A 40 -10.91 5.86 0.38
CA TYR A 40 -10.11 4.76 0.88
C TYR A 40 -9.07 5.38 1.79
N GLU A 41 -8.87 4.80 2.97
CA GLU A 41 -7.94 5.24 3.98
C GLU A 41 -7.15 4.02 4.43
N TYR A 42 -5.83 4.20 4.50
CA TYR A 42 -4.88 3.18 4.94
C TYR A 42 -4.00 3.70 6.06
N CYS A 43 -4.08 3.07 7.24
CA CYS A 43 -3.30 3.44 8.41
C CYS A 43 -2.11 2.50 8.67
N PRO A 44 -1.05 2.97 9.37
CA PRO A 44 0.18 2.23 9.66
C PRO A 44 0.03 1.01 10.58
N GLY A 45 -0.19 -0.17 10.00
CA GLY A 45 -0.33 -1.40 10.76
C GLY A 45 -1.55 -1.32 11.67
N ILE A 46 -2.62 -0.68 11.21
CA ILE A 46 -3.84 -0.57 11.99
C ILE A 46 -4.90 -1.32 11.21
N GLU A 47 -5.27 -0.81 10.04
CA GLU A 47 -6.27 -1.37 9.15
C GLU A 47 -6.45 -0.45 7.95
N PHE A 48 -7.12 -1.01 6.96
CA PHE A 48 -7.47 -0.34 5.71
C PHE A 48 -9.00 -0.32 5.69
N VAL A 49 -9.61 0.83 5.46
CA VAL A 49 -11.06 1.00 5.44
C VAL A 49 -11.48 1.91 4.29
N GLN A 50 -12.73 1.76 3.84
CA GLN A 50 -13.31 2.57 2.78
C GLN A 50 -14.53 3.23 3.42
N PHE A 51 -14.71 4.54 3.27
CA PHE A 51 -15.81 5.30 3.83
C PHE A 51 -16.24 6.44 2.92
N HIS A 52 -17.47 6.92 3.05
CA HIS A 52 -17.96 8.03 2.23
C HIS A 52 -17.60 9.31 2.98
N GLY A 53 -17.44 10.44 2.28
CA GLY A 53 -17.08 11.71 2.87
C GLY A 53 -16.62 12.70 1.81
N ARG A 54 -15.96 13.76 2.25
CA ARG A 54 -15.42 14.84 1.42
C ARG A 54 -13.97 15.01 1.84
N VAL A 55 -13.06 15.28 0.91
CA VAL A 55 -11.64 15.43 1.20
C VAL A 55 -10.98 16.34 0.16
N ASN A 56 -9.83 16.92 0.51
CA ASN A 56 -9.05 17.81 -0.35
C ASN A 56 -7.86 17.05 -0.93
N THR A 57 -7.81 16.79 -2.24
CA THR A 57 -6.71 16.06 -2.88
C THR A 57 -5.33 16.71 -2.66
N LYS A 58 -5.27 17.99 -2.29
CA LYS A 58 -4.02 18.73 -2.04
C LYS A 58 -3.17 18.11 -0.93
N THR A 59 -3.79 17.56 0.10
CA THR A 59 -3.10 16.96 1.24
C THR A 59 -3.83 15.72 1.77
N GLY A 60 -5.12 15.58 1.47
CA GLY A 60 -5.91 14.44 1.90
C GLY A 60 -6.70 14.76 3.16
N GLU A 61 -6.87 16.04 3.49
CA GLU A 61 -7.61 16.41 4.68
C GLU A 61 -9.08 16.11 4.44
N ILE A 62 -9.58 15.15 5.21
CA ILE A 62 -10.94 14.64 5.20
C ILE A 62 -11.78 15.60 6.03
N VAL A 63 -12.78 16.17 5.38
CA VAL A 63 -13.72 17.14 5.93
C VAL A 63 -14.77 16.41 6.75
N ASN A 64 -15.81 15.84 6.13
CA ASN A 64 -16.85 15.10 6.85
C ASN A 64 -16.31 13.72 7.20
N ARG A 65 -16.33 13.37 8.48
CA ARG A 65 -15.88 12.11 9.02
C ARG A 65 -17.15 11.55 9.62
N ASP A 66 -17.80 10.63 8.94
CA ASP A 66 -19.05 10.01 9.33
C ASP A 66 -18.87 8.51 9.48
N GLU A 67 -18.98 8.00 10.71
CA GLU A 67 -18.83 6.58 11.05
C GLU A 67 -20.02 5.71 10.61
N SER A 68 -20.95 6.22 9.79
CA SER A 68 -22.12 5.47 9.35
C SER A 68 -21.83 4.71 8.05
N LEU A 69 -21.15 5.31 7.08
CA LEU A 69 -20.84 4.68 5.80
C LEU A 69 -19.38 4.31 5.75
N VAL A 70 -19.02 3.18 6.36
CA VAL A 70 -17.65 2.67 6.40
C VAL A 70 -17.66 1.14 6.29
N TYR A 71 -16.58 0.56 5.76
CA TYR A 71 -16.39 -0.89 5.57
C TYR A 71 -14.92 -1.21 5.86
N ARG A 72 -14.63 -2.38 6.44
CA ARG A 72 -13.28 -2.83 6.78
C ARG A 72 -12.76 -3.70 5.65
N LEU A 73 -11.51 -3.48 5.24
CA LEU A 73 -10.88 -4.22 4.15
C LEU A 73 -9.94 -5.28 4.69
N GLY A 74 -8.83 -4.84 5.26
CA GLY A 74 -7.82 -5.71 5.82
C GLY A 74 -7.50 -5.31 7.26
N LYS A 75 -6.81 -6.21 7.95
CA LYS A 75 -6.36 -6.05 9.32
C LYS A 75 -4.90 -6.46 9.42
N PRO A 76 -3.97 -5.52 9.22
CA PRO A 76 -2.54 -5.76 9.33
C PRO A 76 -2.20 -5.85 10.82
N LYS A 77 -0.93 -6.15 11.11
CA LYS A 77 -0.47 -6.24 12.49
C LYS A 77 0.13 -4.94 12.97
N ALA A 78 0.09 -4.80 14.28
CA ALA A 78 0.59 -3.65 15.04
C ALA A 78 2.12 -3.57 15.08
N ASN A 79 2.79 -4.69 14.85
CA ASN A 79 4.24 -4.82 14.87
C ASN A 79 4.74 -5.34 13.52
N VAL A 80 5.83 -4.76 13.01
CA VAL A 80 6.41 -5.17 11.74
C VAL A 80 6.88 -6.64 11.81
N GLU A 81 7.22 -7.10 13.01
CA GLU A 81 7.70 -8.44 13.35
C GLU A 81 6.63 -9.51 13.24
N GLU A 82 5.38 -9.11 13.00
CA GLU A 82 4.23 -10.01 12.88
C GLU A 82 3.65 -10.07 11.46
N ARG A 83 3.94 -9.06 10.63
CA ARG A 83 3.48 -8.99 9.24
C ARG A 83 4.54 -9.64 8.34
N GLU A 84 4.21 -9.95 7.09
CA GLU A 84 5.13 -10.59 6.15
C GLU A 84 4.85 -10.07 4.73
N PHE A 85 5.77 -9.30 4.12
CA PHE A 85 5.63 -8.74 2.76
C PHE A 85 6.44 -9.57 1.74
N GLU A 86 6.26 -9.32 0.44
CA GLU A 86 6.95 -10.01 -0.65
C GLU A 86 7.52 -9.00 -1.66
N LEU A 87 8.82 -9.07 -1.97
CA LEU A 87 9.47 -8.20 -2.95
C LEU A 87 9.27 -8.86 -4.30
N LEU A 88 8.36 -8.34 -5.11
CA LEU A 88 8.01 -8.85 -6.42
C LEU A 88 8.54 -7.94 -7.53
N TYR A 89 8.34 -8.34 -8.77
CA TYR A 89 8.76 -7.54 -9.91
C TYR A 89 8.05 -7.99 -11.16
N ASP A 90 8.16 -7.16 -12.18
CA ASP A 90 7.61 -7.33 -13.50
C ASP A 90 8.65 -6.82 -14.48
N ASP A 91 8.31 -6.97 -15.74
CA ASP A 91 9.10 -6.53 -16.87
C ASP A 91 9.30 -5.01 -16.75
N VAL A 92 8.31 -4.32 -16.17
CA VAL A 92 8.30 -2.89 -15.92
C VAL A 92 9.39 -2.60 -14.89
N GLY A 93 9.27 -3.15 -13.67
CA GLY A 93 10.22 -2.98 -12.60
C GLY A 93 9.82 -3.71 -11.32
N TYR A 94 10.56 -3.46 -10.24
CA TYR A 94 10.35 -4.07 -8.93
C TYR A 94 9.41 -3.24 -8.07
N TYR A 95 8.75 -3.90 -7.11
CA TYR A 95 7.81 -3.34 -6.16
C TYR A 95 7.58 -4.34 -5.02
N ILE A 96 7.06 -3.92 -3.87
CA ILE A 96 6.77 -4.83 -2.76
C ILE A 96 5.26 -4.96 -2.76
N SER A 97 4.76 -6.16 -2.48
CA SER A 97 3.35 -6.43 -2.43
C SER A 97 3.03 -6.99 -1.06
N GLU A 98 1.98 -6.44 -0.48
CA GLU A 98 1.45 -6.84 0.81
C GLU A 98 -0.05 -6.97 0.64
N ILE A 99 -0.61 -8.16 0.88
CA ILE A 99 -2.02 -8.42 0.77
C ILE A 99 -2.50 -8.53 2.21
N ILE A 100 -3.54 -7.76 2.53
CA ILE A 100 -4.11 -7.69 3.86
C ILE A 100 -5.57 -8.10 3.83
N GLY A 101 -5.84 -9.29 4.36
CA GLY A 101 -7.17 -9.84 4.49
C GLY A 101 -7.62 -9.61 5.92
N SER A 102 -8.56 -10.43 6.38
CA SER A 102 -9.09 -10.34 7.74
C SER A 102 -9.96 -9.07 7.90
N GLY A 103 -10.90 -8.91 6.98
CA GLY A 103 -11.86 -7.84 6.92
C GLY A 103 -13.24 -8.45 7.11
N ASP A 104 -14.10 -8.29 6.11
CA ASP A 104 -15.47 -8.78 6.11
C ASP A 104 -15.71 -9.56 4.81
N ILE A 105 -16.45 -10.65 4.88
CA ILE A 105 -16.78 -11.46 3.72
C ILE A 105 -17.93 -10.79 2.97
N CYS A 106 -17.80 -10.58 1.66
CA CYS A 106 -18.88 -10.00 0.87
C CYS A 106 -19.65 -11.24 0.43
N ASP A 107 -20.79 -11.54 1.03
CA ASP A 107 -21.60 -12.73 0.71
C ASP A 107 -21.98 -12.87 -0.75
N VAL A 108 -21.86 -11.80 -1.53
CA VAL A 108 -22.15 -11.79 -2.96
C VAL A 108 -21.27 -12.81 -3.68
N THR A 109 -19.99 -12.96 -3.33
CA THR A 109 -19.09 -13.94 -3.97
C THR A 109 -18.45 -14.87 -2.94
N GLY A 110 -18.47 -14.48 -1.66
CA GLY A 110 -17.92 -15.27 -0.56
C GLY A 110 -16.42 -15.05 -0.35
N ALA A 111 -15.84 -14.11 -1.07
CA ALA A 111 -14.44 -13.73 -0.99
C ALA A 111 -14.30 -12.71 0.14
N GLU A 112 -13.07 -12.55 0.63
CA GLU A 112 -12.76 -11.61 1.68
C GLU A 112 -12.48 -10.24 1.07
N ARG A 113 -12.74 -9.19 1.84
CA ARG A 113 -12.55 -7.77 1.51
C ARG A 113 -11.06 -7.43 1.58
N MET A 114 -10.17 -8.37 1.30
CA MET A 114 -8.75 -8.18 1.43
C MET A 114 -8.25 -7.25 0.32
N VAL A 115 -7.21 -6.50 0.65
CA VAL A 115 -6.62 -5.51 -0.23
C VAL A 115 -5.13 -5.77 -0.48
N GLU A 116 -4.65 -5.50 -1.69
CA GLU A 116 -3.25 -5.65 -2.07
C GLU A 116 -2.70 -4.24 -2.20
N ILE A 117 -1.55 -3.97 -1.57
CA ILE A 117 -0.89 -2.68 -1.58
C ILE A 117 0.48 -2.85 -2.22
N GLN A 118 0.67 -2.26 -3.40
CA GLN A 118 1.95 -2.33 -4.11
C GLN A 118 2.76 -1.08 -3.77
N TYR A 119 3.91 -1.24 -3.13
CA TYR A 119 4.80 -0.13 -2.76
C TYR A 119 5.87 0.06 -3.84
N VAL A 120 5.85 1.23 -4.50
CA VAL A 120 6.80 1.62 -5.55
C VAL A 120 7.47 2.97 -5.26
N CYS A 121 8.46 3.33 -6.07
CA CYS A 121 9.20 4.59 -6.00
C CYS A 121 8.42 5.62 -6.81
N GLY A 122 8.24 6.85 -6.30
CA GLY A 122 7.51 7.88 -7.03
C GLY A 122 8.44 8.73 -7.90
N GLY A 123 7.89 9.31 -8.96
CA GLY A 123 8.63 10.16 -9.89
C GLY A 123 9.16 11.39 -9.18
N SER A 124 8.26 12.21 -8.62
CA SER A 124 8.61 13.41 -7.88
C SER A 124 9.07 12.98 -6.48
N ASN A 125 10.28 12.41 -6.40
CA ASN A 125 10.96 11.90 -5.21
C ASN A 125 11.39 13.03 -4.25
N SER A 126 10.44 13.85 -3.80
CA SER A 126 10.63 14.97 -2.90
C SER A 126 9.32 15.33 -2.17
N GLY A 127 8.58 14.36 -1.61
CA GLY A 127 7.32 14.67 -0.91
C GLY A 127 6.85 13.50 -0.05
N PRO A 128 5.77 13.67 0.74
CA PRO A 128 5.25 12.60 1.58
C PRO A 128 4.57 11.52 0.73
N SER A 129 4.40 10.35 1.32
CA SER A 129 3.80 9.17 0.72
C SER A 129 2.28 9.32 0.59
N THR A 130 1.67 8.68 -0.39
CA THR A 130 0.23 8.70 -0.65
C THR A 130 -0.10 7.56 -1.61
N ILE A 131 -1.39 7.23 -1.72
CA ILE A 131 -1.89 6.20 -2.61
C ILE A 131 -1.93 6.88 -3.99
N GLN A 132 -1.33 6.23 -4.99
CA GLN A 132 -1.27 6.67 -6.37
C GLN A 132 -2.64 6.51 -7.02
N TRP A 133 -3.12 5.27 -7.06
CA TRP A 133 -4.38 4.89 -7.65
C TRP A 133 -5.06 3.85 -6.79
N VAL A 134 -6.34 3.63 -7.07
CA VAL A 134 -7.21 2.69 -6.39
C VAL A 134 -8.16 2.13 -7.42
N ARG A 135 -8.35 0.80 -7.44
CA ARG A 135 -9.26 0.16 -8.36
C ARG A 135 -9.84 -1.09 -7.71
N GLU A 136 -11.16 -1.17 -7.72
CA GLU A 136 -11.91 -2.28 -7.16
C GLU A 136 -11.84 -3.38 -8.23
N THR A 137 -10.79 -4.19 -8.16
CA THR A 137 -10.52 -5.26 -9.10
C THR A 137 -11.66 -6.26 -9.18
N LYS A 138 -12.09 -6.81 -8.05
CA LYS A 138 -13.19 -7.77 -8.01
C LYS A 138 -14.28 -7.16 -7.12
N ILE A 139 -15.37 -7.91 -6.95
CA ILE A 139 -16.51 -7.51 -6.15
C ILE A 139 -16.10 -7.30 -4.68
N CYS A 140 -15.05 -7.98 -4.20
CA CYS A 140 -14.57 -7.86 -2.83
C CYS A 140 -13.05 -7.65 -2.77
N VAL A 141 -12.29 -8.18 -3.73
CA VAL A 141 -10.84 -8.04 -3.81
C VAL A 141 -10.57 -6.62 -4.33
N TYR A 142 -9.62 -5.91 -3.71
CA TYR A 142 -9.23 -4.55 -4.03
C TYR A 142 -7.70 -4.51 -4.21
N GLU A 143 -7.20 -3.62 -5.09
CA GLU A 143 -5.80 -3.41 -5.41
C GLU A 143 -5.55 -1.91 -5.36
N ALA A 144 -4.43 -1.50 -4.75
CA ALA A 144 -3.99 -0.12 -4.60
C ALA A 144 -2.46 -0.03 -4.70
N GLN A 145 -1.93 1.17 -4.95
CA GLN A 145 -0.48 1.40 -5.07
C GLN A 145 -0.09 2.65 -4.28
N VAL A 146 1.10 2.66 -3.68
CA VAL A 146 1.64 3.76 -2.89
C VAL A 146 3.00 4.15 -3.48
N THR A 147 3.35 5.43 -3.43
CA THR A 147 4.63 5.95 -3.92
C THR A 147 5.40 6.51 -2.73
N ILE A 148 6.68 6.15 -2.62
CA ILE A 148 7.57 6.61 -1.55
C ILE A 148 8.91 7.04 -2.16
N PRO A 149 9.50 8.18 -1.75
CA PRO A 149 10.77 8.65 -2.29
C PRO A 149 11.96 7.80 -1.83
N GLU A 150 12.00 7.42 -0.55
CA GLU A 150 13.07 6.61 0.01
C GLU A 150 13.19 5.25 -0.69
N LEU A 151 12.11 4.72 -1.28
CA LEU A 151 12.21 3.43 -1.96
C LEU A 151 13.08 3.54 -3.20
N CYS A 152 13.16 4.71 -3.85
CA CYS A 152 13.95 4.94 -5.04
C CYS A 152 15.45 4.76 -4.83
N ASN A 153 15.91 4.74 -3.58
CA ASN A 153 17.33 4.60 -3.25
C ASN A 153 17.91 3.23 -3.57
N LEU A 154 17.05 2.23 -3.62
CA LEU A 154 17.36 0.84 -3.89
C LEU A 154 17.41 0.66 -5.41
N GLU A 155 18.53 0.21 -5.97
CA GLU A 155 18.71 0.01 -7.41
C GLU A 155 17.61 -0.81 -8.08
N LEU A 156 17.07 -1.83 -7.41
CA LEU A 156 16.00 -2.64 -7.97
C LEU A 156 14.76 -1.77 -8.23
N LEU A 157 14.51 -0.83 -7.32
CA LEU A 157 13.40 0.12 -7.30
C LEU A 157 13.73 1.44 -7.98
N ALA A 158 14.93 1.56 -8.55
CA ALA A 158 15.37 2.74 -9.28
C ALA A 158 14.75 2.64 -10.69
N LYS A 159 13.52 2.14 -10.77
CA LYS A 159 12.70 1.90 -11.92
C LYS A 159 11.24 2.13 -11.54
N ASN A 160 10.51 2.82 -12.41
CA ASN A 160 9.08 3.18 -12.34
C ASN A 160 8.74 3.85 -13.68
N GLU A 161 7.47 3.90 -14.06
CA GLU A 161 7.02 4.51 -15.30
C GLU A 161 5.53 4.89 -15.15
N ASP A 162 5.20 5.54 -14.03
CA ASP A 162 3.84 6.00 -13.76
C ASP A 162 3.55 7.10 -14.76
N GLY A 1 31.60 -13.95 -9.71
CA GLY A 1 31.70 -15.42 -9.92
C GLY A 1 30.28 -15.93 -10.11
N ALA A 2 29.88 -17.04 -9.47
CA ALA A 2 28.50 -17.53 -9.60
C ALA A 2 27.56 -16.44 -9.05
N SER A 3 28.07 -15.70 -8.05
CA SER A 3 27.50 -14.56 -7.36
C SER A 3 26.03 -14.64 -6.94
N ASN A 4 25.40 -15.82 -6.87
CA ASN A 4 24.01 -15.92 -6.44
C ASN A 4 23.84 -15.30 -5.06
N SER A 5 24.83 -15.43 -4.15
CA SER A 5 24.78 -14.84 -2.82
C SER A 5 24.74 -13.32 -2.92
N GLU A 6 25.59 -12.73 -3.75
CA GLU A 6 25.68 -11.28 -3.95
C GLU A 6 24.39 -10.74 -4.58
N LYS A 7 23.77 -11.52 -5.47
CA LYS A 7 22.53 -11.17 -6.15
C LYS A 7 21.40 -11.17 -5.12
N THR A 8 21.23 -12.30 -4.42
CA THR A 8 20.21 -12.49 -3.41
C THR A 8 20.38 -11.50 -2.26
N ALA A 9 21.61 -11.13 -1.88
CA ALA A 9 21.86 -10.17 -0.82
C ALA A 9 21.16 -8.85 -1.14
N LEU A 10 21.25 -8.38 -2.39
CA LEU A 10 20.60 -7.14 -2.78
C LEU A 10 19.09 -7.29 -2.63
N LEU A 11 18.51 -8.41 -3.07
CA LEU A 11 17.06 -8.68 -2.96
C LEU A 11 16.63 -8.70 -1.50
N THR A 12 17.36 -9.42 -0.65
CA THR A 12 17.10 -9.54 0.78
C THR A 12 17.09 -8.14 1.41
N LYS A 13 18.19 -7.39 1.23
CA LYS A 13 18.32 -6.06 1.77
C LYS A 13 17.21 -5.16 1.23
N THR A 14 16.97 -5.16 -0.08
CA THR A 14 15.94 -4.36 -0.73
C THR A 14 14.58 -4.58 -0.06
N LEU A 15 14.13 -5.82 0.06
CA LEU A 15 12.84 -6.14 0.68
C LEU A 15 12.78 -5.58 2.10
N ASN A 16 13.75 -5.91 2.95
CA ASN A 16 13.78 -5.46 4.33
C ASN A 16 13.79 -3.95 4.46
N GLN A 17 14.64 -3.28 3.69
CA GLN A 17 14.79 -1.83 3.64
C GLN A 17 13.44 -1.24 3.25
N GLY A 18 12.79 -1.85 2.27
CA GLY A 18 11.49 -1.43 1.79
C GLY A 18 10.49 -1.46 2.93
N VAL A 19 10.40 -2.57 3.67
CA VAL A 19 9.46 -2.70 4.79
C VAL A 19 9.69 -1.60 5.82
N LYS A 20 10.93 -1.41 6.32
CA LYS A 20 11.18 -0.37 7.32
C LYS A 20 10.92 1.01 6.73
N THR A 21 11.17 1.19 5.44
CA THR A 21 10.94 2.46 4.79
C THR A 21 9.43 2.75 4.80
N ILE A 22 8.60 1.76 4.44
CA ILE A 22 7.16 1.90 4.39
C ILE A 22 6.66 2.25 5.79
N PHE A 23 7.06 1.48 6.80
CA PHE A 23 6.62 1.73 8.15
C PHE A 23 6.97 3.16 8.55
N ASP A 24 8.13 3.68 8.15
CA ASP A 24 8.50 5.04 8.50
C ASP A 24 7.61 6.05 7.81
N LYS A 25 7.52 5.94 6.49
CA LYS A 25 6.74 6.79 5.60
C LYS A 25 5.25 6.88 5.95
N LEU A 26 4.72 5.94 6.73
CA LEU A 26 3.32 5.93 7.10
C LEU A 26 3.17 6.25 8.58
N ASN A 27 4.17 5.92 9.40
CA ASN A 27 4.13 6.20 10.83
C ASN A 27 3.97 7.69 11.10
N GLU A 28 4.49 8.53 10.22
CA GLU A 28 4.41 9.98 10.35
C GLU A 28 2.95 10.45 10.25
N ARG A 29 2.21 9.94 9.26
CA ARG A 29 0.82 10.28 8.99
C ARG A 29 0.19 9.23 8.08
N CYS A 30 -1.13 9.05 8.17
CA CYS A 30 -1.86 8.10 7.34
C CYS A 30 -1.99 8.69 5.93
N ILE A 31 -2.38 7.86 4.97
CA ILE A 31 -2.56 8.26 3.56
C ILE A 31 -3.98 7.88 3.12
N PHE A 32 -4.51 8.60 2.14
CA PHE A 32 -5.87 8.37 1.64
C PHE A 32 -5.99 8.65 0.14
N TYR A 33 -7.10 8.24 -0.49
CA TYR A 33 -7.36 8.47 -1.91
C TYR A 33 -8.87 8.49 -2.16
N GLN A 34 -9.38 9.60 -2.69
CA GLN A 34 -10.79 9.77 -3.00
C GLN A 34 -11.11 9.10 -4.34
N ALA A 35 -11.73 7.92 -4.30
CA ALA A 35 -12.15 7.14 -5.46
C ALA A 35 -13.63 7.50 -5.72
N GLY A 36 -13.86 8.72 -6.18
CA GLY A 36 -15.18 9.24 -6.47
C GLY A 36 -15.94 9.42 -5.15
N PHE A 37 -17.08 8.75 -5.03
CA PHE A 37 -17.92 8.81 -3.84
C PHE A 37 -17.29 8.15 -2.61
N TRP A 38 -16.43 7.15 -2.78
CA TRP A 38 -15.83 6.46 -1.64
C TRP A 38 -14.38 6.85 -1.51
N ILE A 39 -13.95 7.09 -0.28
CA ILE A 39 -12.59 7.47 0.02
C ILE A 39 -11.97 6.32 0.78
N TYR A 40 -10.77 5.96 0.37
CA TYR A 40 -9.98 4.90 0.92
C TYR A 40 -8.95 5.51 1.84
N GLU A 41 -8.85 5.02 3.07
CA GLU A 41 -7.91 5.49 4.08
C GLU A 41 -7.07 4.31 4.55
N TYR A 42 -5.76 4.53 4.60
CA TYR A 42 -4.78 3.56 5.04
C TYR A 42 -3.86 4.17 6.08
N CYS A 43 -3.96 3.67 7.32
CA CYS A 43 -3.13 4.12 8.44
C CYS A 43 -1.93 3.20 8.66
N PRO A 44 -0.86 3.63 9.34
CA PRO A 44 0.34 2.81 9.59
C PRO A 44 0.05 1.54 10.41
N GLY A 45 -0.26 0.43 9.74
CA GLY A 45 -0.53 -0.85 10.39
C GLY A 45 -1.66 -0.77 11.41
N ILE A 46 -2.76 -0.09 11.07
CA ILE A 46 -3.88 0.05 11.99
C ILE A 46 -5.01 -0.73 11.32
N GLU A 47 -5.50 -0.25 10.18
CA GLU A 47 -6.54 -0.86 9.39
C GLU A 47 -6.67 -0.14 8.06
N PHE A 48 -7.41 -0.76 7.15
CA PHE A 48 -7.67 -0.24 5.82
C PHE A 48 -9.20 -0.18 5.74
N VAL A 49 -9.76 1.00 5.48
CA VAL A 49 -11.21 1.21 5.39
C VAL A 49 -11.63 2.11 4.23
N GLN A 50 -12.88 1.97 3.79
CA GLN A 50 -13.51 2.76 2.75
C GLN A 50 -14.75 3.37 3.41
N PHE A 51 -14.89 4.70 3.33
CA PHE A 51 -15.99 5.47 3.90
C PHE A 51 -16.29 6.68 3.03
N HIS A 52 -17.49 7.25 3.12
CA HIS A 52 -17.83 8.44 2.33
C HIS A 52 -17.42 9.63 3.19
N GLY A 53 -17.10 10.75 2.55
CA GLY A 53 -16.67 11.94 3.24
C GLY A 53 -16.24 12.96 2.21
N ARG A 54 -15.51 13.98 2.65
CA ARG A 54 -15.01 15.04 1.79
C ARG A 54 -13.56 15.21 2.17
N VAL A 55 -12.69 15.37 1.18
CA VAL A 55 -11.26 15.54 1.39
C VAL A 55 -10.73 16.53 0.36
N ASN A 56 -9.71 17.29 0.76
CA ASN A 56 -9.04 18.29 -0.04
C ASN A 56 -7.88 17.61 -0.74
N THR A 57 -8.05 17.21 -2.01
CA THR A 57 -7.01 16.54 -2.80
C THR A 57 -5.67 17.32 -2.79
N LYS A 58 -5.68 18.63 -2.55
CA LYS A 58 -4.49 19.46 -2.51
C LYS A 58 -3.40 18.91 -1.58
N THR A 59 -3.80 18.27 -0.48
CA THR A 59 -2.88 17.69 0.48
C THR A 59 -3.42 16.40 1.13
N GLY A 60 -4.69 16.05 0.93
CA GLY A 60 -5.31 14.85 1.48
C GLY A 60 -6.03 15.10 2.79
N GLU A 61 -6.19 16.37 3.19
CA GLU A 61 -6.86 16.71 4.43
C GLU A 61 -8.35 16.39 4.36
N ILE A 62 -8.81 15.54 5.28
CA ILE A 62 -10.20 15.11 5.40
C ILE A 62 -10.96 16.27 6.02
N VAL A 63 -12.02 16.70 5.36
CA VAL A 63 -12.89 17.77 5.80
C VAL A 63 -13.98 17.14 6.67
N ASN A 64 -14.72 16.16 6.14
CA ASN A 64 -15.79 15.48 6.87
C ASN A 64 -15.67 13.97 6.70
N ARG A 65 -16.17 13.24 7.70
CA ARG A 65 -16.18 11.78 7.81
C ARG A 65 -17.46 11.36 8.56
N ASP A 66 -17.74 10.08 8.67
CA ASP A 66 -18.90 9.54 9.39
C ASP A 66 -18.64 8.06 9.65
N GLU A 67 -19.03 7.56 10.82
CA GLU A 67 -18.81 6.18 11.24
C GLU A 67 -19.99 5.23 10.96
N SER A 68 -21.13 5.72 10.49
CA SER A 68 -22.29 4.87 10.17
C SER A 68 -22.16 4.25 8.77
N LEU A 69 -21.22 4.71 7.95
CA LEU A 69 -20.99 4.24 6.59
C LEU A 69 -19.49 3.97 6.39
N VAL A 70 -19.00 2.90 6.99
CA VAL A 70 -17.59 2.49 6.92
C VAL A 70 -17.54 0.98 6.71
N TYR A 71 -16.62 0.49 5.87
CA TYR A 71 -16.44 -0.92 5.59
C TYR A 71 -14.97 -1.26 5.86
N ARG A 72 -14.75 -2.39 6.55
CA ARG A 72 -13.45 -2.91 6.96
C ARG A 72 -12.90 -3.75 5.83
N LEU A 73 -11.73 -3.36 5.34
CA LEU A 73 -11.05 -4.03 4.25
C LEU A 73 -10.09 -5.01 4.88
N GLY A 74 -8.85 -4.61 5.17
CA GLY A 74 -7.87 -5.47 5.79
C GLY A 74 -7.51 -4.98 7.17
N LYS A 75 -7.23 -5.94 8.08
CA LYS A 75 -6.87 -5.66 9.46
C LYS A 75 -5.42 -6.13 9.67
N PRO A 76 -4.43 -5.25 9.49
CA PRO A 76 -3.02 -5.57 9.64
C PRO A 76 -2.66 -5.76 11.12
N LYS A 77 -1.39 -6.08 11.38
CA LYS A 77 -0.84 -6.29 12.71
C LYS A 77 -0.03 -5.11 13.18
N ALA A 78 0.16 -5.06 14.50
CA ALA A 78 0.89 -4.00 15.18
C ALA A 78 2.41 -4.12 15.08
N ASN A 79 2.92 -5.34 14.90
CA ASN A 79 4.35 -5.60 14.81
C ASN A 79 4.68 -6.02 13.39
N VAL A 80 5.78 -5.49 12.84
CA VAL A 80 6.23 -5.77 11.50
C VAL A 80 6.62 -7.24 11.32
N GLU A 81 6.96 -7.95 12.39
CA GLU A 81 7.36 -9.35 12.34
C GLU A 81 6.14 -10.29 12.30
N GLU A 82 4.98 -9.78 12.69
CA GLU A 82 3.73 -10.55 12.69
C GLU A 82 3.25 -10.80 11.26
N ARG A 83 3.68 -9.92 10.34
CA ARG A 83 3.36 -9.96 8.92
C ARG A 83 4.65 -10.25 8.16
N GLU A 84 4.55 -10.55 6.86
CA GLU A 84 5.71 -10.83 6.00
C GLU A 84 5.38 -10.20 4.65
N PHE A 85 6.35 -9.50 4.07
CA PHE A 85 6.22 -8.84 2.78
C PHE A 85 6.88 -9.70 1.70
N GLU A 86 6.69 -9.32 0.44
CA GLU A 86 7.24 -10.02 -0.70
C GLU A 86 7.75 -8.98 -1.70
N LEU A 87 8.98 -9.14 -2.16
CA LEU A 87 9.65 -8.28 -3.14
C LEU A 87 9.55 -9.03 -4.46
N LEU A 88 8.58 -8.65 -5.26
CA LEU A 88 8.26 -9.22 -6.54
C LEU A 88 8.66 -8.21 -7.63
N TYR A 89 8.42 -8.56 -8.88
CA TYR A 89 8.74 -7.67 -9.98
C TYR A 89 7.79 -7.91 -11.13
N ASP A 90 7.75 -6.92 -12.01
CA ASP A 90 6.92 -6.89 -13.20
C ASP A 90 7.78 -6.46 -14.39
N ASP A 91 7.14 -6.38 -15.54
CA ASP A 91 7.75 -5.98 -16.79
C ASP A 91 8.32 -4.58 -16.64
N VAL A 92 7.65 -3.73 -15.86
CA VAL A 92 8.07 -2.37 -15.60
C VAL A 92 9.29 -2.43 -14.67
N GLY A 93 9.16 -2.96 -13.46
CA GLY A 93 10.25 -3.07 -12.50
C GLY A 93 9.81 -3.76 -11.23
N TYR A 94 10.66 -3.72 -10.21
CA TYR A 94 10.37 -4.35 -8.93
C TYR A 94 9.41 -3.51 -8.10
N TYR A 95 8.74 -4.16 -7.17
CA TYR A 95 7.79 -3.56 -6.25
C TYR A 95 7.67 -4.47 -5.03
N ILE A 96 7.07 -3.98 -3.95
CA ILE A 96 6.87 -4.76 -2.73
C ILE A 96 5.37 -4.91 -2.60
N SER A 97 4.90 -6.11 -2.27
CA SER A 97 3.50 -6.36 -2.10
C SER A 97 3.25 -6.62 -0.62
N GLU A 98 2.08 -6.18 -0.18
CA GLU A 98 1.55 -6.32 1.18
C GLU A 98 0.08 -6.62 0.96
N ILE A 99 -0.41 -7.76 1.42
CA ILE A 99 -1.82 -8.11 1.28
C ILE A 99 -2.39 -8.15 2.70
N ILE A 100 -3.55 -7.55 2.89
CA ILE A 100 -4.23 -7.45 4.17
C ILE A 100 -5.66 -7.91 4.05
N GLY A 101 -5.97 -9.03 4.67
CA GLY A 101 -7.27 -9.66 4.72
C GLY A 101 -7.95 -9.44 6.06
N SER A 102 -8.92 -10.30 6.35
CA SER A 102 -9.72 -10.29 7.56
C SER A 102 -10.62 -9.05 7.67
N GLY A 103 -11.51 -8.91 6.68
CA GLY A 103 -12.50 -7.84 6.61
C GLY A 103 -13.88 -8.43 6.80
N ASP A 104 -14.74 -8.27 5.80
CA ASP A 104 -16.12 -8.75 5.77
C ASP A 104 -16.29 -9.58 4.51
N ILE A 105 -16.56 -10.89 4.63
CA ILE A 105 -16.73 -11.78 3.48
C ILE A 105 -17.91 -11.26 2.65
N CYS A 106 -17.62 -10.82 1.43
CA CYS A 106 -18.66 -10.32 0.54
C CYS A 106 -19.45 -11.53 0.06
N ASP A 107 -20.62 -11.79 0.64
CA ASP A 107 -21.46 -12.93 0.24
C ASP A 107 -21.88 -12.89 -1.22
N VAL A 108 -21.74 -11.72 -1.85
CA VAL A 108 -22.04 -11.48 -3.25
C VAL A 108 -21.24 -12.50 -4.08
N THR A 109 -20.01 -12.83 -3.66
CA THR A 109 -19.17 -13.80 -4.34
C THR A 109 -18.66 -14.92 -3.41
N GLY A 110 -18.47 -14.57 -2.13
CA GLY A 110 -17.98 -15.40 -1.05
C GLY A 110 -16.48 -15.19 -0.84
N ALA A 111 -15.91 -14.11 -1.37
CA ALA A 111 -14.50 -13.79 -1.25
C ALA A 111 -14.21 -12.91 -0.04
N GLU A 112 -12.93 -12.82 0.30
CA GLU A 112 -12.48 -12.00 1.40
C GLU A 112 -12.22 -10.58 0.88
N ARG A 113 -12.48 -9.62 1.76
CA ARG A 113 -12.32 -8.19 1.56
C ARG A 113 -10.85 -7.79 1.66
N MET A 114 -9.93 -8.68 1.30
CA MET A 114 -8.52 -8.40 1.43
C MET A 114 -8.07 -7.43 0.36
N VAL A 115 -7.18 -6.52 0.78
CA VAL A 115 -6.62 -5.47 -0.03
C VAL A 115 -5.16 -5.77 -0.31
N GLU A 116 -4.68 -5.31 -1.46
CA GLU A 116 -3.31 -5.48 -1.90
C GLU A 116 -2.74 -4.09 -2.11
N ILE A 117 -1.56 -3.86 -1.55
CA ILE A 117 -0.85 -2.61 -1.61
C ILE A 117 0.50 -2.85 -2.28
N GLN A 118 0.68 -2.35 -3.50
CA GLN A 118 1.94 -2.50 -4.23
C GLN A 118 2.76 -1.23 -4.02
N TYR A 119 3.82 -1.32 -3.21
CA TYR A 119 4.72 -0.21 -2.92
C TYR A 119 5.77 -0.10 -4.02
N VAL A 120 5.86 1.08 -4.63
CA VAL A 120 6.78 1.39 -5.71
C VAL A 120 7.46 2.75 -5.47
N CYS A 121 8.43 3.09 -6.33
CA CYS A 121 9.15 4.35 -6.31
C CYS A 121 8.30 5.30 -7.14
N GLY A 122 7.96 6.49 -6.62
CA GLY A 122 7.17 7.46 -7.36
C GLY A 122 8.01 8.33 -8.27
N GLY A 123 7.34 9.12 -9.10
CA GLY A 123 7.93 10.06 -10.04
C GLY A 123 8.62 11.22 -9.34
N SER A 124 8.34 11.45 -8.06
CA SER A 124 8.91 12.50 -7.24
C SER A 124 9.64 11.77 -6.12
N ASN A 125 10.95 11.97 -6.02
CA ASN A 125 11.77 11.35 -4.97
C ASN A 125 12.00 12.31 -3.80
N SER A 126 11.17 13.36 -3.68
CA SER A 126 11.20 14.39 -2.65
C SER A 126 9.79 14.74 -2.16
N GLY A 127 8.96 13.74 -1.84
CA GLY A 127 7.59 13.95 -1.36
C GLY A 127 7.17 12.88 -0.36
N PRO A 128 6.05 13.05 0.36
CA PRO A 128 5.58 12.07 1.33
C PRO A 128 4.95 10.85 0.64
N SER A 129 4.66 9.80 1.39
CA SER A 129 4.05 8.61 0.85
C SER A 129 2.62 8.97 0.45
N THR A 130 2.02 8.25 -0.50
CA THR A 130 0.65 8.50 -0.95
C THR A 130 0.20 7.36 -1.84
N ILE A 131 -1.11 7.14 -1.89
CA ILE A 131 -1.72 6.12 -2.72
C ILE A 131 -1.83 6.73 -4.11
N GLN A 132 -1.37 6.00 -5.13
CA GLN A 132 -1.41 6.43 -6.53
C GLN A 132 -2.81 6.31 -7.11
N TRP A 133 -3.35 5.09 -7.09
CA TRP A 133 -4.65 4.74 -7.60
C TRP A 133 -5.27 3.71 -6.68
N VAL A 134 -6.58 3.50 -6.83
CA VAL A 134 -7.38 2.58 -6.07
C VAL A 134 -8.42 2.04 -7.03
N ARG A 135 -8.54 0.71 -7.13
CA ARG A 135 -9.53 0.11 -8.01
C ARG A 135 -9.99 -1.23 -7.45
N GLU A 136 -11.30 -1.42 -7.46
CA GLU A 136 -11.96 -2.61 -7.00
C GLU A 136 -11.88 -3.60 -8.15
N THR A 137 -10.78 -4.34 -8.22
CA THR A 137 -10.50 -5.32 -9.25
C THR A 137 -11.62 -6.35 -9.26
N LYS A 138 -11.75 -7.12 -8.17
CA LYS A 138 -12.81 -8.13 -8.04
C LYS A 138 -13.91 -7.48 -7.19
N ILE A 139 -14.95 -8.22 -6.82
CA ILE A 139 -16.04 -7.66 -6.03
C ILE A 139 -15.56 -7.37 -4.61
N CYS A 140 -14.80 -8.29 -4.01
CA CYS A 140 -14.29 -8.15 -2.65
C CYS A 140 -12.80 -7.80 -2.63
N VAL A 141 -12.02 -8.40 -3.52
CA VAL A 141 -10.58 -8.17 -3.63
C VAL A 141 -10.39 -6.77 -4.24
N TYR A 142 -9.53 -5.95 -3.62
CA TYR A 142 -9.22 -4.59 -4.03
C TYR A 142 -7.70 -4.44 -4.14
N GLU A 143 -7.26 -3.59 -5.04
CA GLU A 143 -5.85 -3.31 -5.30
C GLU A 143 -5.62 -1.81 -5.27
N ALA A 144 -4.45 -1.43 -4.76
CA ALA A 144 -3.97 -0.07 -4.63
C ALA A 144 -2.45 -0.07 -4.81
N GLN A 145 -1.89 1.10 -5.10
CA GLN A 145 -0.45 1.29 -5.29
C GLN A 145 -0.06 2.48 -4.43
N VAL A 146 1.15 2.46 -3.86
CA VAL A 146 1.66 3.52 -2.99
C VAL A 146 3.05 3.89 -3.47
N THR A 147 3.35 5.17 -3.57
CA THR A 147 4.66 5.65 -3.99
C THR A 147 5.45 6.11 -2.78
N ILE A 148 6.75 5.85 -2.80
CA ILE A 148 7.66 6.23 -1.72
C ILE A 148 9.01 6.68 -2.32
N PRO A 149 9.56 7.83 -1.90
CA PRO A 149 10.84 8.30 -2.41
C PRO A 149 12.02 7.47 -1.88
N GLU A 150 11.92 6.95 -0.66
CA GLU A 150 12.94 6.14 -0.02
C GLU A 150 13.06 4.78 -0.71
N LEU A 151 12.02 4.30 -1.42
CA LEU A 151 12.08 3.04 -2.14
C LEU A 151 13.04 3.22 -3.31
N CYS A 152 13.00 4.38 -3.98
CA CYS A 152 13.85 4.72 -5.11
C CYS A 152 15.34 4.67 -4.75
N ASN A 153 15.66 4.73 -3.45
CA ASN A 153 17.02 4.67 -2.97
C ASN A 153 17.65 3.31 -3.28
N LEU A 154 16.81 2.28 -3.39
CA LEU A 154 17.14 0.90 -3.67
C LEU A 154 17.19 0.70 -5.18
N GLU A 155 18.22 0.03 -5.68
CA GLU A 155 18.49 -0.26 -7.10
C GLU A 155 17.35 -0.96 -7.81
N LEU A 156 16.79 -2.01 -7.22
CA LEU A 156 15.70 -2.77 -7.84
C LEU A 156 14.49 -1.88 -8.14
N LEU A 157 14.24 -0.91 -7.27
CA LEU A 157 13.13 0.03 -7.35
C LEU A 157 13.54 1.30 -8.10
N ALA A 158 14.77 1.38 -8.61
CA ALA A 158 15.34 2.51 -9.34
C ALA A 158 14.79 2.56 -10.78
N LYS A 159 13.46 2.55 -10.90
CA LYS A 159 12.76 2.60 -12.17
C LYS A 159 11.39 3.21 -11.90
N ASN A 160 10.98 4.15 -12.75
CA ASN A 160 9.71 4.86 -12.69
C ASN A 160 9.49 5.52 -14.04
N GLU A 161 8.35 6.21 -14.19
CA GLU A 161 7.96 6.93 -15.41
C GLU A 161 7.85 6.03 -16.64
N ASP A 162 7.69 4.71 -16.44
CA ASP A 162 7.59 3.73 -17.51
C ASP A 162 6.27 2.99 -17.45
N GLY A 1 24.20 -23.00 -14.75
CA GLY A 1 23.93 -22.42 -13.43
C GLY A 1 23.43 -21.00 -13.63
N ALA A 2 22.52 -20.55 -12.79
CA ALA A 2 21.93 -19.22 -12.84
C ALA A 2 21.79 -18.55 -11.47
N SER A 3 22.12 -19.24 -10.38
CA SER A 3 22.04 -18.66 -9.05
C SER A 3 23.12 -17.58 -8.92
N ASN A 4 22.92 -16.62 -8.02
CA ASN A 4 23.82 -15.52 -7.75
C ASN A 4 23.65 -15.14 -6.29
N SER A 5 24.61 -15.49 -5.44
CA SER A 5 24.59 -15.19 -4.01
C SER A 5 24.47 -13.70 -3.67
N GLU A 6 24.92 -12.81 -4.56
CA GLU A 6 24.81 -11.38 -4.30
C GLU A 6 23.41 -10.87 -4.69
N LYS A 7 22.74 -11.55 -5.63
CA LYS A 7 21.39 -11.18 -6.07
C LYS A 7 20.45 -11.45 -4.90
N THR A 8 20.59 -12.59 -4.25
CA THR A 8 19.76 -12.94 -3.10
C THR A 8 20.03 -11.94 -1.97
N ALA A 9 21.29 -11.55 -1.76
CA ALA A 9 21.65 -10.57 -0.74
C ALA A 9 20.99 -9.22 -1.06
N LEU A 10 20.96 -8.85 -2.34
CA LEU A 10 20.36 -7.60 -2.81
C LEU A 10 18.86 -7.63 -2.58
N LEU A 11 18.21 -8.75 -2.91
CA LEU A 11 16.77 -8.94 -2.73
C LEU A 11 16.45 -8.83 -1.25
N THR A 12 17.19 -9.56 -0.41
CA THR A 12 17.01 -9.55 1.03
C THR A 12 17.06 -8.11 1.55
N LYS A 13 18.15 -7.39 1.22
CA LYS A 13 18.33 -6.01 1.64
C LYS A 13 17.18 -5.15 1.15
N THR A 14 16.85 -5.22 -0.14
CA THR A 14 15.79 -4.44 -0.74
C THR A 14 14.44 -4.66 -0.07
N LEU A 15 14.08 -5.91 0.26
CA LEU A 15 12.80 -6.16 0.90
C LEU A 15 12.76 -5.55 2.28
N ASN A 16 13.71 -5.89 3.16
CA ASN A 16 13.72 -5.37 4.53
C ASN A 16 13.81 -3.85 4.56
N GLN A 17 14.73 -3.27 3.78
CA GLN A 17 14.92 -1.82 3.70
C GLN A 17 13.61 -1.19 3.26
N GLY A 18 13.02 -1.72 2.18
CA GLY A 18 11.77 -1.23 1.65
C GLY A 18 10.66 -1.26 2.69
N VAL A 19 10.51 -2.38 3.39
CA VAL A 19 9.51 -2.64 4.41
C VAL A 19 9.64 -1.64 5.55
N LYS A 20 10.83 -1.49 6.16
CA LYS A 20 10.98 -0.52 7.23
C LYS A 20 10.79 0.89 6.68
N THR A 21 11.17 1.17 5.44
CA THR A 21 11.03 2.50 4.87
C THR A 21 9.53 2.82 4.76
N ILE A 22 8.73 1.87 4.27
CA ILE A 22 7.29 2.06 4.14
C ILE A 22 6.75 2.51 5.49
N PHE A 23 7.07 1.72 6.51
CA PHE A 23 6.63 1.94 7.86
C PHE A 23 7.03 3.31 8.36
N ASP A 24 8.27 3.71 8.16
CA ASP A 24 8.79 5.00 8.61
C ASP A 24 7.94 6.14 8.02
N LYS A 25 7.74 6.09 6.70
CA LYS A 25 6.99 7.08 5.95
C LYS A 25 5.48 7.08 6.24
N LEU A 26 4.95 6.11 6.98
CA LEU A 26 3.53 6.02 7.33
C LEU A 26 3.30 6.17 8.81
N ASN A 27 4.30 5.85 9.65
CA ASN A 27 4.18 5.95 11.09
C ASN A 27 3.92 7.39 11.51
N GLU A 28 4.41 8.34 10.72
CA GLU A 28 4.25 9.76 10.93
C GLU A 28 2.79 10.16 10.67
N ARG A 29 2.19 9.68 9.57
CA ARG A 29 0.82 9.95 9.17
C ARG A 29 0.35 8.89 8.19
N CYS A 30 -0.95 8.58 8.24
CA CYS A 30 -1.58 7.61 7.37
C CYS A 30 -1.76 8.26 5.98
N ILE A 31 -2.27 7.51 5.01
CA ILE A 31 -2.50 8.01 3.66
C ILE A 31 -3.91 7.65 3.21
N PHE A 32 -4.50 8.48 2.34
CA PHE A 32 -5.85 8.26 1.83
C PHE A 32 -5.94 8.65 0.36
N TYR A 33 -7.00 8.22 -0.32
CA TYR A 33 -7.28 8.46 -1.72
C TYR A 33 -8.78 8.57 -1.92
N GLN A 34 -9.24 9.63 -2.59
CA GLN A 34 -10.65 9.83 -2.86
C GLN A 34 -10.94 9.20 -4.22
N ALA A 35 -11.56 8.03 -4.21
CA ALA A 35 -11.94 7.27 -5.40
C ALA A 35 -13.39 7.63 -5.73
N GLY A 36 -13.61 8.88 -6.12
CA GLY A 36 -14.92 9.39 -6.47
C GLY A 36 -15.81 9.45 -5.24
N PHE A 37 -16.94 8.73 -5.27
CA PHE A 37 -17.91 8.69 -4.19
C PHE A 37 -17.34 8.12 -2.90
N TRP A 38 -16.44 7.13 -2.97
CA TRP A 38 -15.85 6.53 -1.79
C TRP A 38 -14.40 6.96 -1.63
N ILE A 39 -13.97 7.03 -0.38
CA ILE A 39 -12.61 7.39 0.02
C ILE A 39 -12.05 6.11 0.60
N TYR A 40 -10.73 5.99 0.47
CA TYR A 40 -9.96 4.87 0.95
C TYR A 40 -8.85 5.40 1.85
N GLU A 41 -8.71 4.88 3.06
CA GLU A 41 -7.71 5.27 4.06
C GLU A 41 -6.95 4.03 4.49
N TYR A 42 -5.62 4.17 4.47
CA TYR A 42 -4.68 3.15 4.86
C TYR A 42 -3.72 3.71 5.92
N CYS A 43 -3.71 3.08 7.09
CA CYS A 43 -2.88 3.47 8.24
C CYS A 43 -1.66 2.56 8.47
N PRO A 44 -0.63 3.02 9.20
CA PRO A 44 0.58 2.27 9.50
C PRO A 44 0.35 1.09 10.45
N GLY A 45 -0.04 -0.06 9.90
CA GLY A 45 -0.29 -1.27 10.64
C GLY A 45 -1.43 -1.08 11.62
N ILE A 46 -2.59 -0.63 11.12
CA ILE A 46 -3.74 -0.44 11.99
C ILE A 46 -4.93 -1.14 11.35
N GLU A 47 -5.39 -0.63 10.22
CA GLU A 47 -6.50 -1.13 9.44
C GLU A 47 -6.53 -0.39 8.11
N PHE A 48 -7.31 -0.93 7.19
CA PHE A 48 -7.57 -0.42 5.85
C PHE A 48 -9.09 -0.33 5.83
N VAL A 49 -9.66 0.87 5.64
CA VAL A 49 -11.11 1.06 5.63
C VAL A 49 -11.56 2.04 4.55
N GLN A 50 -12.77 1.86 3.99
CA GLN A 50 -13.33 2.74 2.98
C GLN A 50 -14.54 3.42 3.61
N PHE A 51 -14.71 4.72 3.38
CA PHE A 51 -15.78 5.53 3.91
C PHE A 51 -16.22 6.60 2.92
N HIS A 52 -17.44 7.12 3.07
CA HIS A 52 -17.96 8.16 2.19
C HIS A 52 -17.52 9.50 2.82
N GLY A 53 -17.41 10.56 2.02
CA GLY A 53 -16.98 11.87 2.47
C GLY A 53 -16.29 12.64 1.34
N ARG A 54 -15.56 13.71 1.66
CA ARG A 54 -14.82 14.54 0.72
C ARG A 54 -13.40 14.74 1.27
N VAL A 55 -12.45 15.14 0.42
CA VAL A 55 -11.04 15.35 0.81
C VAL A 55 -10.56 16.70 0.26
N ASN A 56 -9.84 17.47 1.07
CA ASN A 56 -9.27 18.78 0.72
C ASN A 56 -8.00 18.49 -0.07
N THR A 57 -8.07 18.45 -1.41
CA THR A 57 -6.94 18.18 -2.29
C THR A 57 -5.67 19.00 -1.98
N LYS A 58 -5.80 20.20 -1.40
CA LYS A 58 -4.70 21.10 -1.03
C LYS A 58 -3.67 20.41 -0.12
N THR A 59 -4.09 19.44 0.69
CA THR A 59 -3.19 18.73 1.61
C THR A 59 -3.58 17.26 1.78
N GLY A 60 -4.79 16.86 1.41
CA GLY A 60 -5.29 15.48 1.49
C GLY A 60 -6.10 15.22 2.75
N GLU A 61 -6.36 16.24 3.57
CA GLU A 61 -7.12 16.10 4.80
C GLU A 61 -8.58 15.79 4.49
N ILE A 62 -9.20 14.92 5.31
CA ILE A 62 -10.59 14.54 5.15
C ILE A 62 -11.44 15.72 5.64
N VAL A 63 -12.70 15.78 5.20
CA VAL A 63 -13.62 16.85 5.57
C VAL A 63 -14.59 16.43 6.68
N ASN A 64 -15.15 15.22 6.67
CA ASN A 64 -16.10 14.77 7.70
C ASN A 64 -15.72 13.42 8.31
N ARG A 65 -16.45 12.96 9.33
CA ARG A 65 -16.18 11.71 10.04
C ARG A 65 -17.50 10.99 10.40
N ASP A 66 -18.32 10.66 9.41
CA ASP A 66 -19.59 9.98 9.65
C ASP A 66 -19.33 8.48 9.86
N GLU A 67 -19.41 7.96 11.07
CA GLU A 67 -19.20 6.54 11.33
C GLU A 67 -20.28 5.69 10.63
N SER A 68 -21.36 6.30 10.15
CA SER A 68 -22.51 5.71 9.47
C SER A 68 -22.19 5.09 8.10
N LEU A 69 -21.14 5.55 7.41
CA LEU A 69 -20.75 5.03 6.09
C LEU A 69 -19.26 4.71 6.13
N VAL A 70 -18.92 3.58 6.76
CA VAL A 70 -17.56 3.06 6.92
C VAL A 70 -17.58 1.53 6.80
N TYR A 71 -16.60 0.94 6.11
CA TYR A 71 -16.46 -0.51 5.90
C TYR A 71 -15.05 -0.97 6.21
N ARG A 72 -14.91 -2.24 6.60
CA ARG A 72 -13.65 -2.89 6.95
C ARG A 72 -13.12 -3.61 5.72
N LEU A 73 -11.81 -3.50 5.44
CA LEU A 73 -11.21 -4.15 4.29
C LEU A 73 -10.21 -5.16 4.82
N GLY A 74 -9.03 -4.70 5.22
CA GLY A 74 -7.99 -5.55 5.78
C GLY A 74 -7.66 -5.05 7.18
N LYS A 75 -7.16 -5.96 8.03
CA LYS A 75 -6.79 -5.66 9.40
C LYS A 75 -5.41 -6.26 9.66
N PRO A 76 -4.33 -5.50 9.43
CA PRO A 76 -2.97 -5.96 9.63
C PRO A 76 -2.58 -6.00 11.11
N LYS A 77 -1.34 -6.40 11.39
CA LYS A 77 -0.79 -6.43 12.74
C LYS A 77 -0.24 -5.05 13.06
N ALA A 78 0.06 -4.82 14.35
CA ALA A 78 0.59 -3.54 14.80
C ALA A 78 2.09 -3.40 14.52
N ASN A 79 2.86 -4.48 14.64
CA ASN A 79 4.31 -4.46 14.41
C ASN A 79 4.68 -5.11 13.09
N VAL A 80 5.79 -4.66 12.51
CA VAL A 80 6.30 -5.15 11.24
C VAL A 80 6.79 -6.60 11.33
N GLU A 81 7.18 -7.05 12.52
CA GLU A 81 7.69 -8.40 12.79
C GLU A 81 6.58 -9.43 12.98
N GLU A 82 5.34 -8.94 13.05
CA GLU A 82 4.15 -9.77 13.22
C GLU A 82 3.49 -10.04 11.84
N ARG A 83 3.93 -9.33 10.81
CA ARG A 83 3.46 -9.40 9.41
C ARG A 83 4.61 -9.77 8.46
N GLU A 84 4.35 -9.92 7.15
CA GLU A 84 5.34 -10.28 6.11
C GLU A 84 5.03 -9.51 4.81
N PHE A 85 5.96 -9.48 3.85
CA PHE A 85 5.84 -8.80 2.56
C PHE A 85 6.48 -9.67 1.47
N GLU A 86 6.28 -9.34 0.18
CA GLU A 86 6.84 -10.08 -0.93
C GLU A 86 7.52 -9.11 -1.90
N LEU A 87 8.82 -9.30 -2.15
CA LEU A 87 9.60 -8.48 -3.06
C LEU A 87 9.33 -8.97 -4.48
N LEU A 88 8.54 -8.25 -5.28
CA LEU A 88 8.20 -8.62 -6.65
C LEU A 88 8.75 -7.60 -7.65
N TYR A 89 8.50 -7.84 -8.93
CA TYR A 89 8.89 -6.97 -10.02
C TYR A 89 8.04 -7.36 -11.22
N ASP A 90 7.87 -6.43 -12.15
CA ASP A 90 7.12 -6.67 -13.37
C ASP A 90 7.89 -6.01 -14.52
N ASP A 91 7.31 -5.97 -15.71
CA ASP A 91 7.88 -5.41 -16.93
C ASP A 91 8.36 -3.96 -16.77
N VAL A 92 7.78 -3.24 -15.81
CA VAL A 92 8.11 -1.86 -15.49
C VAL A 92 9.38 -1.92 -14.62
N GLY A 93 9.26 -2.30 -13.35
CA GLY A 93 10.37 -2.40 -12.42
C GLY A 93 9.96 -3.17 -11.17
N TYR A 94 10.81 -3.11 -10.16
CA TYR A 94 10.62 -3.79 -8.88
C TYR A 94 9.64 -3.03 -8.00
N TYR A 95 8.98 -3.74 -7.09
CA TYR A 95 8.00 -3.23 -6.13
C TYR A 95 7.85 -4.24 -4.99
N ILE A 96 7.08 -3.92 -3.96
CA ILE A 96 6.81 -4.81 -2.83
C ILE A 96 5.31 -4.98 -2.88
N SER A 97 4.82 -6.19 -2.68
CA SER A 97 3.39 -6.46 -2.70
C SER A 97 3.00 -7.13 -1.40
N GLU A 98 2.01 -6.55 -0.73
CA GLU A 98 1.49 -7.11 0.51
C GLU A 98 -0.03 -7.21 0.39
N ILE A 99 -0.64 -8.23 0.99
CA ILE A 99 -2.08 -8.42 0.98
C ILE A 99 -2.54 -8.44 2.43
N ILE A 100 -3.66 -7.79 2.72
CA ILE A 100 -4.26 -7.67 4.03
C ILE A 100 -5.70 -8.14 3.99
N GLY A 101 -5.98 -9.28 4.61
CA GLY A 101 -7.30 -9.85 4.70
C GLY A 101 -7.86 -9.59 6.08
N SER A 102 -8.76 -10.46 6.53
CA SER A 102 -9.41 -10.38 7.84
C SER A 102 -10.50 -9.29 7.85
N GLY A 103 -11.16 -9.07 6.72
CA GLY A 103 -12.20 -8.10 6.55
C GLY A 103 -13.52 -8.78 6.82
N ASP A 104 -14.47 -8.44 5.98
CA ASP A 104 -15.85 -8.91 5.99
C ASP A 104 -16.15 -9.66 4.69
N ILE A 105 -16.57 -10.93 4.80
CA ILE A 105 -16.87 -11.77 3.64
C ILE A 105 -18.00 -11.15 2.82
N CYS A 106 -17.78 -10.94 1.52
CA CYS A 106 -18.80 -10.40 0.65
C CYS A 106 -19.60 -11.62 0.23
N ASP A 107 -20.78 -11.83 0.82
CA ASP A 107 -21.61 -13.00 0.48
C ASP A 107 -21.96 -12.99 -1.01
N VAL A 108 -21.83 -11.85 -1.68
CA VAL A 108 -22.09 -11.67 -3.10
C VAL A 108 -21.35 -12.75 -3.89
N THR A 109 -20.10 -13.06 -3.51
CA THR A 109 -19.30 -14.08 -4.17
C THR A 109 -18.77 -15.15 -3.21
N GLY A 110 -18.67 -14.77 -1.94
CA GLY A 110 -18.18 -15.58 -0.83
C GLY A 110 -16.71 -15.35 -0.53
N ALA A 111 -16.08 -14.37 -1.21
CA ALA A 111 -14.68 -14.05 -1.04
C ALA A 111 -14.47 -13.06 0.11
N GLU A 112 -13.22 -12.90 0.53
CA GLU A 112 -12.87 -11.97 1.59
C GLU A 112 -12.55 -10.61 0.97
N ARG A 113 -12.79 -9.55 1.75
CA ARG A 113 -12.56 -8.14 1.45
C ARG A 113 -11.09 -7.79 1.58
N MET A 114 -10.20 -8.74 1.31
CA MET A 114 -8.79 -8.51 1.49
C MET A 114 -8.31 -7.57 0.38
N VAL A 115 -7.31 -6.77 0.72
CA VAL A 115 -6.76 -5.76 -0.14
C VAL A 115 -5.27 -5.97 -0.39
N GLU A 116 -4.81 -5.73 -1.63
CA GLU A 116 -3.41 -5.88 -2.03
C GLU A 116 -2.81 -4.52 -2.36
N ILE A 117 -1.71 -4.15 -1.67
CA ILE A 117 -0.99 -2.89 -1.81
C ILE A 117 0.36 -3.11 -2.49
N GLN A 118 0.65 -2.32 -3.54
CA GLN A 118 1.90 -2.36 -4.30
C GLN A 118 2.74 -1.13 -3.93
N TYR A 119 3.92 -1.31 -3.37
CA TYR A 119 4.82 -0.21 -2.99
C TYR A 119 5.87 -0.02 -4.09
N VAL A 120 5.85 1.14 -4.76
CA VAL A 120 6.74 1.51 -5.86
C VAL A 120 7.46 2.84 -5.60
N CYS A 121 8.51 3.15 -6.37
CA CYS A 121 9.25 4.40 -6.23
C CYS A 121 8.43 5.48 -6.94
N GLY A 122 8.31 6.67 -6.33
CA GLY A 122 7.57 7.80 -6.90
C GLY A 122 8.59 8.83 -7.37
N GLY A 123 8.48 9.27 -8.63
CA GLY A 123 9.36 10.25 -9.26
C GLY A 123 9.70 11.44 -8.37
N SER A 124 8.72 11.96 -7.63
CA SER A 124 8.94 13.08 -6.72
C SER A 124 9.57 12.48 -5.46
N ASN A 125 10.90 12.31 -5.45
CA ASN A 125 11.61 11.75 -4.30
C ASN A 125 11.69 12.73 -3.10
N SER A 126 10.98 13.85 -3.13
CA SER A 126 10.95 14.89 -2.12
C SER A 126 9.57 15.07 -1.47
N GLY A 127 8.89 13.99 -1.07
CA GLY A 127 7.59 14.08 -0.42
C GLY A 127 7.18 12.77 0.23
N PRO A 128 6.24 12.80 1.19
CA PRO A 128 5.77 11.59 1.87
C PRO A 128 5.00 10.66 0.94
N SER A 129 4.77 9.43 1.39
CA SER A 129 4.05 8.45 0.61
C SER A 129 2.59 8.86 0.44
N THR A 130 1.91 8.31 -0.57
CA THR A 130 0.53 8.55 -0.91
C THR A 130 0.07 7.41 -1.81
N ILE A 131 -1.24 7.27 -1.99
CA ILE A 131 -1.82 6.25 -2.85
C ILE A 131 -1.83 6.81 -4.27
N GLN A 132 -1.36 6.02 -5.23
CA GLN A 132 -1.29 6.35 -6.65
C GLN A 132 -2.66 6.19 -7.30
N TRP A 133 -3.27 5.01 -7.13
CA TRP A 133 -4.57 4.65 -7.67
C TRP A 133 -5.21 3.63 -6.75
N VAL A 134 -6.51 3.39 -6.97
CA VAL A 134 -7.35 2.46 -6.23
C VAL A 134 -8.35 1.88 -7.22
N ARG A 135 -8.57 0.57 -7.23
CA ARG A 135 -9.56 -0.04 -8.13
C ARG A 135 -10.09 -1.34 -7.55
N GLU A 136 -11.41 -1.46 -7.54
CA GLU A 136 -12.12 -2.64 -7.06
C GLU A 136 -12.09 -3.61 -8.24
N THR A 137 -11.01 -4.39 -8.30
CA THR A 137 -10.70 -5.39 -9.31
C THR A 137 -11.71 -6.52 -9.26
N LYS A 138 -11.88 -7.15 -8.09
CA LYS A 138 -12.83 -8.24 -7.90
C LYS A 138 -14.07 -7.63 -7.27
N ILE A 139 -15.05 -8.45 -6.92
CA ILE A 139 -16.27 -7.93 -6.31
C ILE A 139 -15.96 -7.67 -4.82
N CYS A 140 -15.04 -8.44 -4.23
CA CYS A 140 -14.66 -8.29 -2.83
C CYS A 140 -13.22 -7.77 -2.71
N VAL A 141 -12.26 -8.46 -3.35
CA VAL A 141 -10.85 -8.08 -3.33
C VAL A 141 -10.68 -6.70 -3.99
N TYR A 142 -9.68 -5.95 -3.54
CA TYR A 142 -9.35 -4.61 -3.97
C TYR A 142 -7.82 -4.47 -4.10
N GLU A 143 -7.37 -3.78 -5.15
CA GLU A 143 -5.96 -3.55 -5.43
C GLU A 143 -5.69 -2.03 -5.39
N ALA A 144 -4.55 -1.60 -4.82
CA ALA A 144 -4.11 -0.21 -4.70
C ALA A 144 -2.58 -0.16 -4.82
N GLN A 145 -2.04 1.03 -5.09
CA GLN A 145 -0.60 1.24 -5.21
C GLN A 145 -0.21 2.45 -4.38
N VAL A 146 1.00 2.47 -3.84
CA VAL A 146 1.56 3.53 -3.01
C VAL A 146 2.95 3.88 -3.52
N THR A 147 3.24 5.17 -3.68
CA THR A 147 4.52 5.68 -4.12
C THR A 147 5.30 6.09 -2.87
N ILE A 148 6.61 5.88 -2.89
CA ILE A 148 7.51 6.21 -1.79
C ILE A 148 8.80 6.77 -2.39
N PRO A 149 9.36 7.85 -1.83
CA PRO A 149 10.59 8.42 -2.34
C PRO A 149 11.83 7.61 -1.96
N GLU A 150 11.89 7.12 -0.72
CA GLU A 150 13.03 6.36 -0.25
C GLU A 150 13.14 5.00 -0.94
N LEU A 151 12.08 4.49 -1.59
CA LEU A 151 12.21 3.23 -2.32
C LEU A 151 13.16 3.48 -3.49
N CYS A 152 13.18 4.71 -4.03
CA CYS A 152 14.04 5.14 -5.12
C CYS A 152 15.53 5.00 -4.73
N ASN A 153 15.86 4.82 -3.46
CA ASN A 153 17.23 4.65 -2.97
C ASN A 153 17.76 3.26 -3.30
N LEU A 154 16.87 2.27 -3.29
CA LEU A 154 17.14 0.86 -3.52
C LEU A 154 17.25 0.61 -5.02
N GLU A 155 18.44 0.29 -5.48
CA GLU A 155 18.85 0.03 -6.86
C GLU A 155 17.93 -0.91 -7.63
N LEU A 156 17.33 -1.91 -6.99
CA LEU A 156 16.42 -2.83 -7.67
C LEU A 156 15.19 -2.09 -8.23
N LEU A 157 14.65 -1.13 -7.46
CA LEU A 157 13.46 -0.33 -7.76
C LEU A 157 13.79 0.98 -8.48
N ALA A 158 15.03 1.15 -8.94
CA ALA A 158 15.54 2.34 -9.62
C ALA A 158 14.96 2.44 -11.03
N LYS A 159 13.66 2.64 -11.03
CA LYS A 159 12.75 2.79 -12.15
C LYS A 159 11.74 3.87 -11.78
N ASN A 160 11.29 4.64 -12.77
CA ASN A 160 10.30 5.73 -12.65
C ASN A 160 10.75 6.96 -11.86
N GLU A 161 12.05 7.10 -11.74
CA GLU A 161 12.72 8.22 -11.12
C GLU A 161 12.69 9.23 -12.27
N ASP A 162 11.58 9.93 -12.34
CA ASP A 162 11.25 10.95 -13.33
C ASP A 162 10.96 12.26 -12.63
N GLY A 1 22.98 -16.82 -15.91
CA GLY A 1 23.38 -15.98 -14.77
C GLY A 1 24.79 -16.32 -14.31
N ALA A 2 25.35 -15.53 -13.39
CA ALA A 2 26.68 -15.72 -12.85
C ALA A 2 26.71 -15.34 -11.35
N SER A 3 26.75 -14.05 -11.02
CA SER A 3 26.78 -13.55 -9.65
C SER A 3 25.40 -13.73 -9.01
N ASN A 4 25.12 -14.95 -8.53
CA ASN A 4 23.83 -15.29 -7.92
C ASN A 4 23.76 -14.88 -6.46
N SER A 5 24.85 -15.02 -5.68
CA SER A 5 24.90 -14.67 -4.26
C SER A 5 24.55 -13.21 -4.03
N GLU A 6 25.27 -12.30 -4.71
CA GLU A 6 25.07 -10.87 -4.57
C GLU A 6 23.67 -10.46 -5.01
N LYS A 7 23.06 -11.20 -5.94
CA LYS A 7 21.72 -10.92 -6.43
C LYS A 7 20.74 -11.14 -5.28
N THR A 8 20.73 -12.34 -4.69
CA THR A 8 19.84 -12.65 -3.58
C THR A 8 20.14 -11.74 -2.39
N ALA A 9 21.42 -11.42 -2.15
CA ALA A 9 21.82 -10.57 -1.05
C ALA A 9 21.17 -9.19 -1.20
N LEU A 10 21.26 -8.62 -2.40
CA LEU A 10 20.67 -7.32 -2.67
C LEU A 10 19.15 -7.42 -2.62
N LEU A 11 18.54 -8.48 -3.12
CA LEU A 11 17.08 -8.69 -3.10
C LEU A 11 16.60 -8.70 -1.65
N THR A 12 17.21 -9.53 -0.82
CA THR A 12 16.86 -9.62 0.59
C THR A 12 17.02 -8.24 1.25
N LYS A 13 18.15 -7.57 1.04
CA LYS A 13 18.38 -6.24 1.62
C LYS A 13 17.29 -5.28 1.15
N THR A 14 17.02 -5.24 -0.15
CA THR A 14 16.01 -4.40 -0.78
C THR A 14 14.65 -4.58 -0.10
N LEU A 15 14.17 -5.83 0.03
CA LEU A 15 12.89 -6.09 0.65
C LEU A 15 12.86 -5.58 2.08
N ASN A 16 13.82 -5.99 2.91
CA ASN A 16 13.88 -5.60 4.33
C ASN A 16 13.92 -4.09 4.48
N GLN A 17 14.79 -3.43 3.71
CA GLN A 17 14.95 -1.98 3.70
C GLN A 17 13.62 -1.36 3.28
N GLY A 18 12.93 -1.96 2.33
CA GLY A 18 11.66 -1.50 1.85
C GLY A 18 10.67 -1.50 3.02
N VAL A 19 10.53 -2.63 3.73
CA VAL A 19 9.62 -2.77 4.87
C VAL A 19 9.91 -1.70 5.94
N LYS A 20 11.16 -1.57 6.41
CA LYS A 20 11.50 -0.57 7.43
C LYS A 20 11.26 0.85 6.91
N THR A 21 11.41 1.06 5.61
CA THR A 21 11.21 2.36 5.03
C THR A 21 9.72 2.68 4.94
N ILE A 22 8.88 1.73 4.54
CA ILE A 22 7.44 1.94 4.41
C ILE A 22 6.90 2.41 5.76
N PHE A 23 7.22 1.70 6.84
CA PHE A 23 6.74 2.10 8.16
C PHE A 23 7.22 3.51 8.49
N ASP A 24 8.49 3.80 8.19
CA ASP A 24 9.12 5.10 8.44
C ASP A 24 8.52 6.23 7.60
N LYS A 25 7.83 5.91 6.49
CA LYS A 25 7.18 6.86 5.60
C LYS A 25 5.65 6.87 5.75
N LEU A 26 5.10 6.20 6.78
CA LEU A 26 3.67 6.11 7.06
C LEU A 26 3.31 6.32 8.52
N ASN A 27 4.20 5.97 9.44
CA ASN A 27 3.95 6.08 10.88
C ASN A 27 3.47 7.46 11.34
N GLU A 28 3.98 8.52 10.74
CA GLU A 28 3.62 9.88 11.08
C GLU A 28 2.17 10.29 10.81
N ARG A 29 1.60 9.86 9.67
CA ARG A 29 0.25 10.18 9.23
C ARG A 29 -0.20 9.14 8.21
N CYS A 30 -1.50 8.85 8.20
CA CYS A 30 -2.09 7.89 7.28
C CYS A 30 -2.18 8.53 5.89
N ILE A 31 -2.55 7.74 4.89
CA ILE A 31 -2.70 8.18 3.51
C ILE A 31 -4.11 7.75 3.09
N PHE A 32 -4.76 8.55 2.25
CA PHE A 32 -6.11 8.28 1.79
C PHE A 32 -6.29 8.73 0.35
N TYR A 33 -7.21 8.09 -0.37
CA TYR A 33 -7.50 8.38 -1.77
C TYR A 33 -8.99 8.39 -2.01
N GLN A 34 -9.49 9.48 -2.62
CA GLN A 34 -10.89 9.62 -2.95
C GLN A 34 -11.12 9.03 -4.34
N ALA A 35 -11.69 7.83 -4.40
CA ALA A 35 -12.02 7.11 -5.63
C ALA A 35 -13.48 7.45 -5.95
N GLY A 36 -13.72 8.70 -6.37
CA GLY A 36 -15.05 9.17 -6.70
C GLY A 36 -15.87 9.34 -5.43
N PHE A 37 -16.93 8.54 -5.30
CA PHE A 37 -17.83 8.57 -4.15
C PHE A 37 -17.22 7.86 -2.94
N TRP A 38 -16.34 6.88 -3.13
CA TRP A 38 -15.77 6.15 -2.01
C TRP A 38 -14.33 6.54 -1.78
N ILE A 39 -13.99 6.75 -0.53
CA ILE A 39 -12.66 7.10 -0.09
C ILE A 39 -12.11 5.85 0.55
N TYR A 40 -10.80 5.68 0.38
CA TYR A 40 -10.03 4.58 0.92
C TYR A 40 -8.94 5.16 1.80
N GLU A 41 -8.82 4.68 3.04
CA GLU A 41 -7.85 5.13 4.03
C GLU A 41 -7.00 3.97 4.50
N TYR A 42 -5.69 4.18 4.45
CA TYR A 42 -4.70 3.21 4.87
C TYR A 42 -3.84 3.83 5.98
N CYS A 43 -4.00 3.35 7.22
CA CYS A 43 -3.24 3.84 8.37
C CYS A 43 -2.00 2.98 8.63
N PRO A 44 -0.96 3.48 9.33
CA PRO A 44 0.27 2.76 9.59
C PRO A 44 0.15 1.54 10.52
N GLY A 45 -0.23 0.39 9.96
CA GLY A 45 -0.40 -0.86 10.70
C GLY A 45 -1.49 -0.75 11.74
N ILE A 46 -2.67 -0.30 11.29
CA ILE A 46 -3.81 -0.15 12.19
C ILE A 46 -4.97 -0.91 11.56
N GLU A 47 -5.45 -0.42 10.42
CA GLU A 47 -6.55 -0.97 9.64
C GLU A 47 -6.61 -0.23 8.31
N PHE A 48 -7.32 -0.84 7.37
CA PHE A 48 -7.57 -0.32 6.03
C PHE A 48 -9.09 -0.26 6.00
N VAL A 49 -9.66 0.91 5.77
CA VAL A 49 -11.10 1.15 5.72
C VAL A 49 -11.49 1.95 4.49
N GLN A 50 -12.76 1.82 4.10
CA GLN A 50 -13.37 2.49 2.97
C GLN A 50 -14.60 3.20 3.53
N PHE A 51 -14.75 4.50 3.31
CA PHE A 51 -15.87 5.31 3.80
C PHE A 51 -16.27 6.39 2.81
N HIS A 52 -17.51 6.87 2.90
CA HIS A 52 -18.01 7.92 2.02
C HIS A 52 -17.68 9.25 2.71
N GLY A 53 -17.51 10.33 1.96
CA GLY A 53 -17.16 11.63 2.53
C GLY A 53 -16.61 12.54 1.45
N ARG A 54 -15.93 13.61 1.84
CA ARG A 54 -15.31 14.58 0.95
C ARG A 54 -13.87 14.76 1.43
N VAL A 55 -12.91 14.89 0.52
CA VAL A 55 -11.50 15.07 0.84
C VAL A 55 -11.02 16.35 0.16
N ASN A 56 -10.11 17.09 0.80
CA ASN A 56 -9.53 18.33 0.30
C ASN A 56 -8.23 17.92 -0.38
N THR A 57 -8.18 17.81 -1.71
CA THR A 57 -6.94 17.41 -2.40
C THR A 57 -5.76 18.34 -2.08
N LYS A 58 -6.05 19.57 -1.60
CA LYS A 58 -5.10 20.60 -1.21
C LYS A 58 -3.98 20.05 -0.32
N THR A 59 -4.34 19.14 0.58
CA THR A 59 -3.42 18.53 1.53
C THR A 59 -3.75 17.05 1.80
N GLY A 60 -4.92 16.57 1.35
CA GLY A 60 -5.40 15.21 1.51
C GLY A 60 -6.30 15.03 2.74
N GLU A 61 -6.61 16.11 3.46
CA GLU A 61 -7.43 16.12 4.66
C GLU A 61 -8.86 15.70 4.35
N ILE A 62 -9.46 14.97 5.28
CA ILE A 62 -10.83 14.49 5.18
C ILE A 62 -11.71 15.56 5.86
N VAL A 63 -12.87 15.86 5.29
CA VAL A 63 -13.80 16.86 5.82
C VAL A 63 -14.69 16.21 6.87
N ASN A 64 -15.78 15.52 6.50
CA ASN A 64 -16.66 14.86 7.48
C ASN A 64 -16.06 13.52 7.87
N ARG A 65 -16.40 13.01 9.06
CA ARG A 65 -15.91 11.75 9.61
C ARG A 65 -17.08 10.81 9.92
N ASP A 66 -18.14 10.88 9.10
CA ASP A 66 -19.37 10.09 9.22
C ASP A 66 -19.03 8.61 9.40
N GLU A 67 -19.62 8.01 10.42
CA GLU A 67 -19.44 6.63 10.82
C GLU A 67 -20.50 5.66 10.28
N SER A 68 -21.56 6.15 9.62
CA SER A 68 -22.65 5.33 9.09
C SER A 68 -22.31 4.55 7.82
N LEU A 69 -21.29 4.98 7.07
CA LEU A 69 -20.85 4.35 5.83
C LEU A 69 -19.35 4.12 5.94
N VAL A 70 -18.96 3.04 6.60
CA VAL A 70 -17.56 2.66 6.82
C VAL A 70 -17.47 1.12 6.72
N TYR A 71 -16.47 0.59 6.00
CA TYR A 71 -16.25 -0.83 5.80
C TYR A 71 -14.84 -1.23 6.24
N ARG A 72 -14.68 -2.50 6.67
CA ARG A 72 -13.44 -3.11 7.15
C ARG A 72 -12.83 -3.87 5.98
N LEU A 73 -11.68 -3.44 5.49
CA LEU A 73 -11.02 -4.09 4.36
C LEU A 73 -10.01 -5.09 4.90
N GLY A 74 -8.87 -4.57 5.32
CA GLY A 74 -7.78 -5.35 5.86
C GLY A 74 -7.47 -4.91 7.28
N LYS A 75 -7.11 -5.87 8.13
CA LYS A 75 -6.77 -5.67 9.52
C LYS A 75 -5.35 -6.19 9.69
N PRO A 76 -4.33 -5.34 9.49
CA PRO A 76 -2.93 -5.71 9.61
C PRO A 76 -2.49 -5.80 11.07
N LYS A 77 -1.27 -6.27 11.26
CA LYS A 77 -0.65 -6.40 12.57
C LYS A 77 0.04 -5.12 12.96
N ALA A 78 0.30 -5.01 14.26
CA ALA A 78 0.94 -3.86 14.85
C ALA A 78 2.46 -3.94 14.74
N ASN A 79 3.02 -5.14 14.89
CA ASN A 79 4.45 -5.38 14.84
C ASN A 79 4.80 -5.76 13.42
N VAL A 80 5.84 -5.13 12.88
CA VAL A 80 6.31 -5.36 11.54
C VAL A 80 6.74 -6.82 11.31
N GLU A 81 7.27 -7.50 12.34
CA GLU A 81 7.71 -8.89 12.23
C GLU A 81 6.55 -9.85 12.01
N GLU A 82 5.34 -9.44 12.37
CA GLU A 82 4.15 -10.25 12.20
C GLU A 82 3.58 -10.10 10.78
N ARG A 83 3.94 -9.02 10.08
CA ARG A 83 3.51 -8.75 8.71
C ARG A 83 4.18 -9.72 7.75
N GLU A 84 3.66 -9.80 6.52
CA GLU A 84 4.18 -10.68 5.47
C GLU A 84 4.28 -9.89 4.16
N PHE A 85 5.47 -9.37 3.86
CA PHE A 85 5.77 -8.60 2.66
C PHE A 85 6.61 -9.46 1.70
N GLU A 86 6.59 -9.18 0.40
CA GLU A 86 7.38 -9.88 -0.62
C GLU A 86 7.89 -8.85 -1.62
N LEU A 87 9.08 -9.07 -2.20
CA LEU A 87 9.70 -8.21 -3.20
C LEU A 87 9.62 -8.95 -4.54
N LEU A 88 8.69 -8.53 -5.38
CA LEU A 88 8.45 -9.09 -6.70
C LEU A 88 8.84 -8.04 -7.73
N TYR A 89 8.70 -8.38 -9.00
CA TYR A 89 9.01 -7.48 -10.09
C TYR A 89 8.18 -7.90 -11.28
N ASP A 90 8.09 -6.98 -12.22
CA ASP A 90 7.37 -7.10 -13.46
C ASP A 90 8.31 -6.60 -14.55
N ASP A 91 7.91 -6.73 -15.81
CA ASP A 91 8.69 -6.27 -16.95
C ASP A 91 8.87 -4.74 -16.92
N VAL A 92 8.11 -4.07 -16.04
CA VAL A 92 8.13 -2.63 -15.80
C VAL A 92 9.28 -2.44 -14.80
N GLY A 93 9.15 -2.95 -13.57
CA GLY A 93 10.15 -2.83 -12.54
C GLY A 93 9.77 -3.59 -11.28
N TYR A 94 10.60 -3.44 -10.25
CA TYR A 94 10.43 -4.09 -8.95
C TYR A 94 9.43 -3.35 -8.07
N TYR A 95 8.84 -4.06 -7.10
CA TYR A 95 7.89 -3.52 -6.16
C TYR A 95 7.71 -4.45 -4.95
N ILE A 96 7.02 -3.98 -3.90
CA ILE A 96 6.80 -4.75 -2.68
C ILE A 96 5.30 -5.00 -2.54
N SER A 97 4.89 -6.26 -2.48
CA SER A 97 3.51 -6.68 -2.32
C SER A 97 3.22 -7.00 -0.86
N GLU A 98 2.12 -6.43 -0.38
CA GLU A 98 1.59 -6.56 0.97
C GLU A 98 0.08 -6.76 0.91
N ILE A 99 -0.44 -7.94 1.24
CA ILE A 99 -1.88 -8.22 1.22
C ILE A 99 -2.39 -8.21 2.67
N ILE A 100 -3.57 -7.64 2.88
CA ILE A 100 -4.19 -7.54 4.20
C ILE A 100 -5.65 -7.98 4.12
N GLY A 101 -5.96 -9.08 4.79
CA GLY A 101 -7.29 -9.66 4.87
C GLY A 101 -7.88 -9.43 6.25
N SER A 102 -8.84 -10.29 6.62
CA SER A 102 -9.58 -10.27 7.86
C SER A 102 -10.46 -9.02 7.99
N GLY A 103 -11.37 -8.90 7.04
CA GLY A 103 -12.37 -7.87 6.91
C GLY A 103 -13.71 -8.60 7.04
N ASP A 104 -14.58 -8.46 6.04
CA ASP A 104 -15.91 -9.06 6.01
C ASP A 104 -16.12 -9.83 4.70
N ILE A 105 -16.44 -11.12 4.76
CA ILE A 105 -16.68 -11.96 3.60
C ILE A 105 -17.91 -11.41 2.87
N CYS A 106 -17.73 -10.95 1.63
CA CYS A 106 -18.81 -10.40 0.84
C CYS A 106 -19.71 -11.54 0.37
N ASP A 107 -20.85 -11.75 1.01
CA ASP A 107 -21.78 -12.83 0.67
C ASP A 107 -22.19 -12.86 -0.81
N VAL A 108 -22.19 -11.71 -1.50
CA VAL A 108 -22.53 -11.58 -2.91
C VAL A 108 -21.71 -12.55 -3.78
N THR A 109 -20.47 -12.83 -3.39
CA THR A 109 -19.60 -13.75 -4.11
C THR A 109 -19.14 -14.86 -3.16
N GLY A 110 -18.73 -14.47 -1.96
CA GLY A 110 -18.24 -15.33 -0.88
C GLY A 110 -16.73 -15.17 -0.68
N ALA A 111 -16.11 -14.14 -1.28
CA ALA A 111 -14.68 -13.87 -1.20
C ALA A 111 -14.37 -12.90 -0.05
N GLU A 112 -13.08 -12.75 0.26
CA GLU A 112 -12.63 -11.85 1.31
C GLU A 112 -12.46 -10.41 0.80
N ARG A 113 -12.69 -9.46 1.70
CA ARG A 113 -12.59 -8.00 1.51
C ARG A 113 -11.15 -7.58 1.71
N MET A 114 -10.20 -8.47 1.42
CA MET A 114 -8.80 -8.17 1.63
C MET A 114 -8.36 -7.19 0.55
N VAL A 115 -7.29 -6.50 0.85
CA VAL A 115 -6.72 -5.49 -0.01
C VAL A 115 -5.27 -5.80 -0.26
N GLU A 116 -4.86 -5.59 -1.50
CA GLU A 116 -3.53 -5.81 -2.01
C GLU A 116 -2.88 -4.44 -2.19
N ILE A 117 -1.82 -4.16 -1.43
CA ILE A 117 -1.10 -2.91 -1.47
C ILE A 117 0.23 -3.19 -2.15
N GLN A 118 0.58 -2.35 -3.11
CA GLN A 118 1.77 -2.42 -3.90
C GLN A 118 2.60 -1.13 -3.65
N TYR A 119 3.83 -1.27 -3.15
CA TYR A 119 4.76 -0.16 -2.87
C TYR A 119 5.84 0.00 -3.96
N VAL A 120 5.87 1.17 -4.62
CA VAL A 120 6.84 1.51 -5.68
C VAL A 120 7.56 2.83 -5.39
N CYS A 121 8.52 3.19 -6.25
CA CYS A 121 9.31 4.42 -6.19
C CYS A 121 8.55 5.45 -7.01
N GLY A 122 8.22 6.60 -6.43
CA GLY A 122 7.49 7.64 -7.15
C GLY A 122 8.39 8.51 -8.01
N GLY A 123 7.79 9.10 -9.05
CA GLY A 123 8.48 10.00 -9.99
C GLY A 123 9.12 11.19 -9.27
N SER A 124 8.56 11.59 -8.11
CA SER A 124 9.06 12.68 -7.29
C SER A 124 9.52 12.07 -5.97
N ASN A 125 10.82 11.76 -5.90
CA ASN A 125 11.50 11.17 -4.74
C ASN A 125 11.79 12.22 -3.64
N SER A 126 11.01 13.30 -3.59
CA SER A 126 11.14 14.40 -2.66
C SER A 126 9.76 14.73 -2.04
N GLY A 127 8.99 13.72 -1.61
CA GLY A 127 7.67 13.96 -1.03
C GLY A 127 7.20 12.76 -0.22
N PRO A 128 6.15 12.90 0.61
CA PRO A 128 5.65 11.80 1.45
C PRO A 128 4.95 10.73 0.62
N SER A 129 4.71 9.58 1.26
CA SER A 129 4.01 8.50 0.58
C SER A 129 2.55 8.93 0.40
N THR A 130 1.86 8.37 -0.58
CA THR A 130 0.48 8.65 -0.91
C THR A 130 0.05 7.53 -1.87
N ILE A 131 -1.25 7.26 -1.93
CA ILE A 131 -1.82 6.25 -2.80
C ILE A 131 -1.89 6.84 -4.21
N GLN A 132 -1.32 6.11 -5.17
CA GLN A 132 -1.27 6.46 -6.58
C GLN A 132 -2.64 6.33 -7.26
N TRP A 133 -3.28 5.17 -7.09
CA TRP A 133 -4.57 4.84 -7.66
C TRP A 133 -5.27 3.83 -6.78
N VAL A 134 -6.57 3.66 -7.00
CA VAL A 134 -7.43 2.74 -6.28
C VAL A 134 -8.47 2.27 -7.28
N ARG A 135 -8.53 0.96 -7.50
CA ARG A 135 -9.51 0.38 -8.42
C ARG A 135 -10.01 -0.90 -7.81
N GLU A 136 -11.33 -1.01 -7.72
CA GLU A 136 -11.99 -2.17 -7.19
C GLU A 136 -12.00 -3.16 -8.34
N THR A 137 -10.97 -4.00 -8.39
CA THR A 137 -10.76 -5.01 -9.40
C THR A 137 -11.85 -6.08 -9.30
N LYS A 138 -11.90 -6.82 -8.19
CA LYS A 138 -12.88 -7.89 -7.97
C LYS A 138 -14.11 -7.27 -7.30
N ILE A 139 -15.08 -8.08 -6.86
CA ILE A 139 -16.27 -7.55 -6.20
C ILE A 139 -15.88 -7.23 -4.75
N CYS A 140 -15.07 -8.11 -4.12
CA CYS A 140 -14.62 -7.98 -2.74
C CYS A 140 -13.14 -7.56 -2.64
N VAL A 141 -12.26 -8.25 -3.37
CA VAL A 141 -10.82 -7.94 -3.35
C VAL A 141 -10.62 -6.57 -4.01
N TYR A 142 -9.65 -5.80 -3.52
CA TYR A 142 -9.31 -4.46 -3.98
C TYR A 142 -7.80 -4.33 -4.07
N GLU A 143 -7.31 -3.73 -5.15
CA GLU A 143 -5.90 -3.50 -5.41
C GLU A 143 -5.61 -1.99 -5.29
N ALA A 144 -4.48 -1.64 -4.69
CA ALA A 144 -4.00 -0.29 -4.47
C ALA A 144 -2.49 -0.21 -4.67
N GLN A 145 -1.97 0.97 -5.01
CA GLN A 145 -0.55 1.20 -5.20
C GLN A 145 -0.19 2.50 -4.52
N VAL A 146 1.01 2.60 -3.97
CA VAL A 146 1.49 3.79 -3.28
C VAL A 146 2.94 4.04 -3.70
N THR A 147 3.37 5.30 -3.61
CA THR A 147 4.72 5.71 -3.96
C THR A 147 5.49 6.08 -2.72
N ILE A 148 6.81 5.87 -2.74
CA ILE A 148 7.69 6.20 -1.63
C ILE A 148 9.02 6.71 -2.19
N PRO A 149 9.56 7.83 -1.68
CA PRO A 149 10.82 8.39 -2.16
C PRO A 149 12.02 7.54 -1.75
N GLU A 150 12.09 7.13 -0.49
CA GLU A 150 13.19 6.33 0.06
C GLU A 150 13.34 4.96 -0.61
N LEU A 151 12.29 4.43 -1.24
CA LEU A 151 12.35 3.15 -1.93
C LEU A 151 13.33 3.25 -3.09
N CYS A 152 13.33 4.38 -3.82
CA CYS A 152 14.19 4.67 -4.96
C CYS A 152 15.68 4.49 -4.65
N ASN A 153 16.08 4.58 -3.38
CA ASN A 153 17.49 4.42 -2.99
C ASN A 153 17.99 3.03 -3.33
N LEU A 154 17.12 2.05 -3.29
CA LEU A 154 17.40 0.66 -3.59
C LEU A 154 17.39 0.59 -5.11
N GLU A 155 18.51 0.20 -5.71
CA GLU A 155 18.68 0.13 -7.17
C GLU A 155 17.57 -0.67 -7.87
N LEU A 156 17.07 -1.73 -7.24
CA LEU A 156 16.01 -2.54 -7.81
C LEU A 156 14.77 -1.67 -8.07
N LEU A 157 14.40 -0.82 -7.12
CA LEU A 157 13.27 0.10 -7.16
C LEU A 157 13.61 1.44 -7.82
N ALA A 158 14.81 1.61 -8.37
CA ALA A 158 15.24 2.85 -9.02
C ALA A 158 14.66 2.97 -10.44
N LYS A 159 13.33 2.84 -10.55
CA LYS A 159 12.59 2.90 -11.79
C LYS A 159 11.17 3.37 -11.49
N ASN A 160 10.48 3.95 -12.48
CA ASN A 160 9.11 4.43 -12.40
C ASN A 160 8.55 4.60 -13.80
N GLU A 161 7.23 4.56 -13.90
CA GLU A 161 6.47 4.72 -15.12
C GLU A 161 5.39 5.80 -14.93
N ASP A 162 5.30 6.38 -13.74
CA ASP A 162 4.33 7.41 -13.42
C ASP A 162 4.77 8.71 -14.05
N GLY A 1 27.12 -17.43 -12.13
CA GLY A 1 26.19 -17.28 -13.27
C GLY A 1 24.99 -16.49 -12.80
N ALA A 2 23.81 -16.71 -13.38
CA ALA A 2 22.61 -15.99 -12.94
C ALA A 2 22.25 -16.50 -11.52
N SER A 3 21.33 -15.81 -10.85
CA SER A 3 20.86 -16.16 -9.50
C SER A 3 22.03 -16.21 -8.49
N ASN A 4 23.07 -15.39 -8.72
CA ASN A 4 24.26 -15.34 -7.88
C ASN A 4 23.97 -14.91 -6.43
N SER A 5 24.89 -15.18 -5.51
CA SER A 5 24.78 -14.87 -4.09
C SER A 5 24.48 -13.40 -3.84
N GLU A 6 25.34 -12.47 -4.25
CA GLU A 6 25.12 -11.05 -4.01
C GLU A 6 23.80 -10.60 -4.64
N LYS A 7 23.46 -11.16 -5.81
CA LYS A 7 22.22 -10.84 -6.51
C LYS A 7 21.04 -11.15 -5.58
N THR A 8 21.14 -12.23 -4.82
CA THR A 8 20.14 -12.66 -3.85
C THR A 8 20.19 -11.72 -2.63
N ALA A 9 21.38 -11.42 -2.09
CA ALA A 9 21.53 -10.53 -0.93
C ALA A 9 20.89 -9.18 -1.21
N LEU A 10 21.03 -8.68 -2.43
CA LEU A 10 20.46 -7.41 -2.83
C LEU A 10 18.94 -7.43 -2.67
N LEU A 11 18.27 -8.55 -2.98
CA LEU A 11 16.82 -8.67 -2.84
C LEU A 11 16.50 -8.62 -1.35
N THR A 12 17.19 -9.42 -0.55
CA THR A 12 17.01 -9.48 0.90
C THR A 12 17.15 -8.07 1.51
N LYS A 13 18.17 -7.31 1.08
CA LYS A 13 18.40 -5.96 1.57
C LYS A 13 17.26 -5.04 1.14
N THR A 14 16.95 -5.05 -0.16
CA THR A 14 15.91 -4.24 -0.76
C THR A 14 14.56 -4.43 -0.06
N LEU A 15 14.14 -5.66 0.21
CA LEU A 15 12.87 -5.91 0.87
C LEU A 15 12.87 -5.33 2.28
N ASN A 16 13.84 -5.69 3.12
CA ASN A 16 13.93 -5.23 4.50
C ASN A 16 13.89 -3.72 4.56
N GLN A 17 14.72 -3.07 3.74
CA GLN A 17 14.82 -1.63 3.63
C GLN A 17 13.44 -1.07 3.28
N GLY A 18 12.82 -1.62 2.24
CA GLY A 18 11.52 -1.19 1.77
C GLY A 18 10.47 -1.29 2.86
N VAL A 19 10.38 -2.42 3.56
CA VAL A 19 9.43 -2.68 4.63
C VAL A 19 9.59 -1.67 5.76
N LYS A 20 10.80 -1.49 6.30
CA LYS A 20 11.00 -0.51 7.37
C LYS A 20 10.72 0.89 6.86
N THR A 21 10.98 1.16 5.58
CA THR A 21 10.77 2.48 5.03
C THR A 21 9.27 2.75 4.95
N ILE A 22 8.48 1.78 4.45
CA ILE A 22 7.03 1.93 4.34
C ILE A 22 6.47 2.31 5.70
N PHE A 23 6.78 1.50 6.71
CA PHE A 23 6.29 1.72 8.05
C PHE A 23 6.68 3.09 8.56
N ASP A 24 7.93 3.49 8.33
CA ASP A 24 8.45 4.77 8.78
C ASP A 24 7.66 5.93 8.18
N LYS A 25 7.53 5.94 6.85
CA LYS A 25 6.83 6.99 6.12
C LYS A 25 5.33 7.05 6.45
N LEU A 26 4.73 5.98 6.96
CA LEU A 26 3.32 5.96 7.32
C LEU A 26 3.14 6.24 8.80
N ASN A 27 4.15 5.91 9.60
CA ASN A 27 4.12 6.12 11.03
C ASN A 27 3.99 7.61 11.35
N GLU A 28 4.49 8.46 10.45
CA GLU A 28 4.42 9.90 10.61
C GLU A 28 2.95 10.34 10.52
N ARG A 29 2.21 9.83 9.51
CA ARG A 29 0.81 10.09 9.24
C ARG A 29 0.29 9.07 8.24
N CYS A 30 -1.03 8.80 8.30
CA CYS A 30 -1.68 7.85 7.42
C CYS A 30 -1.84 8.50 6.03
N ILE A 31 -2.27 7.70 5.06
CA ILE A 31 -2.50 8.14 3.69
C ILE A 31 -3.92 7.79 3.28
N PHE A 32 -4.53 8.61 2.43
CA PHE A 32 -5.89 8.41 1.97
C PHE A 32 -6.03 8.80 0.51
N TYR A 33 -7.03 8.26 -0.19
CA TYR A 33 -7.28 8.53 -1.61
C TYR A 33 -8.77 8.57 -1.86
N GLN A 34 -9.22 9.65 -2.50
CA GLN A 34 -10.61 9.84 -2.85
C GLN A 34 -10.86 9.23 -4.22
N ALA A 35 -11.55 8.08 -4.26
CA ALA A 35 -11.90 7.37 -5.48
C ALA A 35 -13.38 7.63 -5.76
N GLY A 36 -13.68 8.88 -6.08
CA GLY A 36 -15.02 9.34 -6.40
C GLY A 36 -15.88 9.42 -5.14
N PHE A 37 -16.98 8.67 -5.14
CA PHE A 37 -17.94 8.62 -4.05
C PHE A 37 -17.32 7.98 -2.79
N TRP A 38 -16.39 7.03 -2.96
CA TRP A 38 -15.76 6.35 -1.84
C TRP A 38 -14.33 6.80 -1.66
N ILE A 39 -13.96 7.03 -0.40
CA ILE A 39 -12.63 7.43 -0.01
C ILE A 39 -12.06 6.17 0.62
N TYR A 40 -10.76 6.05 0.49
CA TYR A 40 -9.95 4.97 1.00
C TYR A 40 -8.95 5.55 1.98
N GLU A 41 -8.76 4.91 3.15
CA GLU A 41 -7.81 5.34 4.18
C GLU A 41 -6.97 4.15 4.57
N TYR A 42 -5.65 4.36 4.59
CA TYR A 42 -4.65 3.36 4.95
C TYR A 42 -3.71 3.95 6.00
N CYS A 43 -3.69 3.32 7.18
CA CYS A 43 -2.87 3.74 8.32
C CYS A 43 -1.65 2.83 8.56
N PRO A 44 -0.62 3.30 9.29
CA PRO A 44 0.61 2.54 9.60
C PRO A 44 0.34 1.30 10.46
N GLY A 45 0.13 0.14 9.82
CA GLY A 45 -0.11 -1.11 10.53
C GLY A 45 -1.24 -0.99 11.54
N ILE A 46 -2.40 -0.50 11.09
CA ILE A 46 -3.58 -0.34 11.94
C ILE A 46 -4.68 -1.11 11.21
N GLU A 47 -5.09 -0.61 10.05
CA GLU A 47 -6.12 -1.17 9.20
C GLU A 47 -6.25 -0.33 7.95
N PHE A 48 -7.08 -0.83 7.05
CA PHE A 48 -7.46 -0.25 5.77
C PHE A 48 -8.98 -0.20 5.78
N VAL A 49 -9.57 0.97 5.58
CA VAL A 49 -11.01 1.18 5.57
C VAL A 49 -11.43 2.04 4.37
N GLN A 50 -12.71 1.91 4.00
CA GLN A 50 -13.33 2.63 2.91
C GLN A 50 -14.55 3.32 3.52
N PHE A 51 -14.65 4.65 3.39
CA PHE A 51 -15.76 5.45 3.90
C PHE A 51 -16.08 6.64 2.99
N HIS A 52 -17.30 7.18 3.02
CA HIS A 52 -17.68 8.33 2.20
C HIS A 52 -17.66 9.56 3.12
N GLY A 53 -16.83 10.55 2.81
CA GLY A 53 -16.68 11.80 3.56
C GLY A 53 -16.16 12.88 2.62
N ARG A 54 -15.67 14.01 3.15
CA ARG A 54 -15.14 15.11 2.33
C ARG A 54 -13.64 15.17 2.58
N VAL A 55 -12.84 15.34 1.53
CA VAL A 55 -11.38 15.40 1.63
C VAL A 55 -10.76 16.29 0.55
N ASN A 56 -9.58 16.87 0.81
CA ASN A 56 -8.88 17.71 -0.16
C ASN A 56 -7.89 16.85 -0.92
N THR A 57 -8.05 16.61 -2.22
CA THR A 57 -7.08 15.80 -2.97
C THR A 57 -5.69 16.47 -3.04
N LYS A 58 -5.61 17.78 -2.74
CA LYS A 58 -4.39 18.59 -2.76
C LYS A 58 -3.41 18.27 -1.62
N THR A 59 -3.89 17.72 -0.52
CA THR A 59 -3.05 17.41 0.64
C THR A 59 -3.51 16.12 1.32
N GLY A 60 -4.77 15.74 1.14
CA GLY A 60 -5.39 14.53 1.68
C GLY A 60 -6.12 14.85 2.97
N GLU A 61 -6.37 16.12 3.26
CA GLU A 61 -7.04 16.50 4.49
C GLU A 61 -8.50 16.11 4.44
N ILE A 62 -8.89 15.15 5.27
CA ILE A 62 -10.26 14.67 5.36
C ILE A 62 -10.93 15.72 6.24
N VAL A 63 -11.76 16.52 5.62
CA VAL A 63 -12.51 17.62 6.22
C VAL A 63 -13.62 17.11 7.13
N ASN A 64 -14.35 16.06 6.74
CA ASN A 64 -15.44 15.52 7.54
C ASN A 64 -15.42 14.00 7.55
N ARG A 65 -15.68 13.40 8.72
CA ARG A 65 -15.69 11.96 8.95
C ARG A 65 -17.07 11.42 9.25
N ASP A 66 -17.87 11.09 8.23
CA ASP A 66 -19.18 10.50 8.47
C ASP A 66 -18.92 9.08 8.97
N GLU A 67 -19.59 8.65 10.03
CA GLU A 67 -19.46 7.31 10.63
C GLU A 67 -20.54 6.34 10.09
N SER A 68 -21.50 6.84 9.32
CA SER A 68 -22.63 6.08 8.76
C SER A 68 -22.26 5.14 7.61
N LEU A 69 -21.23 5.45 6.83
CA LEU A 69 -20.80 4.65 5.69
C LEU A 69 -19.35 4.27 5.89
N VAL A 70 -19.05 3.22 6.66
CA VAL A 70 -17.69 2.78 6.93
C VAL A 70 -17.61 1.25 6.80
N TYR A 71 -16.60 0.75 6.10
CA TYR A 71 -16.36 -0.68 5.85
C TYR A 71 -14.92 -1.05 6.19
N ARG A 72 -14.64 -2.36 6.35
CA ARG A 72 -13.33 -2.89 6.66
C ARG A 72 -12.85 -3.68 5.45
N LEU A 73 -11.56 -3.62 5.17
CA LEU A 73 -10.93 -4.29 4.03
C LEU A 73 -9.95 -5.32 4.59
N GLY A 74 -8.84 -4.82 5.13
CA GLY A 74 -7.80 -5.64 5.71
C GLY A 74 -7.44 -5.15 7.10
N LYS A 75 -7.04 -6.07 7.98
CA LYS A 75 -6.67 -5.79 9.36
C LYS A 75 -5.32 -6.46 9.67
N PRO A 76 -4.20 -5.75 9.48
CA PRO A 76 -2.85 -6.24 9.71
C PRO A 76 -2.54 -6.33 11.21
N LYS A 77 -1.25 -6.49 11.50
CA LYS A 77 -0.70 -6.57 12.84
C LYS A 77 -0.21 -5.20 13.26
N ALA A 78 0.10 -5.07 14.55
CA ALA A 78 0.57 -3.80 15.08
C ALA A 78 2.07 -3.55 14.86
N ASN A 79 2.88 -4.61 14.78
CA ASN A 79 4.32 -4.50 14.59
C ASN A 79 4.72 -5.07 13.24
N VAL A 80 5.92 -4.70 12.79
CA VAL A 80 6.47 -5.17 11.53
C VAL A 80 6.90 -6.63 11.64
N GLU A 81 7.38 -7.05 12.81
CA GLU A 81 7.87 -8.42 13.03
C GLU A 81 6.73 -9.42 13.16
N GLU A 82 5.51 -8.93 13.36
CA GLU A 82 4.31 -9.74 13.47
C GLU A 82 3.78 -10.11 12.08
N ARG A 83 4.18 -9.37 11.04
CA ARG A 83 3.78 -9.57 9.64
C ARG A 83 5.00 -9.90 8.79
N GLU A 84 4.78 -10.15 7.51
CA GLU A 84 5.75 -10.49 6.49
C GLU A 84 5.29 -9.72 5.24
N PHE A 85 6.20 -9.45 4.31
CA PHE A 85 5.98 -8.75 3.05
C PHE A 85 6.65 -9.55 1.92
N GLU A 86 6.39 -9.28 0.63
CA GLU A 86 7.01 -10.02 -0.46
C GLU A 86 7.54 -9.12 -1.56
N LEU A 87 8.84 -9.26 -1.87
CA LEU A 87 9.55 -8.50 -2.89
C LEU A 87 9.30 -9.14 -4.26
N LEU A 88 8.37 -8.59 -5.03
CA LEU A 88 8.05 -9.08 -6.36
C LEU A 88 8.57 -8.09 -7.41
N TYR A 89 8.45 -8.48 -8.67
CA TYR A 89 8.86 -7.65 -9.79
C TYR A 89 8.05 -8.06 -10.99
N ASP A 90 8.02 -7.22 -12.00
CA ASP A 90 7.32 -7.48 -13.24
C ASP A 90 8.18 -6.93 -14.37
N ASP A 91 7.69 -7.06 -15.58
CA ASP A 91 8.32 -6.59 -16.80
C ASP A 91 8.71 -5.12 -16.68
N VAL A 92 7.89 -4.35 -15.96
CA VAL A 92 8.06 -2.93 -15.67
C VAL A 92 9.23 -2.75 -14.69
N GLY A 93 9.07 -3.21 -13.44
CA GLY A 93 10.08 -3.08 -12.42
C GLY A 93 9.69 -3.78 -11.13
N TYR A 94 10.52 -3.62 -10.09
CA TYR A 94 10.33 -4.23 -8.78
C TYR A 94 9.32 -3.46 -7.93
N TYR A 95 8.75 -4.12 -6.94
CA TYR A 95 7.76 -3.58 -6.03
C TYR A 95 7.62 -4.53 -4.83
N ILE A 96 6.81 -4.18 -3.85
CA ILE A 96 6.53 -5.01 -2.68
C ILE A 96 5.02 -5.17 -2.76
N SER A 97 4.55 -6.40 -2.75
CA SER A 97 3.14 -6.72 -2.86
C SER A 97 2.63 -7.16 -1.51
N GLU A 98 1.83 -6.32 -0.86
CA GLU A 98 1.29 -6.60 0.44
C GLU A 98 -0.21 -6.81 0.37
N ILE A 99 -0.72 -7.99 0.73
CA ILE A 99 -2.15 -8.25 0.73
C ILE A 99 -2.57 -8.33 2.20
N ILE A 100 -3.73 -7.77 2.50
CA ILE A 100 -4.29 -7.71 3.84
C ILE A 100 -5.74 -8.10 3.83
N GLY A 101 -6.03 -9.24 4.46
CA GLY A 101 -7.37 -9.77 4.60
C GLY A 101 -7.86 -9.50 6.03
N SER A 102 -8.89 -10.21 6.45
CA SER A 102 -9.53 -10.14 7.77
C SER A 102 -10.59 -9.03 7.86
N GLY A 103 -11.24 -8.69 6.73
CA GLY A 103 -12.28 -7.67 6.64
C GLY A 103 -13.62 -8.32 6.95
N ASP A 104 -14.48 -8.47 5.92
CA ASP A 104 -15.81 -9.07 6.02
C ASP A 104 -16.04 -9.96 4.78
N ILE A 105 -16.41 -11.25 4.94
CA ILE A 105 -16.66 -12.15 3.80
C ILE A 105 -17.92 -11.70 3.05
N CYS A 106 -17.78 -11.42 1.75
CA CYS A 106 -18.88 -10.97 0.91
C CYS A 106 -19.73 -12.13 0.43
N ASP A 107 -21.01 -12.19 0.79
CA ASP A 107 -21.89 -13.28 0.32
C ASP A 107 -22.21 -13.10 -1.16
N VAL A 108 -21.75 -12.01 -1.78
CA VAL A 108 -21.93 -11.71 -3.20
C VAL A 108 -21.17 -12.74 -4.01
N THR A 109 -19.95 -13.09 -3.60
CA THR A 109 -19.11 -14.06 -4.31
C THR A 109 -18.68 -15.20 -3.39
N GLY A 110 -18.58 -14.91 -2.10
CA GLY A 110 -18.15 -15.84 -1.06
C GLY A 110 -16.64 -15.72 -0.90
N ALA A 111 -16.09 -14.53 -1.14
CA ALA A 111 -14.66 -14.24 -1.03
C ALA A 111 -14.35 -13.23 0.05
N GLU A 112 -13.06 -13.08 0.36
CA GLU A 112 -12.59 -12.13 1.36
C GLU A 112 -12.43 -10.73 0.73
N ARG A 113 -12.82 -9.72 1.49
CA ARG A 113 -12.77 -8.27 1.23
C ARG A 113 -11.34 -7.76 1.42
N MET A 114 -10.35 -8.61 1.15
CA MET A 114 -8.95 -8.27 1.36
C MET A 114 -8.51 -7.28 0.30
N VAL A 115 -7.46 -6.55 0.63
CA VAL A 115 -6.90 -5.51 -0.20
C VAL A 115 -5.42 -5.73 -0.46
N GLU A 116 -4.95 -5.36 -1.64
CA GLU A 116 -3.57 -5.47 -2.04
C GLU A 116 -3.00 -4.06 -2.19
N ILE A 117 -1.77 -3.85 -1.72
CA ILE A 117 -1.04 -2.61 -1.76
C ILE A 117 0.31 -2.89 -2.43
N GLN A 118 0.54 -2.31 -3.61
CA GLN A 118 1.76 -2.45 -4.37
C GLN A 118 2.63 -1.21 -4.12
N TYR A 119 3.80 -1.39 -3.50
CA TYR A 119 4.74 -0.33 -3.16
C TYR A 119 5.79 -0.15 -4.25
N VAL A 120 5.82 1.04 -4.85
CA VAL A 120 6.74 1.39 -5.92
C VAL A 120 7.46 2.72 -5.63
N CYS A 121 8.44 3.05 -6.47
CA CYS A 121 9.20 4.29 -6.35
C CYS A 121 8.36 5.44 -6.91
N GLY A 122 8.33 6.55 -6.17
CA GLY A 122 7.60 7.74 -6.57
C GLY A 122 8.55 8.65 -7.32
N GLY A 123 8.21 8.98 -8.57
CA GLY A 123 8.94 9.85 -9.48
C GLY A 123 9.58 11.02 -8.74
N SER A 124 8.75 11.86 -8.12
CA SER A 124 9.20 12.99 -7.35
C SER A 124 9.68 12.47 -5.99
N ASN A 125 10.93 12.00 -5.93
CA ASN A 125 11.53 11.48 -4.71
C ASN A 125 11.92 12.66 -3.82
N SER A 126 10.90 13.37 -3.33
CA SER A 126 10.98 14.58 -2.52
C SER A 126 9.85 14.81 -1.51
N GLY A 127 9.09 13.78 -1.14
CA GLY A 127 7.98 13.95 -0.20
C GLY A 127 7.45 12.66 0.41
N PRO A 128 6.52 12.73 1.39
CA PRO A 128 5.95 11.55 2.04
C PRO A 128 5.15 10.68 1.08
N SER A 129 4.88 9.45 1.51
CA SER A 129 4.12 8.47 0.73
C SER A 129 2.66 8.90 0.58
N THR A 130 2.00 8.40 -0.44
CA THR A 130 0.61 8.63 -0.79
C THR A 130 0.18 7.50 -1.73
N ILE A 131 -1.12 7.34 -1.89
CA ILE A 131 -1.71 6.34 -2.76
C ILE A 131 -1.68 6.93 -4.17
N GLN A 132 -1.27 6.12 -5.15
CA GLN A 132 -1.17 6.50 -6.55
C GLN A 132 -2.52 6.38 -7.24
N TRP A 133 -3.12 5.20 -7.15
CA TRP A 133 -4.39 4.86 -7.73
C TRP A 133 -5.07 3.84 -6.83
N VAL A 134 -6.36 3.64 -7.09
CA VAL A 134 -7.24 2.74 -6.37
C VAL A 134 -8.22 2.18 -7.37
N ARG A 135 -8.43 0.86 -7.40
CA ARG A 135 -9.39 0.26 -8.32
C ARG A 135 -9.97 -1.02 -7.75
N GLU A 136 -11.29 -1.15 -7.84
CA GLU A 136 -12.03 -2.31 -7.38
C GLU A 136 -11.89 -3.31 -8.53
N THR A 137 -10.86 -4.13 -8.48
CA THR A 137 -10.55 -5.13 -9.50
C THR A 137 -11.62 -6.22 -9.55
N LYS A 138 -11.92 -6.82 -8.40
CA LYS A 138 -12.94 -7.87 -8.28
C LYS A 138 -14.17 -7.22 -7.66
N ILE A 139 -15.19 -8.01 -7.34
CA ILE A 139 -16.40 -7.48 -6.73
C ILE A 139 -16.08 -7.08 -5.29
N CYS A 140 -15.35 -7.93 -4.56
CA CYS A 140 -15.01 -7.70 -3.16
C CYS A 140 -13.54 -7.42 -2.91
N VAL A 141 -12.64 -7.96 -3.76
CA VAL A 141 -11.20 -7.75 -3.62
C VAL A 141 -10.88 -6.38 -4.25
N TYR A 142 -9.94 -5.66 -3.64
CA TYR A 142 -9.51 -4.33 -4.04
C TYR A 142 -7.98 -4.28 -4.16
N GLU A 143 -7.45 -3.50 -5.11
CA GLU A 143 -6.03 -3.34 -5.38
C GLU A 143 -5.72 -1.83 -5.43
N ALA A 144 -4.57 -1.42 -4.90
CA ALA A 144 -4.08 -0.04 -4.83
C ALA A 144 -2.55 -0.01 -4.94
N GLN A 145 -1.99 1.17 -5.23
CA GLN A 145 -0.55 1.37 -5.34
C GLN A 145 -0.15 2.54 -4.45
N VAL A 146 1.07 2.52 -3.90
CA VAL A 146 1.62 3.54 -3.03
C VAL A 146 3.03 3.86 -3.53
N THR A 147 3.36 5.14 -3.63
CA THR A 147 4.68 5.62 -4.06
C THR A 147 5.47 6.08 -2.85
N ILE A 148 6.77 5.83 -2.87
CA ILE A 148 7.68 6.22 -1.78
C ILE A 148 8.99 6.74 -2.39
N PRO A 149 9.59 7.83 -1.86
CA PRO A 149 10.85 8.36 -2.38
C PRO A 149 12.03 7.48 -1.96
N GLU A 150 12.07 7.09 -0.68
CA GLU A 150 13.11 6.25 -0.10
C GLU A 150 13.20 4.90 -0.83
N LEU A 151 12.11 4.43 -1.47
CA LEU A 151 12.19 3.18 -2.19
C LEU A 151 13.15 3.36 -3.37
N CYS A 152 13.08 4.51 -4.07
CA CYS A 152 13.90 4.85 -5.21
C CYS A 152 15.40 4.82 -4.90
N ASN A 153 15.78 4.83 -3.62
CA ASN A 153 17.16 4.78 -3.17
C ASN A 153 17.78 3.46 -3.62
N LEU A 154 17.01 2.39 -3.44
CA LEU A 154 17.30 0.99 -3.73
C LEU A 154 17.27 0.85 -5.25
N GLU A 155 18.38 0.43 -5.87
CA GLU A 155 18.48 0.29 -7.31
C GLU A 155 17.38 -0.57 -7.95
N LEU A 156 16.92 -1.60 -7.26
CA LEU A 156 15.87 -2.48 -7.77
C LEU A 156 14.59 -1.68 -8.06
N LEU A 157 14.28 -0.68 -7.23
CA LEU A 157 13.09 0.17 -7.33
C LEU A 157 13.39 1.45 -8.11
N ALA A 158 14.59 1.62 -8.64
CA ALA A 158 14.99 2.80 -9.39
C ALA A 158 14.39 2.83 -10.81
N LYS A 159 13.12 2.43 -10.98
CA LYS A 159 12.37 2.38 -12.23
C LYS A 159 10.89 2.52 -11.89
N ASN A 160 10.09 3.02 -12.82
CA ASN A 160 8.65 3.19 -12.70
C ASN A 160 8.09 3.46 -14.08
N GLU A 161 6.95 2.85 -14.41
CA GLU A 161 6.28 3.00 -15.70
C GLU A 161 4.79 3.10 -15.39
N ASP A 162 4.39 4.22 -14.79
CA ASP A 162 2.99 4.47 -14.46
C ASP A 162 2.20 4.63 -15.76
N GLY A 1 28.66 -25.52 -11.66
CA GLY A 1 27.66 -24.56 -11.15
C GLY A 1 28.30 -23.19 -11.04
N ALA A 2 27.56 -22.22 -10.50
CA ALA A 2 27.97 -20.84 -10.28
C ALA A 2 27.27 -20.38 -9.00
N SER A 3 27.36 -19.09 -8.65
CA SER A 3 26.72 -18.55 -7.47
C SER A 3 26.11 -17.21 -7.83
N ASN A 4 25.01 -16.90 -7.14
CA ASN A 4 24.20 -15.71 -7.24
C ASN A 4 23.95 -15.12 -5.85
N SER A 5 24.70 -15.54 -4.82
CA SER A 5 24.56 -15.06 -3.45
C SER A 5 24.53 -13.54 -3.33
N GLU A 6 25.37 -12.83 -4.07
CA GLU A 6 25.38 -11.37 -4.02
C GLU A 6 24.09 -10.81 -4.62
N LYS A 7 23.58 -11.44 -5.68
CA LYS A 7 22.35 -11.03 -6.34
C LYS A 7 21.19 -11.20 -5.38
N THR A 8 21.11 -12.36 -4.73
CA THR A 8 20.05 -12.60 -3.77
C THR A 8 20.17 -11.63 -2.60
N ALA A 9 21.38 -11.28 -2.15
CA ALA A 9 21.54 -10.35 -1.05
C ALA A 9 20.93 -8.99 -1.41
N LEU A 10 21.01 -8.55 -2.67
CA LEU A 10 20.42 -7.28 -3.09
C LEU A 10 18.91 -7.38 -2.94
N LEU A 11 18.30 -8.49 -3.37
CA LEU A 11 16.87 -8.74 -3.29
C LEU A 11 16.43 -8.79 -1.82
N THR A 12 17.08 -9.63 -1.01
CA THR A 12 16.80 -9.81 0.41
C THR A 12 16.87 -8.46 1.14
N LYS A 13 17.90 -7.66 0.85
CA LYS A 13 18.08 -6.36 1.47
C LYS A 13 16.95 -5.42 1.02
N THR A 14 16.67 -5.33 -0.28
CA THR A 14 15.64 -4.47 -0.85
C THR A 14 14.30 -4.70 -0.16
N LEU A 15 13.92 -5.96 0.08
CA LEU A 15 12.64 -6.25 0.71
C LEU A 15 12.55 -5.64 2.11
N ASN A 16 13.47 -5.99 2.98
CA ASN A 16 13.50 -5.53 4.38
C ASN A 16 13.61 -4.01 4.46
N GLN A 17 14.52 -3.44 3.67
CA GLN A 17 14.74 -1.99 3.60
C GLN A 17 13.43 -1.31 3.23
N GLY A 18 12.73 -1.87 2.24
CA GLY A 18 11.48 -1.37 1.78
C GLY A 18 10.45 -1.39 2.90
N VAL A 19 10.27 -2.53 3.56
CA VAL A 19 9.33 -2.72 4.66
C VAL A 19 9.54 -1.71 5.77
N LYS A 20 10.77 -1.59 6.29
CA LYS A 20 11.03 -0.63 7.36
C LYS A 20 10.81 0.79 6.87
N THR A 21 11.11 1.06 5.60
CA THR A 21 10.93 2.40 5.05
C THR A 21 9.43 2.71 5.00
N ILE A 22 8.63 1.77 4.50
CA ILE A 22 7.20 1.90 4.36
C ILE A 22 6.60 2.24 5.73
N PHE A 23 6.91 1.41 6.74
CA PHE A 23 6.38 1.64 8.06
C PHE A 23 6.76 3.01 8.56
N ASP A 24 8.01 3.45 8.38
CA ASP A 24 8.42 4.76 8.85
C ASP A 24 7.59 5.86 8.19
N LYS A 25 7.54 5.85 6.86
CA LYS A 25 6.82 6.83 6.07
C LYS A 25 5.30 6.84 6.31
N LEU A 26 4.74 5.81 6.92
CA LEU A 26 3.31 5.74 7.22
C LEU A 26 3.07 6.09 8.67
N ASN A 27 4.06 5.82 9.52
CA ASN A 27 3.97 6.10 10.94
C ASN A 27 3.89 7.62 11.16
N GLU A 28 4.44 8.41 10.23
CA GLU A 28 4.39 9.87 10.30
C GLU A 28 2.94 10.33 10.16
N ARG A 29 2.21 9.80 9.17
CA ARG A 29 0.83 10.10 8.88
C ARG A 29 0.25 8.99 8.01
N CYS A 30 -1.06 8.73 8.18
CA CYS A 30 -1.75 7.73 7.40
C CYS A 30 -1.94 8.34 6.01
N ILE A 31 -2.28 7.51 5.03
CA ILE A 31 -2.48 7.95 3.65
C ILE A 31 -3.89 7.64 3.24
N PHE A 32 -4.41 8.39 2.27
CA PHE A 32 -5.76 8.22 1.79
C PHE A 32 -5.82 8.49 0.29
N TYR A 33 -6.93 8.09 -0.33
CA TYR A 33 -7.20 8.26 -1.75
C TYR A 33 -8.70 8.36 -1.96
N GLN A 34 -9.14 9.43 -2.61
CA GLN A 34 -10.54 9.63 -2.91
C GLN A 34 -10.81 8.96 -4.26
N ALA A 35 -11.67 7.95 -4.32
CA ALA A 35 -12.04 7.23 -5.54
C ALA A 35 -13.48 7.61 -5.93
N GLY A 36 -13.67 8.86 -6.31
CA GLY A 36 -14.99 9.34 -6.71
C GLY A 36 -15.81 9.58 -5.46
N PHE A 37 -16.85 8.80 -5.25
CA PHE A 37 -17.74 8.87 -4.09
C PHE A 37 -17.19 8.08 -2.88
N TRP A 38 -16.37 7.05 -3.09
CA TRP A 38 -15.82 6.17 -2.04
C TRP A 38 -14.34 6.44 -1.78
N ILE A 39 -14.02 6.91 -0.57
CA ILE A 39 -12.69 7.26 -0.11
C ILE A 39 -12.09 6.05 0.57
N TYR A 40 -10.78 5.93 0.42
CA TYR A 40 -9.99 4.86 0.97
C TYR A 40 -8.98 5.47 1.95
N GLU A 41 -8.81 4.90 3.13
CA GLU A 41 -7.88 5.38 4.16
C GLU A 41 -7.08 4.20 4.69
N TYR A 42 -5.76 4.34 4.65
CA TYR A 42 -4.80 3.34 5.10
C TYR A 42 -3.87 3.88 6.16
N CYS A 43 -3.78 3.17 7.30
CA CYS A 43 -2.94 3.57 8.42
C CYS A 43 -1.79 2.57 8.68
N PRO A 44 -0.71 3.01 9.36
CA PRO A 44 0.48 2.24 9.66
C PRO A 44 0.24 1.06 10.62
N GLY A 45 -0.03 -0.13 10.08
CA GLY A 45 -0.29 -1.31 10.87
C GLY A 45 -1.48 -1.10 11.79
N ILE A 46 -2.60 -0.57 11.27
CA ILE A 46 -3.77 -0.35 12.10
C ILE A 46 -4.92 -1.06 11.40
N GLU A 47 -5.32 -0.59 10.21
CA GLU A 47 -6.39 -1.14 9.39
C GLU A 47 -6.50 -0.34 8.12
N PHE A 48 -7.25 -0.92 7.19
CA PHE A 48 -7.55 -0.36 5.89
C PHE A 48 -9.08 -0.33 5.83
N VAL A 49 -9.65 0.86 5.69
CA VAL A 49 -11.08 1.12 5.64
C VAL A 49 -11.45 1.93 4.40
N GLN A 50 -12.71 1.81 3.98
CA GLN A 50 -13.29 2.49 2.85
C GLN A 50 -14.50 3.22 3.44
N PHE A 51 -14.58 4.53 3.27
CA PHE A 51 -15.65 5.35 3.82
C PHE A 51 -16.03 6.53 2.93
N HIS A 52 -17.23 7.05 3.11
CA HIS A 52 -17.70 8.21 2.36
C HIS A 52 -17.27 9.46 3.17
N GLY A 53 -17.09 10.59 2.50
CA GLY A 53 -16.67 11.85 3.12
C GLY A 53 -16.29 12.88 2.06
N ARG A 54 -15.65 13.98 2.48
CA ARG A 54 -15.21 15.09 1.62
C ARG A 54 -13.72 15.29 1.90
N VAL A 55 -12.89 15.52 0.87
CA VAL A 55 -11.45 15.70 1.04
C VAL A 55 -10.90 16.64 -0.03
N ASN A 56 -9.80 17.34 0.28
CA ASN A 56 -9.13 18.28 -0.62
C ASN A 56 -8.03 17.52 -1.35
N THR A 57 -8.18 17.17 -2.63
CA THR A 57 -7.15 16.45 -3.40
C THR A 57 -5.78 17.10 -3.28
N LYS A 58 -5.77 18.44 -3.21
CA LYS A 58 -4.59 19.27 -3.11
C LYS A 58 -3.58 18.81 -2.06
N THR A 59 -4.05 18.19 -0.98
CA THR A 59 -3.16 17.74 0.10
C THR A 59 -3.65 16.44 0.76
N GLY A 60 -4.94 16.13 0.72
CA GLY A 60 -5.52 14.93 1.32
C GLY A 60 -6.21 15.26 2.65
N GLU A 61 -6.46 16.54 2.93
CA GLU A 61 -7.13 16.97 4.15
C GLU A 61 -8.59 16.54 4.03
N ILE A 62 -9.02 15.63 4.90
CA ILE A 62 -10.38 15.10 4.96
C ILE A 62 -11.15 16.10 5.82
N VAL A 63 -12.18 16.72 5.23
CA VAL A 63 -13.04 17.71 5.86
C VAL A 63 -13.95 16.98 6.85
N ASN A 64 -14.92 16.24 6.32
CA ASN A 64 -15.90 15.47 7.05
C ASN A 64 -15.88 14.06 6.51
N ARG A 65 -16.26 13.12 7.36
CA ARG A 65 -16.30 11.68 7.07
C ARG A 65 -17.43 11.12 7.93
N ASP A 66 -18.64 11.15 7.39
CA ASP A 66 -19.85 10.66 8.04
C ASP A 66 -19.66 9.17 8.29
N GLU A 67 -19.70 8.77 9.57
CA GLU A 67 -19.50 7.40 10.00
C GLU A 67 -20.64 6.42 9.66
N SER A 68 -21.66 6.81 8.89
CA SER A 68 -22.77 5.94 8.50
C SER A 68 -22.46 5.18 7.21
N LEU A 69 -21.29 5.42 6.61
CA LEU A 69 -20.83 4.77 5.39
C LEU A 69 -19.36 4.45 5.61
N VAL A 70 -19.08 3.39 6.35
CA VAL A 70 -17.74 2.94 6.67
C VAL A 70 -17.73 1.41 6.51
N TYR A 71 -16.70 0.90 5.86
CA TYR A 71 -16.47 -0.51 5.58
C TYR A 71 -15.03 -0.84 5.91
N ARG A 72 -14.80 -2.12 6.22
CA ARG A 72 -13.49 -2.64 6.55
C ARG A 72 -12.98 -3.48 5.40
N LEU A 73 -11.68 -3.41 5.16
CA LEU A 73 -11.02 -4.13 4.09
C LEU A 73 -10.08 -5.17 4.68
N GLY A 74 -8.99 -4.70 5.29
CA GLY A 74 -8.00 -5.57 5.90
C GLY A 74 -7.61 -5.08 7.28
N LYS A 75 -7.10 -5.99 8.12
CA LYS A 75 -6.65 -5.70 9.48
C LYS A 75 -5.24 -6.23 9.63
N PRO A 76 -4.23 -5.38 9.40
CA PRO A 76 -2.83 -5.77 9.53
C PRO A 76 -2.45 -5.83 11.00
N LYS A 77 -1.23 -6.29 11.26
CA LYS A 77 -0.67 -6.37 12.59
C LYS A 77 -0.15 -5.00 12.97
N ALA A 78 0.05 -4.82 14.27
CA ALA A 78 0.55 -3.57 14.82
C ALA A 78 2.08 -3.52 14.78
N ASN A 79 2.72 -4.68 14.86
CA ASN A 79 4.17 -4.82 14.83
C ASN A 79 4.53 -5.32 13.44
N VAL A 80 5.55 -4.73 12.83
CA VAL A 80 5.99 -5.11 11.48
C VAL A 80 6.57 -6.52 11.42
N GLU A 81 7.04 -7.03 12.57
CA GLU A 81 7.65 -8.35 12.69
C GLU A 81 6.60 -9.44 12.84
N GLU A 82 5.35 -9.07 13.14
CA GLU A 82 4.25 -10.01 13.30
C GLU A 82 3.63 -10.35 11.94
N ARG A 83 3.98 -9.57 10.92
CA ARG A 83 3.53 -9.70 9.54
C ARG A 83 4.70 -9.97 8.59
N GLU A 84 4.42 -10.22 7.32
CA GLU A 84 5.40 -10.52 6.28
C GLU A 84 4.96 -9.87 4.95
N PHE A 85 5.92 -9.58 4.08
CA PHE A 85 5.78 -8.95 2.76
C PHE A 85 6.52 -9.81 1.71
N GLU A 86 6.34 -9.54 0.42
CA GLU A 86 6.99 -10.24 -0.68
C GLU A 86 7.59 -9.24 -1.67
N LEU A 87 8.82 -9.48 -2.12
CA LEU A 87 9.54 -8.64 -3.07
C LEU A 87 9.21 -9.10 -4.48
N LEU A 88 8.28 -8.44 -5.16
CA LEU A 88 7.89 -8.82 -6.51
C LEU A 88 8.45 -7.85 -7.55
N TYR A 89 8.18 -8.14 -8.82
CA TYR A 89 8.58 -7.31 -9.93
C TYR A 89 7.68 -7.64 -11.10
N ASP A 90 7.67 -6.74 -12.08
CA ASP A 90 6.88 -6.81 -13.28
C ASP A 90 7.72 -6.37 -14.48
N ASP A 91 7.12 -6.36 -15.66
CA ASP A 91 7.77 -5.98 -16.91
C ASP A 91 8.34 -4.55 -16.89
N VAL A 92 7.95 -3.69 -15.94
CA VAL A 92 8.42 -2.31 -15.81
C VAL A 92 9.51 -2.27 -14.74
N GLY A 93 9.24 -2.73 -13.52
CA GLY A 93 10.24 -2.68 -12.47
C GLY A 93 9.85 -3.49 -11.23
N TYR A 94 10.59 -3.29 -10.14
CA TYR A 94 10.35 -3.98 -8.89
C TYR A 94 9.36 -3.22 -8.02
N TYR A 95 8.70 -3.95 -7.13
CA TYR A 95 7.71 -3.43 -6.20
C TYR A 95 7.62 -4.41 -5.03
N ILE A 96 6.87 -4.08 -3.98
CA ILE A 96 6.68 -4.95 -2.83
C ILE A 96 5.19 -5.21 -2.84
N SER A 97 4.77 -6.43 -2.55
CA SER A 97 3.37 -6.81 -2.51
C SER A 97 3.06 -7.25 -1.10
N GLU A 98 1.98 -6.71 -0.58
CA GLU A 98 1.48 -7.04 0.75
C GLU A 98 -0.04 -7.08 0.60
N ILE A 99 -0.68 -8.17 1.04
CA ILE A 99 -2.12 -8.37 0.97
C ILE A 99 -2.62 -8.45 2.42
N ILE A 100 -3.71 -7.74 2.72
CA ILE A 100 -4.30 -7.67 4.04
C ILE A 100 -5.76 -8.07 4.03
N GLY A 101 -6.06 -9.21 4.64
CA GLY A 101 -7.39 -9.74 4.78
C GLY A 101 -7.88 -9.43 6.18
N SER A 102 -8.86 -10.18 6.65
CA SER A 102 -9.47 -10.01 7.97
C SER A 102 -10.28 -8.72 7.99
N GLY A 103 -11.23 -8.63 7.06
CA GLY A 103 -12.16 -7.55 6.86
C GLY A 103 -13.54 -8.13 7.16
N ASP A 104 -14.38 -8.17 6.14
CA ASP A 104 -15.73 -8.67 6.16
C ASP A 104 -15.92 -9.54 4.92
N ILE A 105 -16.42 -10.78 5.04
CA ILE A 105 -16.64 -11.66 3.89
C ILE A 105 -17.77 -11.06 3.06
N CYS A 106 -17.55 -11.00 1.74
CA CYS A 106 -18.51 -10.49 0.80
C CYS A 106 -19.52 -11.59 0.52
N ASP A 107 -20.78 -11.47 0.92
CA ASP A 107 -21.77 -12.53 0.65
C ASP A 107 -21.94 -12.78 -0.86
N VAL A 108 -21.64 -11.78 -1.69
CA VAL A 108 -21.75 -11.88 -3.14
C VAL A 108 -20.90 -13.02 -3.72
N THR A 109 -19.66 -13.26 -3.25
CA THR A 109 -18.84 -14.36 -3.78
C THR A 109 -18.34 -15.29 -2.67
N GLY A 110 -18.31 -14.81 -1.44
CA GLY A 110 -17.83 -15.51 -0.26
C GLY A 110 -16.33 -15.30 -0.06
N ALA A 111 -15.73 -14.32 -0.76
CA ALA A 111 -14.32 -14.01 -0.64
C ALA A 111 -14.13 -12.96 0.46
N GLU A 112 -12.89 -12.71 0.84
CA GLU A 112 -12.60 -11.69 1.83
C GLU A 112 -12.47 -10.36 1.12
N ARG A 113 -12.83 -9.30 1.82
CA ARG A 113 -12.74 -7.89 1.41
C ARG A 113 -11.29 -7.45 1.58
N MET A 114 -10.35 -8.37 1.40
CA MET A 114 -8.94 -8.13 1.61
C MET A 114 -8.43 -7.23 0.50
N VAL A 115 -7.39 -6.48 0.84
CA VAL A 115 -6.80 -5.50 -0.05
C VAL A 115 -5.34 -5.82 -0.33
N GLU A 116 -4.91 -5.50 -1.54
CA GLU A 116 -3.55 -5.69 -2.01
C GLU A 116 -2.93 -4.31 -2.20
N ILE A 117 -1.71 -4.12 -1.68
CA ILE A 117 -0.96 -2.89 -1.80
C ILE A 117 0.30 -3.23 -2.56
N GLN A 118 0.72 -2.35 -3.46
CA GLN A 118 1.92 -2.52 -4.26
C GLN A 118 2.81 -1.29 -3.99
N TYR A 119 3.83 -1.41 -3.14
CA TYR A 119 4.73 -0.28 -2.85
C TYR A 119 5.78 -0.15 -3.96
N VAL A 120 5.89 1.04 -4.55
CA VAL A 120 6.80 1.39 -5.63
C VAL A 120 7.49 2.73 -5.36
N CYS A 121 8.48 3.08 -6.19
CA CYS A 121 9.20 4.33 -6.12
C CYS A 121 8.31 5.41 -6.74
N GLY A 122 8.28 6.60 -6.14
CA GLY A 122 7.48 7.73 -6.63
C GLY A 122 8.39 8.79 -7.24
N GLY A 123 7.89 9.46 -8.27
CA GLY A 123 8.57 10.51 -9.02
C GLY A 123 9.36 11.45 -8.13
N SER A 124 8.68 12.23 -7.29
CA SER A 124 9.35 13.15 -6.39
C SER A 124 10.11 12.41 -5.30
N ASN A 125 11.44 12.31 -5.40
CA ASN A 125 12.25 11.64 -4.37
C ASN A 125 12.31 12.49 -3.09
N SER A 126 11.58 13.60 -3.00
CA SER A 126 11.51 14.51 -1.86
C SER A 126 10.05 14.71 -1.42
N GLY A 127 9.16 13.72 -1.58
CA GLY A 127 7.74 13.86 -1.23
C GLY A 127 7.24 12.86 -0.18
N PRO A 128 6.02 13.04 0.35
CA PRO A 128 5.44 12.13 1.34
C PRO A 128 4.89 10.87 0.65
N SER A 129 4.61 9.83 1.43
CA SER A 129 4.03 8.62 0.87
C SER A 129 2.54 8.90 0.66
N THR A 130 1.91 8.25 -0.31
CA THR A 130 0.50 8.40 -0.64
C THR A 130 0.13 7.32 -1.65
N ILE A 131 -1.17 7.09 -1.83
CA ILE A 131 -1.68 6.10 -2.77
C ILE A 131 -1.76 6.74 -4.16
N GLN A 132 -1.29 6.03 -5.19
CA GLN A 132 -1.29 6.45 -6.58
C GLN A 132 -2.66 6.27 -7.22
N TRP A 133 -3.20 5.05 -7.15
CA TRP A 133 -4.48 4.69 -7.70
C TRP A 133 -5.11 3.63 -6.81
N VAL A 134 -6.41 3.44 -6.97
CA VAL A 134 -7.23 2.51 -6.23
C VAL A 134 -8.34 2.06 -7.17
N ARG A 135 -8.62 0.75 -7.21
CA ARG A 135 -9.70 0.22 -8.04
C ARG A 135 -10.10 -1.14 -7.52
N GLU A 136 -11.40 -1.39 -7.50
CA GLU A 136 -11.97 -2.66 -7.07
C GLU A 136 -11.85 -3.52 -8.33
N THR A 137 -10.70 -4.17 -8.49
CA THR A 137 -10.37 -5.02 -9.62
C THR A 137 -11.29 -6.22 -9.72
N LYS A 138 -11.44 -6.92 -8.60
CA LYS A 138 -12.29 -8.10 -8.48
C LYS A 138 -13.65 -7.64 -7.96
N ILE A 139 -14.52 -8.59 -7.64
CA ILE A 139 -15.81 -8.25 -7.11
C ILE A 139 -15.61 -7.72 -5.69
N CYS A 140 -14.81 -8.42 -4.89
CA CYS A 140 -14.56 -8.06 -3.50
C CYS A 140 -13.12 -7.63 -3.23
N VAL A 141 -12.14 -8.24 -3.88
CA VAL A 141 -10.73 -7.88 -3.68
C VAL A 141 -10.50 -6.50 -4.30
N TYR A 142 -9.65 -5.70 -3.68
CA TYR A 142 -9.30 -4.34 -4.07
C TYR A 142 -7.77 -4.25 -4.16
N GLU A 143 -7.27 -3.55 -5.18
CA GLU A 143 -5.85 -3.34 -5.42
C GLU A 143 -5.54 -1.85 -5.44
N ALA A 144 -4.37 -1.48 -4.91
CA ALA A 144 -3.86 -0.11 -4.83
C ALA A 144 -2.35 -0.12 -4.98
N GLN A 145 -1.78 1.05 -5.28
CA GLN A 145 -0.35 1.25 -5.44
C GLN A 145 0.01 2.45 -4.57
N VAL A 146 1.17 2.42 -3.94
CA VAL A 146 1.66 3.46 -3.04
C VAL A 146 3.07 3.83 -3.47
N THR A 147 3.37 5.12 -3.48
CA THR A 147 4.67 5.64 -3.87
C THR A 147 5.44 6.15 -2.67
N ILE A 148 6.75 5.89 -2.66
CA ILE A 148 7.65 6.32 -1.59
C ILE A 148 8.99 6.77 -2.21
N PRO A 149 9.61 7.86 -1.72
CA PRO A 149 10.89 8.33 -2.26
C PRO A 149 12.06 7.48 -1.78
N GLU A 150 12.08 7.13 -0.49
CA GLU A 150 13.14 6.33 0.12
C GLU A 150 13.25 4.96 -0.55
N LEU A 151 12.21 4.48 -1.24
CA LEU A 151 12.26 3.23 -1.95
C LEU A 151 13.18 3.37 -3.15
N CYS A 152 13.16 4.50 -3.88
CA CYS A 152 13.98 4.73 -5.06
C CYS A 152 15.49 4.63 -4.79
N ASN A 153 15.90 4.80 -3.53
CA ASN A 153 17.30 4.70 -3.12
C ASN A 153 17.86 3.31 -3.44
N LEU A 154 17.00 2.29 -3.36
CA LEU A 154 17.32 0.89 -3.63
C LEU A 154 17.28 0.78 -5.16
N GLU A 155 18.41 0.40 -5.79
CA GLU A 155 18.53 0.29 -7.24
C GLU A 155 17.41 -0.49 -7.93
N LEU A 156 16.87 -1.53 -7.29
CA LEU A 156 15.78 -2.33 -7.82
C LEU A 156 14.56 -1.47 -8.13
N LEU A 157 14.26 -0.54 -7.23
CA LEU A 157 13.14 0.38 -7.30
C LEU A 157 13.47 1.67 -8.05
N ALA A 158 14.69 1.81 -8.57
CA ALA A 158 15.17 2.99 -9.30
C ALA A 158 14.56 2.97 -10.72
N LYS A 159 13.23 2.99 -10.77
CA LYS A 159 12.41 2.95 -11.96
C LYS A 159 11.15 3.75 -11.71
N ASN A 160 10.87 4.69 -12.63
CA ASN A 160 9.76 5.65 -12.69
C ASN A 160 10.04 6.92 -11.89
N GLU A 161 11.27 7.05 -11.42
CA GLU A 161 11.81 8.17 -10.68
C GLU A 161 12.01 9.35 -11.64
N ASP A 162 12.08 9.04 -12.94
CA ASP A 162 12.26 9.95 -14.07
C ASP A 162 11.25 11.08 -14.02
#